data_9IVX
#
_entry.id   9IVX
#
loop_
_entity.id
_entity.type
_entity.pdbx_description
1 polymer 'Hexon protein'
2 polymer 'Shutoff protein'
#
loop_
_entity_poly.entity_id
_entity_poly.type
_entity_poly.pdbx_seq_one_letter_code
_entity_poly.pdbx_strand_id
1 'polypeptide(L)'
;MDYKDHDGDYKDHDIDYKDDDDKLEVLFQGPGSMATPSMMPQWAYMHIAGQDASEYLSPGLVQFARATDTYFSMGNKFRN
PTVAPTHDVTTDRSQRLMLRFVPVDREDNTYSYKVRYTLAVGDNRVLDMASTFFDIRGVLDRGPSFKPYSGTAYNSLAPK
GAPNTSQWIVTTNGDNAVTTTTNTFGIASMKGDNITKEGLQIGKDITTTEGEEKPIYADKTYQPEPQVGEESWTDTDGTN
EKFGGRALKPATNMKPCYGSFARPTNIKGGQAKNRKVKPTTEGGVETEEPDIDMEFFDGRDAVAGALAPEIVLYTENVNL
ETPDSHVVYKPETSNNSHANLGQQAMPNRPNYIGFRDNFVGLMYYNSTGNMGVLAGQASQLNAVVDLQDRNTELSYQLLL
DSLGDRTRYFSMWNQAVDSYDPDVRIIENHGIEDELPNYCFPLNGIGPGHTYQGIKVKTDDTNGWEKDANVAPANEITIG
NNLAMEINIQANLWRSFLYSNVALYLPDVYKYTPPNITLPTNTNTYEYMNGRVVSPSLVDSYINIGARWSLDPMDNVNPF
NHHRNAGLRYRSMLLGNGRYVPFHIQVPQKFFAVKNLLLLPGSYTYEWNFRKDVNMVLQSSLGNDLRTDGATISFTSINL
YATFFPMAHNTASTLEAMLRNDTNDQSFNDYLSAANMLYPIPANATNIPISIPSRNWAAFRGWSFTRLKTKETPSLGSGF
DPYFVYSGSIPYLDGTFYLNHTFKKVSIMFDSSVSWPGNDRLLSPNEFEIKRTVDGEGYNVAQCNMTKDWFLVQMLANYN
IGYQGFYIPEGYKDRMYSFFRNFQPMSRQVVDEVNYTDYKAVTLPYQHNNSGFVGYLAPTMRQGEPYPANYPYPLIGTTA
VKSVTQKKFLCDRTMWRIPFSSNFMSMGALTDLGQNMLYANSAHALDMTFEVDPMDEPTLLYLLFEVFDVVRVHQPHRGV
IEAVYLRTPFSAGNATT
;
A,B,C
2 'polypeptide(L)'
;MESVEKEDSLTAPFEFATTASTDAANAPTTFPVEAPPLEEEEVIIEQDPGFVSEDDEDRSVPTEDKKQDQDDAEANEEQV
GRGDQRHGDYLDVGDDVLLKHLQRQCAIICDALQERSDVPLAIADVSLAYERHLFSPRVPPKRQENGTCEPNPRLNFYPV
FAVPEVLATYHIFFQNCKIPLSCRANRSRADKQLALRQGAVIPDIASLDEVPKIFEGLGRDEKRAANALQQENSENESHC
GVLVELEGDNARLAVLKRSIEVTHFAYPALNLPPKVMSTVMSELIVRRARPLERDANLQEQTEEGLPAVGDEQLARWLET
REPADLEERRKLMMAAVLVTVELECMQRFFADPEMQRKLEETLHYTFRQGYVRQACKISNVELCNLVSYLGILHENRLGQ
NVLHSTLKGEARRDYVRDCVYLFLCYTWQTAMGVWQQCLEERNLKELQKLLKQNLKDLWTAFNERSVAAHLADIIFPERL
LKTLQQGLPDFTSQSMLQNFRNFILERSGILPATCCALPSDFVPIKYRECPPPLWGHCYLLQLANYLAYHSDIMEDVSGD
GLLECHCRCNLCTPHRSLVCNSQLLSESQIIGTFELQGPSPDEKSAAPGLKLTPGLWTSAYLRKFVPEDYHAHEIRFYED
QSRPPNAELTACVITQGHILGQLQAINKARQEFLLRKGRGVYLDPQSGEELNPIPPPPQPYQQPRALASQDGTQKEAAAA
AAATHGRGGILGQSGRGGFGRGGGDDGRLGQPRRSFRGRRGVRRNTVTLGRIPLAGAPEIGNRSQHRYNLRSSGAAGTAC
SPTQPGSLEVLFQGPRSMGWSHPQFEKGGGARGGSGGGSWSHPQFEKGF
;
G,F,H,D,I,E
#
# COMPACT_ATOMS: atom_id res chain seq x y z
N PRO A 81 -41.33 50.34 18.53
CA PRO A 81 -41.68 49.52 19.68
C PRO A 81 -40.63 48.43 20.00
N THR A 82 -39.36 48.64 19.63
CA THR A 82 -38.27 47.64 19.80
C THR A 82 -37.23 48.04 20.87
N VAL A 83 -36.62 47.08 21.58
CA VAL A 83 -35.53 47.28 22.59
C VAL A 83 -34.38 46.29 22.28
N ALA A 84 -34.47 45.00 22.67
CA ALA A 84 -33.42 44.03 22.43
C ALA A 84 -33.93 42.61 22.63
N PRO A 85 -33.70 41.69 21.68
CA PRO A 85 -34.08 40.29 21.90
C PRO A 85 -32.96 39.50 22.57
N THR A 86 -33.19 38.20 22.76
CA THR A 86 -32.21 37.31 23.37
C THR A 86 -32.01 36.09 22.48
N HIS A 87 -30.80 35.52 22.56
CA HIS A 87 -30.49 34.36 21.72
C HIS A 87 -31.36 33.15 22.08
N ASP A 88 -31.73 33.02 23.35
CA ASP A 88 -32.59 31.92 23.76
C ASP A 88 -33.95 32.03 23.08
N VAL A 89 -34.49 33.25 22.99
CA VAL A 89 -35.80 33.44 22.34
C VAL A 89 -35.73 33.02 20.88
N THR A 90 -34.67 33.41 20.18
CA THR A 90 -34.51 33.09 18.77
C THR A 90 -34.00 31.65 18.64
N THR A 91 -33.55 31.29 17.44
CA THR A 91 -33.05 29.95 17.17
C THR A 91 -34.19 28.94 17.17
N ASP A 92 -33.86 27.66 17.19
CA ASP A 92 -34.85 26.59 17.10
C ASP A 92 -34.66 25.63 18.25
N ARG A 93 -35.74 24.91 18.56
CA ARG A 93 -35.70 23.89 19.61
C ARG A 93 -35.02 22.61 19.14
N SER A 94 -34.62 22.53 17.88
CA SER A 94 -33.91 21.37 17.34
C SER A 94 -32.76 21.81 16.45
N GLN A 95 -32.01 22.83 16.90
CA GLN A 95 -30.90 23.37 16.12
C GLN A 95 -29.67 23.49 17.01
N ARG A 96 -28.55 22.98 16.52
CA ARG A 96 -27.27 23.19 17.17
C ARG A 96 -26.59 24.44 16.58
N LEU A 97 -25.69 25.03 17.36
CA LEU A 97 -25.10 26.29 16.95
C LEU A 97 -23.85 26.57 17.77
N MET A 98 -22.96 27.39 17.21
CA MET A 98 -21.75 27.83 17.88
C MET A 98 -21.88 29.27 18.34
N LEU A 99 -21.26 29.56 19.48
CA LEU A 99 -21.21 30.93 20.01
C LEU A 99 -19.77 31.29 20.33
N ARG A 100 -19.30 32.40 19.77
CA ARG A 100 -18.06 33.01 20.23
C ARG A 100 -18.29 33.57 21.63
N PHE A 101 -17.19 33.82 22.34
CA PHE A 101 -17.30 34.26 23.73
C PHE A 101 -16.07 35.10 24.05
N VAL A 102 -16.24 36.42 24.04
CA VAL A 102 -15.16 37.33 24.45
C VAL A 102 -15.13 37.38 25.97
N PRO A 103 -13.97 37.20 26.60
CA PRO A 103 -13.93 37.09 28.06
C PRO A 103 -14.31 38.37 28.77
N VAL A 104 -14.72 38.23 30.02
CA VAL A 104 -15.17 39.36 30.82
C VAL A 104 -13.98 40.10 31.42
N ASP A 105 -13.04 39.36 32.01
CA ASP A 105 -11.87 39.95 32.65
C ASP A 105 -10.63 39.16 32.27
N ARG A 106 -9.55 39.88 31.98
CA ARG A 106 -8.28 39.27 31.59
C ARG A 106 -7.15 39.97 32.32
N GLU A 107 -6.30 39.20 32.98
CA GLU A 107 -5.13 39.72 33.67
C GLU A 107 -3.88 38.99 33.19
N ASP A 108 -2.90 39.76 32.72
CA ASP A 108 -1.67 39.21 32.17
C ASP A 108 -0.56 39.38 33.21
N ASN A 109 -0.45 38.40 34.10
CA ASN A 109 0.54 38.43 35.16
C ASN A 109 1.91 38.07 34.59
N THR A 110 2.90 37.90 35.48
CA THR A 110 4.26 37.64 35.02
C THR A 110 4.38 36.30 34.32
N TYR A 111 3.79 35.24 34.90
CA TYR A 111 3.91 33.90 34.36
C TYR A 111 2.59 33.29 33.92
N SER A 112 1.47 34.00 34.07
CA SER A 112 0.17 33.45 33.74
C SER A 112 -0.63 34.47 32.95
N TYR A 113 -1.63 33.98 32.22
CA TYR A 113 -2.56 34.81 31.47
C TYR A 113 -3.97 34.35 31.83
N LYS A 114 -4.52 34.93 32.89
CA LYS A 114 -5.83 34.52 33.36
C LYS A 114 -6.94 35.08 32.48
N VAL A 115 -7.96 34.27 32.25
CA VAL A 115 -9.12 34.67 31.46
C VAL A 115 -10.37 34.13 32.14
N ARG A 116 -11.41 34.97 32.23
CA ARG A 116 -12.64 34.62 32.89
C ARG A 116 -13.81 34.88 31.96
N TYR A 117 -14.78 33.97 31.96
CA TYR A 117 -15.93 34.04 31.07
C TYR A 117 -17.21 34.01 31.90
N THR A 118 -18.35 33.95 31.20
CA THR A 118 -19.65 33.82 31.84
C THR A 118 -20.55 33.07 30.88
N LEU A 119 -21.09 31.94 31.33
CA LEU A 119 -21.90 31.07 30.48
C LEU A 119 -23.38 31.36 30.69
N ALA A 120 -24.19 30.83 29.77
CA ALA A 120 -25.62 31.09 29.73
C ALA A 120 -26.41 29.83 30.05
N VAL A 121 -27.54 30.02 30.73
CA VAL A 121 -28.36 28.89 31.14
C VAL A 121 -28.74 28.05 29.93
N GLY A 122 -28.65 26.74 30.08
CA GLY A 122 -29.10 25.83 29.04
C GLY A 122 -30.58 25.50 29.16
N ASP A 123 -31.44 26.45 28.81
CA ASP A 123 -32.88 26.22 28.84
C ASP A 123 -33.30 25.54 27.55
N ASN A 124 -33.90 24.35 27.67
CA ASN A 124 -34.21 23.50 26.54
C ASN A 124 -32.96 23.04 25.80
N ARG A 125 -31.79 23.20 26.41
CA ARG A 125 -30.52 22.86 25.80
C ARG A 125 -29.53 22.50 26.90
N VAL A 126 -28.51 21.72 26.53
CA VAL A 126 -27.45 21.32 27.44
C VAL A 126 -26.12 21.54 26.73
N LEU A 127 -25.11 21.93 27.50
CA LEU A 127 -23.85 22.44 26.97
C LEU A 127 -22.82 21.32 26.90
N ASP A 128 -22.49 20.91 25.67
CA ASP A 128 -21.43 19.93 25.41
C ASP A 128 -20.10 20.64 25.67
N MET A 129 -19.52 20.41 26.84
CA MET A 129 -18.31 21.13 27.20
C MET A 129 -17.08 20.63 26.44
N ALA A 130 -16.95 19.32 26.26
CA ALA A 130 -15.75 18.80 25.62
C ALA A 130 -15.67 19.22 24.17
N SER A 131 -16.76 19.71 23.60
CA SER A 131 -16.72 20.26 22.25
C SER A 131 -16.06 21.64 22.19
N THR A 132 -15.84 22.27 23.34
CA THR A 132 -15.29 23.61 23.36
C THR A 132 -13.83 23.61 22.95
N PHE A 133 -13.42 24.67 22.25
CA PHE A 133 -12.05 24.86 21.83
C PHE A 133 -11.72 26.34 21.81
N PHE A 134 -10.52 26.69 22.26
CA PHE A 134 -10.11 28.09 22.34
C PHE A 134 -9.61 28.57 20.99
N ASP A 135 -9.16 29.83 20.97
CA ASP A 135 -8.65 30.47 19.76
C ASP A 135 -7.66 31.53 20.17
N ILE A 136 -6.36 31.26 19.99
CA ILE A 136 -5.29 32.12 20.46
C ILE A 136 -4.62 32.80 19.29
N ARG A 137 -4.11 34.01 19.52
CA ARG A 137 -3.33 34.73 18.53
C ARG A 137 -2.29 35.57 19.28
N GLY A 138 -1.02 35.41 18.93
CA GLY A 138 0.03 36.12 19.64
C GLY A 138 1.31 36.27 18.85
N VAL A 139 2.41 36.59 19.55
CA VAL A 139 3.72 36.80 18.94
C VAL A 139 4.73 35.94 19.68
N LEU A 140 5.67 35.37 18.93
CA LEU A 140 6.61 34.40 19.47
C LEU A 140 8.03 34.80 19.10
N ASP A 141 8.93 34.75 20.08
CA ASP A 141 10.35 34.98 19.87
C ASP A 141 11.09 33.73 20.29
N ARG A 142 11.77 33.09 19.35
CA ARG A 142 12.33 31.77 19.59
C ARG A 142 13.75 31.81 20.16
N GLY A 143 14.27 32.99 20.47
CA GLY A 143 15.52 33.10 21.17
C GLY A 143 16.71 33.09 20.24
N PRO A 144 17.89 33.47 20.75
CA PRO A 144 19.09 33.45 19.92
C PRO A 144 19.58 32.06 19.58
N SER A 145 19.02 31.02 20.17
CA SER A 145 19.47 29.64 19.96
C SER A 145 18.59 28.92 18.95
N PHE A 146 18.11 29.65 17.95
CA PHE A 146 17.27 29.09 16.91
C PHE A 146 18.10 28.98 15.64
N LYS A 147 18.49 27.76 15.29
CA LYS A 147 19.25 27.49 14.07
C LYS A 147 18.55 26.36 13.30
N PRO A 148 17.64 26.70 12.39
CA PRO A 148 16.94 25.68 11.61
C PRO A 148 17.70 25.22 10.36
N TYR A 149 18.97 24.92 10.52
CA TYR A 149 19.74 24.33 9.44
C TYR A 149 21.09 23.87 9.99
N SER A 150 21.66 22.88 9.33
CA SER A 150 22.96 22.35 9.69
C SER A 150 24.04 23.00 8.84
N GLY A 151 25.20 23.19 9.45
CA GLY A 151 26.32 23.79 8.75
C GLY A 151 26.13 25.29 8.59
N THR A 152 27.22 25.95 8.24
CA THR A 152 27.23 27.40 8.17
C THR A 152 26.44 27.88 6.95
N ALA A 153 26.42 29.19 6.79
CA ALA A 153 25.80 29.83 5.64
C ALA A 153 26.73 30.81 4.95
N TYR A 154 27.90 31.08 5.52
CA TYR A 154 28.83 32.06 4.98
C TYR A 154 30.17 31.38 4.77
N ASN A 155 30.71 31.53 3.55
CA ASN A 155 32.01 30.97 3.21
C ASN A 155 32.06 29.48 3.52
N SER A 156 31.03 28.76 3.07
CA SER A 156 30.94 27.34 3.36
C SER A 156 32.09 26.56 2.71
N LEU A 157 32.62 27.06 1.59
CA LEU A 157 33.68 26.35 0.89
C LEU A 157 35.04 26.56 1.52
N ALA A 158 35.21 27.58 2.34
CA ALA A 158 36.54 27.93 2.81
C ALA A 158 37.11 26.80 3.67
N PRO A 159 38.41 26.53 3.57
CA PRO A 159 39.01 25.57 4.49
C PRO A 159 38.83 26.03 5.92
N LYS A 160 38.64 25.06 6.82
CA LYS A 160 38.23 25.38 8.18
C LYS A 160 39.35 25.98 9.02
N GLY A 161 40.55 26.12 8.48
CA GLY A 161 41.63 26.77 9.20
C GLY A 161 42.13 28.01 8.50
N ALA A 162 41.61 28.29 7.31
CA ALA A 162 42.10 29.40 6.52
C ALA A 162 41.73 30.72 7.19
N PRO A 163 42.68 31.62 7.41
CA PRO A 163 42.36 32.92 7.99
C PRO A 163 42.13 33.98 6.92
N ASN A 164 41.34 34.99 7.29
CA ASN A 164 41.23 36.17 6.46
C ASN A 164 42.59 36.85 6.35
N THR A 165 42.68 37.79 5.41
CA THR A 165 43.90 38.57 5.24
C THR A 165 43.92 39.66 6.29
N SER A 166 44.63 39.43 7.39
CA SER A 166 44.60 40.29 8.56
C SER A 166 46.02 40.72 8.93
N GLN A 167 46.11 41.51 10.00
CA GLN A 167 47.38 42.05 10.47
C GLN A 167 47.41 41.98 11.99
N TRP A 168 48.63 42.06 12.54
CA TRP A 168 48.80 42.05 13.98
C TRP A 168 50.05 42.84 14.35
N ILE A 169 50.10 43.28 15.61
CA ILE A 169 51.15 44.16 16.11
C ILE A 169 51.93 43.41 17.18
N VAL A 170 53.25 43.39 17.04
CA VAL A 170 54.14 42.71 17.96
C VAL A 170 54.78 43.76 18.88
N THR A 171 54.68 43.53 20.19
CA THR A 171 55.15 44.52 21.15
C THR A 171 56.67 44.67 21.13
N THR A 172 57.40 43.56 21.04
CA THR A 172 58.86 43.58 21.07
C THR A 172 59.36 44.34 22.29
N ASN A 173 58.99 43.84 23.47
CA ASN A 173 59.33 44.52 24.72
C ASN A 173 60.84 44.50 24.94
N GLY A 174 61.32 45.56 25.60
CA GLY A 174 62.73 45.68 25.89
C GLY A 174 63.04 47.08 26.39
N ASP A 175 64.35 47.35 26.52
CA ASP A 175 64.77 48.68 26.94
C ASP A 175 64.32 49.74 25.93
N ASN A 176 64.43 49.42 24.65
CA ASN A 176 63.91 50.26 23.57
C ASN A 176 62.81 49.46 22.88
N ALA A 177 61.60 49.54 23.41
CA ALA A 177 60.49 48.77 22.86
C ALA A 177 60.11 49.28 21.48
N VAL A 178 59.77 48.36 20.59
CA VAL A 178 59.34 48.68 19.23
C VAL A 178 57.94 48.09 19.07
N THR A 179 56.92 48.91 19.33
CA THR A 179 55.54 48.49 19.26
C THR A 179 54.89 48.82 17.93
N THR A 180 55.68 48.84 16.86
CA THR A 180 55.21 49.17 15.52
C THR A 180 55.63 48.10 14.53
N THR A 181 55.40 46.84 14.90
CA THR A 181 55.78 45.73 14.03
C THR A 181 54.83 45.63 12.84
N THR A 182 53.55 45.41 13.11
CA THR A 182 52.48 45.54 12.11
C THR A 182 52.73 44.64 10.90
N ASN A 183 52.67 43.34 11.15
CA ASN A 183 52.82 42.35 10.11
C ASN A 183 51.51 42.16 9.35
N THR A 184 51.60 41.51 8.19
CA THR A 184 50.43 41.19 7.39
C THR A 184 50.58 39.80 6.80
N PHE A 185 49.44 39.17 6.50
CA PHE A 185 49.42 37.86 5.86
C PHE A 185 48.17 37.76 5.02
N GLY A 186 48.32 37.59 3.71
CA GLY A 186 47.15 37.51 2.86
C GLY A 186 47.40 37.33 1.37
N ILE A 187 46.58 38.00 0.57
CA ILE A 187 46.52 37.81 -0.88
C ILE A 187 46.54 39.17 -1.56
N ALA A 188 46.96 39.17 -2.82
CA ALA A 188 46.80 40.32 -3.70
C ALA A 188 46.49 39.77 -5.09
N SER A 189 45.25 39.98 -5.56
CA SER A 189 44.80 39.37 -6.80
C SER A 189 44.26 40.35 -7.83
N MET A 190 44.10 41.62 -7.50
CA MET A 190 43.57 42.61 -8.44
C MET A 190 44.72 43.11 -9.31
N LYS A 191 44.74 42.67 -10.56
CA LYS A 191 45.79 43.07 -11.48
C LYS A 191 45.75 44.57 -11.74
N GLY A 192 46.92 45.13 -12.04
CA GLY A 192 47.00 46.55 -12.34
C GLY A 192 48.22 46.83 -13.19
N ASP A 193 48.14 47.90 -13.98
CA ASP A 193 49.25 48.26 -14.85
C ASP A 193 50.40 48.87 -14.05
N ASN A 194 50.09 49.74 -13.09
CA ASN A 194 51.11 50.39 -12.30
C ASN A 194 50.50 50.86 -10.99
N ILE A 195 51.37 51.21 -10.04
CA ILE A 195 50.96 51.68 -8.72
C ILE A 195 51.66 53.00 -8.47
N THR A 196 50.93 53.99 -7.96
CA THR A 196 51.48 55.29 -7.63
C THR A 196 50.95 55.69 -6.26
N LYS A 197 51.21 56.95 -5.89
CA LYS A 197 50.75 57.45 -4.59
C LYS A 197 49.24 57.31 -4.45
N GLU A 198 48.51 57.55 -5.54
CA GLU A 198 47.05 57.44 -5.48
C GLU A 198 46.62 56.02 -5.11
N GLY A 199 47.27 55.02 -5.69
CA GLY A 199 46.97 53.64 -5.42
C GLY A 199 47.11 52.82 -6.67
N LEU A 200 46.45 51.67 -6.68
CA LEU A 200 46.49 50.77 -7.83
C LEU A 200 45.78 51.40 -9.01
N GLN A 201 46.33 51.18 -10.20
CA GLN A 201 45.74 51.68 -11.43
C GLN A 201 44.87 50.59 -12.04
N ILE A 202 43.64 50.94 -12.39
CA ILE A 202 42.65 49.99 -12.89
C ILE A 202 42.25 50.30 -14.32
N GLY A 203 41.95 51.56 -14.62
CA GLY A 203 41.51 51.95 -15.94
C GLY A 203 42.13 53.25 -16.41
N LYS A 204 42.65 53.25 -17.63
CA LYS A 204 43.27 54.43 -18.22
C LYS A 204 42.36 55.02 -19.29
N ASP A 205 42.15 56.32 -19.21
CA ASP A 205 41.29 57.03 -20.16
C ASP A 205 41.98 58.28 -20.69
N GLU A 213 45.94 61.47 -20.18
CA GLU A 213 45.35 60.17 -19.91
C GLU A 213 44.56 60.19 -18.61
N LYS A 214 45.19 60.70 -17.55
CA LYS A 214 44.57 60.74 -16.23
C LYS A 214 44.07 59.35 -15.85
N PRO A 215 44.96 58.42 -15.56
CA PRO A 215 44.51 57.06 -15.23
C PRO A 215 43.59 57.06 -14.03
N ILE A 216 42.58 56.19 -14.08
CA ILE A 216 41.63 56.06 -12.98
C ILE A 216 42.22 55.12 -11.94
N TYR A 217 42.27 55.58 -10.70
CA TYR A 217 42.79 54.79 -9.59
C TYR A 217 41.62 54.22 -8.77
N ALA A 218 41.84 53.02 -8.23
CA ALA A 218 40.75 52.28 -7.62
C ALA A 218 40.09 53.07 -6.52
N ASP A 219 38.76 53.07 -6.51
CA ASP A 219 38.01 53.69 -5.42
C ASP A 219 38.22 52.88 -4.15
N LYS A 220 38.52 53.57 -3.05
CA LYS A 220 38.86 52.89 -1.81
C LYS A 220 37.65 52.30 -1.10
N THR A 221 36.44 52.82 -1.38
CA THR A 221 35.26 52.36 -0.65
C THR A 221 35.02 50.87 -0.88
N TYR A 222 35.10 50.43 -2.14
CA TYR A 222 34.87 49.03 -2.46
C TYR A 222 36.05 48.37 -3.15
N GLN A 223 36.61 48.99 -4.19
CA GLN A 223 37.71 48.36 -4.91
C GLN A 223 38.96 48.29 -4.03
N PRO A 224 39.78 47.25 -4.20
CA PRO A 224 39.61 46.09 -5.08
C PRO A 224 38.51 45.18 -4.59
N GLU A 225 37.51 44.91 -5.40
CA GLU A 225 36.46 43.99 -5.01
C GLU A 225 37.09 42.64 -4.69
N PRO A 226 36.88 42.09 -3.48
CA PRO A 226 37.49 40.79 -3.18
C PRO A 226 37.10 39.70 -4.16
N GLN A 227 35.91 39.78 -4.74
CA GLN A 227 35.47 38.74 -5.66
C GLN A 227 36.39 38.68 -6.87
N VAL A 228 36.78 39.84 -7.40
CA VAL A 228 37.48 39.91 -8.67
C VAL A 228 38.94 39.53 -8.45
N GLY A 229 39.41 38.52 -9.19
CA GLY A 229 40.81 38.17 -9.20
C GLY A 229 41.21 37.70 -10.57
N GLU A 230 42.51 37.74 -10.83
CA GLU A 230 43.02 37.30 -12.13
C GLU A 230 42.60 35.87 -12.39
N GLU A 231 42.06 35.61 -13.58
CA GLU A 231 41.63 34.27 -13.98
C GLU A 231 42.59 33.80 -15.06
N SER A 232 43.75 33.32 -14.62
CA SER A 232 44.72 32.74 -15.53
C SER A 232 45.79 31.97 -14.77
N TRP A 233 45.86 30.65 -14.96
CA TRP A 233 47.01 29.89 -14.50
C TRP A 233 48.09 29.83 -15.56
N THR A 234 47.71 29.94 -16.83
CA THR A 234 48.66 30.10 -17.94
C THR A 234 48.85 31.57 -18.28
N ASP A 235 49.16 32.39 -17.28
CA ASP A 235 49.25 33.83 -17.50
C ASP A 235 50.60 34.22 -18.11
N THR A 236 51.68 33.99 -17.37
CA THR A 236 53.03 34.33 -17.83
C THR A 236 53.07 35.72 -18.43
N ASP A 237 52.40 36.68 -17.77
CA ASP A 237 52.36 38.04 -18.28
C ASP A 237 53.77 38.65 -18.31
N GLY A 238 54.56 38.42 -17.27
CA GLY A 238 55.90 38.94 -17.24
C GLY A 238 55.94 40.44 -16.96
N THR A 239 57.12 41.02 -17.22
CA THR A 239 57.36 42.45 -17.01
C THR A 239 57.18 42.71 -15.51
N ASN A 240 56.43 43.74 -15.11
CA ASN A 240 56.17 44.03 -13.71
C ASN A 240 54.71 43.71 -13.41
N GLU A 241 54.49 42.74 -12.52
CA GLU A 241 53.14 42.28 -12.19
C GLU A 241 52.70 42.97 -10.90
N LYS A 242 52.26 44.22 -11.04
CA LYS A 242 51.66 44.91 -9.91
C LYS A 242 50.34 44.23 -9.54
N PHE A 243 50.13 44.05 -8.24
CA PHE A 243 48.92 43.41 -7.75
C PHE A 243 48.42 44.16 -6.52
N GLY A 244 47.12 44.04 -6.26
CA GLY A 244 46.52 44.74 -5.15
C GLY A 244 45.42 43.89 -4.51
N GLY A 245 44.99 44.35 -3.35
CA GLY A 245 43.94 43.65 -2.62
C GLY A 245 43.52 44.46 -1.42
N ARG A 246 42.77 43.82 -0.54
CA ARG A 246 42.34 44.48 0.69
C ARG A 246 42.39 43.50 1.84
N ALA A 247 42.95 43.95 2.96
CA ALA A 247 43.18 43.13 4.14
C ALA A 247 42.50 43.78 5.34
N LEU A 248 42.50 43.04 6.44
CA LEU A 248 41.82 43.49 7.65
C LEU A 248 42.82 44.12 8.61
N LYS A 249 42.41 45.26 9.19
CA LYS A 249 43.30 45.98 10.09
C LYS A 249 43.44 45.23 11.41
N PRO A 250 44.47 45.57 12.20
CA PRO A 250 44.75 44.83 13.43
C PRO A 250 43.83 45.15 14.59
N ALA A 251 42.72 45.84 14.37
CA ALA A 251 41.76 46.10 15.44
C ALA A 251 40.62 45.09 15.44
N THR A 252 40.24 44.59 14.27
CA THR A 252 39.19 43.60 14.20
C THR A 252 39.71 42.23 14.64
N ASN A 253 38.90 41.52 15.42
CA ASN A 253 39.32 40.24 15.96
C ASN A 253 39.57 39.24 14.84
N MET A 254 40.62 38.44 15.01
CA MET A 254 40.94 37.42 14.01
C MET A 254 40.00 36.24 14.12
N LYS A 255 39.38 35.88 13.01
CA LYS A 255 38.51 34.71 12.93
C LYS A 255 38.73 34.04 11.59
N PRO A 256 38.46 32.74 11.48
CA PRO A 256 38.63 32.06 10.19
C PRO A 256 37.60 32.51 9.18
N CYS A 257 37.96 32.37 7.91
CA CYS A 257 37.05 32.74 6.84
C CYS A 257 35.72 32.01 6.97
N TYR A 258 35.76 30.74 7.38
CA TYR A 258 34.56 29.96 7.54
C TYR A 258 33.56 30.67 8.45
N GLY A 259 32.35 30.86 7.94
CA GLY A 259 31.30 31.46 8.75
C GLY A 259 31.63 32.84 9.25
N SER A 260 32.21 33.69 8.41
CA SER A 260 32.59 35.04 8.78
C SER A 260 31.75 36.03 8.01
N PHE A 261 31.13 36.96 8.73
CA PHE A 261 30.20 37.92 8.14
C PHE A 261 30.62 39.34 8.50
N ALA A 262 30.37 40.26 7.58
CA ALA A 262 30.61 41.68 7.80
C ALA A 262 29.54 42.44 7.03
N ARG A 263 28.54 42.92 7.77
CA ARG A 263 27.38 43.65 7.20
C ARG A 263 27.87 44.68 6.18
N PRO A 264 27.18 44.87 5.03
CA PRO A 264 27.58 45.91 4.07
C PRO A 264 27.21 47.29 4.57
N THR A 265 28.14 48.23 4.42
CA THR A 265 27.96 49.60 4.92
C THR A 265 27.63 50.61 3.83
N ASN A 266 27.89 50.30 2.56
CA ASN A 266 27.58 51.21 1.47
C ASN A 266 27.01 50.42 0.30
N ILE A 267 26.22 51.12 -0.52
CA ILE A 267 25.42 50.46 -1.55
C ILE A 267 26.29 49.67 -2.51
N LYS A 268 27.56 50.01 -2.65
CA LYS A 268 28.43 49.40 -3.65
C LYS A 268 29.09 48.13 -3.16
N GLY A 269 28.76 47.64 -1.97
CA GLY A 269 29.27 46.39 -1.47
C GLY A 269 30.38 46.52 -0.44
N GLY A 270 30.91 47.72 -0.24
CA GLY A 270 31.99 47.88 0.73
C GLY A 270 31.55 47.51 2.13
N GLN A 271 32.54 47.18 2.95
CA GLN A 271 32.29 46.73 4.31
C GLN A 271 32.96 47.57 5.38
N ALA A 272 33.67 48.64 5.00
CA ALA A 272 34.40 49.42 5.97
C ALA A 272 33.45 50.14 6.91
N LYS A 273 33.86 50.24 8.17
CA LYS A 273 33.12 51.04 9.14
C LYS A 273 33.39 52.52 8.92
N ASN A 274 32.57 53.35 9.56
CA ASN A 274 32.71 54.80 9.50
C ASN A 274 33.50 55.25 10.72
N ARG A 275 34.70 55.76 10.49
CA ARG A 275 35.49 56.33 11.58
C ARG A 275 34.74 57.50 12.19
N LYS A 276 34.64 57.50 13.51
CA LYS A 276 33.91 58.53 14.24
C LYS A 276 34.79 59.69 14.67
N VAL A 277 36.05 59.71 14.25
CA VAL A 277 37.02 60.70 14.70
C VAL A 277 37.55 61.44 13.47
N LYS A 278 37.40 62.76 13.48
CA LYS A 278 37.97 63.62 12.44
C LYS A 278 38.18 65.01 13.03
N PRO A 279 39.17 65.15 13.93
CA PRO A 279 39.32 66.41 14.65
C PRO A 279 39.57 67.58 13.71
N THR A 280 39.00 68.73 14.06
CA THR A 280 39.15 69.96 13.29
C THR A 280 39.63 71.08 14.21
N THR A 281 40.44 71.97 13.65
CA THR A 281 41.02 73.08 14.41
C THR A 281 40.11 74.29 14.45
N GLU A 282 38.86 74.12 14.87
CA GLU A 282 37.96 75.24 15.11
C GLU A 282 36.97 74.97 16.23
N GLY A 283 37.12 73.89 16.98
CA GLY A 283 36.09 73.44 17.88
C GLY A 283 35.02 72.69 17.11
N GLY A 284 34.11 73.43 16.48
CA GLY A 284 33.13 72.88 15.57
C GLY A 284 32.53 71.55 15.99
N VAL A 285 32.47 70.60 15.06
CA VAL A 285 31.96 69.26 15.32
C VAL A 285 32.79 68.25 14.54
N GLU A 286 32.67 66.99 14.95
CA GLU A 286 33.42 65.92 14.31
C GLU A 286 32.70 65.44 13.05
N THR A 287 33.42 64.67 12.23
CA THR A 287 32.91 64.18 10.96
C THR A 287 33.25 62.69 10.82
N GLU A 288 32.53 62.03 9.92
CA GLU A 288 32.67 60.61 9.68
C GLU A 288 33.38 60.39 8.34
N GLU A 289 34.41 59.56 8.35
CA GLU A 289 35.12 59.17 7.14
C GLU A 289 35.28 57.65 7.13
N PRO A 290 35.18 57.01 5.96
CA PRO A 290 35.43 55.57 5.92
C PRO A 290 36.82 55.24 6.42
N ASP A 291 36.91 54.18 7.21
CA ASP A 291 38.16 53.79 7.87
C ASP A 291 38.91 52.83 6.95
N ILE A 292 39.58 53.40 5.96
CA ILE A 292 40.34 52.64 4.97
C ILE A 292 41.67 53.36 4.74
N ASP A 293 42.73 52.58 4.55
CA ASP A 293 44.05 53.17 4.33
C ASP A 293 44.78 52.48 3.18
N MET A 294 46.07 52.78 3.02
CA MET A 294 46.86 52.26 1.92
C MET A 294 48.23 51.86 2.46
N GLU A 295 48.56 50.58 2.37
CA GLU A 295 49.84 50.07 2.77
C GLU A 295 50.57 49.51 1.55
N PHE A 296 51.88 49.76 1.48
CA PHE A 296 52.68 49.41 0.32
C PHE A 296 53.80 48.48 0.74
N PHE A 297 54.10 47.51 -0.13
CA PHE A 297 55.20 46.56 0.09
C PHE A 297 56.03 46.45 -1.17
N ASP A 298 57.32 46.18 -1.00
CA ASP A 298 58.26 46.20 -2.11
C ASP A 298 58.96 44.87 -2.35
N GLY A 299 59.52 44.26 -1.30
CA GLY A 299 60.28 43.03 -1.46
C GLY A 299 61.42 42.93 -0.48
N ARG A 300 61.70 41.73 0.01
CA ARG A 300 62.69 41.57 1.07
C ARG A 300 64.09 41.94 0.60
N ASP A 301 64.47 41.50 -0.60
CA ASP A 301 65.82 41.69 -1.09
C ASP A 301 66.04 43.04 -1.75
N ALA A 302 65.01 43.88 -1.85
CA ALA A 302 65.16 45.16 -2.53
C ALA A 302 66.22 46.00 -1.85
N VAL A 303 67.08 46.61 -2.67
CA VAL A 303 68.17 47.45 -2.17
C VAL A 303 67.65 48.87 -2.01
N ALA A 304 68.18 49.57 -1.01
CA ALA A 304 67.61 50.84 -0.60
C ALA A 304 67.54 51.85 -1.73
N GLY A 305 68.40 51.71 -2.74
CA GLY A 305 68.40 52.64 -3.84
C GLY A 305 67.06 52.73 -4.55
N ALA A 306 66.65 51.65 -5.22
CA ALA A 306 65.44 51.64 -6.04
C ALA A 306 64.37 50.82 -5.32
N LEU A 307 63.60 51.49 -4.47
CA LEU A 307 62.44 50.89 -3.83
C LEU A 307 61.19 51.48 -4.47
N ALA A 308 60.33 50.60 -4.98
CA ALA A 308 59.11 50.99 -5.65
C ALA A 308 57.95 50.16 -5.14
N PRO A 309 56.73 50.68 -5.19
CA PRO A 309 55.59 49.88 -4.73
C PRO A 309 55.42 48.64 -5.60
N GLU A 310 55.07 47.54 -4.96
CA GLU A 310 54.93 46.27 -5.66
C GLU A 310 53.58 45.62 -5.38
N ILE A 311 53.04 45.87 -4.18
CA ILE A 311 51.76 45.30 -3.77
C ILE A 311 51.03 46.35 -2.95
N VAL A 312 49.98 46.93 -3.52
CA VAL A 312 49.06 47.75 -2.73
C VAL A 312 48.17 46.84 -1.91
N LEU A 313 47.68 47.36 -0.78
CA LEU A 313 46.84 46.56 0.10
C LEU A 313 45.98 47.53 0.90
N TYR A 314 44.70 47.59 0.58
CA TYR A 314 43.78 48.42 1.34
C TYR A 314 43.46 47.74 2.67
N THR A 315 43.39 48.53 3.73
CA THR A 315 43.20 48.00 5.07
C THR A 315 42.09 48.79 5.77
N GLU A 316 41.15 48.06 6.36
CA GLU A 316 39.99 48.68 6.97
C GLU A 316 39.52 47.82 8.14
N ASN A 317 38.50 48.31 8.83
CA ASN A 317 37.84 47.59 9.90
C ASN A 317 36.41 47.27 9.47
N VAL A 318 35.94 46.10 9.84
CA VAL A 318 34.57 45.69 9.54
C VAL A 318 33.95 45.12 10.81
N ASN A 319 32.62 45.09 10.84
CA ASN A 319 31.87 44.52 11.95
C ASN A 319 31.89 43.00 11.87
N LEU A 320 33.09 42.44 11.98
CA LEU A 320 33.26 41.00 11.85
C LEU A 320 32.43 40.28 12.91
N GLU A 321 31.70 39.26 12.47
CA GLU A 321 30.92 38.45 13.39
C GLU A 321 30.72 37.08 12.76
N THR A 322 30.36 36.11 13.62
CA THR A 322 30.22 34.71 13.22
C THR A 322 28.86 34.23 13.68
N PRO A 323 27.79 34.61 12.97
CA PRO A 323 26.45 34.30 13.48
C PRO A 323 26.16 32.82 13.62
N ASP A 324 26.83 31.96 12.86
CA ASP A 324 26.54 30.53 12.89
C ASP A 324 27.82 29.70 12.92
N SER A 325 28.76 30.07 13.79
CA SER A 325 29.97 29.28 13.92
C SER A 325 30.68 29.67 15.20
N HIS A 326 31.62 28.82 15.61
CA HIS A 326 32.41 29.03 16.81
C HIS A 326 33.81 28.48 16.57
N VAL A 327 34.65 28.60 17.60
CA VAL A 327 36.07 28.29 17.48
C VAL A 327 36.35 27.02 18.27
N VAL A 328 37.03 26.07 17.62
CA VAL A 328 37.34 24.79 18.26
C VAL A 328 38.82 24.69 18.64
N TYR A 329 39.70 25.47 18.03
CA TYR A 329 41.11 25.48 18.36
C TYR A 329 41.61 26.91 18.41
N LYS A 330 42.07 27.34 19.58
CA LYS A 330 42.55 28.70 19.82
C LYS A 330 43.93 28.60 20.43
N PRO A 331 44.99 28.64 19.63
CA PRO A 331 46.33 28.40 20.16
C PRO A 331 46.73 29.31 21.32
N GLU A 332 46.69 30.62 21.12
CA GLU A 332 47.14 31.58 22.12
C GLU A 332 45.98 32.46 22.57
N THR A 333 46.09 32.96 23.79
CA THR A 333 45.01 33.77 24.36
C THR A 333 44.95 35.15 23.74
N SER A 334 46.10 35.76 23.48
CA SER A 334 46.13 37.12 22.96
C SER A 334 45.42 37.19 21.63
N ASN A 335 44.47 38.12 21.53
CA ASN A 335 43.79 38.35 20.27
C ASN A 335 44.75 38.93 19.24
N ASN A 336 44.55 38.54 17.98
CA ASN A 336 45.33 39.06 16.86
C ASN A 336 46.82 38.81 17.07
N SER A 337 47.17 37.53 17.08
CA SER A 337 48.56 37.09 17.13
C SER A 337 48.87 36.25 15.91
N HIS A 338 50.17 35.99 15.69
CA HIS A 338 50.56 35.21 14.53
C HIS A 338 50.03 33.79 14.62
N ALA A 339 50.27 33.12 15.76
CA ALA A 339 49.81 31.74 15.89
C ALA A 339 48.31 31.64 15.77
N ASN A 340 47.58 32.72 16.07
CA ASN A 340 46.13 32.70 15.99
C ASN A 340 45.63 32.56 14.55
N LEU A 341 46.49 32.72 13.55
CA LEU A 341 46.07 32.55 12.18
C LEU A 341 45.53 31.16 11.91
N GLY A 342 45.90 30.18 12.74
CA GLY A 342 45.52 28.80 12.49
C GLY A 342 44.42 28.29 13.38
N GLN A 343 43.56 29.17 13.86
CA GLN A 343 42.44 28.74 14.69
C GLN A 343 41.35 28.13 13.82
N GLN A 344 40.73 27.07 14.33
CA GLN A 344 39.75 26.30 13.59
C GLN A 344 38.33 26.71 13.97
N ALA A 345 37.40 26.46 13.06
CA ALA A 345 36.00 26.79 13.26
C ALA A 345 35.12 25.60 12.92
N MET A 346 34.05 25.43 13.68
CA MET A 346 33.06 24.40 13.47
C MET A 346 31.68 25.03 13.45
N PRO A 347 30.78 24.57 12.58
CA PRO A 347 29.46 25.18 12.51
C PRO A 347 28.64 24.94 13.77
N ASN A 348 27.73 25.87 14.04
CA ASN A 348 26.86 25.75 15.19
C ASN A 348 25.89 24.58 15.02
N ARG A 349 25.48 24.02 16.14
CA ARG A 349 24.63 22.84 16.10
C ARG A 349 23.20 23.23 15.75
N PRO A 350 22.51 22.44 14.94
CA PRO A 350 21.11 22.75 14.66
C PRO A 350 20.27 22.67 15.91
N ASN A 351 19.23 23.51 15.96
CA ASN A 351 18.34 23.56 17.13
C ASN A 351 17.00 24.07 16.63
N TYR A 352 16.05 23.16 16.43
CA TYR A 352 14.71 23.52 15.99
C TYR A 352 13.83 23.76 17.19
N ILE A 353 13.08 24.86 17.17
CA ILE A 353 12.17 25.22 18.26
C ILE A 353 10.77 25.35 17.69
N GLY A 354 9.80 24.89 18.45
CA GLY A 354 8.41 25.02 18.06
C GLY A 354 7.49 24.67 19.21
N PHE A 355 6.20 24.59 18.90
CA PHE A 355 5.24 24.17 19.90
C PHE A 355 5.40 22.68 20.17
N ARG A 356 4.60 22.18 21.10
CA ARG A 356 4.70 20.78 21.50
C ARG A 356 3.63 19.95 20.82
N ASP A 357 3.75 18.63 20.96
CA ASP A 357 2.78 17.73 20.37
C ASP A 357 1.44 17.92 21.07
N ASN A 358 0.42 18.30 20.31
CA ASN A 358 -0.90 18.57 20.88
C ASN A 358 -0.84 19.71 21.88
N PHE A 359 -0.04 20.72 21.58
CA PHE A 359 0.03 21.94 22.39
C PHE A 359 0.06 21.63 23.87
N VAL A 360 0.88 20.62 24.22
CA VAL A 360 1.08 20.29 25.62
C VAL A 360 1.57 21.53 26.36
N GLY A 361 1.13 21.67 27.61
CA GLY A 361 1.67 22.68 28.50
C GLY A 361 1.09 24.06 28.35
N LEU A 362 0.28 24.32 27.33
CA LEU A 362 -0.25 25.68 27.14
C LEU A 362 -1.40 25.98 28.07
N MET A 363 -2.01 24.97 28.68
CA MET A 363 -3.07 25.14 29.65
C MET A 363 -2.49 24.94 31.05
N TYR A 364 -3.35 24.93 32.06
CA TYR A 364 -2.94 24.77 33.45
C TYR A 364 -3.69 23.63 34.11
N TYR A 365 -3.74 22.49 33.43
CA TYR A 365 -4.34 21.32 34.04
C TYR A 365 -3.55 20.90 35.28
N ASN A 366 -4.27 20.37 36.25
CA ASN A 366 -3.65 19.81 37.46
C ASN A 366 -2.75 20.81 38.16
N SER A 367 -3.15 22.07 38.19
CA SER A 367 -2.42 23.12 38.89
C SER A 367 -3.29 23.59 40.05
N THR A 368 -2.99 23.07 41.25
CA THR A 368 -3.81 23.40 42.41
C THR A 368 -3.77 24.89 42.70
N GLY A 369 -2.60 25.52 42.58
CA GLY A 369 -2.51 26.95 42.81
C GLY A 369 -3.34 27.75 41.82
N ASN A 370 -3.33 27.33 40.55
CA ASN A 370 -4.06 28.01 39.48
C ASN A 370 -5.01 27.00 38.84
N MET A 371 -6.27 27.03 39.26
CA MET A 371 -7.30 26.12 38.77
C MET A 371 -8.40 26.91 38.10
N GLY A 372 -9.47 26.21 37.73
CA GLY A 372 -10.65 26.85 37.19
C GLY A 372 -11.89 26.36 37.90
N VAL A 373 -13.00 27.06 37.64
CA VAL A 373 -14.30 26.71 38.20
C VAL A 373 -15.35 26.89 37.13
N LEU A 374 -16.28 25.94 37.07
CA LEU A 374 -17.42 26.01 36.15
C LEU A 374 -18.72 26.15 36.92
N ALA A 375 -18.65 26.84 38.06
CA ALA A 375 -19.76 26.92 38.99
C ALA A 375 -20.79 27.95 38.54
N GLY A 376 -21.97 27.88 39.15
CA GLY A 376 -23.00 28.86 38.86
C GLY A 376 -22.69 30.22 39.43
N GLN A 377 -23.36 31.24 38.87
CA GLN A 377 -23.15 32.60 39.35
C GLN A 377 -23.46 32.71 40.83
N ALA A 378 -24.33 31.84 41.36
CA ALA A 378 -24.72 31.88 42.77
C ALA A 378 -24.66 30.49 43.38
N SER A 379 -23.62 29.72 43.07
CA SER A 379 -23.44 28.37 43.61
C SER A 379 -22.21 28.22 44.46
N GLN A 380 -21.07 28.76 44.02
CA GLN A 380 -19.82 28.68 44.77
C GLN A 380 -19.42 27.22 45.03
N LEU A 381 -19.65 26.36 44.04
CA LEU A 381 -19.23 24.96 44.09
C LEU A 381 -18.43 24.71 42.82
N ASN A 382 -17.12 24.58 42.96
CA ASN A 382 -16.23 24.39 41.81
C ASN A 382 -16.47 23.03 41.17
N ALA A 383 -17.03 23.03 39.96
CA ALA A 383 -17.33 21.79 39.26
C ALA A 383 -16.10 21.17 38.61
N VAL A 384 -14.99 21.90 38.55
CA VAL A 384 -13.75 21.41 37.96
C VAL A 384 -12.81 21.09 39.12
N VAL A 385 -12.72 19.82 39.48
CA VAL A 385 -11.81 19.40 40.56
C VAL A 385 -10.47 19.13 39.88
N ASP A 386 -9.70 20.22 39.72
CA ASP A 386 -8.42 20.18 39.01
C ASP A 386 -7.32 19.96 40.03
N LEU A 387 -7.08 18.70 40.37
CA LEU A 387 -6.04 18.30 41.31
C LEU A 387 -4.94 17.57 40.54
N GLN A 388 -3.89 17.20 41.27
CA GLN A 388 -2.71 16.58 40.70
C GLN A 388 -2.75 15.05 40.76
N ASP A 389 -3.85 14.48 41.24
CA ASP A 389 -3.96 13.02 41.28
C ASP A 389 -3.93 12.43 39.87
N ARG A 390 -4.61 13.08 38.93
CA ARG A 390 -4.69 12.60 37.55
C ARG A 390 -3.82 13.47 36.66
N ASN A 391 -3.16 12.83 35.70
CA ASN A 391 -2.27 13.52 34.77
C ASN A 391 -3.04 13.68 33.47
N THR A 392 -3.65 14.85 33.29
CA THR A 392 -4.62 15.02 32.21
C THR A 392 -3.97 14.89 30.84
N GLU A 393 -2.77 15.45 30.67
CA GLU A 393 -2.17 15.48 29.35
C GLU A 393 -1.84 14.07 28.86
N LEU A 394 -1.33 13.23 29.75
CA LEU A 394 -1.04 11.86 29.37
C LEU A 394 -2.33 11.10 29.08
N SER A 395 -3.38 11.36 29.85
CA SER A 395 -4.67 10.78 29.53
C SER A 395 -5.10 11.16 28.13
N TYR A 396 -4.93 12.43 27.76
CA TYR A 396 -5.26 12.87 26.41
C TYR A 396 -4.43 12.13 25.38
N GLN A 397 -3.14 11.96 25.64
CA GLN A 397 -2.27 11.30 24.67
C GLN A 397 -2.72 9.87 24.43
N LEU A 398 -2.95 9.13 25.51
CA LEU A 398 -3.40 7.75 25.37
C LEU A 398 -4.78 7.70 24.71
N LEU A 399 -5.64 8.66 25.01
CA LEU A 399 -6.96 8.67 24.39
C LEU A 399 -6.86 8.85 22.88
N LEU A 400 -6.05 9.80 22.44
CA LEU A 400 -5.86 10.01 21.01
C LEU A 400 -5.27 8.77 20.36
N ASP A 401 -4.29 8.15 21.02
CA ASP A 401 -3.73 6.92 20.48
C ASP A 401 -4.82 5.85 20.32
N SER A 402 -5.67 5.71 21.34
CA SER A 402 -6.74 4.73 21.27
C SER A 402 -7.70 5.02 20.13
N LEU A 403 -7.96 6.29 19.87
CA LEU A 403 -8.86 6.66 18.78
C LEU A 403 -8.32 6.32 17.40
N GLY A 404 -7.15 5.67 17.30
CA GLY A 404 -6.60 5.35 16.00
C GLY A 404 -7.49 4.44 15.18
N ASP A 405 -8.24 3.56 15.83
CA ASP A 405 -9.09 2.60 15.14
C ASP A 405 -9.88 3.25 14.02
N ARG A 406 -10.75 4.21 14.37
CA ARG A 406 -11.52 4.91 13.36
C ARG A 406 -10.59 5.67 12.41
N THR A 407 -9.60 6.37 12.95
CA THR A 407 -8.70 7.19 12.15
C THR A 407 -7.45 6.42 11.74
N ARG A 408 -7.64 5.25 11.14
CA ARG A 408 -6.54 4.52 10.52
C ARG A 408 -6.36 4.88 9.05
N TYR A 409 -7.23 5.74 8.50
CA TYR A 409 -7.11 6.11 7.11
C TYR A 409 -6.21 7.32 6.91
N PHE A 410 -6.20 8.25 7.86
CA PHE A 410 -5.38 9.44 7.75
C PHE A 410 -3.92 9.02 7.89
N SER A 411 -3.19 8.97 6.76
CA SER A 411 -1.80 8.54 6.81
C SER A 411 -0.91 9.61 7.45
N MET A 412 -1.28 10.88 7.33
CA MET A 412 -0.61 11.97 8.05
C MET A 412 -1.28 12.25 9.38
N TRP A 413 -2.01 11.27 9.94
CA TRP A 413 -2.65 11.47 11.24
C TRP A 413 -1.62 11.85 12.31
N ASN A 414 -0.38 11.43 12.13
CA ASN A 414 0.63 11.53 13.19
C ASN A 414 1.89 12.22 12.66
N GLN A 415 1.72 13.36 12.00
CA GLN A 415 2.85 14.07 11.41
C GLN A 415 3.57 14.97 12.39
N ALA A 416 3.13 15.02 13.64
CA ALA A 416 3.76 15.85 14.65
C ALA A 416 4.33 15.07 15.81
N VAL A 417 3.89 13.83 16.04
CA VAL A 417 4.38 13.06 17.17
C VAL A 417 5.89 12.93 17.09
N ASP A 418 6.53 12.97 18.24
CA ASP A 418 7.98 12.86 18.29
C ASP A 418 8.43 11.49 17.79
N SER A 419 9.52 11.47 17.03
CA SER A 419 10.08 10.23 16.52
C SER A 419 11.59 10.41 16.35
N TYR A 420 12.27 9.31 16.05
CA TYR A 420 13.71 9.34 15.86
C TYR A 420 14.05 8.53 14.61
N ASP A 421 15.19 8.83 14.03
CA ASP A 421 15.67 8.03 12.91
C ASP A 421 16.05 6.66 13.42
N PRO A 422 15.42 5.58 12.94
CA PRO A 422 15.71 4.26 13.51
C PRO A 422 17.18 3.87 13.37
N ASP A 423 17.86 4.33 12.33
CA ASP A 423 19.25 3.93 12.12
C ASP A 423 20.20 4.63 13.09
N VAL A 424 19.84 5.81 13.57
CA VAL A 424 20.68 6.50 14.54
C VAL A 424 20.71 5.75 15.85
N ARG A 425 19.54 5.36 16.36
CA ARG A 425 19.49 4.68 17.65
C ARG A 425 20.20 3.34 17.59
N ILE A 426 19.93 2.55 16.55
CA ILE A 426 20.55 1.25 16.37
C ILE A 426 21.36 1.31 15.09
N ILE A 427 22.66 1.05 15.19
CA ILE A 427 23.62 1.31 14.12
C ILE A 427 24.00 0.00 13.46
N GLU A 428 23.98 -0.02 12.14
CA GLU A 428 24.30 -1.19 11.33
C GLU A 428 25.54 -0.83 10.51
N ASN A 429 26.70 -1.26 10.96
CA ASN A 429 27.96 -0.91 10.33
C ASN A 429 28.39 -2.06 9.43
N HIS A 430 28.30 -1.86 8.12
CA HIS A 430 28.71 -2.84 7.14
C HIS A 430 29.85 -2.34 6.27
N GLY A 431 30.57 -1.32 6.72
CA GLY A 431 31.75 -0.89 6.03
C GLY A 431 31.44 0.07 4.90
N ILE A 432 32.44 0.28 4.06
CA ILE A 432 32.38 1.20 2.95
C ILE A 432 33.04 0.55 1.74
N GLU A 433 32.42 0.69 0.58
CA GLU A 433 32.96 0.12 -0.66
C GLU A 433 34.05 1.05 -1.17
N ASP A 434 35.23 0.94 -0.55
CA ASP A 434 36.37 1.79 -0.84
C ASP A 434 37.49 1.01 -1.54
N GLU A 435 37.10 0.13 -2.47
CA GLU A 435 38.09 -0.72 -3.11
C GLU A 435 39.14 0.09 -3.86
N LEU A 436 38.70 1.09 -4.60
CA LEU A 436 39.61 1.89 -5.40
C LEU A 436 40.09 3.10 -4.62
N PRO A 437 41.14 3.76 -5.10
CA PRO A 437 41.51 5.07 -4.56
C PRO A 437 40.73 6.18 -5.27
N ASN A 438 41.00 7.42 -4.86
CA ASN A 438 40.37 8.59 -5.47
C ASN A 438 41.38 9.72 -5.44
N TYR A 439 42.00 9.99 -6.58
CA TYR A 439 43.11 10.93 -6.66
C TYR A 439 42.63 12.34 -6.94
N CYS A 440 43.45 13.30 -6.53
CA CYS A 440 43.31 14.70 -6.93
C CYS A 440 44.50 15.08 -7.79
N PHE A 441 44.23 15.63 -8.98
CA PHE A 441 45.29 16.01 -9.88
C PHE A 441 45.42 17.52 -9.95
N PRO A 442 46.61 18.05 -10.21
CA PRO A 442 46.76 19.50 -10.37
C PRO A 442 45.84 20.06 -11.43
N LEU A 443 45.70 21.39 -11.46
CA LEU A 443 44.72 21.99 -12.37
C LEU A 443 45.12 21.82 -13.83
N ASN A 444 46.42 21.76 -14.11
CA ASN A 444 46.92 21.59 -15.47
C ASN A 444 47.14 20.14 -15.84
N GLY A 445 46.73 19.21 -14.98
CA GLY A 445 46.95 17.79 -15.21
C GLY A 445 48.35 17.32 -14.89
N ILE A 446 49.26 18.25 -14.60
CA ILE A 446 50.65 17.95 -14.33
C ILE A 446 51.09 18.75 -13.10
N GLY A 447 52.10 18.24 -12.42
CA GLY A 447 52.75 19.01 -11.40
C GLY A 447 53.63 20.06 -12.05
N PRO A 448 54.72 20.43 -11.39
CA PRO A 448 55.73 21.26 -12.05
C PRO A 448 56.61 20.39 -12.94
N GLY A 449 57.61 21.01 -13.53
CA GLY A 449 58.54 20.32 -14.40
C GLY A 449 59.84 21.06 -14.56
N HIS A 450 60.52 20.78 -15.66
CA HIS A 450 61.83 21.35 -15.94
C HIS A 450 61.86 21.90 -17.36
N THR A 451 62.64 22.96 -17.55
CA THR A 451 62.76 23.60 -18.84
C THR A 451 63.75 22.86 -19.71
N TYR A 452 63.35 22.53 -20.94
CA TYR A 452 64.18 21.80 -21.88
C TYR A 452 64.28 22.60 -23.18
N GLN A 453 65.28 22.25 -23.98
CA GLN A 453 65.50 22.85 -25.29
C GLN A 453 65.31 21.80 -26.37
N GLY A 454 65.57 22.21 -27.61
CA GLY A 454 65.40 21.34 -28.77
C GLY A 454 66.74 21.03 -29.42
N ILE A 455 66.90 19.79 -29.86
CA ILE A 455 68.11 19.33 -30.54
C ILE A 455 67.69 18.45 -31.70
N LYS A 456 68.47 18.49 -32.78
CA LYS A 456 68.16 17.76 -34.01
C LYS A 456 69.36 16.97 -34.46
N VAL A 457 69.09 15.89 -35.19
CA VAL A 457 70.15 15.06 -35.75
C VAL A 457 70.99 15.91 -36.70
N LYS A 458 72.31 15.75 -36.61
CA LYS A 458 73.20 16.54 -37.45
C LYS A 458 73.09 16.11 -38.91
N THR A 459 73.11 17.08 -39.80
CA THR A 459 73.06 16.78 -41.23
C THR A 459 74.21 15.86 -41.63
N ASP A 460 75.35 15.97 -40.95
CA ASP A 460 76.42 15.01 -41.11
C ASP A 460 76.01 13.67 -40.51
N ASP A 461 76.67 12.60 -40.99
CA ASP A 461 76.45 11.28 -40.44
C ASP A 461 76.92 11.17 -38.99
N THR A 462 77.68 12.15 -38.51
CA THR A 462 78.21 12.11 -37.15
C THR A 462 77.08 11.89 -36.14
N ASN A 463 77.32 11.00 -35.19
CA ASN A 463 76.34 10.70 -34.14
C ASN A 463 76.44 11.75 -33.02
N GLY A 464 76.28 13.00 -33.42
CA GLY A 464 76.32 14.10 -32.48
C GLY A 464 75.15 15.03 -32.70
N TRP A 465 74.79 15.75 -31.64
CA TRP A 465 73.60 16.57 -31.62
C TRP A 465 73.98 18.03 -31.38
N GLU A 466 73.24 18.93 -32.02
CA GLU A 466 73.53 20.36 -31.96
C GLU A 466 72.27 21.10 -31.53
N LYS A 467 72.48 22.29 -30.98
CA LYS A 467 71.36 23.15 -30.64
C LYS A 467 70.56 23.47 -31.89
N ASP A 468 69.24 23.53 -31.74
CA ASP A 468 68.33 23.83 -32.84
C ASP A 468 67.74 25.22 -32.66
N ALA A 469 67.35 25.83 -33.78
CA ALA A 469 66.77 27.17 -33.78
C ALA A 469 65.29 27.19 -34.12
N ASN A 470 64.74 26.08 -34.62
CA ASN A 470 63.32 26.01 -34.93
C ASN A 470 62.47 25.63 -33.73
N VAL A 471 63.09 25.48 -32.55
CA VAL A 471 62.38 25.17 -31.32
C VAL A 471 62.74 26.22 -30.29
N ALA A 472 61.78 26.57 -29.44
CA ALA A 472 62.00 27.63 -28.47
C ALA A 472 63.10 27.23 -27.50
N PRO A 473 63.81 28.20 -26.92
CA PRO A 473 64.87 27.86 -25.98
C PRO A 473 64.38 27.11 -24.75
N ALA A 474 63.17 27.42 -24.27
CA ALA A 474 62.64 26.85 -23.04
C ALA A 474 61.32 26.15 -23.34
N ASN A 475 61.22 24.89 -22.90
CA ASN A 475 60.00 24.10 -23.05
C ASN A 475 59.75 23.36 -21.75
N GLU A 476 58.52 23.43 -21.26
CA GLU A 476 58.11 22.72 -20.06
C GLU A 476 57.64 21.33 -20.44
N ILE A 477 58.33 20.30 -19.93
CA ILE A 477 58.00 18.92 -20.21
C ILE A 477 58.26 18.14 -18.93
N THR A 478 57.20 17.67 -18.28
CA THR A 478 57.37 16.93 -17.05
C THR A 478 57.96 15.55 -17.34
N ILE A 479 58.50 14.94 -16.28
CA ILE A 479 59.20 13.66 -16.37
C ILE A 479 58.50 12.71 -15.42
N GLY A 480 58.09 11.56 -15.93
CA GLY A 480 57.36 10.60 -15.12
C GLY A 480 55.93 11.02 -14.89
N ASN A 481 55.30 10.35 -13.93
CA ASN A 481 53.91 10.60 -13.62
C ASN A 481 53.74 11.94 -12.90
N ASN A 482 52.51 12.28 -12.59
CA ASN A 482 52.18 13.60 -12.06
C ASN A 482 51.88 13.52 -10.56
N LEU A 483 52.15 14.63 -9.87
CA LEU A 483 51.86 14.72 -8.44
C LEU A 483 50.36 14.61 -8.21
N ALA A 484 50.00 13.98 -7.08
CA ALA A 484 48.60 13.73 -6.76
C ALA A 484 48.47 13.58 -5.26
N MET A 485 47.23 13.64 -4.77
CA MET A 485 46.92 13.30 -3.40
C MET A 485 45.56 12.63 -3.34
N GLU A 486 45.48 11.51 -2.61
CA GLU A 486 44.29 10.69 -2.59
C GLU A 486 43.51 10.89 -1.30
N ILE A 487 42.19 10.78 -1.42
CA ILE A 487 41.26 10.94 -0.30
C ILE A 487 40.22 9.84 -0.38
N ASN A 488 39.85 9.28 0.76
CA ASN A 488 38.82 8.25 0.82
C ASN A 488 37.47 8.96 1.01
N ILE A 489 36.71 9.08 -0.08
CA ILE A 489 35.48 9.85 -0.05
C ILE A 489 34.42 9.12 0.76
N GLN A 490 34.27 7.82 0.54
CA GLN A 490 33.24 7.07 1.24
C GLN A 490 33.50 7.06 2.74
N ALA A 491 34.76 6.85 3.14
CA ALA A 491 35.11 6.89 4.55
C ALA A 491 34.76 8.23 5.16
N ASN A 492 35.02 9.32 4.43
CA ASN A 492 34.75 10.63 4.98
C ASN A 492 33.25 10.87 5.13
N LEU A 493 32.45 10.44 4.15
CA LEU A 493 31.00 10.58 4.30
C LEU A 493 30.49 9.79 5.49
N TRP A 494 30.97 8.56 5.65
CA TRP A 494 30.52 7.74 6.77
C TRP A 494 30.91 8.36 8.10
N ARG A 495 32.15 8.82 8.23
CA ARG A 495 32.58 9.44 9.47
C ARG A 495 31.80 10.72 9.75
N SER A 496 31.52 11.51 8.72
CA SER A 496 30.77 12.74 8.94
C SER A 496 29.36 12.43 9.43
N PHE A 497 28.72 11.43 8.83
CA PHE A 497 27.40 11.04 9.30
C PHE A 497 27.45 10.60 10.76
N LEU A 498 28.38 9.71 11.10
CA LEU A 498 28.46 9.23 12.47
C LEU A 498 28.72 10.37 13.44
N TYR A 499 29.66 11.25 13.10
CA TYR A 499 29.92 12.41 13.94
C TYR A 499 28.62 13.18 14.16
N SER A 500 28.06 13.73 13.09
CA SER A 500 26.98 14.69 13.24
C SER A 500 25.73 14.08 13.86
N ASN A 501 25.55 12.76 13.77
CA ASN A 501 24.32 12.16 14.26
C ASN A 501 24.47 11.36 15.54
N VAL A 502 25.69 11.10 16.00
CA VAL A 502 25.87 10.36 17.25
C VAL A 502 26.81 11.12 18.18
N ALA A 503 27.98 11.51 17.68
CA ALA A 503 29.04 11.96 18.56
C ALA A 503 28.67 13.24 19.28
N LEU A 504 28.09 14.20 18.57
CA LEU A 504 27.73 15.46 19.18
C LEU A 504 26.65 15.32 20.23
N TYR A 505 25.91 14.22 20.22
CA TYR A 505 24.80 14.01 21.16
C TYR A 505 25.18 13.11 22.32
N LEU A 506 26.46 12.81 22.49
CA LEU A 506 26.90 11.98 23.60
C LEU A 506 26.72 12.74 24.92
N PRO A 507 26.76 12.02 26.05
CA PRO A 507 26.69 12.71 27.33
C PRO A 507 27.89 13.62 27.52
N ASP A 508 27.73 14.62 28.39
CA ASP A 508 28.75 15.64 28.53
C ASP A 508 30.03 15.10 29.18
N VAL A 509 29.97 13.96 29.85
CA VAL A 509 31.15 13.42 30.51
C VAL A 509 32.22 13.06 29.49
N TYR A 510 31.83 12.80 28.25
CA TYR A 510 32.76 12.36 27.22
C TYR A 510 33.39 13.51 26.43
N LYS A 511 32.93 14.73 26.63
CA LYS A 511 33.45 15.88 25.90
C LYS A 511 34.48 16.62 26.74
N TYR A 512 34.95 17.75 26.23
CA TYR A 512 35.90 18.57 26.97
C TYR A 512 35.85 20.00 26.45
N THR A 513 36.36 20.92 27.26
CA THR A 513 36.35 22.33 26.92
C THR A 513 37.68 22.71 26.29
N PRO A 514 37.71 23.22 25.07
CA PRO A 514 38.98 23.51 24.43
C PRO A 514 39.80 24.50 25.23
N PRO A 515 41.12 24.39 25.23
CA PRO A 515 41.94 25.38 25.91
C PRO A 515 41.79 26.76 25.27
N ASN A 516 42.05 27.78 26.07
CA ASN A 516 42.10 29.17 25.64
C ASN A 516 40.72 29.73 25.31
N ILE A 517 39.65 28.99 25.57
CA ILE A 517 38.29 29.45 25.35
C ILE A 517 37.54 29.39 26.67
N THR A 518 36.72 30.39 26.92
CA THR A 518 35.90 30.46 28.12
C THR A 518 34.43 30.26 27.76
N LEU A 519 33.80 29.28 28.37
CA LEU A 519 32.40 28.98 28.13
C LEU A 519 31.59 29.25 29.39
N PRO A 520 30.30 29.59 29.25
CA PRO A 520 29.51 29.94 30.44
C PRO A 520 29.58 28.89 31.52
N THR A 521 29.26 29.28 32.76
CA THR A 521 29.22 28.34 33.87
C THR A 521 27.92 27.56 33.92
N ASN A 522 26.90 27.98 33.17
CA ASN A 522 25.64 27.25 33.12
C ASN A 522 25.77 26.10 32.15
N THR A 523 25.36 24.91 32.59
CA THR A 523 25.52 23.70 31.80
C THR A 523 24.32 23.43 30.90
N ASN A 524 23.29 24.27 30.94
CA ASN A 524 22.10 24.08 30.15
C ASN A 524 21.88 25.19 29.14
N THR A 525 22.85 26.07 28.95
CA THR A 525 22.74 27.16 28.00
C THR A 525 23.31 26.75 26.65
N TYR A 526 22.86 27.44 25.61
CA TYR A 526 23.27 27.07 24.26
C TYR A 526 24.76 27.24 24.07
N GLU A 527 25.33 28.32 24.61
CA GLU A 527 26.76 28.55 24.44
C GLU A 527 27.57 27.39 24.98
N TYR A 528 27.18 26.86 26.15
CA TYR A 528 27.92 25.75 26.73
C TYR A 528 27.71 24.47 25.93
N MET A 529 26.48 24.16 25.56
CA MET A 529 26.23 22.94 24.80
C MET A 529 26.90 22.98 23.44
N ASN A 530 27.25 24.17 22.95
CA ASN A 530 27.90 24.30 21.65
C ASN A 530 29.42 24.30 21.77
N GLY A 531 29.97 25.04 22.74
CA GLY A 531 31.40 25.21 22.81
C GLY A 531 32.16 23.92 23.00
N ARG A 532 31.63 23.03 23.84
CA ARG A 532 32.33 21.78 24.12
C ARG A 532 32.55 21.00 22.83
N VAL A 533 33.74 20.43 22.69
CA VAL A 533 34.14 19.71 21.48
C VAL A 533 34.39 18.26 21.86
N VAL A 534 33.84 17.34 21.08
CA VAL A 534 33.94 15.91 21.35
C VAL A 534 34.92 15.30 20.37
N SER A 535 35.82 14.47 20.89
CA SER A 535 36.85 13.89 20.04
C SER A 535 36.20 13.05 18.95
N PRO A 536 36.68 13.16 17.71
CA PRO A 536 36.04 12.42 16.61
C PRO A 536 36.30 10.93 16.62
N SER A 537 37.19 10.45 17.49
CA SER A 537 37.55 9.04 17.50
C SER A 537 36.70 8.21 18.44
N LEU A 538 35.84 8.82 19.24
CA LEU A 538 35.01 8.04 20.16
C LEU A 538 34.07 7.11 19.40
N VAL A 539 33.47 7.59 18.33
CA VAL A 539 32.62 6.79 17.46
C VAL A 539 33.21 6.88 16.07
N ASP A 540 34.05 5.91 15.72
CA ASP A 540 34.76 5.90 14.46
C ASP A 540 34.06 4.97 13.47
N SER A 541 34.69 4.78 12.30
CA SER A 541 34.08 3.98 11.25
C SER A 541 33.99 2.50 11.62
N TYR A 542 34.77 2.05 12.60
CA TYR A 542 34.87 0.64 12.93
C TYR A 542 33.98 0.22 14.09
N ILE A 543 33.12 1.12 14.58
CA ILE A 543 32.38 0.85 15.80
C ILE A 543 31.49 -0.38 15.59
N ASN A 544 31.77 -1.43 16.36
CA ASN A 544 31.00 -2.67 16.30
C ASN A 544 30.78 -3.10 14.85
N ILE A 545 31.89 -3.36 14.17
CA ILE A 545 31.83 -3.66 12.75
C ILE A 545 31.06 -4.95 12.52
N GLY A 546 30.01 -4.88 11.70
CA GLY A 546 29.32 -6.07 11.27
C GLY A 546 28.16 -6.51 12.13
N ALA A 547 27.58 -5.64 12.95
CA ALA A 547 26.48 -6.05 13.82
C ALA A 547 25.56 -4.88 14.12
N ARG A 548 24.35 -5.21 14.54
CA ARG A 548 23.40 -4.23 15.07
C ARG A 548 23.62 -4.09 16.56
N TRP A 549 24.00 -2.90 17.00
CA TRP A 549 24.26 -2.67 18.41
C TRP A 549 24.24 -1.17 18.70
N SER A 550 23.29 -0.73 19.52
CA SER A 550 23.27 0.65 19.95
C SER A 550 24.43 0.90 20.91
N LEU A 551 25.01 2.09 20.82
CA LEU A 551 26.19 2.40 21.63
C LEU A 551 25.82 2.35 23.11
N ASP A 552 26.75 1.86 23.92
CA ASP A 552 26.48 1.77 25.35
C ASP A 552 26.21 3.12 25.98
N PRO A 553 26.98 4.17 25.72
CA PRO A 553 26.65 5.48 26.30
C PRO A 553 25.27 5.98 25.93
N MET A 554 24.82 5.68 24.71
CA MET A 554 23.64 6.31 24.15
C MET A 554 22.33 5.79 24.75
N ASP A 555 22.31 4.60 25.33
CA ASP A 555 21.06 4.01 25.78
C ASP A 555 20.35 4.92 26.77
N ASN A 556 21.10 5.61 27.62
CA ASN A 556 20.53 6.46 28.67
C ASN A 556 20.44 7.91 28.24
N VAL A 557 20.26 8.17 26.95
CA VAL A 557 20.12 9.52 26.42
C VAL A 557 18.82 9.59 25.64
N ASN A 558 18.04 10.63 25.90
CA ASN A 558 16.72 10.79 25.30
C ASN A 558 16.85 10.81 23.78
N PRO A 559 16.43 9.76 23.09
CA PRO A 559 16.55 9.76 21.61
C PRO A 559 15.69 10.81 20.96
N PHE A 560 14.65 11.30 21.63
CA PHE A 560 13.72 12.24 21.02
C PHE A 560 14.25 13.67 21.01
N ASN A 561 15.30 13.97 21.75
CA ASN A 561 15.94 15.28 21.71
C ASN A 561 17.03 15.30 20.64
N HIS A 562 16.62 15.00 19.41
CA HIS A 562 17.51 14.93 18.27
C HIS A 562 17.01 15.85 17.16
N HIS A 563 17.94 16.30 16.32
CA HIS A 563 17.58 17.17 15.22
C HIS A 563 17.06 16.42 14.01
N ARG A 564 17.04 15.09 14.05
CA ARG A 564 16.33 14.29 13.07
C ARG A 564 14.93 13.93 13.54
N ASN A 565 14.47 14.54 14.61
CA ASN A 565 13.10 14.36 15.08
C ASN A 565 12.14 14.92 14.05
N ALA A 566 11.43 14.03 13.35
CA ALA A 566 10.59 14.48 12.24
C ALA A 566 9.49 15.41 12.72
N GLY A 567 8.82 15.08 13.82
CA GLY A 567 7.71 15.89 14.27
C GLY A 567 8.14 17.28 14.71
N LEU A 568 9.23 17.35 15.48
CA LEU A 568 9.70 18.66 15.93
C LEU A 568 10.07 19.54 14.75
N ARG A 569 10.76 18.97 13.76
CA ARG A 569 11.13 19.75 12.59
C ARG A 569 9.89 20.18 11.82
N TYR A 570 8.89 19.30 11.71
CA TYR A 570 7.65 19.68 11.06
C TYR A 570 7.04 20.90 11.76
N ARG A 571 6.97 20.86 13.09
CA ARG A 571 6.36 21.98 13.81
C ARG A 571 7.18 23.26 13.63
N SER A 572 8.51 23.14 13.73
CA SER A 572 9.34 24.34 13.61
C SER A 572 9.21 24.97 12.23
N MET A 573 9.15 24.15 11.19
CA MET A 573 8.86 24.66 9.86
C MET A 573 7.48 25.31 9.83
N LEU A 574 6.50 24.68 10.45
CA LEU A 574 5.14 25.20 10.43
C LEU A 574 5.10 26.62 10.97
N LEU A 575 5.89 26.91 12.00
CA LEU A 575 5.92 28.27 12.53
C LEU A 575 6.66 29.23 11.60
N GLY A 576 7.55 28.74 10.76
CA GLY A 576 8.32 29.58 9.86
C GLY A 576 9.81 29.30 9.97
N ASN A 577 10.60 30.20 9.40
CA ASN A 577 12.05 30.05 9.33
C ASN A 577 12.80 31.23 9.94
N GLY A 578 12.14 31.99 10.81
CA GLY A 578 12.74 33.17 11.40
C GLY A 578 12.61 33.13 12.92
N ARG A 579 13.33 34.05 13.56
CA ARG A 579 13.33 34.11 15.01
C ARG A 579 12.05 34.74 15.55
N TYR A 580 11.46 35.70 14.85
CA TYR A 580 10.25 36.38 15.27
C TYR A 580 9.12 35.97 14.33
N VAL A 581 8.07 35.35 14.89
CA VAL A 581 6.96 34.88 14.08
C VAL A 581 5.65 35.07 14.85
N PRO A 582 4.59 35.56 14.21
CA PRO A 582 3.28 35.56 14.84
C PRO A 582 2.52 34.26 14.59
N PHE A 583 1.77 33.84 15.61
CA PHE A 583 1.09 32.55 15.58
C PHE A 583 -0.39 32.71 15.77
N HIS A 584 -1.16 31.99 14.96
CA HIS A 584 -2.61 31.87 15.09
C HIS A 584 -2.87 30.39 15.28
N ILE A 585 -3.49 30.02 16.40
CA ILE A 585 -3.64 28.61 16.76
C ILE A 585 -5.00 28.38 17.40
N GLN A 586 -5.38 27.11 17.44
CA GLN A 586 -6.62 26.66 18.07
C GLN A 586 -6.29 25.41 18.89
N VAL A 587 -6.77 25.38 20.13
CA VAL A 587 -6.38 24.32 21.05
C VAL A 587 -7.60 23.68 21.68
N PRO A 588 -7.62 22.37 21.90
CA PRO A 588 -8.78 21.72 22.50
C PRO A 588 -8.68 21.59 24.01
N GLN A 589 -9.82 21.77 24.67
CA GLN A 589 -9.89 21.63 26.12
C GLN A 589 -9.88 20.15 26.47
N LYS A 590 -9.05 19.78 27.45
CA LYS A 590 -8.77 18.38 27.74
C LYS A 590 -9.45 17.87 28.99
N PHE A 591 -9.47 18.65 30.08
CA PHE A 591 -10.07 18.17 31.32
C PHE A 591 -11.45 17.58 31.07
N PHE A 592 -12.27 18.29 30.31
CA PHE A 592 -13.59 17.79 29.95
C PHE A 592 -13.54 16.83 28.78
N ALA A 593 -12.40 16.67 28.12
CA ALA A 593 -12.24 15.63 27.12
C ALA A 593 -12.13 14.26 27.74
N VAL A 594 -11.58 14.16 28.95
CA VAL A 594 -11.54 12.91 29.67
C VAL A 594 -12.63 12.81 30.73
N LYS A 595 -13.20 13.93 31.18
CA LYS A 595 -14.32 13.88 32.11
C LYS A 595 -15.68 13.97 31.42
N ASN A 596 -15.79 14.69 30.32
CA ASN A 596 -17.03 14.70 29.52
C ASN A 596 -18.21 15.21 30.36
N LEU A 597 -18.17 16.51 30.64
CA LEU A 597 -19.19 17.16 31.46
C LEU A 597 -20.23 17.82 30.57
N LEU A 598 -21.47 17.92 31.10
CA LEU A 598 -22.58 18.63 30.47
C LEU A 598 -23.24 19.52 31.50
N LEU A 599 -23.72 20.68 31.05
CA LEU A 599 -24.26 21.70 31.95
C LEU A 599 -25.72 21.98 31.62
N LEU A 600 -26.58 21.90 32.64
CA LEU A 600 -27.97 22.34 32.55
C LEU A 600 -28.03 23.80 32.97
N PRO A 601 -29.21 24.44 33.03
CA PRO A 601 -29.28 25.87 33.36
C PRO A 601 -28.49 26.26 34.60
N GLY A 602 -28.26 27.56 34.78
CA GLY A 602 -27.53 28.03 35.94
C GLY A 602 -26.67 29.26 35.75
N SER A 603 -26.33 29.61 34.52
CA SER A 603 -25.54 30.81 34.23
C SER A 603 -24.19 30.75 34.95
N TYR A 604 -23.36 29.82 34.49
CA TYR A 604 -22.10 29.49 35.13
C TYR A 604 -20.99 30.46 34.71
N THR A 605 -19.92 30.45 35.50
CA THR A 605 -18.69 31.19 35.20
C THR A 605 -17.57 30.19 34.96
N TYR A 606 -16.77 30.45 33.93
CA TYR A 606 -15.73 29.53 33.49
C TYR A 606 -14.44 30.32 33.27
N GLU A 607 -13.47 30.13 34.15
CA GLU A 607 -12.19 30.82 34.06
C GLU A 607 -11.06 29.80 34.00
N TRP A 608 -10.08 30.08 33.15
CA TRP A 608 -8.94 29.20 32.93
C TRP A 608 -7.68 30.04 32.81
N ASN A 609 -6.55 29.44 33.18
CA ASN A 609 -5.27 30.11 33.12
C ASN A 609 -4.39 29.48 32.05
N PHE A 610 -3.47 30.26 31.52
CA PHE A 610 -2.54 29.82 30.50
C PHE A 610 -1.11 30.07 30.96
N ARG A 611 -0.16 29.46 30.24
CA ARG A 611 1.24 29.52 30.60
C ARG A 611 1.99 30.50 29.71
N LYS A 612 2.93 31.21 30.31
CA LYS A 612 3.89 32.02 29.57
C LYS A 612 5.32 31.56 29.80
N ASP A 613 5.52 30.49 30.58
CA ASP A 613 6.85 29.90 30.72
C ASP A 613 7.25 29.25 29.42
N VAL A 614 8.36 29.70 28.84
CA VAL A 614 8.73 29.24 27.51
C VAL A 614 9.11 27.77 27.52
N ASN A 615 9.74 27.30 28.59
CA ASN A 615 10.21 25.92 28.62
C ASN A 615 9.06 24.94 28.40
N MET A 616 7.94 25.14 29.08
CA MET A 616 6.85 24.18 29.02
C MET A 616 5.99 24.36 27.78
N VAL A 617 5.97 25.56 27.19
CA VAL A 617 5.13 25.81 26.03
C VAL A 617 5.83 25.46 24.72
N LEU A 618 7.15 25.64 24.65
CA LEU A 618 7.92 25.38 23.45
C LEU A 618 8.71 24.09 23.60
N GLN A 619 9.51 23.79 22.58
CA GLN A 619 10.38 22.62 22.58
C GLN A 619 11.66 22.97 21.85
N SER A 620 12.71 22.20 22.12
CA SER A 620 14.01 22.42 21.49
C SER A 620 14.66 21.08 21.22
N SER A 621 15.36 20.99 20.09
CA SER A 621 16.05 19.74 19.76
C SER A 621 17.13 19.44 20.78
N LEU A 622 17.95 20.43 21.12
CA LEU A 622 19.03 20.21 22.08
C LEU A 622 18.49 20.10 23.50
N GLY A 623 17.49 20.89 23.84
CA GLY A 623 16.96 20.91 25.18
C GLY A 623 17.54 21.98 26.08
N ASN A 624 18.17 23.01 25.50
CA ASN A 624 18.86 24.07 26.28
C ASN A 624 17.82 24.99 26.91
N ASP A 625 17.94 25.31 28.21
CA ASP A 625 17.01 26.22 28.93
C ASP A 625 16.65 27.39 28.01
N LEU A 626 15.43 27.44 27.47
CA LEU A 626 14.99 28.51 26.55
C LEU A 626 14.67 29.77 27.37
N ARG A 627 14.43 29.65 28.67
CA ARG A 627 14.09 30.78 29.52
C ARG A 627 15.25 31.77 29.62
N THR A 628 16.44 31.28 29.90
CA THR A 628 17.61 32.14 30.01
C THR A 628 18.21 32.48 28.66
N ASP A 629 17.92 31.69 27.62
CA ASP A 629 18.48 31.97 26.30
C ASP A 629 17.92 33.25 25.72
N GLY A 630 16.66 33.55 25.99
CA GLY A 630 16.06 34.78 25.51
C GLY A 630 14.80 34.57 24.70
N ALA A 631 14.11 33.46 24.91
CA ALA A 631 12.86 33.20 24.23
C ALA A 631 11.70 33.73 25.07
N THR A 632 10.70 34.27 24.39
CA THR A 632 9.54 34.84 25.06
C THR A 632 8.29 34.54 24.26
N ILE A 633 7.16 34.58 24.95
CA ILE A 633 5.84 34.39 24.35
C ILE A 633 4.96 35.54 24.78
N SER A 634 3.94 35.83 23.98
CA SER A 634 3.05 36.94 24.27
C SER A 634 1.75 36.74 23.51
N PHE A 635 0.63 36.90 24.22
CA PHE A 635 -0.70 36.72 23.65
C PHE A 635 -1.33 38.08 23.37
N THR A 636 -2.29 38.07 22.44
CA THR A 636 -3.00 39.28 22.06
C THR A 636 -4.50 39.18 22.26
N SER A 637 -5.09 38.01 21.99
CA SER A 637 -6.52 37.83 22.21
C SER A 637 -6.88 36.36 22.17
N ILE A 638 -7.54 35.86 23.21
CA ILE A 638 -8.04 34.49 23.25
C ILE A 638 -9.54 34.53 23.40
N ASN A 639 -10.25 33.81 22.53
CA ASN A 639 -11.70 33.72 22.55
C ASN A 639 -12.11 32.26 22.56
N LEU A 640 -13.24 31.99 23.19
CA LEU A 640 -13.72 30.62 23.38
C LEU A 640 -14.83 30.32 22.38
N TYR A 641 -14.77 29.16 21.76
CA TYR A 641 -15.80 28.68 20.84
C TYR A 641 -16.48 27.47 21.46
N ALA A 642 -17.80 27.51 21.56
CA ALA A 642 -18.57 26.47 22.20
C ALA A 642 -19.75 26.10 21.31
N THR A 643 -20.20 24.85 21.43
CA THR A 643 -21.29 24.32 20.61
C THR A 643 -22.33 23.70 21.53
N PHE A 644 -23.48 24.35 21.63
CA PHE A 644 -24.61 23.81 22.38
C PHE A 644 -25.39 22.84 21.48
N PHE A 645 -26.32 22.11 22.09
CA PHE A 645 -27.16 21.21 21.33
C PHE A 645 -28.57 21.20 21.91
N PRO A 646 -29.59 20.97 21.08
CA PRO A 646 -30.95 20.91 21.60
C PRO A 646 -31.18 19.65 22.43
N MET A 647 -32.12 19.76 23.37
CA MET A 647 -32.61 18.64 24.14
C MET A 647 -33.85 19.09 24.91
N ALA A 648 -34.95 18.37 24.72
CA ALA A 648 -36.22 18.80 25.27
C ALA A 648 -36.17 18.83 26.79
N HIS A 649 -36.82 19.84 27.37
CA HIS A 649 -36.91 19.93 28.82
C HIS A 649 -37.51 18.67 29.40
N ASN A 650 -38.43 18.04 28.68
CA ASN A 650 -39.00 16.78 29.16
C ASN A 650 -37.91 15.72 29.31
N THR A 651 -37.02 15.62 28.32
CA THR A 651 -35.92 14.65 28.42
C THR A 651 -35.02 14.97 29.61
N ALA A 652 -34.71 16.24 29.83
CA ALA A 652 -33.85 16.62 30.94
C ALA A 652 -34.50 16.26 32.27
N SER A 653 -35.80 16.54 32.40
CA SER A 653 -36.51 16.18 33.62
C SER A 653 -36.52 14.67 33.81
N THR A 654 -36.75 13.93 32.72
CA THR A 654 -36.70 12.47 32.80
C THR A 654 -35.37 12.02 33.37
N LEU A 655 -34.27 12.48 32.78
CA LEU A 655 -32.95 12.10 33.27
C LEU A 655 -32.78 12.48 34.74
N GLU A 656 -33.11 13.71 35.09
CA GLU A 656 -32.88 14.19 36.45
C GLU A 656 -33.63 13.32 37.46
N ALA A 657 -34.89 12.99 37.17
CA ALA A 657 -35.66 12.15 38.07
C ALA A 657 -35.33 10.67 37.92
N MET A 658 -34.51 10.31 36.94
CA MET A 658 -34.30 8.90 36.63
C MET A 658 -33.09 8.32 37.33
N LEU A 659 -32.01 9.11 37.47
CA LEU A 659 -30.78 8.65 38.11
C LEU A 659 -30.69 9.07 39.56
N ARG A 660 -31.76 9.61 40.15
CA ARG A 660 -31.73 10.05 41.54
C ARG A 660 -31.31 8.91 42.46
N ALA A 674 -7.49 7.68 37.96
CA ALA A 674 -6.16 7.11 38.23
C ALA A 674 -5.35 8.06 39.10
N ALA A 675 -4.64 7.50 40.08
CA ALA A 675 -3.79 8.25 40.97
C ALA A 675 -2.35 8.17 40.50
N ASN A 676 -1.62 9.28 40.62
CA ASN A 676 -0.24 9.38 40.18
C ASN A 676 0.66 9.60 41.39
N MET A 677 1.76 8.86 41.44
CA MET A 677 2.72 8.95 42.54
C MET A 677 4.12 8.92 41.97
N LEU A 678 4.97 9.83 42.45
CA LEU A 678 6.37 9.91 42.04
C LEU A 678 7.25 9.65 43.25
N TYR A 679 8.21 8.75 43.08
CA TYR A 679 9.09 8.32 44.15
C TYR A 679 10.54 8.69 43.85
N PRO A 680 11.33 9.06 44.84
CA PRO A 680 12.73 9.42 44.57
C PRO A 680 13.57 8.19 44.29
N ILE A 681 14.74 8.46 43.70
CA ILE A 681 15.77 7.45 43.47
C ILE A 681 17.12 8.16 43.50
N PRO A 682 17.83 8.15 44.61
CA PRO A 682 19.15 8.80 44.65
C PRO A 682 20.07 8.31 43.55
N ALA A 683 21.15 9.04 43.31
CA ALA A 683 22.08 8.67 42.25
C ALA A 683 22.80 7.37 42.59
N ASN A 684 22.98 6.53 41.57
CA ASN A 684 23.71 5.27 41.71
C ASN A 684 23.02 4.34 42.71
N ALA A 685 21.71 4.44 42.79
CA ALA A 685 20.92 3.54 43.63
C ALA A 685 20.63 2.26 42.86
N THR A 686 20.41 1.19 43.61
CA THR A 686 20.06 -0.10 43.02
C THR A 686 18.78 -0.68 43.62
N ASN A 687 18.56 -0.50 44.91
CA ASN A 687 17.32 -0.90 45.56
C ASN A 687 16.42 0.31 45.74
N ILE A 688 15.12 0.06 45.78
CA ILE A 688 14.16 1.13 46.06
C ILE A 688 12.97 0.51 46.79
N PRO A 689 12.94 0.55 48.11
CA PRO A 689 11.75 0.08 48.83
C PRO A 689 10.71 1.17 49.00
N ILE A 690 9.52 0.95 48.45
CA ILE A 690 8.44 1.93 48.47
C ILE A 690 7.27 1.36 49.27
N SER A 691 6.42 2.27 49.74
CA SER A 691 5.21 1.92 50.47
C SER A 691 4.05 2.74 49.92
N ILE A 692 3.07 2.06 49.35
CA ILE A 692 1.91 2.75 48.78
C ILE A 692 1.04 3.26 49.93
N PRO A 693 0.54 4.49 49.87
CA PRO A 693 -0.42 4.93 50.89
C PRO A 693 -1.69 4.09 50.83
N SER A 694 -2.28 3.86 51.99
CA SER A 694 -3.47 3.01 52.08
C SER A 694 -4.67 3.75 51.54
N ARG A 695 -5.20 3.28 50.42
CA ARG A 695 -6.42 3.80 49.82
C ARG A 695 -7.43 2.66 49.70
N ASN A 696 -8.56 2.94 49.06
CA ASN A 696 -9.57 1.91 48.82
C ASN A 696 -8.95 0.78 48.01
N TRP A 697 -8.88 -0.40 48.62
CA TRP A 697 -8.27 -1.55 47.96
C TRP A 697 -8.96 -1.85 46.64
N ALA A 698 -10.24 -1.53 46.51
CA ALA A 698 -10.94 -1.74 45.26
C ALA A 698 -10.36 -0.84 44.17
N ALA A 699 -10.80 -1.09 42.94
CA ALA A 699 -10.39 -0.35 41.76
C ALA A 699 -8.90 -0.53 41.42
N PHE A 700 -8.24 -1.51 42.03
CA PHE A 700 -6.84 -1.78 41.72
C PHE A 700 -6.73 -2.57 40.43
N ARG A 701 -7.30 -2.04 39.34
CA ARG A 701 -7.31 -2.75 38.07
C ARG A 701 -5.95 -2.59 37.37
N GLY A 702 -4.92 -3.09 38.03
CA GLY A 702 -3.57 -3.05 37.49
C GLY A 702 -2.94 -1.67 37.59
N TRP A 703 -1.61 -1.63 37.70
CA TRP A 703 -0.89 -0.38 37.73
C TRP A 703 0.28 -0.45 36.75
N SER A 704 0.73 0.71 36.30
CA SER A 704 1.88 0.83 35.42
C SER A 704 3.03 1.51 36.15
N PHE A 705 4.19 1.52 35.52
CA PHE A 705 5.34 2.17 36.11
C PHE A 705 6.46 2.29 35.10
N THR A 706 7.20 3.39 35.17
CA THR A 706 8.38 3.60 34.34
C THR A 706 9.32 4.54 35.09
N ARG A 707 10.54 4.67 34.56
CA ARG A 707 11.58 5.47 35.18
C ARG A 707 11.79 6.75 34.38
N LEU A 708 11.90 7.87 35.07
CA LEU A 708 12.13 9.19 34.47
C LEU A 708 13.40 9.80 35.04
N LYS A 709 13.64 11.06 34.70
CA LYS A 709 14.76 11.82 35.23
C LYS A 709 14.23 13.03 35.99
N THR A 710 14.93 13.41 37.06
CA THR A 710 14.50 14.56 37.84
C THR A 710 14.63 15.83 37.02
N LYS A 711 15.66 15.91 36.19
CA LYS A 711 15.87 17.10 35.36
C LYS A 711 14.83 17.24 34.27
N GLU A 712 14.04 16.22 34.00
CA GLU A 712 13.06 16.25 32.93
C GLU A 712 11.62 16.39 33.42
N THR A 713 11.26 15.74 34.51
CA THR A 713 9.92 15.87 35.05
C THR A 713 9.79 17.24 35.70
N PRO A 714 8.81 18.06 35.32
CA PRO A 714 8.63 19.34 35.97
C PRO A 714 7.83 19.20 37.25
N SER A 715 8.13 20.08 38.21
CA SER A 715 7.44 20.05 39.50
C SER A 715 6.05 20.67 39.32
N LEU A 716 5.22 19.96 38.55
CA LEU A 716 3.85 20.40 38.35
C LEU A 716 3.14 20.52 39.69
N GLY A 717 2.40 21.61 39.85
CA GLY A 717 1.69 21.85 41.10
C GLY A 717 1.98 23.22 41.69
N SER A 718 2.49 24.13 40.87
CA SER A 718 2.69 25.51 41.28
C SER A 718 2.38 26.39 40.08
N GLY A 719 2.72 27.67 40.19
CA GLY A 719 2.53 28.59 39.09
C GLY A 719 3.71 28.60 38.16
N PHE A 720 4.90 28.38 38.70
CA PHE A 720 6.12 28.46 37.90
C PHE A 720 7.25 27.81 38.67
N ASP A 721 7.87 26.79 38.09
CA ASP A 721 8.97 26.10 38.74
C ASP A 721 10.28 26.75 38.34
N PRO A 722 10.96 27.48 39.24
CA PRO A 722 12.23 28.10 38.84
C PRO A 722 13.33 27.09 38.54
N TYR A 723 13.21 25.86 39.02
CA TYR A 723 14.25 24.86 38.85
C TYR A 723 14.11 24.05 37.57
N PHE A 724 13.10 24.33 36.75
CA PHE A 724 12.91 23.66 35.47
C PHE A 724 13.78 24.37 34.44
N VAL A 725 14.97 23.86 34.17
CA VAL A 725 15.96 24.54 33.26
C VAL A 725 16.22 23.63 32.06
N TYR A 726 15.16 23.06 31.48
CA TYR A 726 15.26 22.13 30.35
C TYR A 726 13.97 22.24 29.53
N SER A 727 14.03 22.20 28.19
CA SER A 727 12.85 22.40 27.31
C SER A 727 12.74 21.30 26.23
N GLY A 728 13.34 20.12 26.44
CA GLY A 728 13.33 19.03 25.45
C GLY A 728 12.02 18.24 25.45
N SER A 729 12.06 16.91 25.57
CA SER A 729 10.89 16.05 25.64
C SER A 729 10.57 15.72 27.09
N ILE A 730 9.33 15.93 27.48
CA ILE A 730 8.89 15.67 28.85
C ILE A 730 8.10 14.37 28.87
N PRO A 731 8.75 13.22 29.08
CA PRO A 731 8.00 11.95 29.00
C PRO A 731 6.87 11.87 30.00
N TYR A 732 6.94 12.63 31.09
CA TYR A 732 5.86 12.66 32.05
C TYR A 732 4.59 13.25 31.47
N LEU A 733 4.67 13.96 30.35
CA LEU A 733 3.51 14.63 29.78
C LEU A 733 3.17 14.23 28.36
N ASP A 734 4.12 13.72 27.57
CA ASP A 734 3.84 13.30 26.21
C ASP A 734 4.08 11.82 25.98
N GLY A 735 4.38 11.06 27.02
CA GLY A 735 4.46 9.61 26.89
C GLY A 735 5.64 9.10 26.12
N THR A 736 6.71 9.88 26.01
CA THR A 736 7.92 9.45 25.31
C THR A 736 8.94 8.89 26.29
N PHE A 737 8.53 7.86 27.02
CA PHE A 737 9.42 7.21 27.98
C PHE A 737 10.49 6.41 27.24
N TYR A 738 11.72 6.43 27.78
CA TYR A 738 12.81 5.69 27.16
C TYR A 738 13.68 4.91 28.13
N LEU A 739 13.62 5.16 29.44
CA LEU A 739 14.42 4.41 30.40
C LEU A 739 13.66 3.23 30.99
N ASN A 740 13.10 2.39 30.12
CA ASN A 740 12.40 1.20 30.56
C ASN A 740 13.30 -0.02 30.63
N HIS A 741 14.47 0.02 30.01
CA HIS A 741 15.40 -1.09 30.01
C HIS A 741 16.29 -1.13 31.23
N THR A 742 16.12 -0.18 32.16
CA THR A 742 16.95 -0.11 33.35
C THR A 742 16.26 -0.72 34.56
N PHE A 743 15.49 -1.78 34.35
CA PHE A 743 14.74 -2.44 35.41
C PHE A 743 15.21 -3.87 35.55
N LYS A 744 15.32 -4.33 36.79
CA LYS A 744 15.89 -5.63 37.08
C LYS A 744 14.92 -6.59 37.76
N LYS A 745 14.18 -6.13 38.77
CA LYS A 745 13.32 -7.02 39.53
C LYS A 745 12.38 -6.17 40.38
N VAL A 746 11.11 -6.56 40.43
CA VAL A 746 10.10 -5.89 41.23
C VAL A 746 9.41 -6.92 42.10
N SER A 747 9.43 -6.72 43.41
CA SER A 747 8.88 -7.66 44.36
C SER A 747 7.78 -6.99 45.18
N ILE A 748 6.64 -7.65 45.28
CA ILE A 748 5.54 -7.20 46.12
C ILE A 748 5.64 -7.96 47.44
N MET A 749 5.19 -7.32 48.51
CA MET A 749 5.19 -7.98 49.80
C MET A 749 4.18 -9.13 49.81
N PHE A 750 4.16 -9.88 50.91
CA PHE A 750 3.39 -11.12 50.95
C PHE A 750 1.88 -10.91 50.93
N ASP A 751 1.41 -9.67 51.07
CA ASP A 751 -0.03 -9.43 51.07
C ASP A 751 -0.66 -9.94 49.78
N SER A 752 -1.77 -10.65 49.93
CA SER A 752 -2.39 -11.32 48.79
C SER A 752 -2.94 -10.32 47.79
N SER A 753 -2.97 -10.71 46.52
CA SER A 753 -3.50 -9.88 45.46
C SER A 753 -4.25 -10.74 44.46
N VAL A 754 -5.25 -10.15 43.83
CA VAL A 754 -6.03 -10.87 42.82
C VAL A 754 -5.22 -11.00 41.54
N SER A 755 -5.29 -12.15 40.90
CA SER A 755 -4.52 -12.44 39.70
C SER A 755 -5.39 -12.14 38.48
N TRP A 756 -4.95 -11.18 37.67
CA TRP A 756 -5.67 -10.75 36.47
C TRP A 756 -7.18 -10.88 36.61
N SER A 764 -1.02 -14.28 40.56
CA SER A 764 -0.71 -13.16 41.43
C SER A 764 0.64 -13.38 42.12
N PRO A 765 1.71 -13.49 41.34
CA PRO A 765 3.02 -13.76 41.93
C PRO A 765 3.51 -12.57 42.73
N ASN A 766 4.64 -12.78 43.42
CA ASN A 766 5.22 -11.76 44.29
C ASN A 766 6.42 -11.07 43.66
N GLU A 767 7.34 -11.80 43.04
CA GLU A 767 8.51 -11.22 42.40
C GLU A 767 8.50 -11.56 40.92
N PHE A 768 8.78 -10.56 40.09
CA PHE A 768 8.94 -10.74 38.65
C PHE A 768 10.36 -10.41 38.27
N GLU A 769 10.98 -11.26 37.47
CA GLU A 769 12.34 -11.01 37.00
C GLU A 769 12.28 -10.29 35.66
N ILE A 770 12.93 -9.12 35.59
CA ILE A 770 12.90 -8.33 34.38
C ILE A 770 13.98 -8.79 33.41
N LYS A 771 15.22 -8.86 33.88
CA LYS A 771 16.33 -9.32 33.07
C LYS A 771 17.36 -9.97 33.99
N ARG A 772 17.80 -11.16 33.64
CA ARG A 772 18.79 -11.87 34.43
C ARG A 772 20.17 -11.76 33.80
N THR A 787 14.03 -12.40 30.59
CA THR A 787 13.32 -13.59 31.05
C THR A 787 11.99 -13.74 30.31
N LYS A 788 11.70 -14.97 29.87
CA LYS A 788 10.47 -15.20 29.11
C LYS A 788 9.24 -14.87 29.93
N ASP A 789 9.34 -14.99 31.26
CA ASP A 789 8.18 -14.72 32.10
C ASP A 789 7.68 -13.30 31.91
N TRP A 790 8.59 -12.33 31.92
CA TRP A 790 8.17 -10.94 31.75
C TRP A 790 7.59 -10.70 30.36
N PHE A 791 8.18 -11.32 29.34
CA PHE A 791 7.61 -11.22 28.00
C PHE A 791 6.16 -11.66 28.00
N LEU A 792 5.90 -12.81 28.63
CA LEU A 792 4.53 -13.32 28.68
C LEU A 792 3.61 -12.38 29.45
N VAL A 793 4.09 -11.87 30.59
CA VAL A 793 3.24 -10.99 31.39
C VAL A 793 2.86 -9.75 30.62
N GLN A 794 3.84 -9.13 29.95
CA GLN A 794 3.55 -7.91 29.20
C GLN A 794 2.63 -8.20 28.01
N MET A 795 2.84 -9.32 27.32
CA MET A 795 1.94 -9.67 26.24
C MET A 795 0.52 -9.87 26.75
N LEU A 796 0.36 -10.56 27.88
CA LEU A 796 -0.97 -10.78 28.44
C LEU A 796 -1.60 -9.46 28.84
N ALA A 797 -0.81 -8.52 29.36
CA ALA A 797 -1.33 -7.21 29.69
C ALA A 797 -1.93 -6.54 28.45
N ASN A 798 -1.46 -6.90 27.27
CA ASN A 798 -2.01 -6.38 26.03
C ASN A 798 -3.21 -7.20 25.58
N ARG A 815 -0.89 -0.61 18.65
CA ARG A 815 -0.89 0.85 18.64
C ARG A 815 0.53 1.40 18.77
N MET A 816 0.64 2.73 18.84
CA MET A 816 1.95 3.35 18.93
C MET A 816 2.56 3.18 20.32
N TYR A 817 1.75 3.31 21.37
CA TYR A 817 2.23 3.29 22.74
C TYR A 817 2.14 1.90 23.36
N SER A 818 2.26 0.86 22.55
CA SER A 818 2.03 -0.51 22.99
C SER A 818 3.26 -1.37 22.77
N PHE A 819 3.37 -2.43 23.57
CA PHE A 819 4.45 -3.38 23.44
C PHE A 819 4.42 -4.02 22.04
N PHE A 820 5.51 -4.68 21.70
CA PHE A 820 5.63 -5.40 20.43
C PHE A 820 5.73 -4.45 19.24
N ARG A 821 5.60 -3.15 19.48
CA ARG A 821 5.92 -2.15 18.48
C ARG A 821 7.18 -1.38 18.81
N ASN A 822 7.63 -1.43 20.07
CA ASN A 822 8.83 -0.73 20.52
C ASN A 822 9.84 -1.64 21.16
N PHE A 823 9.62 -2.95 21.17
CA PHE A 823 10.55 -3.91 21.74
C PHE A 823 11.53 -4.35 20.67
N GLN A 824 12.81 -4.32 21.00
CA GLN A 824 13.86 -4.64 20.03
C GLN A 824 15.05 -5.31 20.69
N PRO A 825 15.24 -6.61 20.52
CA PRO A 825 16.45 -7.27 21.05
C PRO A 825 17.62 -7.15 20.09
N MET A 826 18.81 -7.32 20.65
CA MET A 826 20.04 -7.21 19.89
C MET A 826 21.06 -8.20 20.44
N SER A 827 21.98 -8.62 19.58
CA SER A 827 22.99 -9.59 19.95
C SER A 827 24.29 -9.29 19.22
N ARG A 828 25.40 -9.39 19.92
CA ARG A 828 26.70 -9.05 19.38
C ARG A 828 27.74 -10.01 19.93
N GLN A 829 28.78 -10.26 19.12
CA GLN A 829 29.94 -11.02 19.55
C GLN A 829 31.04 -10.04 19.94
N VAL A 830 31.70 -10.31 21.06
CA VAL A 830 32.76 -9.43 21.56
C VAL A 830 33.92 -10.30 22.02
N VAL A 831 35.07 -9.65 22.19
CA VAL A 831 36.28 -10.36 22.60
C VAL A 831 36.06 -10.95 23.99
N ASP A 832 36.45 -12.20 24.15
CA ASP A 832 36.39 -12.83 25.47
C ASP A 832 37.44 -12.22 26.38
N GLU A 833 37.07 -12.03 27.64
CA GLU A 833 37.94 -11.34 28.59
C GLU A 833 38.90 -12.29 29.29
N VAL A 834 38.39 -13.43 29.77
CA VAL A 834 39.16 -14.28 30.69
C VAL A 834 39.84 -15.45 30.00
N ASN A 835 39.41 -15.84 28.81
CA ASN A 835 40.02 -16.98 28.13
C ASN A 835 41.17 -16.57 27.22
N TYR A 836 41.01 -15.49 26.46
CA TYR A 836 42.09 -15.01 25.60
C TYR A 836 43.27 -14.61 26.47
N THR A 837 44.36 -15.38 26.40
CA THR A 837 45.45 -15.20 27.34
C THR A 837 46.22 -13.91 27.11
N ASP A 838 46.26 -13.43 25.86
CA ASP A 838 47.11 -12.30 25.50
C ASP A 838 46.27 -11.03 25.35
N TYR A 839 45.30 -10.86 26.24
CA TYR A 839 44.40 -9.72 26.23
C TYR A 839 44.92 -8.62 27.15
N LYS A 840 44.85 -7.38 26.68
CA LYS A 840 45.27 -6.23 27.49
C LYS A 840 44.35 -5.08 27.16
N ALA A 841 43.54 -4.66 28.13
CA ALA A 841 42.50 -3.65 27.91
C ALA A 841 43.14 -2.27 27.91
N VAL A 842 43.34 -1.72 26.71
CA VAL A 842 43.91 -0.38 26.57
C VAL A 842 42.82 0.64 26.86
N THR A 843 43.15 1.64 27.68
CA THR A 843 42.21 2.69 27.99
C THR A 843 42.04 3.59 26.77
N LEU A 844 40.91 4.29 26.73
CA LEU A 844 40.58 5.13 25.58
C LEU A 844 41.69 6.11 25.22
N PRO A 845 42.33 6.80 26.16
CA PRO A 845 43.37 7.77 25.77
C PRO A 845 44.55 7.16 25.05
N TYR A 846 44.80 5.85 25.22
CA TYR A 846 45.98 5.21 24.66
C TYR A 846 45.65 4.31 23.47
N GLN A 847 44.43 4.38 22.95
CA GLN A 847 44.07 3.66 21.74
C GLN A 847 44.32 4.57 20.55
N HIS A 848 45.08 4.08 19.58
CA HIS A 848 45.39 4.85 18.38
C HIS A 848 44.99 4.05 17.14
N ASN A 849 44.06 4.61 16.38
CA ASN A 849 43.66 4.10 15.08
C ASN A 849 43.59 5.26 14.12
N ASN A 850 43.95 5.02 12.86
CA ASN A 850 44.05 6.08 11.87
C ASN A 850 45.03 7.16 12.32
N SER A 851 46.04 6.78 13.08
CA SER A 851 47.00 7.75 13.60
C SER A 851 47.66 8.50 12.46
N GLY A 852 47.80 9.81 12.63
CA GLY A 852 48.44 10.65 11.65
C GLY A 852 47.51 11.24 10.62
N PHE A 853 46.31 10.69 10.48
CA PHE A 853 45.35 11.13 9.47
C PHE A 853 44.05 11.62 10.10
N VAL A 854 44.13 12.13 11.32
CA VAL A 854 42.96 12.66 12.00
C VAL A 854 43.43 13.48 13.19
N GLY A 855 42.62 14.46 13.60
CA GLY A 855 42.93 15.19 14.83
C GLY A 855 42.96 14.25 16.02
N TYR A 856 43.97 14.42 16.86
CA TYR A 856 44.18 13.56 18.02
C TYR A 856 43.37 14.09 19.20
N LEU A 857 42.38 13.31 19.63
CA LEU A 857 41.53 13.67 20.77
C LEU A 857 40.96 15.07 20.61
N ALA A 858 40.78 15.50 19.36
CA ALA A 858 40.27 16.83 19.08
C ALA A 858 39.95 16.97 17.61
N PRO A 859 38.88 17.69 17.22
CA PRO A 859 38.65 17.95 15.80
C PRO A 859 39.68 18.92 15.24
N THR A 860 40.94 18.54 15.34
CA THR A 860 42.06 19.37 14.92
C THR A 860 42.67 18.80 13.65
N MET A 861 43.56 19.58 13.04
CA MET A 861 44.12 19.20 11.74
C MET A 861 44.98 17.96 11.89
N ARG A 862 45.52 17.51 10.75
CA ARG A 862 46.31 16.30 10.71
C ARG A 862 47.44 16.36 11.72
N GLN A 863 47.66 15.25 12.41
CA GLN A 863 48.74 15.17 13.39
C GLN A 863 49.03 13.72 13.73
N GLY A 864 50.30 13.43 13.97
CA GLY A 864 50.78 12.11 14.32
C GLY A 864 51.62 11.52 13.19
N GLU A 865 51.86 10.22 13.32
CA GLU A 865 52.59 9.47 12.31
C GLU A 865 51.84 8.18 11.99
N PRO A 866 51.86 7.74 10.74
CA PRO A 866 51.23 6.46 10.41
C PRO A 866 51.86 5.32 11.20
N TYR A 867 51.03 4.37 11.61
CA TYR A 867 51.48 3.24 12.41
C TYR A 867 50.34 2.25 12.52
N PRO A 868 50.62 0.95 12.64
CA PRO A 868 49.52 -0.01 12.78
C PRO A 868 48.67 0.30 14.01
N ALA A 869 47.37 0.07 13.86
CA ALA A 869 46.45 0.37 14.95
C ALA A 869 46.45 -0.76 15.97
N ASN A 870 45.89 -0.47 17.15
CA ASN A 870 45.76 -1.46 18.21
C ASN A 870 44.32 -1.76 18.56
N TYR A 871 43.41 -0.84 18.33
CA TYR A 871 41.99 -1.07 18.54
C TYR A 871 41.26 -1.06 17.21
N PRO A 872 40.31 -1.97 16.97
CA PRO A 872 39.82 -3.05 17.83
C PRO A 872 40.52 -4.37 17.61
N TYR A 873 40.10 -5.40 18.31
CA TYR A 873 40.65 -6.74 18.17
C TYR A 873 39.93 -7.47 17.04
N PRO A 874 40.65 -8.09 16.11
CA PRO A 874 39.96 -8.76 14.99
C PRO A 874 39.16 -9.97 15.45
N LEU A 875 37.83 -9.86 15.39
CA LEU A 875 36.98 -10.99 15.73
C LEU A 875 36.87 -12.00 14.60
N ILE A 876 37.36 -11.67 13.41
CA ILE A 876 37.30 -12.54 12.25
C ILE A 876 38.72 -12.69 11.70
N GLY A 877 38.85 -13.47 10.63
CA GLY A 877 40.10 -13.60 9.93
C GLY A 877 40.90 -14.81 10.35
N THR A 878 42.10 -14.93 9.77
CA THR A 878 43.00 -16.03 10.06
C THR A 878 43.63 -15.93 11.44
N THR A 879 43.50 -14.80 12.11
CA THR A 879 44.02 -14.60 13.45
C THR A 879 42.92 -14.12 14.38
N ALA A 880 41.75 -14.75 14.29
CA ALA A 880 40.62 -14.34 15.11
C ALA A 880 40.89 -14.64 16.58
N VAL A 881 40.23 -13.91 17.45
CA VAL A 881 40.34 -14.09 18.88
C VAL A 881 39.09 -14.81 19.37
N LYS A 882 39.17 -15.34 20.60
CA LYS A 882 38.02 -16.01 21.18
C LYS A 882 36.92 -14.99 21.46
N SER A 883 35.68 -15.45 21.45
CA SER A 883 34.54 -14.56 21.48
C SER A 883 33.49 -15.04 22.47
N VAL A 884 32.70 -14.08 22.97
CA VAL A 884 31.56 -14.33 23.82
C VAL A 884 30.38 -13.53 23.27
N THR A 885 29.18 -13.91 23.69
CA THR A 885 27.96 -13.34 23.16
C THR A 885 27.32 -12.42 24.19
N GLN A 886 26.89 -11.24 23.74
CA GLN A 886 26.22 -10.27 24.58
C GLN A 886 24.80 -10.06 24.05
N LYS A 887 23.89 -9.67 24.95
CA LYS A 887 22.49 -9.51 24.59
C LYS A 887 21.89 -8.36 25.36
N LYS A 888 21.13 -7.51 24.67
CA LYS A 888 20.42 -6.41 25.33
C LYS A 888 19.21 -6.05 24.49
N PHE A 889 18.29 -5.31 25.11
CA PHE A 889 17.04 -4.93 24.47
C PHE A 889 16.71 -3.49 24.80
N LEU A 890 15.95 -2.86 23.90
CA LEU A 890 15.49 -1.49 24.08
C LEU A 890 13.98 -1.45 23.89
N CYS A 891 13.27 -0.91 24.88
CA CYS A 891 11.84 -0.67 24.78
C CYS A 891 11.57 0.76 25.21
N ASP A 892 10.85 1.51 24.38
CA ASP A 892 10.69 2.95 24.56
C ASP A 892 9.28 3.36 24.21
N ARG A 893 8.89 4.59 24.43
CA ARG A 893 7.51 5.03 24.26
C ARG A 893 6.63 3.90 24.71
N THR A 894 6.82 3.33 25.91
CA THR A 894 5.90 2.34 26.41
C THR A 894 5.91 2.40 27.93
N MET A 895 5.24 1.44 28.56
CA MET A 895 5.19 1.37 30.01
C MET A 895 5.05 -0.08 30.42
N TRP A 896 5.45 -0.35 31.67
CA TRP A 896 5.21 -1.65 32.25
C TRP A 896 3.80 -1.70 32.84
N ARG A 897 3.15 -2.88 32.82
CA ARG A 897 1.76 -3.06 33.30
C ARG A 897 1.70 -4.36 34.10
N ILE A 898 1.65 -4.30 35.44
CA ILE A 898 1.51 -5.50 36.32
C ILE A 898 0.02 -5.89 36.33
N PRO A 899 -0.40 -7.11 35.93
CA PRO A 899 -1.83 -7.46 35.88
C PRO A 899 -2.44 -7.67 37.27
N PHE A 900 -3.77 -7.60 37.40
CA PHE A 900 -4.48 -7.78 38.69
C PHE A 900 -5.94 -8.17 38.43
N ALA A 925 -1.75 -1.17 53.44
CA ALA A 925 -0.42 -0.68 53.07
C ALA A 925 0.32 -1.74 52.27
N LEU A 926 0.60 -1.42 51.00
CA LEU A 926 1.29 -2.33 50.10
C LEU A 926 2.74 -1.88 49.96
N ASP A 927 3.67 -2.82 50.13
CA ASP A 927 5.09 -2.52 50.09
C ASP A 927 5.70 -3.23 48.89
N MET A 928 6.69 -2.57 48.28
CA MET A 928 7.38 -3.10 47.12
C MET A 928 8.87 -2.89 47.29
N THR A 929 9.65 -3.54 46.45
CA THR A 929 11.06 -3.28 46.31
C THR A 929 11.41 -3.34 44.84
N PHE A 930 12.07 -2.30 44.34
CA PHE A 930 12.43 -2.20 42.93
C PHE A 930 13.94 -2.33 42.77
N GLU A 931 14.34 -2.94 41.67
CA GLU A 931 15.74 -3.03 41.27
C GLU A 931 15.94 -2.25 39.98
N VAL A 932 17.06 -1.54 39.88
CA VAL A 932 17.32 -0.69 38.73
C VAL A 932 18.82 -0.67 38.46
N ASP A 933 19.17 -0.65 37.18
CA ASP A 933 20.57 -0.51 36.81
C ASP A 933 21.06 0.87 37.23
N PRO A 934 22.20 0.97 37.91
CA PRO A 934 22.61 2.27 38.46
C PRO A 934 22.77 3.33 37.38
N MET A 935 22.44 4.56 37.73
CA MET A 935 22.55 5.70 36.84
C MET A 935 23.24 6.84 37.58
N ASP A 936 23.80 7.77 36.81
CA ASP A 936 24.65 8.82 37.36
C ASP A 936 23.92 10.11 37.66
N GLU A 937 22.60 10.16 37.54
CA GLU A 937 21.81 11.32 37.88
C GLU A 937 20.54 10.90 38.59
N PRO A 938 19.97 11.77 39.41
CA PRO A 938 18.75 11.39 40.13
C PRO A 938 17.63 11.04 39.16
N THR A 939 16.84 10.05 39.53
CA THR A 939 15.72 9.58 38.74
C THR A 939 14.49 9.45 39.63
N LEU A 940 13.34 9.26 38.99
CA LEU A 940 12.08 9.14 39.69
C LEU A 940 11.35 7.89 39.21
N LEU A 941 10.70 7.20 40.13
CA LEU A 941 9.91 6.01 39.82
C LEU A 941 8.45 6.44 39.70
N TYR A 942 7.94 6.43 38.48
CA TYR A 942 6.57 6.88 38.22
C TYR A 942 5.62 5.69 38.34
N LEU A 943 4.52 5.90 39.06
CA LEU A 943 3.53 4.86 39.29
C LEU A 943 2.16 5.36 38.88
N LEU A 944 1.44 4.55 38.10
CA LEU A 944 0.13 4.90 37.58
C LEU A 944 -0.86 3.86 38.09
N PHE A 945 -1.43 4.13 39.27
CA PHE A 945 -2.41 3.22 39.87
C PHE A 945 -3.77 3.52 39.27
N GLU A 946 -4.16 2.74 38.27
CA GLU A 946 -5.44 2.94 37.61
C GLU A 946 -6.57 2.61 38.57
N VAL A 947 -7.55 3.51 38.65
CA VAL A 947 -8.72 3.29 39.50
C VAL A 947 -9.96 3.87 38.84
N PHE B 161 -23.38 -18.63 59.79
CA PHE B 161 -22.24 -18.80 58.89
C PHE B 161 -22.23 -20.21 58.28
N ALA B 162 -21.80 -20.30 57.02
CA ALA B 162 -21.72 -21.59 56.37
C ALA B 162 -20.84 -22.54 57.15
N VAL B 163 -21.30 -23.77 57.32
CA VAL B 163 -20.62 -24.76 58.14
C VAL B 163 -19.29 -25.15 57.49
N PRO B 164 -19.30 -25.69 56.26
CA PRO B 164 -18.07 -26.13 55.61
C PRO B 164 -17.34 -25.02 54.87
N GLU B 165 -16.97 -23.96 55.59
CA GLU B 165 -16.23 -22.84 55.01
C GLU B 165 -15.15 -22.40 55.98
N VAL B 166 -14.35 -21.40 55.61
CA VAL B 166 -13.27 -20.94 56.46
C VAL B 166 -12.95 -19.49 56.15
N LEU B 167 -12.78 -18.67 57.20
CA LEU B 167 -12.28 -17.30 57.05
C LEU B 167 -11.55 -16.94 58.34
N ALA B 168 -10.24 -17.10 58.32
CA ALA B 168 -9.37 -16.68 59.41
C ALA B 168 -8.66 -15.40 58.99
N THR B 169 -7.70 -14.96 59.81
CA THR B 169 -6.96 -13.74 59.51
C THR B 169 -5.48 -13.81 59.83
N TYR B 170 -4.97 -14.96 60.29
CA TYR B 170 -3.57 -15.08 60.67
C TYR B 170 -2.88 -16.31 60.08
N HIS B 171 -3.57 -17.10 59.25
CA HIS B 171 -3.01 -18.32 58.69
C HIS B 171 -2.97 -18.28 57.17
N ILE B 172 -3.26 -17.14 56.55
CA ILE B 172 -3.31 -17.05 55.09
C ILE B 172 -2.53 -15.84 54.61
N PHE B 173 -1.28 -16.03 54.25
CA PHE B 173 -0.50 -15.03 53.53
C PHE B 173 0.08 -15.55 52.23
N PHE B 174 0.60 -16.78 52.22
CA PHE B 174 0.85 -17.52 50.99
C PHE B 174 1.80 -16.78 50.04
N GLN B 175 3.05 -16.67 50.48
CA GLN B 175 4.11 -16.21 49.61
C GLN B 175 4.08 -16.99 48.30
N ASN B 176 4.20 -16.27 47.19
CA ASN B 176 4.14 -16.85 45.85
C ASN B 176 5.51 -16.78 45.20
N CYS B 177 5.88 -17.86 44.50
CA CYS B 177 7.17 -17.93 43.84
C CYS B 177 7.09 -18.90 42.67
N LYS B 178 8.03 -18.78 41.75
CA LYS B 178 8.14 -19.77 40.67
C LYS B 178 8.76 -21.05 41.21
N ILE B 179 8.24 -22.18 40.75
CA ILE B 179 8.67 -23.46 41.30
C ILE B 179 10.13 -23.65 40.95
N PRO B 180 11.02 -23.87 41.92
CA PRO B 180 12.41 -24.13 41.58
C PRO B 180 12.53 -25.35 40.70
N LEU B 181 13.25 -25.23 39.57
CA LEU B 181 13.43 -26.36 38.62
C LEU B 181 14.06 -27.50 39.38
N SER B 182 14.78 -27.21 40.45
CA SER B 182 15.46 -28.23 41.29
C SER B 182 14.56 -28.75 42.40
N CYS B 183 13.24 -28.53 42.30
CA CYS B 183 12.29 -28.92 43.37
C CYS B 183 12.26 -30.44 43.60
N ARG B 184 11.57 -30.88 44.64
CA ARG B 184 11.56 -32.31 45.03
C ARG B 184 11.09 -33.23 43.95
N ALA B 185 10.15 -32.83 43.16
CA ALA B 185 9.58 -33.74 42.17
C ALA B 185 10.68 -34.07 41.17
N ASN B 186 11.31 -33.06 40.66
CA ASN B 186 12.32 -33.22 39.62
C ASN B 186 13.50 -34.06 40.09
N ARG B 187 13.71 -34.30 41.36
CA ARG B 187 14.82 -35.16 41.80
C ARG B 187 14.22 -36.57 41.96
N SER B 188 14.42 -37.47 40.99
CA SER B 188 13.91 -38.84 41.02
C SER B 188 14.58 -39.66 42.13
N ARG B 189 15.88 -39.49 42.31
CA ARG B 189 16.63 -40.23 43.31
C ARG B 189 16.51 -39.62 44.71
N ALA B 190 15.56 -38.72 44.91
CA ALA B 190 15.42 -38.06 46.21
C ALA B 190 15.24 -39.07 47.33
N ASP B 191 14.59 -40.20 47.04
CA ASP B 191 14.30 -41.16 48.10
C ASP B 191 15.58 -41.69 48.74
N LYS B 192 16.60 -41.98 47.94
CA LYS B 192 17.84 -42.51 48.48
C LYS B 192 18.49 -41.50 49.42
N GLN B 193 18.53 -40.23 49.02
CA GLN B 193 19.08 -39.20 49.89
C GLN B 193 18.25 -39.07 51.17
N LEU B 194 16.93 -39.18 51.05
CA LEU B 194 16.06 -39.07 52.22
C LEU B 194 16.31 -40.19 53.22
N ALA B 195 16.97 -41.26 52.81
CA ALA B 195 17.25 -42.36 53.74
C ALA B 195 18.13 -41.87 54.88
N LEU B 196 17.77 -42.27 56.11
CA LEU B 196 18.50 -41.88 57.30
C LEU B 196 18.73 -43.12 58.15
N ARG B 197 19.82 -43.10 58.91
CA ARG B 197 20.19 -44.23 59.76
C ARG B 197 20.40 -43.78 61.21
N GLN B 198 20.91 -44.67 62.05
CA GLN B 198 21.10 -44.34 63.46
C GLN B 198 22.05 -43.15 63.62
N GLY B 199 23.14 -43.15 62.88
CA GLY B 199 24.12 -42.07 62.97
C GLY B 199 23.70 -40.84 62.20
N ALA B 200 22.63 -40.19 62.66
CA ALA B 200 22.12 -38.99 62.01
C ALA B 200 21.83 -37.94 63.07
N VAL B 201 22.28 -36.72 62.83
CA VAL B 201 22.05 -35.60 63.72
C VAL B 201 21.10 -34.63 63.04
N ILE B 202 20.52 -33.72 63.84
CA ILE B 202 19.51 -32.79 63.34
C ILE B 202 20.12 -31.93 62.24
N PRO B 203 19.35 -31.55 61.22
CA PRO B 203 19.92 -30.71 60.15
C PRO B 203 20.41 -29.38 60.71
N ASP B 204 21.50 -28.89 60.12
CA ASP B 204 22.22 -27.72 60.63
C ASP B 204 21.90 -26.50 59.77
N ILE B 205 22.14 -25.32 60.35
CA ILE B 205 21.91 -24.08 59.64
C ILE B 205 22.93 -23.92 58.52
N ALA B 206 22.54 -23.23 57.46
CA ALA B 206 23.44 -22.85 56.37
C ALA B 206 23.22 -21.38 56.05
N SER B 207 24.32 -20.67 55.83
CA SER B 207 24.30 -19.25 55.50
C SER B 207 24.62 -19.05 54.03
N LEU B 208 24.36 -17.84 53.54
CA LEU B 208 24.61 -17.54 52.14
C LEU B 208 26.09 -17.65 51.80
N ASP B 209 26.97 -17.14 52.65
CA ASP B 209 28.44 -17.25 52.41
C ASP B 209 28.85 -18.73 52.54
N GLU B 210 28.24 -19.49 53.46
CA GLU B 210 28.68 -20.87 53.65
C GLU B 210 28.57 -21.67 52.36
N VAL B 211 27.45 -21.56 51.66
CA VAL B 211 27.30 -22.19 50.35
C VAL B 211 28.04 -21.34 49.33
N PRO B 212 28.78 -21.93 48.39
CA PRO B 212 29.51 -21.11 47.42
C PRO B 212 28.60 -20.38 46.45
N LYS B 213 27.64 -21.11 45.87
CA LYS B 213 26.72 -20.52 44.90
C LYS B 213 25.49 -21.40 44.79
N ILE B 214 24.45 -20.85 44.16
CA ILE B 214 23.18 -21.53 43.98
C ILE B 214 23.01 -21.90 42.52
N PHE B 215 22.54 -23.12 42.26
CA PHE B 215 22.25 -23.59 40.92
C PHE B 215 20.84 -24.17 40.91
N GLU B 216 19.99 -23.64 40.03
CA GLU B 216 18.58 -24.01 40.01
C GLU B 216 18.24 -25.07 38.98
N GLY B 217 19.07 -25.24 37.94
CA GLY B 217 18.75 -26.16 36.88
C GLY B 217 18.65 -27.59 37.37
N LEU B 218 18.02 -28.43 36.54
CA LEU B 218 17.90 -29.86 36.88
C LEU B 218 19.27 -30.50 37.09
N GLY B 219 20.29 -30.02 36.39
CA GLY B 219 21.64 -30.52 36.57
C GLY B 219 21.86 -31.85 35.88
N ARG B 220 23.07 -32.37 36.06
CA ARG B 220 23.44 -33.64 35.48
C ARG B 220 22.88 -34.79 36.33
N ASP B 221 22.99 -36.00 35.79
CA ASP B 221 22.52 -37.26 36.37
C ASP B 221 21.00 -37.42 36.22
N GLU B 222 20.29 -36.42 35.70
CA GLU B 222 18.86 -36.51 35.47
C GLU B 222 18.61 -36.54 33.97
N LYS B 223 17.91 -37.56 33.50
CA LYS B 223 17.65 -37.75 32.08
C LYS B 223 16.15 -37.60 31.82
N ARG B 224 15.80 -36.73 30.87
CA ARG B 224 14.40 -36.51 30.54
C ARG B 224 13.79 -37.78 29.96
N ALA B 225 12.52 -38.01 30.31
CA ALA B 225 11.81 -39.19 29.82
C ALA B 225 11.56 -39.06 28.32
N ALA B 226 11.46 -40.21 27.66
CA ALA B 226 11.23 -40.25 26.21
C ALA B 226 9.74 -40.09 25.91
N ASN B 227 9.17 -39.03 26.44
CA ASN B 227 7.76 -38.72 26.25
C ASN B 227 7.55 -37.26 25.87
N VAL B 242 9.36 -26.04 33.66
CA VAL B 242 9.04 -26.13 35.08
C VAL B 242 9.12 -27.58 35.56
N LEU B 243 8.27 -28.43 34.99
CA LEU B 243 8.23 -29.85 35.34
C LEU B 243 8.58 -30.66 34.10
N VAL B 244 9.58 -31.53 34.23
CA VAL B 244 10.04 -32.39 33.15
C VAL B 244 9.80 -33.84 33.57
N GLU B 245 9.19 -34.62 32.68
CA GLU B 245 8.94 -36.02 32.97
C GLU B 245 10.25 -36.77 33.12
N LEU B 246 10.31 -37.66 34.11
CA LEU B 246 11.52 -38.41 34.40
C LEU B 246 11.16 -39.82 34.82
N GLU B 247 12.14 -40.72 34.71
CA GLU B 247 11.98 -42.11 35.09
C GLU B 247 12.51 -42.32 36.51
N GLY B 248 12.35 -43.54 37.01
CA GLY B 248 12.79 -43.83 38.37
C GLY B 248 12.07 -43.02 39.42
N ASP B 249 10.77 -42.81 39.26
CA ASP B 249 9.99 -42.01 40.18
C ASP B 249 8.64 -42.68 40.39
N ASN B 250 8.03 -42.38 41.52
CA ASN B 250 6.73 -42.98 41.85
C ASN B 250 5.71 -42.61 40.79
N ALA B 251 4.83 -43.57 40.48
CA ALA B 251 3.80 -43.33 39.47
C ALA B 251 2.98 -42.10 39.80
N ARG B 252 2.80 -41.80 41.09
CA ARG B 252 2.12 -40.57 41.48
C ARG B 252 2.80 -39.37 40.84
N LEU B 253 4.13 -39.33 40.91
CA LEU B 253 4.87 -38.24 40.27
C LEU B 253 4.64 -38.23 38.77
N ALA B 254 4.60 -39.41 38.15
CA ALA B 254 4.42 -39.49 36.71
C ALA B 254 3.09 -38.87 36.29
N VAL B 255 2.00 -39.30 36.92
CA VAL B 255 0.69 -38.75 36.58
C VAL B 255 0.63 -37.26 36.91
N LEU B 256 1.17 -36.89 38.06
CA LEU B 256 1.21 -35.49 38.46
C LEU B 256 1.87 -34.64 37.38
N LYS B 257 2.99 -35.11 36.86
CA LYS B 257 3.75 -34.33 35.89
C LYS B 257 3.06 -34.32 34.53
N ARG B 258 2.40 -35.44 34.19
CA ARG B 258 1.67 -35.51 32.94
C ARG B 258 0.50 -34.53 32.93
N SER B 259 -0.18 -34.36 34.09
CA SER B 259 -1.39 -33.51 34.21
C SER B 259 -1.06 -32.05 34.55
N ILE B 260 -0.32 -31.78 35.64
CA ILE B 260 -0.02 -30.40 36.13
C ILE B 260 1.38 -29.96 35.68
N GLU B 261 1.53 -28.70 35.26
CA GLU B 261 2.85 -28.09 34.92
C GLU B 261 2.67 -26.59 35.17
N VAL B 262 2.15 -26.22 36.35
CA VAL B 262 1.86 -24.80 36.74
C VAL B 262 3.19 -24.04 36.80
N THR B 263 3.20 -22.69 36.75
CA THR B 263 4.46 -21.93 36.74
C THR B 263 4.62 -21.21 38.06
N HIS B 264 3.70 -21.43 38.99
CA HIS B 264 3.73 -20.77 40.31
C HIS B 264 3.01 -21.61 41.36
N PHE B 265 3.43 -21.57 42.63
CA PHE B 265 2.81 -22.27 43.73
C PHE B 265 2.72 -21.33 44.93
N ALA B 266 1.65 -21.49 45.72
CA ALA B 266 1.36 -20.60 46.84
C ALA B 266 1.88 -21.24 48.12
N TYR B 267 3.17 -21.13 48.34
CA TYR B 267 3.79 -21.71 49.53
C TYR B 267 3.25 -21.01 50.77
N PRO B 268 3.14 -21.70 51.90
CA PRO B 268 2.79 -21.00 53.15
C PRO B 268 3.87 -19.98 53.49
N ALA B 269 3.45 -18.88 54.10
CA ALA B 269 4.38 -17.83 54.47
C ALA B 269 5.00 -18.15 55.83
N LEU B 270 6.33 -18.09 55.90
CA LEU B 270 7.06 -18.30 57.16
C LEU B 270 7.91 -17.10 57.53
N ASN B 271 7.70 -15.95 56.88
CA ASN B 271 8.49 -14.78 57.19
C ASN B 271 8.17 -14.28 58.60
N LEU B 272 9.09 -13.49 59.13
CA LEU B 272 8.83 -12.81 60.39
C LEU B 272 7.78 -11.72 60.17
N PRO B 273 7.12 -11.28 61.24
CA PRO B 273 5.98 -10.37 61.09
C PRO B 273 6.40 -9.11 60.37
N PRO B 274 5.48 -8.49 59.61
CA PRO B 274 5.87 -7.30 58.84
C PRO B 274 6.37 -6.16 59.71
N LYS B 275 5.82 -6.00 60.91
CA LYS B 275 6.21 -4.85 61.74
C LYS B 275 7.66 -4.96 62.19
N VAL B 276 8.04 -6.11 62.77
CA VAL B 276 9.40 -6.24 63.27
C VAL B 276 10.40 -6.20 62.12
N MET B 277 10.08 -6.85 61.01
CA MET B 277 10.99 -6.85 59.88
C MET B 277 11.15 -5.43 59.32
N SER B 278 10.04 -4.70 59.24
CA SER B 278 10.11 -3.33 58.72
C SER B 278 10.94 -2.45 59.64
N THR B 279 10.75 -2.55 60.95
CA THR B 279 11.56 -1.76 61.86
C THR B 279 13.03 -2.13 61.75
N VAL B 280 13.33 -3.42 61.65
CA VAL B 280 14.73 -3.84 61.54
C VAL B 280 15.35 -3.25 60.28
N MET B 281 14.65 -3.35 59.15
CA MET B 281 15.18 -2.81 57.91
C MET B 281 15.36 -1.31 57.97
N SER B 282 14.36 -0.59 58.50
CA SER B 282 14.44 0.86 58.55
C SER B 282 15.57 1.33 59.43
N GLU B 283 15.75 0.71 60.60
CA GLU B 283 16.81 1.12 61.50
C GLU B 283 18.19 0.69 61.01
N LEU B 284 18.27 -0.41 60.28
CA LEU B 284 19.56 -1.02 59.98
C LEU B 284 20.01 -0.83 58.53
N ILE B 285 19.14 -1.08 57.56
CA ILE B 285 19.53 -1.08 56.15
C ILE B 285 19.18 0.25 55.48
N VAL B 286 17.89 0.57 55.37
CA VAL B 286 17.47 1.80 54.71
C VAL B 286 16.05 2.13 55.10
N ARG B 287 15.75 3.42 55.24
CA ARG B 287 14.40 3.85 55.56
C ARG B 287 13.50 3.74 54.34
N ARG B 288 12.23 3.38 54.58
CA ARG B 288 11.28 3.27 53.48
C ARG B 288 10.89 4.67 53.00
N ALA B 289 10.94 4.85 51.68
CA ALA B 289 10.72 6.16 51.07
C ALA B 289 9.23 6.31 50.75
N ARG B 290 8.54 7.16 51.53
CA ARG B 290 7.14 7.42 51.26
C ARG B 290 6.99 8.27 50.00
N PRO B 291 5.77 8.32 49.44
CA PRO B 291 5.57 9.10 48.22
C PRO B 291 5.87 10.56 48.41
N LEU B 292 6.39 11.20 47.36
CA LEU B 292 6.62 12.62 47.39
C LEU B 292 5.31 13.37 47.26
N GLU B 293 4.92 14.06 48.32
CA GLU B 293 3.74 14.91 48.31
C GLU B 293 4.12 16.17 47.55
N ARG B 294 3.24 16.63 46.66
CA ARG B 294 3.58 17.73 45.72
C ARG B 294 3.63 19.15 46.27
N ASP B 295 4.71 19.54 46.97
CA ASP B 295 4.87 20.93 47.33
C ASP B 295 6.19 21.54 46.86
N ALA B 296 7.20 20.72 46.56
CA ALA B 296 8.48 21.21 46.06
C ALA B 296 9.18 20.07 45.35
N ASN B 297 10.27 20.38 44.66
CA ASN B 297 11.02 19.37 43.93
C ASN B 297 12.44 19.86 43.71
N LEU B 298 13.29 18.94 43.24
CA LEU B 298 14.69 19.17 42.91
C LEU B 298 15.55 19.43 44.14
N GLN B 299 14.95 19.32 45.33
CA GLN B 299 15.75 19.43 46.57
C GLN B 299 16.26 18.04 46.93
N GLU B 300 17.57 17.86 46.93
CA GLU B 300 18.15 16.54 47.20
C GLU B 300 18.31 16.36 48.71
N GLN B 301 17.18 16.16 49.37
CA GLN B 301 17.15 15.87 50.80
C GLN B 301 17.36 14.36 51.00
N THR B 302 18.55 13.91 50.60
CA THR B 302 18.86 12.49 50.65
C THR B 302 18.85 11.93 52.07
N GLU B 303 19.01 12.79 53.08
CA GLU B 303 19.07 12.30 54.45
C GLU B 303 17.86 11.44 54.78
N GLU B 304 16.68 11.80 54.28
CA GLU B 304 15.50 10.99 54.50
C GLU B 304 15.64 9.62 53.84
N GLY B 305 16.15 9.59 52.61
CA GLY B 305 16.30 8.34 51.88
C GLY B 305 17.72 7.80 51.87
N LEU B 306 18.63 8.46 52.59
CA LEU B 306 20.01 8.01 52.63
C LEU B 306 20.09 6.68 53.39
N PRO B 307 21.01 5.80 53.00
CA PRO B 307 21.20 4.55 53.76
C PRO B 307 21.57 4.84 55.20
N ALA B 308 21.12 3.98 56.11
CA ALA B 308 21.29 4.21 57.54
C ALA B 308 22.76 4.47 57.88
N VAL B 309 23.67 3.79 57.20
CA VAL B 309 25.11 3.96 57.42
C VAL B 309 25.74 4.41 56.11
N GLY B 310 26.47 5.53 56.17
CA GLY B 310 27.09 6.08 55.00
C GLY B 310 28.40 5.40 54.64
N ASP B 311 28.95 5.81 53.49
CA ASP B 311 30.19 5.22 53.01
C ASP B 311 31.36 5.54 53.95
N GLU B 312 31.44 6.78 54.41
CA GLU B 312 32.56 7.17 55.27
C GLU B 312 32.54 6.37 56.58
N GLN B 313 31.37 6.27 57.21
CA GLN B 313 31.27 5.55 58.47
C GLN B 313 31.61 4.07 58.26
N LEU B 314 31.12 3.48 57.17
CA LEU B 314 31.41 2.09 56.90
C LEU B 314 32.91 1.87 56.69
N ALA B 315 33.56 2.77 55.95
CA ALA B 315 35.00 2.66 55.76
C ALA B 315 35.74 2.79 57.08
N ARG B 316 35.29 3.71 57.94
CA ARG B 316 35.90 3.84 59.26
C ARG B 316 35.79 2.54 60.04
N TRP B 317 34.59 1.98 60.11
CA TRP B 317 34.40 0.74 60.86
C TRP B 317 35.17 -0.41 60.23
N LEU B 318 35.18 -0.48 58.89
CA LEU B 318 35.86 -1.57 58.20
C LEU B 318 37.35 -1.30 58.02
N GLU B 319 37.83 -0.10 58.32
CA GLU B 319 39.23 0.24 58.19
C GLU B 319 39.77 -0.15 56.82
N THR B 320 39.09 0.32 55.78
CA THR B 320 39.52 0.07 54.41
C THR B 320 38.73 0.98 53.47
N ARG B 321 39.41 1.52 52.47
CA ARG B 321 38.78 2.34 51.45
C ARG B 321 38.31 1.52 50.25
N GLU B 322 38.66 0.24 50.19
CA GLU B 322 38.27 -0.61 49.07
C GLU B 322 36.75 -0.61 48.91
N PRO B 323 36.21 0.00 47.86
CA PRO B 323 34.75 -0.03 47.68
C PRO B 323 34.19 -1.43 47.54
N ALA B 324 34.97 -2.36 47.00
CA ALA B 324 34.50 -3.74 46.86
C ALA B 324 34.17 -4.34 48.21
N ASP B 325 35.04 -4.11 49.21
CA ASP B 325 34.78 -4.64 50.54
C ASP B 325 33.51 -4.01 51.14
N LEU B 326 33.34 -2.71 50.96
CA LEU B 326 32.13 -2.05 51.48
C LEU B 326 30.89 -2.67 50.86
N GLU B 327 30.88 -2.81 49.53
CA GLU B 327 29.70 -3.35 48.85
C GLU B 327 29.46 -4.79 49.25
N GLU B 328 30.52 -5.60 49.37
CA GLU B 328 30.33 -7.00 49.72
C GLU B 328 29.79 -7.16 51.14
N ARG B 329 30.27 -6.33 52.07
CA ARG B 329 29.73 -6.39 53.42
C ARG B 329 28.27 -5.95 53.45
N ARG B 330 27.94 -4.88 52.70
CA ARG B 330 26.56 -4.43 52.63
C ARG B 330 25.66 -5.54 52.13
N LYS B 331 26.00 -6.14 50.99
CA LYS B 331 25.19 -7.23 50.45
C LYS B 331 25.15 -8.41 51.40
N LEU B 332 26.27 -8.68 52.08
CA LEU B 332 26.33 -9.80 53.00
C LEU B 332 25.27 -9.66 54.08
N MET B 333 25.23 -8.52 54.75
CA MET B 333 24.26 -8.43 55.83
C MET B 333 22.86 -8.15 55.30
N MET B 334 22.72 -7.65 54.06
CA MET B 334 21.38 -7.54 53.49
C MET B 334 20.79 -8.93 53.32
N ALA B 335 21.56 -9.85 52.72
CA ALA B 335 21.12 -11.23 52.66
C ALA B 335 20.91 -11.80 54.05
N ALA B 336 21.78 -11.43 54.99
CA ALA B 336 21.63 -11.93 56.36
C ALA B 336 20.27 -11.55 56.93
N VAL B 337 19.96 -10.25 56.92
CA VAL B 337 18.71 -9.79 57.51
C VAL B 337 17.51 -10.23 56.69
N LEU B 338 17.72 -10.64 55.44
CA LEU B 338 16.59 -11.11 54.65
C LEU B 338 16.26 -12.58 54.86
N VAL B 339 17.26 -13.44 55.09
CA VAL B 339 17.00 -14.87 55.22
C VAL B 339 17.50 -15.46 56.53
N THR B 340 18.75 -15.22 56.92
CA THR B 340 19.37 -15.98 58.01
C THR B 340 18.72 -15.67 59.33
N VAL B 341 18.36 -14.44 59.59
CA VAL B 341 17.85 -14.10 60.92
C VAL B 341 16.58 -14.91 61.07
N GLU B 342 15.87 -15.09 59.98
CA GLU B 342 14.58 -15.80 60.02
C GLU B 342 14.91 -17.25 60.32
N LEU B 343 15.91 -17.79 59.69
CA LEU B 343 16.30 -19.20 59.89
C LEU B 343 16.80 -19.39 61.30
N GLU B 344 17.54 -18.44 61.84
CA GLU B 344 18.16 -18.54 63.19
C GLU B 344 17.04 -18.67 64.19
N CYS B 345 16.03 -17.87 64.05
CA CYS B 345 14.99 -17.94 65.06
C CYS B 345 14.57 -19.36 65.04
N MET B 346 14.43 -19.90 63.87
CA MET B 346 13.80 -21.20 63.75
C MET B 346 14.66 -22.24 64.42
N GLN B 347 15.95 -22.14 64.27
CA GLN B 347 16.84 -23.16 64.84
C GLN B 347 16.45 -23.22 66.28
N ARG B 348 16.62 -22.11 66.94
CA ARG B 348 16.31 -22.03 68.36
C ARG B 348 14.93 -22.65 68.58
N PHE B 349 13.88 -22.11 68.00
CA PHE B 349 12.49 -22.52 68.33
C PHE B 349 12.19 -23.97 68.08
N PHE B 350 12.82 -24.66 67.15
CA PHE B 350 12.44 -26.06 66.88
C PHE B 350 13.50 -27.00 67.45
N ALA B 351 14.66 -26.52 67.86
CA ALA B 351 15.79 -27.39 68.29
C ALA B 351 15.73 -27.78 69.76
N ASP B 352 15.03 -27.01 70.57
CA ASP B 352 14.93 -27.33 71.99
C ASP B 352 14.59 -28.79 72.20
N PRO B 353 15.35 -29.53 73.02
CA PRO B 353 14.98 -30.93 73.29
C PRO B 353 13.58 -31.09 73.88
N GLU B 354 13.14 -30.17 74.74
CA GLU B 354 11.79 -30.32 75.30
C GLU B 354 10.74 -30.17 74.22
N MET B 355 10.93 -29.20 73.32
CA MET B 355 10.04 -29.09 72.16
C MET B 355 10.13 -30.33 71.28
N GLN B 356 11.33 -30.93 71.19
CA GLN B 356 11.48 -32.16 70.42
C GLN B 356 10.65 -33.29 71.01
N ARG B 357 10.66 -33.42 72.34
CA ARG B 357 9.82 -34.41 73.00
C ARG B 357 8.35 -34.13 72.73
N LYS B 358 7.94 -32.87 72.82
CA LYS B 358 6.54 -32.54 72.58
C LYS B 358 6.14 -32.83 71.14
N LEU B 359 7.04 -32.57 70.19
CA LEU B 359 6.73 -32.86 68.80
C LEU B 359 6.54 -34.36 68.59
N GLU B 360 7.44 -35.17 69.15
CA GLU B 360 7.26 -36.61 69.08
C GLU B 360 5.91 -37.01 69.66
N GLU B 361 5.54 -36.44 70.80
CA GLU B 361 4.30 -36.83 71.45
C GLU B 361 3.10 -36.47 70.60
N THR B 362 3.08 -35.27 70.01
CA THR B 362 1.94 -34.89 69.18
C THR B 362 1.85 -35.78 67.95
N LEU B 363 3.00 -36.13 67.36
CA LEU B 363 2.95 -37.04 66.22
C LEU B 363 2.36 -38.39 66.62
N HIS B 364 2.78 -38.91 67.77
CA HIS B 364 2.22 -40.17 68.23
C HIS B 364 0.72 -40.05 68.44
N TYR B 365 0.27 -38.92 69.00
CA TYR B 365 -1.16 -38.73 69.23
C TYR B 365 -1.93 -38.66 67.93
N THR B 366 -1.40 -37.94 66.93
CA THR B 366 -2.13 -37.78 65.69
C THR B 366 -2.12 -39.04 64.83
N PHE B 367 -1.11 -39.90 64.99
CA PHE B 367 -1.05 -41.15 64.24
C PHE B 367 -1.45 -42.37 65.07
N ARG B 368 -1.76 -42.18 66.34
CA ARG B 368 -2.28 -43.26 67.20
C ARG B 368 -1.41 -44.51 67.08
N GLN B 369 -0.15 -44.36 67.52
CA GLN B 369 0.84 -45.42 67.41
C GLN B 369 1.37 -45.78 68.79
N GLY B 370 1.37 -47.08 69.09
CA GLY B 370 2.06 -47.56 70.29
C GLY B 370 1.47 -47.00 71.57
N TYR B 371 2.20 -46.07 72.17
CA TYR B 371 1.83 -45.54 73.48
C TYR B 371 0.40 -45.02 73.48
N VAL B 372 0.00 -44.30 72.43
CA VAL B 372 -1.35 -43.76 72.36
C VAL B 372 -2.36 -44.89 72.24
N ARG B 373 -2.01 -45.94 71.49
CA ARG B 373 -2.92 -47.09 71.36
C ARG B 373 -3.15 -47.74 72.71
N GLN B 374 -2.09 -47.94 73.49
CA GLN B 374 -2.26 -48.56 74.80
C GLN B 374 -2.99 -47.63 75.76
N ALA B 375 -2.80 -46.33 75.63
CA ALA B 375 -3.56 -45.39 76.44
C ALA B 375 -5.04 -45.48 76.13
N CYS B 376 -5.39 -45.56 74.84
CA CYS B 376 -6.79 -45.73 74.46
C CYS B 376 -7.35 -47.04 74.99
N LYS B 377 -6.56 -48.12 74.91
CA LYS B 377 -7.01 -49.40 75.44
C LYS B 377 -7.28 -49.32 76.93
N ILE B 378 -6.37 -48.69 77.68
CA ILE B 378 -6.53 -48.59 79.13
C ILE B 378 -7.75 -47.74 79.47
N SER B 379 -7.91 -46.60 78.80
CA SER B 379 -9.03 -45.71 79.06
C SER B 379 -10.30 -46.10 78.31
N ASN B 380 -10.20 -47.02 77.35
CA ASN B 380 -11.35 -47.45 76.54
C ASN B 380 -11.96 -46.30 75.74
N VAL B 381 -11.20 -45.22 75.56
CA VAL B 381 -11.67 -44.05 74.82
C VAL B 381 -10.62 -43.70 73.78
N GLU B 382 -11.03 -43.68 72.51
CA GLU B 382 -10.12 -43.26 71.45
C GLU B 382 -9.81 -41.78 71.59
N LEU B 383 -8.54 -41.43 71.39
CA LEU B 383 -8.07 -40.06 71.53
C LEU B 383 -8.16 -39.27 70.23
N CYS B 384 -8.73 -39.86 69.17
CA CYS B 384 -8.86 -39.14 67.91
C CYS B 384 -9.68 -37.87 68.04
N ASN B 385 -10.51 -37.77 69.08
CA ASN B 385 -11.34 -36.60 69.31
C ASN B 385 -10.63 -35.52 70.12
N LEU B 386 -9.38 -35.72 70.48
CA LEU B 386 -8.62 -34.76 71.27
C LEU B 386 -7.94 -33.76 70.34
N VAL B 387 -8.38 -32.50 70.39
CA VAL B 387 -7.81 -31.44 69.59
C VAL B 387 -7.68 -30.19 70.45
N SER B 388 -6.60 -29.44 70.26
CA SER B 388 -6.32 -28.26 71.05
C SER B 388 -5.94 -27.11 70.14
N TYR B 389 -6.15 -25.89 70.63
CA TYR B 389 -5.79 -24.68 69.89
C TYR B 389 -5.52 -23.58 70.91
N LEU B 390 -4.23 -23.28 71.13
CA LEU B 390 -3.82 -22.33 72.15
C LEU B 390 -4.23 -22.80 73.55
N GLY B 391 -4.40 -24.10 73.71
CA GLY B 391 -4.78 -24.67 74.99
C GLY B 391 -6.28 -24.69 75.25
N ILE B 392 -7.08 -24.10 74.37
CA ILE B 392 -8.53 -24.09 74.51
C ILE B 392 -9.02 -25.25 73.65
N LEU B 393 -9.15 -26.42 74.27
CA LEU B 393 -9.56 -27.61 73.54
C LEU B 393 -11.00 -27.49 73.07
N HIS B 394 -11.27 -27.94 71.85
CA HIS B 394 -12.60 -27.90 71.28
C HIS B 394 -13.32 -29.24 71.32
N GLU B 395 -12.58 -30.33 71.54
CA GLU B 395 -13.17 -31.67 71.70
C GLU B 395 -14.02 -32.05 70.48
N ASN B 396 -13.46 -31.82 69.30
CA ASN B 396 -14.09 -32.22 68.05
C ASN B 396 -14.13 -33.74 67.98
N ARG B 397 -15.20 -34.27 67.37
CA ARG B 397 -15.42 -35.71 67.33
C ARG B 397 -15.31 -36.32 65.94
N LEU B 398 -15.51 -35.53 64.88
CA LEU B 398 -15.48 -36.05 63.51
C LEU B 398 -14.02 -36.11 63.04
N GLY B 399 -13.36 -37.22 63.39
CA GLY B 399 -11.99 -37.43 62.98
C GLY B 399 -11.65 -38.90 62.97
N GLN B 400 -10.82 -39.29 62.01
CA GLN B 400 -10.36 -40.67 61.88
C GLN B 400 -8.93 -40.67 61.38
N ASN B 401 -8.04 -41.30 62.13
CA ASN B 401 -6.61 -41.30 61.85
C ASN B 401 -6.07 -42.72 61.84
N VAL B 402 -6.76 -43.61 61.13
CA VAL B 402 -6.32 -45.00 60.98
C VAL B 402 -6.26 -45.42 59.51
N LEU B 403 -6.60 -44.55 58.58
CA LEU B 403 -6.60 -44.93 57.17
C LEU B 403 -5.17 -45.07 56.63
N HIS B 404 -4.24 -44.25 57.13
CA HIS B 404 -2.89 -44.24 56.56
C HIS B 404 -2.22 -45.60 56.65
N SER B 405 -2.64 -46.44 57.61
CA SER B 405 -2.03 -47.75 57.78
C SER B 405 -2.24 -48.64 56.57
N THR B 406 -3.27 -48.40 55.77
CA THR B 406 -3.58 -49.29 54.65
C THR B 406 -2.46 -49.26 53.60
N LEU B 407 -1.90 -48.10 53.33
CA LEU B 407 -0.90 -47.95 52.29
C LEU B 407 0.50 -48.22 52.84
N LYS B 408 1.39 -48.68 51.97
CA LYS B 408 2.75 -49.01 52.33
C LYS B 408 3.66 -48.73 51.15
N GLY B 409 4.93 -48.50 51.45
CA GLY B 409 5.94 -48.26 50.43
C GLY B 409 6.40 -46.82 50.43
N GLU B 410 7.09 -46.45 49.34
CA GLU B 410 7.57 -45.08 49.21
C GLU B 410 6.42 -44.09 49.25
N ALA B 411 5.22 -44.50 48.79
CA ALA B 411 4.07 -43.62 48.88
C ALA B 411 3.74 -43.29 50.33
N ARG B 412 3.79 -44.29 51.21
CA ARG B 412 3.54 -44.05 52.62
C ARG B 412 4.56 -43.08 53.21
N ARG B 413 5.84 -43.28 52.88
CA ARG B 413 6.87 -42.38 53.39
C ARG B 413 6.63 -40.96 52.91
N ASP B 414 6.30 -40.79 51.62
CA ASP B 414 6.05 -39.46 51.09
C ASP B 414 4.87 -38.81 51.79
N TYR B 415 3.78 -39.56 51.98
CA TYR B 415 2.60 -38.97 52.60
C TYR B 415 2.86 -38.56 54.04
N VAL B 416 3.55 -39.42 54.79
CA VAL B 416 3.84 -39.09 56.20
C VAL B 416 4.76 -37.89 56.27
N ARG B 417 5.75 -37.89 55.38
CA ARG B 417 6.77 -36.82 55.36
C ARG B 417 6.06 -35.51 55.08
N ASP B 418 5.00 -35.58 54.31
CA ASP B 418 4.23 -34.37 54.03
C ASP B 418 3.44 -34.08 55.27
N CYS B 419 2.71 -35.03 55.78
CA CYS B 419 1.81 -34.75 56.90
C CYS B 419 2.58 -33.96 57.93
N VAL B 420 3.81 -34.36 58.22
CA VAL B 420 4.60 -33.75 59.29
C VAL B 420 5.08 -32.36 58.86
N TYR B 421 5.43 -32.20 57.58
CA TYR B 421 5.89 -30.90 57.11
C TYR B 421 4.79 -29.85 57.23
N LEU B 422 3.57 -30.22 56.84
CA LEU B 422 2.46 -29.27 56.96
C LEU B 422 2.15 -28.98 58.42
N PHE B 423 2.23 -29.98 59.28
CA PHE B 423 2.00 -29.74 60.71
C PHE B 423 3.01 -28.75 61.27
N LEU B 424 4.28 -28.92 60.90
CA LEU B 424 5.30 -27.97 61.35
C LEU B 424 5.04 -26.57 60.79
N CYS B 425 4.63 -26.48 59.52
CA CYS B 425 4.32 -25.18 58.96
C CYS B 425 3.20 -24.51 59.73
N TYR B 426 2.14 -25.25 60.07
CA TYR B 426 1.04 -24.69 60.84
C TYR B 426 1.52 -24.24 62.21
N THR B 427 2.38 -25.03 62.85
CA THR B 427 2.88 -24.66 64.16
C THR B 427 3.64 -23.35 64.11
N TRP B 428 4.57 -23.23 63.16
CA TRP B 428 5.31 -21.97 63.07
C TRP B 428 4.41 -20.81 62.73
N GLN B 429 3.42 -21.03 61.85
CA GLN B 429 2.53 -19.95 61.47
C GLN B 429 1.72 -19.45 62.66
N THR B 430 1.19 -20.36 63.47
CA THR B 430 0.42 -19.92 64.64
C THR B 430 1.32 -19.26 65.67
N ALA B 431 2.55 -19.76 65.85
CA ALA B 431 3.48 -19.08 66.73
C ALA B 431 3.72 -17.65 66.25
N MET B 432 3.95 -17.44 64.94
CA MET B 432 4.26 -16.10 64.39
C MET B 432 3.01 -15.24 64.42
N GLY B 433 1.81 -15.84 64.45
CA GLY B 433 0.61 -15.06 64.65
C GLY B 433 0.48 -14.55 66.07
N VAL B 434 0.72 -15.43 67.04
CA VAL B 434 0.62 -15.00 68.44
C VAL B 434 1.66 -13.94 68.73
N TRP B 435 2.85 -14.05 68.12
CA TRP B 435 3.82 -12.98 68.25
C TRP B 435 3.26 -11.67 67.70
N GLN B 436 2.81 -11.69 66.44
CA GLN B 436 2.35 -10.46 65.80
C GLN B 436 1.22 -9.81 66.59
N GLN B 437 0.40 -10.62 67.27
CA GLN B 437 -0.69 -10.03 68.05
C GLN B 437 -0.13 -9.17 69.19
N CYS B 438 0.93 -9.65 69.85
CA CYS B 438 1.43 -8.99 71.06
C CYS B 438 2.64 -8.11 70.72
N LEU B 439 2.34 -6.97 70.10
CA LEU B 439 3.30 -5.88 69.95
C LEU B 439 2.62 -4.56 70.31
N GLU B 440 3.41 -3.64 70.85
CA GLU B 440 2.94 -2.31 71.20
C GLU B 440 4.02 -1.30 70.86
N GLU B 441 3.61 -0.03 70.70
CA GLU B 441 4.55 1.02 70.33
C GLU B 441 5.70 1.10 71.34
N ARG B 442 5.45 0.72 72.59
CA ARG B 442 6.54 0.65 73.56
C ARG B 442 7.61 -0.32 73.10
N ASN B 443 7.21 -1.49 72.63
CA ASN B 443 8.17 -2.45 72.08
C ASN B 443 8.84 -1.89 70.84
N LEU B 444 8.08 -1.13 70.03
CA LEU B 444 8.66 -0.50 68.85
C LEU B 444 9.82 0.40 69.25
N LYS B 445 9.59 1.28 70.22
CA LYS B 445 10.64 2.21 70.66
C LYS B 445 11.79 1.45 71.31
N GLU B 446 11.49 0.40 72.06
CA GLU B 446 12.54 -0.41 72.67
C GLU B 446 13.45 -0.99 71.60
N LEU B 447 12.86 -1.59 70.56
CA LEU B 447 13.67 -2.14 69.49
C LEU B 447 14.47 -1.05 68.79
N GLN B 448 13.84 0.11 68.55
CA GLN B 448 14.56 1.20 67.91
C GLN B 448 15.79 1.58 68.73
N LYS B 449 15.63 1.76 70.05
CA LYS B 449 16.74 2.13 70.89
C LYS B 449 17.83 1.07 70.86
N LEU B 450 17.44 -0.21 70.96
CA LEU B 450 18.44 -1.27 70.96
C LEU B 450 19.21 -1.28 69.65
N LEU B 451 18.51 -1.08 68.53
CA LEU B 451 19.17 -1.14 67.21
C LEU B 451 20.16 0.02 67.08
N LYS B 452 19.75 1.23 67.46
CA LYS B 452 20.62 2.43 67.30
C LYS B 452 21.84 2.32 68.23
N GLN B 453 21.63 1.83 69.46
CA GLN B 453 22.74 1.76 70.44
C GLN B 453 23.74 0.69 70.05
N ASN B 454 23.28 -0.39 69.40
CA ASN B 454 24.19 -1.53 69.10
C ASN B 454 24.62 -1.52 67.63
N LEU B 455 24.16 -0.57 66.82
CA LEU B 455 24.44 -0.55 65.36
C LEU B 455 25.85 -1.06 65.03
N LYS B 456 26.88 -0.53 65.70
CA LYS B 456 28.29 -0.91 65.42
C LYS B 456 28.49 -2.43 65.56
N ASP B 457 28.16 -3.01 66.71
CA ASP B 457 28.45 -4.45 66.93
C ASP B 457 27.73 -5.33 65.90
N LEU B 458 26.63 -4.86 65.31
CA LEU B 458 26.04 -5.68 64.24
C LEU B 458 26.74 -5.45 62.92
N TRP B 459 27.05 -4.20 62.58
CA TRP B 459 27.71 -3.90 61.31
C TRP B 459 29.08 -4.57 61.21
N THR B 460 29.82 -4.62 62.32
CA THR B 460 31.13 -5.27 62.33
C THR B 460 30.97 -6.67 62.90
N ALA B 461 31.16 -7.68 62.05
CA ALA B 461 31.06 -9.07 62.48
C ALA B 461 31.96 -9.93 61.62
N PHE B 462 32.35 -11.08 62.18
CA PHE B 462 33.24 -11.99 61.46
C PHE B 462 32.51 -12.68 60.31
N ASN B 463 31.29 -13.18 60.57
CA ASN B 463 30.56 -13.96 59.59
C ASN B 463 29.06 -13.81 59.83
N GLU B 464 28.26 -14.37 58.91
CA GLU B 464 26.77 -14.27 58.91
C GLU B 464 26.13 -15.01 60.09
N ARG B 465 26.77 -16.01 60.69
CA ARG B 465 26.21 -16.68 61.86
C ARG B 465 26.24 -15.77 63.08
N SER B 466 27.35 -15.05 63.28
CA SER B 466 27.48 -14.18 64.43
C SER B 466 26.44 -13.07 64.40
N VAL B 467 26.32 -12.36 63.27
CA VAL B 467 25.35 -11.27 63.18
C VAL B 467 23.93 -11.81 63.33
N ALA B 468 23.64 -12.95 62.72
CA ALA B 468 22.31 -13.53 62.86
C ALA B 468 22.00 -13.83 64.31
N ALA B 469 22.95 -14.44 65.03
CA ALA B 469 22.71 -14.75 66.43
C ALA B 469 22.49 -13.48 67.24
N HIS B 470 23.32 -12.46 67.01
CA HIS B 470 23.19 -11.22 67.76
C HIS B 470 21.83 -10.59 67.51
N LEU B 471 21.42 -10.50 66.25
CA LEU B 471 20.10 -9.95 65.95
C LEU B 471 19.02 -10.76 66.61
N ALA B 472 19.14 -12.10 66.58
CA ALA B 472 18.15 -12.94 67.23
C ALA B 472 18.02 -12.58 68.70
N ASP B 473 19.15 -12.43 69.39
CA ASP B 473 19.07 -12.04 70.80
C ASP B 473 18.41 -10.68 70.95
N ILE B 474 18.69 -9.75 70.03
CA ILE B 474 18.09 -8.42 70.13
C ILE B 474 16.57 -8.52 70.05
N ILE B 475 16.06 -9.30 69.08
CA ILE B 475 14.61 -9.36 68.86
C ILE B 475 14.00 -10.67 69.32
N PHE B 476 14.80 -11.64 69.75
CA PHE B 476 14.30 -12.92 70.25
C PHE B 476 14.95 -13.22 71.59
N PRO B 477 14.57 -12.50 72.64
CA PRO B 477 15.08 -12.81 73.97
C PRO B 477 14.58 -14.16 74.43
N GLU B 478 15.41 -14.84 75.23
CA GLU B 478 15.05 -16.17 75.72
C GLU B 478 13.70 -16.15 76.40
N ARG B 479 13.35 -15.06 77.08
CA ARG B 479 12.05 -14.96 77.74
C ARG B 479 10.93 -15.02 76.72
N LEU B 480 11.06 -14.30 75.62
CA LEU B 480 10.03 -14.31 74.58
C LEU B 480 9.86 -15.70 74.00
N LEU B 481 10.96 -16.31 73.57
CA LEU B 481 10.90 -17.69 73.09
C LEU B 481 10.18 -18.56 74.10
N LYS B 482 10.57 -18.48 75.37
CA LYS B 482 9.96 -19.31 76.40
C LYS B 482 8.45 -19.12 76.42
N THR B 483 7.98 -17.88 76.47
CA THR B 483 6.55 -17.66 76.60
C THR B 483 5.80 -18.17 75.36
N LEU B 484 6.45 -18.14 74.20
CA LEU B 484 5.79 -18.69 73.01
C LEU B 484 5.73 -20.21 73.05
N GLN B 485 6.83 -20.87 73.42
CA GLN B 485 6.87 -22.34 73.31
C GLN B 485 5.72 -22.99 74.08
N GLN B 486 5.42 -22.47 75.27
CA GLN B 486 4.35 -23.04 76.07
C GLN B 486 3.05 -23.02 75.28
N GLY B 487 2.38 -24.18 75.21
CA GLY B 487 1.11 -24.27 74.53
C GLY B 487 1.17 -24.01 73.04
N LEU B 488 2.35 -24.05 72.44
CA LEU B 488 2.47 -23.82 71.01
C LEU B 488 2.07 -25.06 70.20
N PRO B 489 2.70 -26.22 70.45
CA PRO B 489 2.40 -27.38 69.60
C PRO B 489 1.02 -27.97 69.87
N ASP B 490 -0.01 -27.28 69.38
CA ASP B 490 -1.38 -27.70 69.63
C ASP B 490 -1.68 -29.01 68.91
N PHE B 491 -2.57 -29.79 69.51
CA PHE B 491 -3.00 -31.04 68.88
C PHE B 491 -3.74 -30.75 67.59
N THR B 492 -3.56 -31.62 66.60
CA THR B 492 -4.13 -31.44 65.28
C THR B 492 -4.50 -32.79 64.70
N SER B 493 -5.54 -32.86 63.88
CA SER B 493 -6.02 -34.12 63.30
C SER B 493 -5.56 -34.27 61.87
N GLN B 494 -5.65 -35.48 61.33
CA GLN B 494 -5.33 -35.73 59.92
C GLN B 494 -6.34 -34.93 59.12
N SER B 495 -7.55 -34.84 59.63
CA SER B 495 -8.63 -34.09 58.97
C SER B 495 -8.18 -32.65 58.84
N MET B 496 -7.74 -32.05 59.93
CA MET B 496 -7.36 -30.63 59.90
C MET B 496 -6.24 -30.50 58.88
N LEU B 497 -5.29 -31.43 58.90
CA LEU B 497 -4.14 -31.40 57.97
C LEU B 497 -4.66 -31.38 56.55
N GLN B 498 -5.46 -32.36 56.15
CA GLN B 498 -5.96 -32.44 54.77
C GLN B 498 -6.63 -31.14 54.44
N ASN B 499 -7.38 -30.58 55.37
CA ASN B 499 -8.14 -29.35 55.09
C ASN B 499 -7.12 -28.29 54.70
N PHE B 500 -6.00 -28.19 55.42
CA PHE B 500 -4.95 -27.19 55.14
C PHE B 500 -4.39 -27.45 53.76
N ARG B 501 -3.97 -28.67 53.51
CA ARG B 501 -3.39 -29.06 52.22
C ARG B 501 -4.35 -28.67 51.12
N ASN B 502 -5.62 -28.94 51.33
CA ASN B 502 -6.63 -28.69 50.30
C ASN B 502 -6.58 -27.22 50.04
N PHE B 503 -6.67 -26.41 51.07
CA PHE B 503 -6.71 -24.96 50.91
C PHE B 503 -5.42 -24.42 50.31
N ILE B 504 -4.30 -25.04 50.57
CA ILE B 504 -3.00 -24.63 49.96
C ILE B 504 -3.13 -24.83 48.48
N LEU B 505 -3.53 -26.02 48.04
CA LEU B 505 -3.56 -26.37 46.60
C LEU B 505 -4.68 -25.60 45.93
N GLU B 506 -5.74 -25.32 46.65
CA GLU B 506 -6.89 -24.60 46.07
C GLU B 506 -6.33 -23.27 45.67
N ARG B 507 -5.71 -22.54 46.62
CA ARG B 507 -5.21 -21.16 46.34
C ARG B 507 -4.12 -21.15 45.27
N SER B 508 -3.23 -22.14 45.26
CA SER B 508 -2.20 -22.24 44.23
C SER B 508 -2.79 -22.27 42.84
N GLY B 509 -4.07 -22.63 42.71
CA GLY B 509 -4.73 -22.63 41.42
C GLY B 509 -4.83 -24.07 40.93
N ILE B 510 -4.63 -25.05 41.80
CA ILE B 510 -4.63 -26.45 41.39
C ILE B 510 -5.88 -27.11 41.94
N LEU B 511 -6.61 -27.79 41.06
CA LEU B 511 -7.87 -28.44 41.44
C LEU B 511 -7.63 -29.62 42.36
N PRO B 512 -8.32 -29.74 43.48
CA PRO B 512 -8.13 -30.91 44.37
C PRO B 512 -8.50 -32.21 43.73
N ALA B 513 -9.39 -32.22 42.74
CA ALA B 513 -9.82 -33.47 42.11
C ALA B 513 -8.69 -34.14 41.36
N THR B 514 -7.58 -33.44 41.14
CA THR B 514 -6.42 -34.03 40.49
C THR B 514 -5.85 -35.17 41.34
N CYS B 515 -5.43 -36.23 40.66
CA CYS B 515 -4.89 -37.41 41.31
C CYS B 515 -3.56 -37.12 41.99
N CYS B 516 -3.56 -37.19 43.32
CA CYS B 516 -2.34 -37.28 44.13
C CYS B 516 -1.39 -36.09 43.91
N ALA B 517 -1.84 -34.93 44.36
CA ALA B 517 -1.01 -33.73 44.41
C ALA B 517 -0.79 -33.34 45.87
N LEU B 518 0.47 -33.23 46.28
CA LEU B 518 0.84 -32.78 47.62
C LEU B 518 1.83 -31.63 47.54
N PRO B 519 1.90 -30.76 48.56
CA PRO B 519 2.74 -29.56 48.44
C PRO B 519 4.22 -29.81 48.61
N SER B 520 4.61 -30.89 49.31
CA SER B 520 6.03 -31.11 49.58
C SER B 520 6.82 -31.42 48.32
N ASP B 521 6.15 -31.73 47.21
CA ASP B 521 6.86 -31.99 45.96
C ASP B 521 7.60 -30.77 45.46
N PHE B 522 6.96 -29.52 45.84
CA PHE B 522 7.54 -28.32 45.25
C PHE B 522 8.56 -27.67 46.17
N VAL B 523 9.52 -28.44 46.67
CA VAL B 523 10.50 -27.93 47.63
C VAL B 523 11.84 -28.60 47.35
N PRO B 524 12.93 -27.86 47.18
CA PRO B 524 14.24 -28.51 46.98
C PRO B 524 14.67 -29.23 48.25
N ILE B 525 15.44 -30.30 48.05
CA ILE B 525 15.79 -31.18 49.17
C ILE B 525 16.74 -30.47 50.13
N LYS B 526 17.77 -29.81 49.61
CA LYS B 526 18.79 -29.21 50.44
C LYS B 526 19.24 -27.88 49.86
N TYR B 527 20.03 -27.14 50.65
CA TYR B 527 20.20 -25.71 50.40
C TYR B 527 21.02 -25.42 49.16
N ARG B 528 21.91 -26.34 48.76
CA ARG B 528 22.83 -26.03 47.67
C ARG B 528 22.10 -25.64 46.38
N GLU B 529 20.87 -26.11 46.19
CA GLU B 529 20.13 -25.86 44.97
C GLU B 529 18.98 -24.87 45.12
N CYS B 530 18.59 -24.56 46.35
CA CYS B 530 17.44 -23.70 46.58
C CYS B 530 17.78 -22.23 46.35
N PRO B 531 16.84 -21.44 45.82
CA PRO B 531 17.02 -19.99 45.84
C PRO B 531 16.89 -19.45 47.25
N PRO B 532 17.49 -18.30 47.54
CA PRO B 532 17.60 -17.84 48.94
C PRO B 532 16.26 -17.82 49.65
N PRO B 533 15.21 -17.27 49.03
CA PRO B 533 13.96 -17.04 49.80
C PRO B 533 13.37 -18.30 50.40
N LEU B 534 13.63 -19.47 49.83
CA LEU B 534 12.97 -20.70 50.23
C LEU B 534 13.82 -21.57 51.17
N TRP B 535 14.92 -21.03 51.70
CA TRP B 535 15.74 -21.80 52.63
C TRP B 535 14.97 -22.14 53.90
N GLY B 536 14.06 -21.26 54.32
CA GLY B 536 13.23 -21.58 55.47
C GLY B 536 12.39 -22.82 55.22
N HIS B 537 11.79 -22.90 54.04
CA HIS B 537 11.01 -24.07 53.69
C HIS B 537 11.90 -25.30 53.57
N CYS B 538 13.11 -25.14 53.05
CA CYS B 538 14.03 -26.26 52.98
C CYS B 538 14.35 -26.80 54.36
N TYR B 539 14.62 -25.92 55.31
CA TYR B 539 14.90 -26.39 56.67
C TYR B 539 13.67 -27.03 57.28
N LEU B 540 12.49 -26.47 57.02
CA LEU B 540 11.28 -27.11 57.53
C LEU B 540 11.17 -28.53 56.99
N LEU B 541 11.43 -28.72 55.70
CA LEU B 541 11.31 -30.05 55.12
C LEU B 541 12.36 -31.01 55.67
N GLN B 542 13.61 -30.53 55.83
CA GLN B 542 14.66 -31.41 56.34
C GLN B 542 14.38 -31.82 57.79
N LEU B 543 14.01 -30.86 58.63
CA LEU B 543 13.65 -31.17 60.00
C LEU B 543 12.43 -32.10 60.04
N ALA B 544 11.48 -31.89 59.13
CA ALA B 544 10.34 -32.77 59.04
C ALA B 544 10.78 -34.19 58.76
N ASN B 545 11.69 -34.37 57.81
CA ASN B 545 12.17 -35.70 57.48
C ASN B 545 12.89 -36.31 58.67
N TYR B 546 13.65 -35.52 59.41
CA TYR B 546 14.40 -36.07 60.54
C TYR B 546 13.45 -36.56 61.62
N LEU B 547 12.46 -35.75 62.00
CA LEU B 547 11.48 -36.24 62.97
C LEU B 547 10.74 -37.46 62.43
N ALA B 548 10.40 -37.46 61.14
CA ALA B 548 9.68 -38.61 60.59
C ALA B 548 10.50 -39.88 60.75
N TYR B 549 11.77 -39.84 60.36
CA TYR B 549 12.60 -41.04 60.46
C TYR B 549 12.88 -41.43 61.90
N HIS B 550 13.18 -40.46 62.76
CA HIS B 550 13.54 -40.81 64.13
C HIS B 550 12.36 -41.44 64.86
N SER B 551 11.16 -40.93 64.62
CA SER B 551 9.97 -41.46 65.29
C SER B 551 9.63 -42.87 64.85
N ASP B 552 10.33 -43.42 63.86
CA ASP B 552 10.07 -44.77 63.36
C ASP B 552 8.64 -44.87 62.84
N ILE B 553 8.35 -44.05 61.82
CA ILE B 553 7.05 -44.07 61.18
C ILE B 553 6.73 -45.41 60.53
N MET B 554 7.72 -46.29 60.41
CA MET B 554 7.51 -47.61 59.81
C MET B 554 7.02 -47.44 58.38
N PRO C 159 -12.91 -10.90 64.98
CA PRO C 159 -12.06 -11.54 66.01
C PRO C 159 -12.46 -12.99 66.27
N VAL C 160 -11.66 -13.93 65.79
CA VAL C 160 -11.91 -15.35 65.96
C VAL C 160 -10.70 -15.99 66.62
N PHE C 161 -10.94 -16.70 67.73
CA PHE C 161 -9.92 -17.47 68.43
C PHE C 161 -10.44 -18.89 68.55
N ALA C 162 -10.21 -19.69 67.51
CA ALA C 162 -10.70 -21.07 67.47
C ALA C 162 -10.13 -21.75 66.23
N VAL C 163 -10.06 -23.07 66.31
CA VAL C 163 -9.58 -23.85 65.15
C VAL C 163 -10.59 -23.76 64.03
N PRO C 164 -10.18 -23.75 62.75
CA PRO C 164 -11.15 -23.46 61.68
C PRO C 164 -12.37 -24.39 61.68
N GLU C 165 -12.18 -25.68 61.96
CA GLU C 165 -13.31 -26.61 61.89
C GLU C 165 -14.32 -26.32 62.99
N VAL C 166 -15.59 -26.59 62.69
CA VAL C 166 -16.68 -26.42 63.63
C VAL C 166 -17.58 -27.66 63.56
N LEU C 167 -18.44 -27.80 64.56
CA LEU C 167 -19.39 -28.89 64.63
C LEU C 167 -20.70 -28.47 64.00
N ALA C 168 -21.26 -29.35 63.17
CA ALA C 168 -22.50 -29.07 62.45
C ALA C 168 -23.35 -30.33 62.43
N THR C 169 -24.37 -30.37 63.29
CA THR C 169 -25.23 -31.53 63.37
C THR C 169 -26.20 -31.60 62.18
N TYR C 170 -26.28 -30.55 61.38
CA TYR C 170 -27.24 -30.51 60.28
C TYR C 170 -26.99 -31.63 59.29
N HIS C 171 -25.73 -31.89 58.95
CA HIS C 171 -25.37 -32.78 57.86
C HIS C 171 -24.95 -34.17 58.32
N ILE C 172 -24.60 -34.34 59.59
CA ILE C 172 -23.90 -35.56 60.00
C ILE C 172 -24.90 -36.71 60.06
N PHE C 173 -25.04 -37.39 58.92
CA PHE C 173 -25.87 -38.58 58.79
C PHE C 173 -25.51 -39.26 57.49
N PHE C 174 -25.29 -40.57 57.53
CA PHE C 174 -24.88 -41.30 56.34
C PHE C 174 -25.57 -42.66 56.31
N GLN C 175 -25.79 -43.15 55.10
CA GLN C 175 -26.42 -44.44 54.87
C GLN C 175 -25.42 -45.36 54.19
N ASN C 176 -25.20 -46.53 54.79
CA ASN C 176 -24.19 -47.47 54.32
C ASN C 176 -24.88 -48.63 53.60
N CYS C 177 -24.54 -48.81 52.32
CA CYS C 177 -25.07 -49.91 51.54
C CYS C 177 -24.08 -50.23 50.44
N LYS C 178 -24.18 -51.45 49.92
CA LYS C 178 -23.14 -51.98 49.05
C LYS C 178 -23.20 -51.32 47.67
N ILE C 179 -21.99 -51.05 47.14
CA ILE C 179 -21.79 -50.35 45.84
C ILE C 179 -22.56 -51.11 44.75
N PRO C 180 -23.33 -50.45 43.86
CA PRO C 180 -24.02 -51.15 42.78
C PRO C 180 -23.06 -51.85 41.82
N LEU C 181 -23.47 -52.99 41.26
CA LEU C 181 -22.68 -53.68 40.19
C LEU C 181 -22.68 -52.74 39.00
N SER C 182 -23.72 -51.89 38.85
CA SER C 182 -23.88 -50.95 37.74
C SER C 182 -23.48 -49.53 38.13
N CYS C 183 -22.46 -49.38 38.96
CA CYS C 183 -21.98 -48.05 39.32
C CYS C 183 -21.51 -47.30 38.09
N ARG C 184 -21.35 -45.98 38.23
CA ARG C 184 -20.95 -45.16 37.10
C ARG C 184 -19.61 -45.63 36.54
N ALA C 185 -18.64 -45.89 37.42
CA ALA C 185 -17.31 -46.29 36.97
C ALA C 185 -17.33 -47.57 36.15
N ASN C 186 -18.30 -48.48 36.44
CA ASN C 186 -18.46 -49.81 35.81
C ASN C 186 -19.26 -49.70 34.50
N ARG C 187 -19.62 -48.50 34.06
CA ARG C 187 -20.34 -48.25 32.79
C ARG C 187 -19.48 -47.31 31.94
N SER C 188 -18.80 -47.83 30.90
CA SER C 188 -17.92 -47.02 30.05
C SER C 188 -18.74 -46.01 29.24
N ARG C 189 -19.85 -46.47 28.64
CA ARG C 189 -20.66 -45.63 27.79
C ARG C 189 -21.72 -44.86 28.56
N ALA C 190 -21.55 -44.70 29.88
CA ALA C 190 -22.54 -43.98 30.66
C ALA C 190 -22.68 -42.54 30.19
N ASP C 191 -21.56 -41.89 29.90
CA ASP C 191 -21.63 -40.50 29.42
C ASP C 191 -22.41 -40.40 28.12
N LYS C 192 -22.42 -41.47 27.33
CA LYS C 192 -23.17 -41.45 26.07
C LYS C 192 -24.66 -41.30 26.34
N GLN C 193 -25.21 -42.14 27.22
CA GLN C 193 -26.62 -42.04 27.55
C GLN C 193 -26.93 -40.75 28.31
N LEU C 194 -26.04 -40.36 29.22
CA LEU C 194 -26.28 -39.17 30.03
C LEU C 194 -26.32 -37.89 29.20
N ALA C 195 -25.81 -37.93 27.97
CA ALA C 195 -25.84 -36.76 27.12
C ALA C 195 -27.28 -36.31 26.88
N LEU C 196 -27.48 -34.99 26.88
CA LEU C 196 -28.78 -34.40 26.63
C LEU C 196 -28.70 -33.47 25.43
N ARG C 197 -29.83 -33.32 24.75
CA ARG C 197 -29.94 -32.51 23.55
C ARG C 197 -31.05 -31.48 23.75
N GLN C 198 -31.27 -30.65 22.74
CA GLN C 198 -32.32 -29.65 22.81
C GLN C 198 -33.68 -30.33 22.91
N GLY C 199 -34.56 -29.74 23.73
CA GLY C 199 -35.91 -30.24 23.87
C GLY C 199 -36.10 -31.30 24.92
N ALA C 200 -35.02 -31.78 25.54
CA ALA C 200 -35.16 -32.81 26.56
C ALA C 200 -36.05 -32.31 27.70
N VAL C 201 -36.90 -33.20 28.21
CA VAL C 201 -37.83 -32.85 29.26
C VAL C 201 -37.24 -33.28 30.60
N ILE C 202 -37.65 -32.60 31.65
CA ILE C 202 -37.13 -32.91 32.99
C ILE C 202 -37.47 -34.36 33.33
N PRO C 203 -36.51 -35.17 33.78
CA PRO C 203 -36.83 -36.55 34.14
C PRO C 203 -37.80 -36.61 35.31
N ASP C 204 -38.60 -37.66 35.33
CA ASP C 204 -39.62 -37.86 36.34
C ASP C 204 -39.28 -39.06 37.22
N ILE C 205 -39.86 -39.08 38.41
CA ILE C 205 -39.67 -40.18 39.35
C ILE C 205 -40.28 -41.44 38.74
N ALA C 206 -39.88 -42.60 39.26
CA ALA C 206 -40.41 -43.89 38.83
C ALA C 206 -40.91 -44.63 40.04
N SER C 207 -41.70 -45.68 39.79
CA SER C 207 -42.35 -46.45 40.84
C SER C 207 -42.27 -47.93 40.51
N LEU C 208 -42.43 -48.74 41.56
CA LEU C 208 -42.30 -50.19 41.41
C LEU C 208 -43.35 -50.77 40.48
N ASP C 209 -44.42 -50.02 40.20
CA ASP C 209 -45.45 -50.53 39.28
C ASP C 209 -44.86 -50.81 37.90
N GLU C 210 -44.02 -49.91 37.40
CA GLU C 210 -43.39 -50.07 36.10
C GLU C 210 -41.99 -50.65 36.19
N VAL C 211 -41.52 -50.98 37.38
CA VAL C 211 -40.20 -51.56 37.61
C VAL C 211 -40.38 -52.89 38.32
N PRO C 212 -40.49 -53.99 37.58
CA PRO C 212 -40.77 -55.28 38.23
C PRO C 212 -39.67 -55.73 39.18
N LYS C 213 -38.44 -55.82 38.69
CA LYS C 213 -37.34 -56.34 39.49
C LYS C 213 -36.06 -55.59 39.13
N ILE C 214 -35.26 -55.30 40.15
CA ILE C 214 -33.96 -54.67 39.94
C ILE C 214 -33.09 -55.62 39.15
N PHE C 215 -32.61 -55.16 38.00
CA PHE C 215 -31.69 -55.92 37.15
C PHE C 215 -30.36 -55.18 37.10
N GLU C 216 -29.29 -55.85 37.48
CA GLU C 216 -27.97 -55.25 37.50
C GLU C 216 -27.07 -55.84 36.41
N VAL C 242 -14.64 -54.81 43.18
CA VAL C 242 -16.00 -54.42 42.81
C VAL C 242 -15.98 -53.69 41.48
N LEU C 243 -14.97 -52.84 41.29
CA LEU C 243 -14.77 -52.16 40.03
C LEU C 243 -13.94 -53.02 39.08
N VAL C 244 -14.29 -52.98 37.81
CA VAL C 244 -13.63 -53.78 36.78
C VAL C 244 -13.14 -52.84 35.69
N GLU C 245 -11.89 -53.01 35.28
CA GLU C 245 -11.32 -52.17 34.22
C GLU C 245 -12.04 -52.44 32.92
N LEU C 246 -12.89 -51.51 32.50
CA LEU C 246 -13.67 -51.66 31.29
C LEU C 246 -12.87 -51.22 30.07
N GLU C 247 -13.43 -51.47 28.89
CA GLU C 247 -12.73 -51.17 27.65
C GLU C 247 -12.70 -49.67 27.35
N GLY C 248 -13.79 -48.98 27.69
CA GLY C 248 -13.87 -47.52 27.45
C GLY C 248 -13.68 -46.71 28.72
N ASP C 249 -12.94 -47.24 29.70
CA ASP C 249 -12.66 -46.49 30.94
C ASP C 249 -11.83 -45.24 30.61
N ASN C 250 -12.38 -44.05 30.83
CA ASN C 250 -11.66 -42.79 30.48
C ASN C 250 -10.51 -42.56 31.49
N ALA C 251 -9.53 -41.72 31.13
CA ALA C 251 -8.33 -41.50 31.98
C ALA C 251 -8.68 -41.32 33.47
N ARG C 252 -9.52 -40.34 33.82
CA ARG C 252 -9.80 -40.04 35.24
C ARG C 252 -10.32 -41.29 35.97
N LEU C 253 -11.10 -42.12 35.30
CA LEU C 253 -11.62 -43.35 35.89
C LEU C 253 -10.62 -44.49 35.80
N ALA C 254 -9.78 -44.50 34.74
CA ALA C 254 -8.84 -45.61 34.56
C ALA C 254 -7.89 -45.72 35.75
N VAL C 255 -7.28 -44.63 36.24
CA VAL C 255 -6.32 -44.81 37.39
C VAL C 255 -7.10 -45.19 38.66
N LEU C 256 -8.30 -44.61 38.81
CA LEU C 256 -9.14 -44.86 40.02
C LEU C 256 -9.56 -46.34 40.07
N LYS C 257 -10.12 -46.88 38.98
CA LYS C 257 -10.58 -48.29 38.95
C LYS C 257 -9.45 -49.22 39.44
N ARG C 258 -8.20 -48.74 39.38
CA ARG C 258 -7.03 -49.54 39.80
C ARG C 258 -6.64 -49.32 41.27
N SER C 259 -6.40 -48.07 41.73
CA SER C 259 -5.88 -47.97 43.15
C SER C 259 -6.95 -47.87 44.25
N ILE C 260 -7.77 -48.93 44.47
CA ILE C 260 -8.93 -48.68 45.33
C ILE C 260 -9.18 -49.91 46.20
N GLU C 261 -9.33 -49.68 47.51
CA GLU C 261 -9.75 -50.74 48.43
C GLU C 261 -11.25 -50.62 48.67
N VAL C 262 -12.01 -50.80 47.59
CA VAL C 262 -13.44 -50.61 47.63
C VAL C 262 -14.13 -51.84 48.22
N THR C 263 -14.75 -51.64 49.39
CA THR C 263 -15.53 -52.68 50.03
C THR C 263 -16.99 -52.25 50.16
N HIS C 264 -17.20 -51.05 50.71
CA HIS C 264 -18.52 -50.48 50.93
C HIS C 264 -18.40 -48.97 50.94
N PHE C 265 -19.08 -48.30 50.01
CA PHE C 265 -19.06 -46.85 49.93
C PHE C 265 -20.30 -46.28 50.59
N ALA C 266 -20.10 -45.40 51.56
CA ALA C 266 -21.23 -44.76 52.23
C ALA C 266 -21.88 -43.74 51.30
N TYR C 267 -23.13 -43.44 51.59
CA TYR C 267 -23.90 -42.47 50.81
C TYR C 267 -24.47 -41.42 51.74
N PRO C 268 -24.69 -40.20 51.23
CA PRO C 268 -25.29 -39.16 52.08
C PRO C 268 -26.69 -39.58 52.51
N ALA C 269 -26.93 -39.52 53.81
CA ALA C 269 -28.22 -39.96 54.33
C ALA C 269 -29.30 -38.97 53.91
N LEU C 270 -30.00 -39.30 52.82
CA LEU C 270 -31.06 -38.46 52.28
C LEU C 270 -32.38 -39.09 52.71
N ASN C 271 -33.03 -38.47 53.69
CA ASN C 271 -34.25 -39.03 54.26
C ASN C 271 -35.07 -37.93 54.90
N LEU C 272 -36.37 -38.22 55.06
CA LEU C 272 -37.30 -37.36 55.77
C LEU C 272 -36.96 -37.39 57.26
N PRO C 273 -37.41 -36.43 58.06
CA PRO C 273 -37.00 -36.42 59.46
C PRO C 273 -37.38 -37.71 60.14
N PRO C 274 -36.53 -38.14 61.09
CA PRO C 274 -36.71 -39.41 61.74
C PRO C 274 -38.06 -39.49 62.45
N LYS C 275 -38.57 -38.39 62.98
CA LYS C 275 -39.86 -38.38 63.68
C LYS C 275 -40.98 -38.53 62.67
N VAL C 276 -40.93 -37.78 61.59
CA VAL C 276 -41.96 -37.83 60.52
C VAL C 276 -42.13 -39.30 60.18
N MET C 277 -41.00 -39.97 60.02
CA MET C 277 -41.02 -41.40 59.64
C MET C 277 -41.67 -42.16 60.79
N SER C 278 -41.24 -41.91 62.02
CA SER C 278 -41.78 -42.62 63.20
C SER C 278 -43.30 -42.53 63.16
N THR C 279 -43.86 -41.39 62.82
CA THR C 279 -45.32 -41.19 62.84
C THR C 279 -46.01 -42.22 61.96
N VAL C 280 -45.49 -42.48 60.77
CA VAL C 280 -46.20 -43.34 59.79
C VAL C 280 -45.75 -44.80 59.87
N MET C 281 -44.68 -45.14 60.59
CA MET C 281 -44.28 -46.56 60.74
C MET C 281 -45.02 -47.15 61.94
N SER C 282 -45.19 -46.43 63.04
CA SER C 282 -45.97 -46.76 64.23
C SER C 282 -47.45 -46.79 63.91
N GLU C 283 -47.89 -45.93 62.99
CA GLU C 283 -49.28 -46.00 62.52
C GLU C 283 -49.53 -47.29 61.75
N LEU C 284 -48.61 -47.66 60.86
CA LEU C 284 -48.74 -48.95 60.18
C LEU C 284 -48.60 -50.12 61.16
N ILE C 285 -47.71 -49.99 62.15
CA ILE C 285 -47.50 -51.06 63.11
C ILE C 285 -48.04 -50.63 64.47
N PRO C 307 -48.77 -55.79 61.48
CA PRO C 307 -49.68 -55.01 60.65
C PRO C 307 -50.91 -54.55 61.41
N ALA C 308 -50.95 -53.26 61.78
CA ALA C 308 -52.05 -52.75 62.59
C ALA C 308 -53.37 -52.87 61.85
N VAL C 309 -53.40 -52.51 60.57
CA VAL C 309 -54.65 -52.52 59.82
C VAL C 309 -55.25 -53.93 59.79
N GLY C 310 -54.40 -54.94 59.63
CA GLY C 310 -54.87 -56.31 59.54
C GLY C 310 -55.24 -56.69 58.12
N ASP C 311 -55.96 -57.80 58.00
CA ASP C 311 -56.43 -58.31 56.72
C ASP C 311 -57.94 -58.12 56.53
N GLU C 312 -58.69 -57.87 57.59
CA GLU C 312 -60.14 -57.75 57.48
C GLU C 312 -60.53 -56.49 56.70
N GLN C 313 -59.95 -55.35 57.05
CA GLN C 313 -60.23 -54.12 56.31
C GLN C 313 -59.74 -54.23 54.86
N LEU C 314 -58.57 -54.84 54.66
CA LEU C 314 -58.07 -55.04 53.31
C LEU C 314 -59.05 -55.87 52.48
N ALA C 315 -59.56 -56.96 53.05
CA ALA C 315 -60.55 -57.77 52.34
C ALA C 315 -61.81 -56.97 52.07
N ARG C 316 -62.24 -56.18 53.05
CA ARG C 316 -63.39 -55.29 52.82
C ARG C 316 -63.16 -54.41 51.60
N TRP C 317 -61.97 -53.84 51.48
CA TRP C 317 -61.66 -52.99 50.34
C TRP C 317 -61.69 -53.80 49.04
N LEU C 318 -60.87 -54.85 48.97
CA LEU C 318 -60.71 -55.58 47.72
C LEU C 318 -62.03 -56.17 47.23
N GLU C 319 -62.97 -56.44 48.12
CA GLU C 319 -64.25 -57.04 47.76
C GLU C 319 -64.07 -58.38 47.04
N THR C 320 -62.94 -59.05 47.30
CA THR C 320 -62.62 -60.32 46.68
C THR C 320 -62.02 -61.24 47.72
N ARG C 321 -62.13 -62.55 47.47
CA ARG C 321 -61.64 -63.56 48.40
C ARG C 321 -60.19 -63.95 48.15
N GLU C 322 -59.55 -63.37 47.14
CA GLU C 322 -58.17 -63.75 46.83
C GLU C 322 -57.21 -63.04 47.77
N PRO C 323 -56.41 -63.78 48.56
CA PRO C 323 -55.40 -63.11 49.40
C PRO C 323 -54.24 -62.53 48.62
N ALA C 324 -54.05 -62.95 47.37
CA ALA C 324 -52.96 -62.41 46.57
C ALA C 324 -53.11 -60.91 46.37
N ASP C 325 -54.32 -60.45 46.11
CA ASP C 325 -54.56 -59.01 46.00
C ASP C 325 -54.25 -58.31 47.31
N LEU C 326 -54.59 -58.94 48.45
CA LEU C 326 -54.29 -58.36 49.74
C LEU C 326 -52.78 -58.19 49.93
N GLU C 327 -52.01 -59.23 49.61
CA GLU C 327 -50.56 -59.14 49.74
C GLU C 327 -49.99 -58.09 48.79
N GLU C 328 -50.51 -58.03 47.56
CA GLU C 328 -50.04 -57.04 46.60
C GLU C 328 -50.30 -55.63 47.10
N ARG C 329 -51.50 -55.38 47.66
CA ARG C 329 -51.81 -54.06 48.19
C ARG C 329 -50.91 -53.71 49.37
N ARG C 330 -50.67 -54.68 50.26
CA ARG C 330 -49.79 -54.43 51.39
C ARG C 330 -48.39 -54.07 50.91
N LYS C 331 -47.88 -54.81 49.92
CA LYS C 331 -46.56 -54.52 49.37
C LYS C 331 -46.53 -53.15 48.72
N LEU C 332 -47.62 -52.80 48.02
CA LEU C 332 -47.69 -51.48 47.39
C LEU C 332 -47.59 -50.38 48.45
N MET C 333 -48.33 -50.52 49.55
CA MET C 333 -48.27 -49.51 50.59
C MET C 333 -46.88 -49.45 51.23
N MET C 334 -46.28 -50.60 51.49
CA MET C 334 -44.95 -50.61 52.09
C MET C 334 -43.94 -49.92 51.19
N ALA C 335 -43.94 -50.26 49.90
CA ALA C 335 -43.02 -49.64 48.96
C ALA C 335 -43.27 -48.15 48.84
N ALA C 336 -44.55 -47.75 48.82
CA ALA C 336 -44.88 -46.33 48.76
C ALA C 336 -44.28 -45.58 49.94
N VAL C 337 -44.55 -46.06 51.15
CA VAL C 337 -44.03 -45.39 52.33
C VAL C 337 -42.51 -45.45 52.40
N LEU C 338 -41.89 -46.42 51.72
CA LEU C 338 -40.44 -46.55 51.83
C LEU C 338 -39.70 -45.65 50.84
N VAL C 339 -40.13 -45.63 49.57
CA VAL C 339 -39.40 -44.93 48.51
C VAL C 339 -40.26 -43.91 47.81
N THR C 340 -41.51 -44.25 47.47
CA THR C 340 -42.32 -43.40 46.58
C THR C 340 -42.80 -42.15 47.28
N VAL C 341 -42.95 -42.17 48.59
CA VAL C 341 -43.31 -40.93 49.29
C VAL C 341 -42.18 -39.92 49.15
N GLU C 342 -40.95 -40.35 49.47
CA GLU C 342 -39.81 -39.46 49.34
C GLU C 342 -39.62 -38.97 47.92
N LEU C 343 -39.78 -39.86 46.94
CA LEU C 343 -39.61 -39.43 45.56
C LEU C 343 -40.63 -38.36 45.21
N GLU C 344 -41.87 -38.50 45.70
CA GLU C 344 -42.88 -37.49 45.45
C GLU C 344 -42.53 -36.17 46.13
N CYS C 345 -42.03 -36.21 47.36
CA CYS C 345 -41.65 -34.97 48.03
C CYS C 345 -40.55 -34.26 47.25
N MET C 346 -39.56 -35.01 46.77
CA MET C 346 -38.52 -34.43 45.93
C MET C 346 -39.14 -33.80 44.68
N GLN C 347 -40.01 -34.56 44.02
CA GLN C 347 -40.63 -34.10 42.78
C GLN C 347 -41.32 -32.77 42.98
N ARG C 348 -42.07 -32.64 44.08
CA ARG C 348 -42.78 -31.38 44.31
C ARG C 348 -41.81 -30.28 44.70
N PHE C 349 -40.81 -30.58 45.53
CA PHE C 349 -39.92 -29.52 46.01
C PHE C 349 -39.15 -28.90 44.85
N PHE C 350 -38.47 -29.74 44.06
CA PHE C 350 -37.51 -29.20 43.10
C PHE C 350 -38.11 -28.87 41.75
N ALA C 351 -39.39 -29.15 41.53
CA ALA C 351 -39.99 -28.93 40.23
C ALA C 351 -40.70 -27.59 40.10
N ASP C 352 -40.74 -26.79 41.16
CA ASP C 352 -41.39 -25.49 41.07
C ASP C 352 -40.63 -24.60 40.08
N PRO C 353 -41.29 -24.07 39.05
CA PRO C 353 -40.56 -23.23 38.08
C PRO C 353 -39.81 -22.09 38.72
N GLU C 354 -40.39 -21.45 39.74
CA GLU C 354 -39.65 -20.42 40.47
C GLU C 354 -38.44 -21.01 41.18
N MET C 355 -38.63 -22.16 41.82
CA MET C 355 -37.51 -22.81 42.49
C MET C 355 -36.44 -23.25 41.50
N GLN C 356 -36.85 -23.75 40.33
CA GLN C 356 -35.87 -24.11 39.32
C GLN C 356 -35.13 -22.87 38.82
N ARG C 357 -35.84 -21.76 38.67
CA ARG C 357 -35.18 -20.50 38.35
C ARG C 357 -34.12 -20.17 39.40
N LYS C 358 -34.47 -20.32 40.67
CA LYS C 358 -33.54 -19.99 41.74
C LYS C 358 -32.30 -20.89 41.67
N LEU C 359 -32.53 -22.19 41.46
CA LEU C 359 -31.41 -23.13 41.34
C LEU C 359 -30.52 -22.77 40.15
N GLU C 360 -31.14 -22.44 39.02
CA GLU C 360 -30.35 -22.09 37.84
C GLU C 360 -29.51 -20.86 38.10
N GLU C 361 -30.09 -19.85 38.74
CA GLU C 361 -29.32 -18.63 38.98
C GLU C 361 -28.21 -18.87 39.99
N THR C 362 -28.43 -19.68 41.03
CA THR C 362 -27.34 -19.94 41.96
C THR C 362 -26.24 -20.76 41.31
N LEU C 363 -26.59 -21.68 40.42
CA LEU C 363 -25.55 -22.40 39.69
C LEU C 363 -24.77 -21.44 38.79
N HIS C 364 -25.48 -20.57 38.08
CA HIS C 364 -24.82 -19.52 37.30
C HIS C 364 -23.81 -18.77 38.17
N TYR C 365 -24.24 -18.36 39.36
CA TYR C 365 -23.36 -17.64 40.27
C TYR C 365 -22.13 -18.47 40.62
N THR C 366 -22.36 -19.70 41.09
CA THR C 366 -21.26 -20.50 41.63
C THR C 366 -20.22 -20.81 40.58
N PHE C 367 -20.64 -21.11 39.36
CA PHE C 367 -19.70 -21.48 38.31
C PHE C 367 -19.25 -20.29 37.47
N ARG C 368 -19.70 -19.07 37.78
CA ARG C 368 -19.23 -17.86 37.11
C ARG C 368 -19.22 -18.03 35.59
N GLN C 369 -20.42 -18.22 35.03
CA GLN C 369 -20.58 -18.32 33.59
C GLN C 369 -21.79 -17.52 33.15
N GLY C 370 -21.60 -16.72 32.10
CA GLY C 370 -22.73 -16.06 31.46
C GLY C 370 -22.97 -14.67 31.98
N TYR C 371 -24.21 -14.40 32.37
CA TYR C 371 -24.60 -13.05 32.75
C TYR C 371 -23.88 -12.58 34.00
N VAL C 372 -23.63 -13.47 34.95
CA VAL C 372 -22.87 -13.08 36.13
C VAL C 372 -21.45 -12.68 35.74
N ARG C 373 -20.86 -13.42 34.80
CA ARG C 373 -19.52 -13.06 34.33
C ARG C 373 -19.54 -11.70 33.64
N GLN C 374 -20.55 -11.44 32.81
CA GLN C 374 -20.64 -10.14 32.15
C GLN C 374 -20.78 -9.03 33.18
N ALA C 375 -21.61 -9.25 34.21
CA ALA C 375 -21.78 -8.24 35.25
C ALA C 375 -20.47 -7.98 35.98
N CYS C 376 -19.73 -9.04 36.30
CA CYS C 376 -18.45 -8.86 36.97
C CYS C 376 -17.48 -8.07 36.09
N LYS C 377 -17.44 -8.40 34.80
CA LYS C 377 -16.53 -7.69 33.90
C LYS C 377 -16.89 -6.22 33.82
N ILE C 378 -18.15 -5.91 33.53
CA ILE C 378 -18.55 -4.51 33.34
C ILE C 378 -18.51 -3.76 34.67
N SER C 379 -18.87 -4.43 35.76
CA SER C 379 -18.99 -3.74 37.04
C SER C 379 -17.66 -3.16 37.49
N ASN C 380 -16.56 -3.87 37.26
CA ASN C 380 -15.26 -3.57 37.87
C ASN C 380 -15.31 -3.91 39.35
N VAL C 381 -16.43 -4.47 39.80
CA VAL C 381 -16.61 -4.93 41.17
C VAL C 381 -16.92 -6.42 41.12
N GLU C 382 -16.22 -7.20 41.95
CA GLU C 382 -16.34 -8.65 41.91
C GLU C 382 -17.64 -9.08 42.58
N LEU C 383 -18.52 -9.75 41.82
CA LEU C 383 -19.80 -10.21 42.33
C LEU C 383 -19.83 -11.69 42.68
N CYS C 384 -18.89 -12.48 42.18
CA CYS C 384 -18.92 -13.91 42.50
C CYS C 384 -18.72 -14.17 43.98
N ASN C 385 -18.10 -13.25 44.70
CA ASN C 385 -17.68 -13.52 46.07
C ASN C 385 -18.83 -13.72 47.04
N LEU C 386 -20.05 -13.34 46.68
CA LEU C 386 -21.17 -13.48 47.61
C LEU C 386 -21.49 -14.95 47.88
N VAL C 387 -21.38 -15.34 49.14
CA VAL C 387 -21.74 -16.68 49.59
C VAL C 387 -22.80 -16.52 50.68
N SER C 388 -23.83 -17.35 50.63
CA SER C 388 -25.00 -17.17 51.48
C SER C 388 -25.30 -18.45 52.25
N TYR C 389 -26.13 -18.29 53.28
CA TYR C 389 -26.61 -19.43 54.07
C TYR C 389 -27.93 -19.01 54.70
N LEU C 390 -29.02 -19.59 54.22
CA LEU C 390 -30.36 -19.26 54.72
C LEU C 390 -30.64 -17.76 54.59
N GLY C 391 -30.14 -17.16 53.52
CA GLY C 391 -30.38 -15.76 53.25
C GLY C 391 -29.51 -14.79 54.04
N ILE C 392 -28.54 -15.28 54.81
CA ILE C 392 -27.69 -14.38 55.56
C ILE C 392 -26.82 -13.55 54.60
N LEU C 393 -26.38 -14.14 53.50
CA LEU C 393 -25.68 -13.43 52.44
C LEU C 393 -24.38 -12.81 52.96
N HIS C 394 -23.48 -13.67 53.44
CA HIS C 394 -22.16 -13.24 53.84
C HIS C 394 -21.30 -12.98 52.60
N GLU C 395 -20.04 -12.62 52.83
CA GLU C 395 -19.09 -12.39 51.75
C GLU C 395 -17.74 -12.93 52.18
N ASN C 396 -17.10 -13.69 51.30
CA ASN C 396 -15.84 -14.36 51.62
C ASN C 396 -14.84 -14.14 50.48
N ARG C 397 -13.70 -13.53 50.82
CA ARG C 397 -12.60 -13.45 49.86
C ARG C 397 -11.98 -14.83 49.61
N LEU C 398 -11.82 -15.62 50.67
CA LEU C 398 -11.16 -16.92 50.60
C LEU C 398 -12.12 -17.92 49.97
N GLY C 399 -12.29 -17.79 48.65
CA GLY C 399 -13.14 -18.69 47.91
C GLY C 399 -12.78 -18.74 46.44
N GLN C 400 -12.59 -19.96 45.91
CA GLN C 400 -12.24 -20.16 44.52
C GLN C 400 -13.45 -20.68 43.77
N ASN C 401 -13.74 -20.08 42.61
CA ASN C 401 -14.87 -20.50 41.81
C ASN C 401 -14.55 -20.50 40.31
N VAL C 402 -13.29 -20.28 39.93
CA VAL C 402 -12.93 -20.18 38.51
C VAL C 402 -11.84 -21.20 38.19
N LEU C 403 -11.69 -22.21 39.03
CA LEU C 403 -10.71 -23.27 38.77
C LEU C 403 -11.26 -24.38 37.89
N HIS C 404 -12.58 -24.43 37.69
CA HIS C 404 -13.15 -25.48 36.86
C HIS C 404 -12.82 -25.30 35.38
N SER C 405 -12.32 -24.13 34.99
CA SER C 405 -11.96 -23.90 33.59
C SER C 405 -10.72 -24.69 33.19
N THR C 406 -9.91 -25.13 34.16
CA THR C 406 -8.70 -25.88 33.83
C THR C 406 -8.99 -27.26 33.26
N LEU C 407 -10.21 -27.76 33.43
CA LEU C 407 -10.60 -29.07 32.94
C LEU C 407 -11.45 -28.92 31.69
N LYS C 408 -11.31 -29.85 30.74
CA LYS C 408 -12.14 -29.87 29.49
C LYS C 408 -12.40 -31.34 29.09
N GLY C 409 -12.95 -31.57 27.89
CA GLY C 409 -13.26 -32.93 27.42
C GLY C 409 -14.26 -33.62 28.32
N GLU C 410 -14.11 -34.93 28.55
CA GLU C 410 -15.03 -35.71 29.44
C GLU C 410 -14.63 -35.46 30.89
N ALA C 411 -13.45 -34.89 31.15
CA ALA C 411 -13.01 -34.58 32.53
C ALA C 411 -13.95 -33.52 33.10
N ARG C 412 -14.42 -32.58 32.27
CA ARG C 412 -15.27 -31.50 32.71
C ARG C 412 -16.66 -32.00 32.90
N ARG C 413 -17.24 -32.67 31.93
CA ARG C 413 -18.65 -33.03 32.08
C ARG C 413 -18.79 -33.70 33.42
N ASP C 414 -18.01 -34.72 33.66
CA ASP C 414 -18.16 -35.52 34.87
C ASP C 414 -17.99 -34.66 36.09
N TYR C 415 -16.97 -33.87 36.11
CA TYR C 415 -16.66 -33.10 37.32
C TYR C 415 -17.80 -32.21 37.63
N VAL C 416 -18.32 -31.58 36.63
CA VAL C 416 -19.38 -30.61 36.96
C VAL C 416 -20.55 -31.42 37.43
N ARG C 417 -20.87 -32.51 36.71
CA ARG C 417 -22.03 -33.38 37.03
C ARG C 417 -21.93 -33.65 38.53
N ASP C 418 -20.72 -33.89 39.00
CA ASP C 418 -20.53 -34.19 40.41
C ASP C 418 -20.87 -32.96 41.19
N CYS C 419 -20.21 -31.87 40.95
CA CYS C 419 -20.41 -30.69 41.79
C CYS C 419 -21.88 -30.40 41.96
N VAL C 420 -22.66 -30.44 40.90
CA VAL C 420 -24.08 -30.11 40.93
C VAL C 420 -24.82 -31.13 41.80
N TYR C 421 -24.44 -32.40 41.69
CA TYR C 421 -25.09 -33.42 42.49
C TYR C 421 -24.91 -33.12 43.98
N LEU C 422 -23.67 -32.88 44.42
CA LEU C 422 -23.48 -32.59 45.83
C LEU C 422 -24.20 -31.32 46.25
N PHE C 423 -24.27 -30.33 45.37
CA PHE C 423 -24.98 -29.12 45.72
C PHE C 423 -26.46 -29.41 45.98
N LEU C 424 -27.06 -30.23 45.12
CA LEU C 424 -28.46 -30.61 45.33
C LEU C 424 -28.62 -31.37 46.63
N CYS C 425 -27.69 -32.28 46.93
CA CYS C 425 -27.78 -33.00 48.19
C CYS C 425 -27.69 -32.04 49.37
N TYR C 426 -26.79 -31.07 49.29
CA TYR C 426 -26.64 -30.11 50.38
C TYR C 426 -27.93 -29.32 50.56
N THR C 427 -28.51 -28.88 49.45
CA THR C 427 -29.77 -28.15 49.52
C THR C 427 -30.84 -28.97 50.24
N TRP C 428 -31.06 -30.20 49.77
CA TRP C 428 -32.11 -31.00 50.38
C TRP C 428 -31.83 -31.31 51.83
N GLN C 429 -30.57 -31.62 52.17
CA GLN C 429 -30.24 -31.98 53.54
C GLN C 429 -30.44 -30.80 54.49
N THR C 430 -30.00 -29.61 54.09
CA THR C 430 -30.22 -28.44 54.94
C THR C 430 -31.70 -28.14 55.07
N ALA C 431 -32.46 -28.30 53.99
CA ALA C 431 -33.90 -28.10 54.07
C ALA C 431 -34.53 -29.05 55.09
N MET C 432 -34.19 -30.33 54.99
CA MET C 432 -34.76 -31.31 55.92
C MET C 432 -34.34 -31.01 57.34
N GLY C 433 -33.09 -30.61 57.56
CA GLY C 433 -32.65 -30.29 58.90
C GLY C 433 -33.39 -29.12 59.49
N VAL C 434 -33.57 -28.05 58.71
CA VAL C 434 -34.26 -26.88 59.23
C VAL C 434 -35.72 -27.19 59.50
N TRP C 435 -36.33 -28.03 58.66
CA TRP C 435 -37.70 -28.47 58.96
C TRP C 435 -37.74 -29.26 60.25
N GLN C 436 -36.81 -30.19 60.44
CA GLN C 436 -36.81 -31.02 61.64
C GLN C 436 -36.68 -30.17 62.88
N GLN C 437 -35.78 -29.18 62.85
CA GLN C 437 -35.55 -28.36 64.03
C GLN C 437 -36.74 -27.44 64.35
N CYS C 438 -37.72 -27.34 63.47
CA CYS C 438 -38.92 -26.54 63.70
C CYS C 438 -40.16 -27.41 63.88
N LEU C 439 -39.99 -28.64 64.38
CA LEU C 439 -41.13 -29.58 64.49
C LEU C 439 -41.86 -29.24 65.78
N GLU C 440 -43.17 -29.45 65.83
CA GLU C 440 -44.01 -29.19 67.02
C GLU C 440 -44.61 -30.55 67.35
N GLU C 441 -44.46 -31.02 68.59
CA GLU C 441 -45.00 -32.33 68.99
C GLU C 441 -46.52 -32.24 69.05
N ARG C 442 -47.12 -31.04 68.92
CA ARG C 442 -48.59 -30.83 68.86
C ARG C 442 -48.99 -31.17 67.43
N ASN C 443 -48.30 -30.65 66.42
CA ASN C 443 -48.45 -31.04 65.02
C ASN C 443 -48.31 -32.53 64.84
N LEU C 444 -47.53 -33.20 65.70
CA LEU C 444 -47.44 -34.65 65.62
C LEU C 444 -48.78 -35.31 65.98
N LYS C 445 -49.43 -34.82 67.03
CA LYS C 445 -50.76 -35.34 67.36
C LYS C 445 -51.76 -35.04 66.25
N GLU C 446 -51.67 -33.84 65.67
CA GLU C 446 -52.53 -33.51 64.55
C GLU C 446 -52.32 -34.45 63.37
N LEU C 447 -51.05 -34.76 63.07
CA LEU C 447 -50.74 -35.71 62.01
C LEU C 447 -51.31 -37.08 62.34
N GLN C 448 -51.20 -37.51 63.59
CA GLN C 448 -51.78 -38.78 63.99
C GLN C 448 -53.27 -38.81 63.74
N LYS C 449 -53.98 -37.76 64.15
CA LYS C 449 -55.42 -37.72 63.95
C LYS C 449 -55.76 -37.70 62.47
N LEU C 450 -55.03 -36.92 61.67
CA LEU C 450 -55.31 -36.86 60.24
C LEU C 450 -55.08 -38.22 59.59
N LEU C 451 -54.02 -38.91 59.97
CA LEU C 451 -53.77 -40.24 59.44
C LEU C 451 -54.88 -41.20 59.82
N LYS C 452 -55.33 -41.14 61.07
CA LYS C 452 -56.46 -41.98 61.49
C LYS C 452 -57.69 -41.69 60.64
N GLN C 453 -57.93 -40.42 60.34
CA GLN C 453 -59.15 -40.05 59.62
C GLN C 453 -59.07 -40.44 58.15
N ASN C 454 -57.87 -40.35 57.56
CA ASN C 454 -57.70 -40.56 56.13
C ASN C 454 -57.30 -41.98 55.74
N LEU C 455 -56.90 -42.82 56.69
CA LEU C 455 -56.41 -44.14 56.31
C LEU C 455 -57.45 -44.90 55.49
N LYS C 456 -58.73 -44.66 55.77
CA LYS C 456 -59.77 -45.40 55.05
C LYS C 456 -59.74 -45.10 53.57
N ASP C 457 -59.51 -43.84 53.19
CA ASP C 457 -59.36 -43.50 51.78
C ASP C 457 -57.99 -43.90 51.26
N LEU C 458 -56.94 -43.75 52.09
CA LEU C 458 -55.59 -43.98 51.60
C LEU C 458 -55.35 -45.45 51.27
N TRP C 459 -56.04 -46.36 51.94
CA TRP C 459 -55.95 -47.78 51.61
C TRP C 459 -56.87 -48.18 50.45
N THR C 460 -57.39 -47.21 49.70
CA THR C 460 -58.35 -47.47 48.63
C THR C 460 -57.99 -46.68 47.38
N ALA C 461 -56.71 -46.73 46.99
CA ALA C 461 -56.24 -46.14 45.75
C ALA C 461 -55.53 -47.21 44.93
N PHE C 462 -55.87 -47.30 43.64
CA PHE C 462 -55.33 -48.38 42.82
C PHE C 462 -53.88 -48.11 42.42
N ASN C 463 -53.48 -46.91 41.96
CA ASN C 463 -52.10 -46.67 41.45
C ASN C 463 -51.17 -46.60 42.66
N GLU C 464 -49.86 -46.82 42.55
CA GLU C 464 -48.90 -46.69 43.69
C GLU C 464 -48.44 -45.27 43.70
N ARG C 465 -48.28 -44.70 42.51
CA ARG C 465 -47.88 -43.29 42.39
C ARG C 465 -49.02 -42.47 42.97
N SER C 466 -50.27 -42.90 42.78
CA SER C 466 -51.44 -42.18 43.33
C SER C 466 -51.39 -42.34 44.83
N VAL C 467 -51.02 -43.52 45.29
CA VAL C 467 -51.02 -43.76 46.75
C VAL C 467 -50.08 -42.71 47.32
N ALA C 468 -48.92 -42.53 46.71
CA ALA C 468 -47.89 -41.62 47.23
C ALA C 468 -48.31 -40.18 46.97
N ALA C 469 -49.14 -39.94 45.97
CA ALA C 469 -49.58 -38.58 45.61
C ALA C 469 -50.32 -38.00 46.81
N HIS C 470 -51.22 -38.77 47.38
CA HIS C 470 -52.05 -38.29 48.50
C HIS C 470 -51.22 -38.29 49.77
N LEU C 471 -50.34 -39.24 50.06
CA LEU C 471 -49.62 -39.26 51.32
C LEU C 471 -48.75 -38.03 51.47
N ALA C 472 -48.05 -37.64 50.40
CA ALA C 472 -47.26 -36.41 50.45
C ALA C 472 -48.16 -35.20 50.70
N ASP C 473 -49.31 -35.15 50.04
CA ASP C 473 -50.21 -34.02 50.21
C ASP C 473 -50.64 -33.90 51.67
N ILE C 474 -51.05 -35.00 52.29
CA ILE C 474 -51.49 -34.94 53.67
C ILE C 474 -50.31 -34.56 54.58
N ILE C 475 -49.15 -35.17 54.36
CA ILE C 475 -48.04 -34.98 55.28
C ILE C 475 -47.26 -33.70 55.01
N PHE C 476 -47.19 -33.27 53.75
CA PHE C 476 -46.36 -32.14 53.35
C PHE C 476 -47.26 -30.93 53.06
N PRO C 477 -47.54 -30.08 54.05
CA PRO C 477 -48.42 -28.94 53.78
C PRO C 477 -47.77 -27.92 52.85
N GLU C 478 -48.62 -27.29 52.03
CA GLU C 478 -48.12 -26.31 51.08
C GLU C 478 -47.51 -25.11 51.78
N ARG C 479 -48.11 -24.67 52.88
CA ARG C 479 -47.57 -23.52 53.60
C ARG C 479 -46.15 -23.79 54.07
N LEU C 480 -45.90 -24.98 54.60
CA LEU C 480 -44.55 -25.31 55.05
C LEU C 480 -43.57 -25.34 53.89
N LEU C 481 -44.00 -25.89 52.75
CA LEU C 481 -43.14 -25.90 51.57
C LEU C 481 -42.78 -24.49 51.14
N LYS C 482 -43.77 -23.59 51.11
CA LYS C 482 -43.50 -22.22 50.72
C LYS C 482 -42.57 -21.53 51.72
N THR C 483 -42.80 -21.75 53.01
CA THR C 483 -41.93 -21.14 54.02
C THR C 483 -40.50 -21.62 53.86
N LEU C 484 -40.31 -22.92 53.63
CA LEU C 484 -38.96 -23.43 53.40
C LEU C 484 -38.36 -22.84 52.14
N GLN C 485 -39.17 -22.67 51.09
CA GLN C 485 -38.66 -22.16 49.83
C GLN C 485 -38.35 -20.66 49.87
N GLN C 486 -38.65 -19.99 50.97
CA GLN C 486 -38.49 -18.53 51.04
C GLN C 486 -37.10 -18.10 50.60
N GLY C 487 -36.08 -18.51 51.35
CA GLY C 487 -34.71 -18.12 51.05
C GLY C 487 -33.71 -19.23 51.28
N LEU C 488 -34.17 -20.48 51.19
CA LEU C 488 -33.37 -21.63 51.56
C LEU C 488 -32.21 -21.85 50.58
N PRO C 489 -32.46 -21.91 49.26
CA PRO C 489 -31.35 -22.16 48.35
C PRO C 489 -30.32 -21.04 48.41
N ASP C 490 -29.14 -21.36 48.93
CA ASP C 490 -28.14 -20.38 49.31
C ASP C 490 -26.89 -20.58 48.46
N PHE C 491 -26.24 -19.47 48.11
CA PHE C 491 -25.05 -19.55 47.29
C PHE C 491 -24.00 -20.43 47.95
N THR C 492 -23.44 -21.34 47.16
CA THR C 492 -22.41 -22.26 47.64
C THR C 492 -21.18 -22.07 46.78
N SER C 493 -20.03 -21.87 47.42
CA SER C 493 -18.78 -21.71 46.69
C SER C 493 -18.17 -23.08 46.41
N GLN C 494 -17.48 -23.17 45.28
CA GLN C 494 -16.86 -24.44 44.91
C GLN C 494 -15.99 -24.99 46.02
N SER C 495 -15.32 -24.13 46.77
CA SER C 495 -14.48 -24.60 47.87
C SER C 495 -15.31 -25.32 48.92
N MET C 496 -16.48 -24.79 49.28
CA MET C 496 -17.32 -25.46 50.25
C MET C 496 -17.79 -26.80 49.72
N LEU C 497 -18.14 -26.85 48.44
CA LEU C 497 -18.56 -28.12 47.85
C LEU C 497 -17.44 -29.15 47.93
N GLN C 498 -16.21 -28.73 47.62
CA GLN C 498 -15.10 -29.66 47.71
C GLN C 498 -14.86 -30.10 49.15
N ASN C 499 -15.04 -29.19 50.10
CA ASN C 499 -14.89 -29.57 51.51
C ASN C 499 -15.92 -30.61 51.89
N PHE C 500 -17.17 -30.43 51.44
CA PHE C 500 -18.21 -31.40 51.72
C PHE C 500 -17.90 -32.73 51.06
N ARG C 501 -17.37 -32.65 49.82
CA ARG C 501 -16.97 -33.83 49.03
C ARG C 501 -15.90 -34.60 49.80
N ASN C 502 -14.92 -33.92 50.40
CA ASN C 502 -13.88 -34.57 51.19
C ASN C 502 -14.46 -35.16 52.47
N PHE C 503 -15.41 -34.46 53.09
CA PHE C 503 -16.10 -35.01 54.25
C PHE C 503 -16.72 -36.37 53.91
N ILE C 504 -17.50 -36.41 52.84
CA ILE C 504 -18.14 -37.66 52.42
C ILE C 504 -17.09 -38.73 52.21
N LEU C 505 -16.00 -38.38 51.52
CA LEU C 505 -14.98 -39.37 51.20
C LEU C 505 -14.34 -39.93 52.47
N GLU C 506 -13.86 -39.05 53.36
CA GLU C 506 -13.14 -39.56 54.51
C GLU C 506 -14.05 -40.40 55.39
N ARG C 507 -15.24 -39.87 55.71
CA ARG C 507 -16.17 -40.54 56.65
C ARG C 507 -16.51 -41.90 56.08
N SER C 508 -16.39 -42.05 54.76
CA SER C 508 -16.75 -43.31 54.14
C SER C 508 -15.56 -44.25 53.97
N GLY C 509 -14.41 -43.92 54.54
CA GLY C 509 -13.32 -44.88 54.61
C GLY C 509 -12.36 -44.87 53.45
N ILE C 510 -12.37 -43.83 52.63
CA ILE C 510 -11.41 -43.68 51.54
C ILE C 510 -10.57 -42.44 51.82
N LEU C 511 -9.26 -42.61 51.77
CA LEU C 511 -8.34 -41.49 51.93
C LEU C 511 -8.54 -40.51 50.78
N PRO C 512 -8.67 -39.21 51.06
CA PRO C 512 -8.82 -38.24 49.95
C PRO C 512 -7.59 -38.15 49.06
N ALA C 513 -6.44 -38.59 49.53
CA ALA C 513 -5.20 -38.45 48.77
C ALA C 513 -4.80 -39.71 48.01
N THR C 514 -5.65 -40.73 47.97
CA THR C 514 -5.40 -41.89 47.12
C THR C 514 -5.83 -41.55 45.70
N CYS C 515 -5.26 -40.46 45.19
CA CYS C 515 -5.52 -39.91 43.87
C CYS C 515 -7.00 -39.52 43.78
N CYS C 516 -7.56 -39.55 42.57
CA CYS C 516 -8.88 -39.01 42.29
C CYS C 516 -9.96 -39.92 42.86
N ALA C 517 -11.03 -39.31 43.35
CA ALA C 517 -12.18 -40.06 43.84
C ALA C 517 -13.38 -39.14 43.99
N LEU C 518 -14.49 -39.45 43.33
CA LEU C 518 -15.70 -38.63 43.39
C LEU C 518 -16.87 -39.46 43.86
N PRO C 519 -17.64 -38.99 44.84
CA PRO C 519 -18.79 -39.76 45.32
C PRO C 519 -19.82 -40.04 44.25
N SER C 520 -19.97 -39.09 43.31
CA SER C 520 -20.95 -39.25 42.25
C SER C 520 -20.62 -40.40 41.31
N ASP C 521 -19.39 -40.90 41.35
CA ASP C 521 -19.02 -42.03 40.51
C ASP C 521 -19.55 -43.35 41.07
N PHE C 522 -19.79 -43.43 42.37
CA PHE C 522 -20.29 -44.64 42.99
C PHE C 522 -21.79 -44.50 43.21
N VAL C 523 -22.54 -44.64 42.12
CA VAL C 523 -24.00 -44.52 42.14
C VAL C 523 -24.52 -44.99 40.79
N PRO C 524 -25.66 -45.67 40.74
CA PRO C 524 -26.20 -46.14 39.46
C PRO C 524 -26.75 -44.98 38.65
N ILE C 525 -27.30 -45.31 37.49
CA ILE C 525 -27.77 -44.33 36.53
C ILE C 525 -29.28 -44.40 36.38
N LYS C 526 -29.78 -45.54 35.89
CA LYS C 526 -31.25 -45.64 35.63
C LYS C 526 -31.95 -46.15 36.88
N TYR C 527 -33.27 -45.96 36.96
CA TYR C 527 -34.03 -46.43 38.16
C TYR C 527 -34.00 -47.96 38.20
N ARG C 528 -34.23 -48.59 37.04
CA ARG C 528 -34.26 -50.08 36.96
C ARG C 528 -32.82 -50.63 37.00
N GLU C 529 -31.83 -49.77 37.18
CA GLU C 529 -30.42 -50.23 37.31
C GLU C 529 -29.99 -50.01 38.77
N CYS C 530 -30.92 -49.63 39.66
CA CYS C 530 -30.50 -49.32 41.02
C CYS C 530 -31.40 -50.01 42.02
N PRO C 531 -30.90 -50.40 43.19
CA PRO C 531 -31.78 -50.95 44.23
C PRO C 531 -32.76 -49.91 44.71
N PRO C 532 -33.99 -50.32 45.07
CA PRO C 532 -35.00 -49.36 45.52
C PRO C 532 -34.41 -48.31 46.44
N PRO C 533 -33.65 -48.71 47.48
CA PRO C 533 -33.16 -47.75 48.46
C PRO C 533 -32.60 -46.47 47.87
N LEU C 534 -31.63 -46.59 46.97
CA LEU C 534 -30.92 -45.44 46.42
C LEU C 534 -31.66 -44.79 45.26
N TRP C 535 -32.97 -45.06 45.13
CA TRP C 535 -33.74 -44.45 44.06
C TRP C 535 -33.80 -42.94 44.18
N GLY C 536 -33.87 -42.43 45.41
CA GLY C 536 -33.81 -40.99 45.60
C GLY C 536 -32.53 -40.42 45.04
N HIS C 537 -31.43 -41.12 45.28
CA HIS C 537 -30.13 -40.69 44.77
C HIS C 537 -30.12 -40.71 43.25
N CYS C 538 -30.70 -41.76 42.66
CA CYS C 538 -30.79 -41.79 41.21
C CYS C 538 -31.58 -40.60 40.69
N TYR C 539 -32.71 -40.30 41.33
CA TYR C 539 -33.51 -39.16 40.89
C TYR C 539 -32.70 -37.88 40.99
N LEU C 540 -31.95 -37.74 42.08
CA LEU C 540 -31.11 -36.56 42.25
C LEU C 540 -30.09 -36.48 41.13
N LEU C 541 -29.49 -37.61 40.76
CA LEU C 541 -28.46 -37.58 39.71
C LEU C 541 -29.06 -37.21 38.36
N GLN C 542 -30.23 -37.77 38.03
CA GLN C 542 -30.88 -37.38 36.79
C GLN C 542 -31.23 -35.90 36.80
N LEU C 543 -31.74 -35.41 37.92
CA LEU C 543 -32.07 -34.00 38.04
C LEU C 543 -30.82 -33.15 37.86
N ALA C 544 -29.71 -33.57 38.46
CA ALA C 544 -28.47 -32.81 38.35
C ALA C 544 -27.99 -32.78 36.92
N ASN C 545 -28.05 -33.90 36.21
CA ASN C 545 -27.64 -33.92 34.81
C ASN C 545 -28.54 -33.01 33.98
N TYR C 546 -29.85 -33.06 34.22
CA TYR C 546 -30.77 -32.20 33.50
C TYR C 546 -30.45 -30.73 33.73
N LEU C 547 -30.24 -30.35 34.99
CA LEU C 547 -29.88 -28.97 35.28
C LEU C 547 -28.56 -28.59 34.62
N ALA C 548 -27.57 -29.47 34.70
CA ALA C 548 -26.25 -29.15 34.19
C ALA C 548 -26.30 -28.89 32.69
N TYR C 549 -27.00 -29.74 31.94
CA TYR C 549 -27.11 -29.49 30.51
C TYR C 549 -28.07 -28.35 30.19
N HIS C 550 -29.05 -28.11 31.06
CA HIS C 550 -29.95 -26.97 30.87
C HIS C 550 -29.21 -25.65 30.99
N SER C 551 -28.32 -25.54 31.99
CA SER C 551 -27.63 -24.29 32.25
C SER C 551 -26.48 -24.03 31.29
N ASP C 552 -26.30 -24.87 30.28
CA ASP C 552 -25.23 -24.76 29.29
C ASP C 552 -23.86 -25.03 29.90
N ILE C 553 -23.81 -25.36 31.19
CA ILE C 553 -22.55 -25.63 31.88
C ILE C 553 -21.81 -26.84 31.31
N MET C 554 -22.49 -27.65 30.49
CA MET C 554 -21.89 -28.86 29.96
C MET C 554 -21.39 -29.74 31.11
N ARG C 568 -25.93 -20.46 30.03
CA ARG C 568 -26.89 -19.43 29.59
C ARG C 568 -28.32 -19.94 29.74
N CYS C 569 -28.65 -21.22 29.47
CA CYS C 569 -30.06 -21.72 29.53
C CYS C 569 -30.95 -20.69 28.83
N ASN C 570 -32.06 -20.24 29.44
CA ASN C 570 -32.91 -19.13 28.91
C ASN C 570 -32.71 -17.92 29.83
N LEU C 571 -31.76 -17.97 30.78
CA LEU C 571 -31.53 -16.82 31.63
C LEU C 571 -30.66 -15.77 30.96
N CYS C 572 -29.98 -16.11 29.87
CA CYS C 572 -29.02 -15.21 29.23
C CYS C 572 -29.39 -14.85 27.80
N THR C 573 -29.73 -15.83 26.97
CA THR C 573 -29.87 -15.57 25.54
C THR C 573 -30.98 -14.57 25.22
N PRO C 574 -32.18 -14.66 25.80
CA PRO C 574 -33.30 -13.84 25.30
C PRO C 574 -33.09 -12.34 25.49
N HIS C 575 -32.82 -11.92 26.71
CA HIS C 575 -32.75 -10.49 27.05
C HIS C 575 -31.39 -10.08 27.59
N ARG C 576 -30.83 -10.83 28.53
CA ARG C 576 -29.59 -10.43 29.18
C ARG C 576 -28.38 -10.47 28.25
N SER C 577 -28.51 -11.06 27.06
CA SER C 577 -27.39 -11.14 26.13
C SER C 577 -27.25 -9.83 25.36
N LEU C 578 -26.10 -9.18 25.52
CA LEU C 578 -25.87 -7.91 24.82
C LEU C 578 -25.87 -8.10 23.32
N VAL C 579 -25.27 -9.18 22.82
CA VAL C 579 -25.19 -9.40 21.39
C VAL C 579 -26.60 -9.52 20.80
N CYS C 580 -27.47 -10.28 21.45
CA CYS C 580 -28.82 -10.47 20.95
C CYS C 580 -29.69 -9.24 21.16
N ASN C 581 -29.52 -8.55 22.28
CA ASN C 581 -30.33 -7.39 22.64
C ASN C 581 -29.60 -6.12 22.21
N SER C 582 -30.13 -5.45 21.18
CA SER C 582 -29.49 -4.24 20.67
C SER C 582 -29.64 -3.09 21.66
N GLN C 583 -30.81 -2.95 22.29
CA GLN C 583 -31.03 -1.85 23.22
C GLN C 583 -30.07 -1.92 24.39
N LEU C 584 -29.89 -3.12 24.95
CA LEU C 584 -28.98 -3.26 26.08
C LEU C 584 -27.55 -2.93 25.68
N LEU C 585 -27.11 -3.38 24.51
CA LEU C 585 -25.78 -3.06 24.04
C LEU C 585 -25.60 -1.55 23.90
N SER C 586 -26.56 -0.90 23.24
CA SER C 586 -26.46 0.55 23.05
C SER C 586 -26.42 1.27 24.38
N GLU C 587 -27.22 0.82 25.34
CA GLU C 587 -27.17 1.42 26.67
C GLU C 587 -25.81 1.22 27.31
N SER C 588 -25.22 0.04 27.14
CA SER C 588 -23.91 -0.21 27.71
C SER C 588 -22.86 0.70 27.11
N GLN C 589 -22.94 0.95 25.81
CA GLN C 589 -21.91 1.74 25.14
C GLN C 589 -21.77 3.14 25.76
N ILE C 590 -22.84 3.65 26.36
CA ILE C 590 -22.83 4.99 26.94
C ILE C 590 -22.70 4.94 28.45
N ILE C 591 -22.14 3.86 29.00
CA ILE C 591 -22.16 3.64 30.44
C ILE C 591 -21.47 4.78 31.17
N GLY C 592 -20.35 5.27 30.63
CA GLY C 592 -19.52 6.22 31.36
C GLY C 592 -19.64 7.66 30.90
N THR C 593 -20.01 7.88 29.64
CA THR C 593 -20.04 9.23 29.06
C THR C 593 -21.36 9.90 29.42
N PHE C 594 -21.60 10.05 30.72
CA PHE C 594 -22.78 10.74 31.21
C PHE C 594 -22.35 11.90 32.11
N GLU C 595 -23.15 12.96 32.08
CA GLU C 595 -22.77 14.21 32.71
C GLU C 595 -23.97 15.15 32.81
N LEU C 596 -24.31 15.63 34.00
CA LEU C 596 -25.46 16.52 34.18
C LEU C 596 -25.30 17.34 35.47
N GLN C 597 -24.86 18.58 35.35
CA GLN C 597 -24.91 19.55 36.43
C GLN C 597 -25.75 20.74 35.99
N GLY C 598 -26.58 21.25 36.89
CA GLY C 598 -27.49 22.33 36.55
C GLY C 598 -27.68 23.38 37.65
N PRO C 599 -26.67 23.57 38.52
CA PRO C 599 -26.95 24.51 39.62
C PRO C 599 -27.06 25.95 39.17
N GLY C 609 -24.51 14.88 41.05
CA GLY C 609 -23.81 13.95 40.18
C GLY C 609 -24.53 13.70 38.87
N LEU C 610 -25.59 12.89 38.93
CA LEU C 610 -26.37 12.55 37.74
C LEU C 610 -25.51 11.86 36.69
N LYS C 611 -24.49 11.15 37.13
CA LYS C 611 -23.60 10.40 36.24
C LYS C 611 -23.95 8.93 36.34
N LEU C 612 -24.20 8.30 35.19
CA LEU C 612 -24.60 6.90 35.16
C LEU C 612 -23.41 6.02 35.52
N THR C 613 -23.22 5.72 36.81
CA THR C 613 -22.02 5.01 37.32
C THR C 613 -22.09 3.53 36.92
N PRO C 614 -20.96 2.83 36.70
CA PRO C 614 -20.99 1.38 36.44
C PRO C 614 -21.90 0.70 37.46
N GLY C 615 -21.70 0.89 38.77
CA GLY C 615 -22.45 0.21 39.85
C GLY C 615 -23.96 0.19 39.70
N LEU C 616 -24.60 1.27 39.21
CA LEU C 616 -26.05 1.37 39.09
C LEU C 616 -26.55 0.53 37.92
N TRP C 617 -25.88 0.65 36.77
CA TRP C 617 -26.30 -0.14 35.61
C TRP C 617 -26.19 -1.62 35.89
N THR C 618 -25.11 -2.03 36.56
CA THR C 618 -24.95 -3.45 36.85
C THR C 618 -26.02 -3.94 37.81
N SER C 619 -26.38 -3.12 38.81
CA SER C 619 -27.46 -3.52 39.70
C SER C 619 -28.76 -3.67 38.94
N ALA C 620 -29.07 -2.74 38.03
CA ALA C 620 -30.27 -2.85 37.24
C ALA C 620 -30.25 -4.09 36.36
N TYR C 621 -29.10 -4.38 35.75
CA TYR C 621 -28.97 -5.56 34.91
C TYR C 621 -29.17 -6.85 35.71
N LEU C 622 -28.59 -6.91 36.91
CA LEU C 622 -28.69 -8.12 37.72
C LEU C 622 -30.12 -8.33 38.21
N ARG C 623 -30.77 -7.27 38.70
CA ARG C 623 -32.10 -7.44 39.27
C ARG C 623 -33.09 -7.94 38.23
N LYS C 624 -33.01 -7.43 37.00
CA LYS C 624 -34.03 -7.73 36.00
C LYS C 624 -34.06 -9.22 35.69
N PHE C 625 -35.26 -9.75 35.50
CA PHE C 625 -35.45 -11.09 34.96
C PHE C 625 -36.87 -11.18 34.42
N VAL C 626 -37.01 -11.60 33.17
CA VAL C 626 -38.32 -11.70 32.54
C VAL C 626 -38.97 -13.00 32.98
N PRO C 627 -40.09 -12.98 33.70
CA PRO C 627 -40.74 -14.26 34.08
C PRO C 627 -41.11 -15.12 32.89
N GLU C 628 -41.56 -14.50 31.80
CA GLU C 628 -41.90 -15.23 30.59
C GLU C 628 -40.65 -15.49 29.76
N ASP C 629 -40.80 -16.31 28.73
CA ASP C 629 -39.71 -16.74 27.85
C ASP C 629 -38.73 -17.66 28.56
N TYR C 630 -39.00 -18.04 29.80
CA TYR C 630 -38.15 -18.95 30.56
C TYR C 630 -38.91 -20.27 30.66
N HIS C 631 -38.64 -21.17 29.72
CA HIS C 631 -39.36 -22.44 29.61
C HIS C 631 -38.73 -23.43 30.58
N ALA C 632 -39.45 -23.76 31.64
CA ALA C 632 -38.96 -24.64 32.68
C ALA C 632 -39.37 -26.10 32.48
N HIS C 633 -39.99 -26.44 31.35
CA HIS C 633 -40.47 -27.79 31.15
C HIS C 633 -39.53 -28.61 30.28
N GLU C 634 -38.80 -27.98 29.37
CA GLU C 634 -37.92 -28.70 28.46
C GLU C 634 -36.78 -27.77 28.04
N ILE C 635 -35.81 -28.34 27.34
CA ILE C 635 -34.61 -27.62 26.93
C ILE C 635 -34.90 -26.95 25.60
N ARG C 636 -34.95 -25.61 25.60
CA ARG C 636 -35.32 -24.85 24.41
C ARG C 636 -34.16 -24.06 23.83
N PHE C 637 -33.38 -23.36 24.66
CA PHE C 637 -32.20 -22.64 24.20
C PHE C 637 -32.55 -21.68 23.06
N TYR C 638 -33.34 -20.66 23.43
CA TYR C 638 -33.69 -19.60 22.49
C TYR C 638 -32.43 -19.12 21.79
N GLU C 639 -32.61 -18.60 20.56
CA GLU C 639 -31.59 -18.28 19.58
C GLU C 639 -31.15 -19.54 18.83
N ASP C 640 -31.63 -20.72 19.21
CA ASP C 640 -31.57 -21.90 18.36
C ASP C 640 -32.90 -22.19 17.69
N GLN C 641 -34.00 -21.79 18.31
CA GLN C 641 -35.30 -21.86 17.68
C GLN C 641 -35.45 -20.75 16.65
N SER C 642 -36.19 -21.04 15.58
CA SER C 642 -36.49 -20.03 14.56
C SER C 642 -37.85 -19.40 14.84
N ARG C 643 -37.97 -18.84 16.05
CA ARG C 643 -39.19 -18.20 16.50
C ARG C 643 -38.86 -16.89 17.20
N PRO C 644 -39.78 -15.94 17.22
CA PRO C 644 -39.52 -14.65 17.86
C PRO C 644 -39.58 -14.76 19.38
N PRO C 645 -39.01 -13.80 20.09
CA PRO C 645 -39.06 -13.84 21.56
C PRO C 645 -40.47 -13.55 22.07
N ASN C 646 -40.74 -14.07 23.27
CA ASN C 646 -42.05 -13.87 23.88
C ASN C 646 -42.32 -12.39 24.14
N ALA C 647 -41.32 -11.67 24.64
CA ALA C 647 -41.46 -10.26 24.97
C ALA C 647 -40.34 -9.47 24.30
N GLU C 648 -40.64 -8.22 23.96
CA GLU C 648 -39.66 -7.36 23.32
C GLU C 648 -38.49 -7.09 24.25
N LEU C 649 -37.31 -6.94 23.66
CA LEU C 649 -36.10 -6.67 24.42
C LEU C 649 -36.02 -5.19 24.76
N THR C 650 -35.75 -4.90 26.03
CA THR C 650 -35.65 -3.53 26.52
C THR C 650 -34.42 -3.39 27.40
N ALA C 651 -33.90 -2.16 27.45
CA ALA C 651 -32.74 -1.87 28.29
C ALA C 651 -33.14 -1.87 29.76
N CYS C 652 -32.13 -1.93 30.64
CA CYS C 652 -32.38 -2.07 32.06
C CYS C 652 -32.83 -0.75 32.69
N VAL C 653 -31.96 0.28 32.64
CA VAL C 653 -32.31 1.54 33.28
C VAL C 653 -33.04 2.46 32.31
N ILE C 654 -32.45 2.73 31.14
CA ILE C 654 -33.07 3.60 30.15
C ILE C 654 -34.25 2.89 29.53
N THR C 655 -35.37 3.60 29.39
CA THR C 655 -36.58 3.03 28.79
C THR C 655 -36.92 3.68 27.47
N GLN C 656 -37.06 5.01 27.43
CA GLN C 656 -37.40 5.69 26.20
C GLN C 656 -36.23 5.61 25.23
N GLY C 657 -36.52 5.22 23.98
CA GLY C 657 -35.47 5.13 22.98
C GLY C 657 -35.07 6.46 22.38
N HIS C 658 -35.95 7.46 22.44
CA HIS C 658 -35.61 8.77 21.92
C HIS C 658 -34.40 9.36 22.64
N ILE C 659 -34.42 9.30 23.98
CA ILE C 659 -33.30 9.83 24.76
C ILE C 659 -32.02 9.07 24.43
N LEU C 660 -32.10 7.76 24.27
CA LEU C 660 -30.92 6.99 23.91
C LEU C 660 -30.37 7.43 22.56
N GLY C 661 -31.27 7.68 21.61
CA GLY C 661 -30.82 8.20 20.33
C GLY C 661 -30.12 9.54 20.47
N GLN C 662 -30.66 10.42 21.31
CA GLN C 662 -30.02 11.71 21.50
C GLN C 662 -28.63 11.55 22.13
N LEU C 663 -28.51 10.68 23.13
CA LEU C 663 -27.22 10.47 23.76
C LEU C 663 -26.22 9.89 22.76
N GLN C 664 -26.65 8.95 21.93
CA GLN C 664 -25.78 8.42 20.90
C GLN C 664 -25.35 9.53 19.95
N ALA C 665 -26.27 10.42 19.58
CA ALA C 665 -25.92 11.50 18.67
C ALA C 665 -24.88 12.43 19.28
N ILE C 666 -25.06 12.80 20.55
CA ILE C 666 -24.08 13.69 21.18
C ILE C 666 -22.73 12.99 21.27
N ASN C 667 -22.73 11.70 21.59
CA ASN C 667 -21.45 10.98 21.65
C ASN C 667 -20.76 10.96 20.30
N LYS C 668 -21.52 10.72 19.23
CA LYS C 668 -20.91 10.69 17.91
C LYS C 668 -20.36 12.06 17.53
N ALA C 669 -21.11 13.13 17.83
CA ALA C 669 -20.61 14.47 17.56
C ALA C 669 -19.35 14.75 18.36
N ARG C 670 -19.34 14.34 19.63
CA ARG C 670 -18.15 14.47 20.46
C ARG C 670 -16.95 13.83 19.77
N GLN C 671 -17.09 12.59 19.35
CA GLN C 671 -15.98 11.85 18.77
C GLN C 671 -15.51 12.50 17.48
N GLU C 672 -16.46 12.93 16.64
CA GLU C 672 -16.07 13.50 15.36
C GLU C 672 -15.37 14.84 15.55
N PHE C 673 -15.84 15.65 16.50
CA PHE C 673 -15.14 16.90 16.81
C PHE C 673 -13.74 16.62 17.30
N LEU C 674 -13.59 15.64 18.19
CA LEU C 674 -12.27 15.34 18.72
C LEU C 674 -11.33 14.90 17.61
N LEU C 675 -11.83 14.12 16.65
CA LEU C 675 -11.02 13.76 15.51
C LEU C 675 -10.68 14.98 14.66
N ARG C 676 -11.65 15.86 14.42
CA ARG C 676 -11.46 17.05 13.55
C ARG C 676 -10.44 18.02 14.14
N LYS C 677 -10.40 18.20 15.47
CA LYS C 677 -9.57 19.22 16.10
C LYS C 677 -8.79 18.67 17.28
N GLY C 678 -8.54 17.36 17.32
CA GLY C 678 -7.81 16.80 18.44
C GLY C 678 -6.43 17.38 18.58
N ARG C 679 -5.67 17.44 17.48
CA ARG C 679 -4.33 17.99 17.52
C ARG C 679 -4.31 19.48 17.77
N GLY C 680 -5.40 20.18 17.48
CA GLY C 680 -5.34 21.62 17.34
C GLY C 680 -4.82 21.91 15.94
N VAL C 681 -5.11 23.09 15.40
CA VAL C 681 -4.78 23.40 14.02
C VAL C 681 -4.02 24.71 13.99
N TYR C 682 -2.99 24.77 13.16
CA TYR C 682 -2.27 26.00 12.86
C TYR C 682 -2.87 26.64 11.63
N LEU C 683 -3.23 27.91 11.73
CA LEU C 683 -3.80 28.66 10.64
C LEU C 683 -3.02 29.95 10.44
N ASP C 684 -2.97 30.41 9.20
CA ASP C 684 -2.05 31.47 8.85
C ASP C 684 -2.33 32.69 9.71
N PRO C 685 -1.31 33.41 10.18
CA PRO C 685 -1.56 34.60 11.00
C PRO C 685 -2.21 35.72 10.22
N GLN C 686 -1.63 36.06 9.05
CA GLN C 686 -2.14 37.17 8.27
C GLN C 686 -3.51 36.84 7.70
N SER C 687 -3.60 35.80 6.88
CA SER C 687 -4.87 35.31 6.37
C SER C 687 -5.48 34.37 7.40
N GLY C 688 -6.48 33.58 6.99
CA GLY C 688 -7.16 32.70 7.92
C GLY C 688 -7.34 31.28 7.45
N GLU C 689 -6.45 30.79 6.60
CA GLU C 689 -6.53 29.42 6.11
C GLU C 689 -5.77 28.48 7.04
N GLU C 690 -6.09 27.21 6.95
CA GLU C 690 -5.47 26.19 7.78
C GLU C 690 -4.15 25.75 7.16
N LEU C 691 -3.09 25.74 7.95
CA LEU C 691 -1.78 25.34 7.48
C LEU C 691 -1.58 23.83 7.48
N ASN C 692 -2.36 23.10 8.25
CA ASN C 692 -2.25 21.64 8.31
C ASN C 692 -3.63 21.02 8.24
N PRO C 693 -4.42 21.33 7.20
CA PRO C 693 -5.79 20.81 7.14
C PRO C 693 -5.79 19.32 6.88
N ILE C 694 -6.70 18.62 7.55
CA ILE C 694 -6.91 17.18 7.37
C ILE C 694 -8.31 16.98 6.82
N PRO C 695 -8.49 16.26 5.70
CA PRO C 695 -9.84 16.11 5.14
C PRO C 695 -10.67 15.06 5.86
N PRO D 81 0.24 -49.37 46.36
CA PRO D 81 -0.23 -50.25 45.29
C PRO D 81 0.05 -49.71 43.88
N THR D 82 1.09 -48.88 43.70
CA THR D 82 1.42 -48.23 42.39
C THR D 82 2.71 -48.77 41.76
N VAL D 83 2.81 -48.79 40.41
CA VAL D 83 4.02 -49.20 39.64
C VAL D 83 4.30 -48.13 38.57
N ALA D 84 3.59 -48.10 37.42
CA ALA D 84 3.81 -47.13 36.36
C ALA D 84 2.65 -47.13 35.36
N PRO D 85 2.08 -45.95 35.05
CA PRO D 85 1.04 -45.90 34.02
C PRO D 85 1.63 -45.71 32.62
N THR D 86 0.75 -45.59 31.63
CA THR D 86 1.16 -45.39 30.24
C THR D 86 0.42 -44.19 29.65
N HIS D 87 1.07 -43.53 28.69
CA HIS D 87 0.46 -42.34 28.09
C HIS D 87 -0.82 -42.69 27.34
N ASP D 88 -0.89 -43.88 26.75
CA ASP D 88 -2.10 -44.29 26.07
C ASP D 88 -3.27 -44.38 27.04
N VAL D 89 -3.04 -44.91 28.23
CA VAL D 89 -4.11 -45.03 29.23
C VAL D 89 -4.63 -43.64 29.60
N THR D 90 -3.73 -42.69 29.82
CA THR D 90 -4.12 -41.34 30.20
C THR D 90 -4.56 -40.58 28.96
N THR D 91 -4.69 -39.25 29.09
CA THR D 91 -5.11 -38.40 27.99
C THR D 91 -6.59 -38.63 27.69
N ASP D 92 -7.05 -38.11 26.56
CA ASP D 92 -8.46 -38.17 26.18
C ASP D 92 -8.60 -38.76 24.79
N ARG D 93 -9.78 -39.31 24.52
CA ARG D 93 -10.09 -39.87 23.21
C ARG D 93 -10.38 -38.79 22.18
N SER D 94 -10.41 -37.52 22.58
CA SER D 94 -10.63 -36.40 21.66
C SER D 94 -9.67 -35.26 21.98
N GLN D 95 -8.41 -35.59 22.23
CA GLN D 95 -7.39 -34.60 22.59
C GLN D 95 -6.15 -34.81 21.74
N ARG D 96 -5.67 -33.73 21.12
CA ARG D 96 -4.38 -33.75 20.44
C ARG D 96 -3.28 -33.32 21.42
N LEU D 97 -2.05 -33.73 21.12
CA LEU D 97 -0.96 -33.48 22.04
C LEU D 97 0.38 -33.69 21.35
N MET D 98 1.41 -33.04 21.89
CA MET D 98 2.77 -33.18 21.40
C MET D 98 3.59 -34.06 22.34
N LEU D 99 4.51 -34.82 21.75
CA LEU D 99 5.45 -35.64 22.51
C LEU D 99 6.87 -35.35 22.04
N ARG D 100 7.74 -34.99 22.98
CA ARG D 100 9.16 -35.00 22.71
C ARG D 100 9.63 -36.44 22.55
N PHE D 101 10.81 -36.61 21.95
CA PHE D 101 11.29 -37.95 21.64
C PHE D 101 12.82 -37.91 21.63
N VAL D 102 13.43 -38.37 22.71
CA VAL D 102 14.89 -38.48 22.76
C VAL D 102 15.30 -39.76 22.04
N PRO D 103 16.26 -39.70 21.13
CA PRO D 103 16.56 -40.87 20.29
C PRO D 103 17.15 -42.01 21.10
N VAL D 104 17.04 -43.21 20.53
CA VAL D 104 17.51 -44.42 21.19
C VAL D 104 19.02 -44.60 20.97
N ASP D 105 19.47 -44.44 19.73
CA ASP D 105 20.88 -44.61 19.40
C ASP D 105 21.32 -43.50 18.47
N ARG D 106 22.52 -42.98 18.72
CA ARG D 106 23.09 -41.89 17.94
C ARG D 106 24.55 -42.19 17.65
N GLU D 107 24.93 -42.11 16.38
CA GLU D 107 26.31 -42.32 15.96
C GLU D 107 26.77 -41.13 15.14
N ASP D 108 27.87 -40.51 15.56
CA ASP D 108 28.41 -39.32 14.91
C ASP D 108 29.62 -39.74 14.07
N ASN D 109 29.36 -40.14 12.83
CA ASN D 109 30.40 -40.59 11.93
C ASN D 109 31.14 -39.37 11.37
N THR D 110 32.03 -39.61 10.40
CA THR D 110 32.85 -38.53 9.87
C THR D 110 32.02 -37.50 9.14
N TYR D 111 31.09 -37.93 8.28
CA TYR D 111 30.30 -37.03 7.48
C TYR D 111 28.81 -37.09 7.75
N SER D 112 28.37 -37.93 8.68
CA SER D 112 26.95 -38.09 8.95
C SER D 112 26.71 -38.10 10.45
N TYR D 113 25.47 -37.80 10.84
CA TYR D 113 25.04 -37.84 12.24
C TYR D 113 23.75 -38.65 12.28
N LYS D 114 23.89 -39.97 12.42
CA LYS D 114 22.73 -40.85 12.41
C LYS D 114 21.97 -40.77 13.72
N VAL D 115 20.64 -40.81 13.63
CA VAL D 115 19.78 -40.80 14.80
C VAL D 115 18.64 -41.79 14.56
N ARG D 116 18.32 -42.57 15.59
CA ARG D 116 17.29 -43.60 15.49
C ARG D 116 16.30 -43.44 16.64
N TYR D 117 15.02 -43.60 16.33
CA TYR D 117 13.94 -43.41 17.28
C TYR D 117 13.11 -44.68 17.37
N THR D 118 12.02 -44.61 18.14
CA THR D 118 11.07 -45.69 18.26
C THR D 118 9.70 -45.09 18.52
N LEU D 119 8.74 -45.37 17.65
CA LEU D 119 7.41 -44.78 17.73
C LEU D 119 6.45 -45.71 18.45
N ALA D 120 5.30 -45.16 18.82
CA ALA D 120 4.32 -45.86 19.64
C ALA D 120 3.05 -46.12 18.82
N VAL D 121 2.42 -47.25 19.10
CA VAL D 121 1.22 -47.64 18.37
C VAL D 121 0.17 -46.55 18.48
N GLY D 122 -0.48 -46.24 17.36
CA GLY D 122 -1.59 -45.31 17.35
C GLY D 122 -2.91 -46.00 17.64
N ASP D 123 -3.13 -46.37 18.90
CA ASP D 123 -4.40 -47.00 19.29
C ASP D 123 -5.42 -45.91 19.58
N ASN D 124 -6.53 -45.94 18.85
CA ASN D 124 -7.53 -44.87 18.89
C ASN D 124 -6.97 -43.54 18.38
N ARG D 125 -5.81 -43.58 17.73
CA ARG D 125 -5.15 -42.38 17.24
C ARG D 125 -4.31 -42.74 16.02
N VAL D 126 -4.03 -41.73 15.20
CA VAL D 126 -3.21 -41.89 14.01
C VAL D 126 -2.20 -40.75 13.98
N LEU D 127 -1.01 -41.05 13.48
CA LEU D 127 0.16 -40.18 13.62
C LEU D 127 0.32 -39.31 12.38
N ASP D 128 0.06 -38.01 12.53
CA ASP D 128 0.28 -37.01 11.49
C ASP D 128 1.79 -36.83 11.37
N MET D 129 2.40 -37.47 10.37
CA MET D 129 3.84 -37.44 10.26
C MET D 129 4.35 -36.09 9.74
N ALA D 130 3.67 -35.49 8.77
CA ALA D 130 4.17 -34.26 8.19
C ALA D 130 4.14 -33.12 9.21
N SER D 131 3.42 -33.29 10.31
CA SER D 131 3.46 -32.30 11.38
C SER D 131 4.75 -32.36 12.20
N THR D 132 5.54 -33.41 12.03
CA THR D 132 6.75 -33.57 12.83
C THR D 132 7.80 -32.55 12.44
N PHE D 133 8.56 -32.10 13.44
CA PHE D 133 9.66 -31.17 13.21
C PHE D 133 10.75 -31.44 14.23
N PHE D 134 12.01 -31.36 13.78
CA PHE D 134 13.14 -31.66 14.65
C PHE D 134 13.51 -30.45 15.49
N ASP D 135 14.57 -30.60 16.28
CA ASP D 135 15.04 -29.53 17.17
C ASP D 135 16.54 -29.74 17.38
N ILE D 136 17.36 -28.91 16.73
CA ILE D 136 18.81 -29.09 16.72
C ILE D 136 19.45 -27.98 17.55
N ARG D 137 20.59 -28.30 18.14
CA ARG D 137 21.39 -27.33 18.88
C ARG D 137 22.86 -27.73 18.73
N GLY D 138 23.69 -26.81 18.26
CA GLY D 138 25.09 -27.12 18.03
C GLY D 138 26.00 -25.92 18.02
N VAL D 139 27.21 -26.10 17.47
CA VAL D 139 28.23 -25.06 17.40
C VAL D 139 28.71 -24.95 15.96
N LEU D 140 28.95 -23.73 15.50
CA LEU D 140 29.27 -23.46 14.11
C LEU D 140 30.53 -22.61 14.02
N ASP D 141 31.44 -23.02 13.13
CA ASP D 141 32.65 -22.25 12.84
C ASP D 141 32.62 -21.90 11.36
N ARG D 142 32.57 -20.61 11.06
CA ARG D 142 32.32 -20.16 9.70
C ARG D 142 33.59 -20.00 8.87
N GLY D 143 34.75 -20.37 9.41
CA GLY D 143 35.96 -20.42 8.64
C GLY D 143 36.68 -19.09 8.60
N PRO D 144 37.95 -19.09 8.16
CA PRO D 144 38.70 -17.84 8.07
C PRO D 144 38.21 -16.91 6.97
N SER D 145 37.31 -17.36 6.10
CA SER D 145 36.84 -16.57 4.97
C SER D 145 35.50 -15.92 5.27
N PHE D 146 35.30 -15.51 6.52
CA PHE D 146 34.08 -14.86 6.95
C PHE D 146 34.38 -13.38 7.16
N LYS D 147 33.91 -12.54 6.23
CA LYS D 147 34.07 -11.09 6.32
C LYS D 147 32.71 -10.44 6.12
N PRO D 148 31.97 -10.19 7.19
CA PRO D 148 30.65 -9.56 7.09
C PRO D 148 30.70 -8.03 7.05
N TYR D 149 31.57 -7.50 6.21
CA TYR D 149 31.60 -6.06 5.98
C TYR D 149 32.53 -5.77 4.81
N SER D 150 32.26 -4.65 4.14
CA SER D 150 33.07 -4.20 3.02
C SER D 150 34.10 -3.19 3.50
N GLY D 151 35.26 -3.22 2.88
CA GLY D 151 36.33 -2.31 3.23
C GLY D 151 36.99 -2.70 4.53
N THR D 152 38.15 -2.10 4.77
CA THR D 152 38.96 -2.46 5.91
C THR D 152 38.33 -1.95 7.20
N ALA D 153 39.02 -2.22 8.30
CA ALA D 153 38.62 -1.73 9.62
C ALA D 153 39.76 -1.01 10.33
N TYR D 154 40.97 -1.03 9.78
CA TYR D 154 42.14 -0.44 10.41
C TYR D 154 42.76 0.56 9.46
N ASN D 155 42.99 1.77 9.95
CA ASN D 155 43.61 2.83 9.16
C ASN D 155 42.87 3.03 7.84
N SER D 156 41.55 3.14 7.93
CA SER D 156 40.74 3.29 6.72
C SER D 156 41.05 4.58 5.99
N LEU D 157 41.50 5.62 6.70
CA LEU D 157 41.78 6.90 6.07
C LEU D 157 43.12 6.93 5.36
N ALA D 158 44.02 6.02 5.69
CA ALA D 158 45.37 6.13 5.17
C ALA D 158 45.38 6.02 3.65
N PRO D 159 46.23 6.77 2.96
CA PRO D 159 46.38 6.56 1.52
C PRO D 159 46.83 5.14 1.24
N LYS D 160 46.33 4.59 0.14
CA LYS D 160 46.51 3.16 -0.12
C LYS D 160 47.92 2.80 -0.54
N GLY D 161 48.82 3.75 -0.65
CA GLY D 161 50.21 3.46 -0.95
C GLY D 161 51.15 3.92 0.15
N ALA D 162 50.62 4.58 1.15
CA ALA D 162 51.46 5.14 2.21
C ALA D 162 52.07 4.02 3.04
N PRO D 163 53.39 4.01 3.23
CA PRO D 163 54.00 2.99 4.07
C PRO D 163 54.18 3.46 5.51
N ASN D 164 54.22 2.49 6.42
CA ASN D 164 54.60 2.80 7.79
C ASN D 164 56.04 3.31 7.81
N THR D 165 56.43 3.86 8.96
CA THR D 165 57.79 4.34 9.14
C THR D 165 58.67 3.13 9.46
N SER D 166 59.36 2.61 8.44
CA SER D 166 60.09 1.36 8.54
C SER D 166 61.54 1.56 8.11
N GLN D 167 62.31 0.48 8.15
CA GLN D 167 63.73 0.51 7.81
C GLN D 167 64.07 -0.73 7.00
N TRP D 168 65.20 -0.66 6.30
CA TRP D 168 65.66 -1.78 5.50
C TRP D 168 67.18 -1.75 5.42
N ILE D 169 67.76 -2.91 5.12
CA ILE D 169 69.21 -3.11 5.11
C ILE D 169 69.65 -3.43 3.69
N VAL D 170 70.64 -2.70 3.21
CA VAL D 170 71.18 -2.87 1.87
C VAL D 170 72.49 -3.64 1.96
N THR D 171 72.58 -4.72 1.18
CA THR D 171 73.74 -5.60 1.27
C THR D 171 75.02 -4.93 0.77
N THR D 172 74.95 -4.20 -0.34
CA THR D 172 76.12 -3.56 -0.93
C THR D 172 77.23 -4.58 -1.15
N ASN D 173 76.92 -5.59 -1.95
CA ASN D 173 77.87 -6.68 -2.19
C ASN D 173 79.10 -6.17 -2.92
N GLY D 174 80.23 -6.81 -2.64
CA GLY D 174 81.49 -6.45 -3.26
C GLY D 174 82.64 -7.14 -2.58
N ASP D 175 83.85 -6.73 -2.96
CA ASP D 175 85.04 -7.28 -2.32
C ASP D 175 85.06 -6.95 -0.82
N ASN D 176 84.66 -5.73 -0.47
CA ASN D 176 84.48 -5.32 0.92
C ASN D 176 83.00 -5.00 1.09
N ALA D 177 82.21 -6.03 1.38
CA ALA D 177 80.77 -5.85 1.51
C ALA D 177 80.44 -5.02 2.75
N VAL D 178 79.44 -4.15 2.62
CA VAL D 178 78.97 -3.31 3.71
C VAL D 178 77.50 -3.65 3.90
N THR D 179 77.21 -4.57 4.82
CA THR D 179 75.86 -5.03 5.09
C THR D 179 75.23 -4.30 6.27
N THR D 180 75.62 -3.05 6.50
CA THR D 180 75.13 -2.24 7.60
C THR D 180 74.63 -0.91 7.09
N THR D 181 73.81 -0.94 6.04
CA THR D 181 73.28 0.28 5.47
C THR D 181 72.19 0.89 6.36
N THR D 182 71.12 0.14 6.58
CA THR D 182 70.12 0.44 7.62
C THR D 182 69.53 1.84 7.41
N ASN D 183 68.80 1.98 6.31
CA ASN D 183 68.11 3.22 6.01
C ASN D 183 66.79 3.31 6.77
N THR D 184 66.23 4.52 6.80
CA THR D 184 64.94 4.75 7.44
C THR D 184 64.13 5.72 6.59
N PHE D 185 62.80 5.64 6.73
CA PHE D 185 61.89 6.55 6.03
C PHE D 185 60.65 6.70 6.89
N GLY D 186 60.37 7.92 7.35
CA GLY D 186 59.20 8.13 8.18
C GLY D 186 58.96 9.54 8.68
N ILE D 187 58.51 9.64 9.92
CA ILE D 187 58.02 10.88 10.51
C ILE D 187 58.64 11.06 11.88
N ALA D 188 58.68 12.31 12.34
CA ALA D 188 59.01 12.64 13.73
C ALA D 188 58.13 13.82 14.12
N SER D 189 57.16 13.59 15.02
CA SER D 189 56.17 14.59 15.35
C SER D 189 56.06 14.93 16.83
N MET D 190 56.74 14.19 17.70
CA MET D 190 56.66 14.44 19.14
C MET D 190 57.65 15.55 19.48
N LYS D 191 57.12 16.75 19.76
CA LYS D 191 57.97 17.88 20.09
C LYS D 191 58.73 17.63 21.39
N GLY D 192 59.90 18.24 21.50
CA GLY D 192 60.70 18.13 22.69
C GLY D 192 61.63 19.31 22.83
N ASP D 193 61.99 19.62 24.08
CA ASP D 193 62.87 20.75 24.33
C ASP D 193 64.31 20.42 23.93
N ASN D 194 64.78 19.23 24.26
CA ASN D 194 66.14 18.83 23.94
C ASN D 194 66.23 17.31 23.92
N ILE D 195 67.32 16.82 23.35
CA ILE D 195 67.58 15.39 23.24
C ILE D 195 68.95 15.10 23.84
N THR D 196 69.04 14.05 24.64
CA THR D 196 70.29 13.64 25.25
C THR D 196 70.42 12.13 25.11
N LYS D 197 71.43 11.56 25.78
CA LYS D 197 71.65 10.13 25.70
C LYS D 197 70.41 9.35 26.15
N GLU D 198 69.72 9.86 27.17
CA GLU D 198 68.51 9.17 27.65
C GLU D 198 67.46 9.09 26.55
N GLY D 199 67.27 10.17 25.81
CA GLY D 199 66.31 10.21 24.73
C GLY D 199 65.66 11.57 24.66
N LEU D 200 64.49 11.61 24.05
CA LEU D 200 63.75 12.85 23.91
C LEU D 200 63.26 13.35 25.27
N GLN D 201 63.29 14.66 25.46
CA GLN D 201 62.83 15.27 26.70
C GLN D 201 61.39 15.70 26.52
N ILE D 202 60.53 15.33 27.46
CA ILE D 202 59.09 15.57 27.38
C ILE D 202 58.62 16.49 28.49
N GLY D 203 59.03 16.23 29.72
CA GLY D 203 58.60 17.02 30.86
C GLY D 203 59.72 17.31 31.84
N LYS D 204 59.84 18.58 32.24
CA LYS D 204 60.87 19.01 33.17
C LYS D 204 60.24 19.31 34.52
N ASP D 205 60.83 18.76 35.57
CA ASP D 205 60.33 18.97 36.93
C ASP D 205 61.47 19.34 37.87
N GLU D 213 66.53 19.79 38.46
CA GLU D 213 65.38 19.68 37.57
C GLU D 213 65.08 18.22 37.26
N LYS D 214 66.10 17.47 36.87
CA LYS D 214 65.95 16.06 36.50
C LYS D 214 64.85 15.93 35.46
N PRO D 215 65.09 16.37 34.23
CA PRO D 215 64.03 16.29 33.21
C PRO D 215 63.59 14.86 32.99
N ILE D 216 62.29 14.70 32.77
CA ILE D 216 61.72 13.38 32.50
C ILE D 216 61.89 13.06 31.03
N TYR D 217 62.48 11.90 30.74
CA TYR D 217 62.69 11.45 29.38
C TYR D 217 61.64 10.40 29.02
N ALA D 218 61.25 10.39 27.74
CA ALA D 218 60.11 9.61 27.31
C ALA D 218 60.30 8.14 27.65
N ASP D 219 59.25 7.52 28.18
CA ASP D 219 59.26 6.09 28.42
C ASP D 219 59.27 5.35 27.08
N LYS D 220 60.15 4.37 26.95
CA LYS D 220 60.31 3.68 25.68
C LYS D 220 59.19 2.72 25.38
N THR D 221 58.46 2.24 26.40
CA THR D 221 57.44 1.22 26.16
C THR D 221 56.35 1.75 25.23
N TYR D 222 55.87 2.97 25.49
CA TYR D 222 54.81 3.55 24.67
C TYR D 222 55.22 4.86 24.02
N GLN D 223 55.77 5.80 24.77
CA GLN D 223 56.11 7.10 24.19
C GLN D 223 57.26 6.96 23.20
N PRO D 224 57.28 7.78 22.15
CA PRO D 224 56.29 8.78 21.76
C PRO D 224 55.01 8.13 21.27
N GLU D 225 53.88 8.45 21.87
CA GLU D 225 52.63 7.90 21.40
C GLU D 225 52.42 8.32 19.96
N PRO D 226 52.23 7.37 19.02
CA PRO D 226 52.04 7.79 17.62
C PRO D 226 50.89 8.75 17.43
N GLN D 227 49.86 8.67 18.27
CA GLN D 227 48.71 9.54 18.11
C GLN D 227 49.12 11.00 18.27
N VAL D 228 49.96 11.28 19.27
CA VAL D 228 50.26 12.65 19.65
C VAL D 228 51.25 13.24 18.66
N GLY D 229 50.88 14.37 18.07
CA GLY D 229 51.78 15.13 17.23
C GLY D 229 51.51 16.60 17.38
N GLU D 230 52.50 17.41 17.02
CA GLU D 230 52.35 18.85 17.12
C GLU D 230 51.15 19.30 16.30
N GLU D 231 50.30 20.13 16.92
CA GLU D 231 49.10 20.66 16.26
C GLU D 231 49.35 22.15 16.05
N SER D 232 50.09 22.46 14.98
CA SER D 232 50.31 23.84 14.60
C SER D 232 50.90 23.91 13.19
N TRP D 233 50.16 24.49 12.25
CA TRP D 233 50.75 24.86 10.97
C TRP D 233 51.33 26.27 11.00
N THR D 234 50.79 27.12 11.86
CA THR D 234 51.37 28.43 12.15
C THR D 234 52.28 28.38 13.37
N ASP D 235 53.22 27.44 13.38
CA ASP D 235 54.06 27.24 14.56
C ASP D 235 55.20 28.25 14.61
N THR D 236 56.09 28.20 13.63
CA THR D 236 57.25 29.10 13.56
C THR D 236 57.94 29.21 14.92
N ASP D 237 58.10 28.07 15.59
CA ASP D 237 58.73 28.07 16.90
C ASP D 237 60.18 28.56 16.83
N GLY D 238 60.91 28.12 15.81
CA GLY D 238 62.28 28.56 15.64
C GLY D 238 63.23 27.90 16.64
N THR D 239 64.42 28.49 16.74
CA THR D 239 65.48 27.99 17.63
C THR D 239 65.82 26.58 17.16
N ASN D 240 65.91 25.59 18.06
CA ASN D 240 66.20 24.21 17.70
C ASN D 240 64.93 23.40 17.90
N GLU D 241 64.41 22.83 16.81
CA GLU D 241 63.16 22.07 16.84
C GLU D 241 63.50 20.58 16.91
N LYS D 242 63.84 20.13 18.12
CA LYS D 242 64.01 18.71 18.34
C LYS D 242 62.68 17.99 18.16
N PHE D 243 62.70 16.86 17.47
CA PHE D 243 61.50 16.08 17.23
C PHE D 243 61.82 14.60 17.40
N GLY D 244 60.78 13.82 17.72
CA GLY D 244 60.96 12.40 17.95
C GLY D 244 59.76 11.62 17.43
N GLY D 245 59.94 10.31 17.38
CA GLY D 245 58.89 9.43 16.91
C GLY D 245 59.29 7.99 17.12
N ARG D 246 58.54 7.10 16.49
CA ARG D 246 58.86 5.68 16.58
C ARG D 246 58.61 5.03 15.22
N ALA D 247 59.57 4.21 14.79
CA ALA D 247 59.55 3.58 13.48
C ALA D 247 59.67 2.07 13.66
N LEU D 248 59.50 1.35 12.56
CA LEU D 248 59.50 -0.10 12.58
C LEU D 248 60.87 -0.63 12.19
N LYS D 249 61.33 -1.64 12.93
CA LYS D 249 62.65 -2.21 12.68
C LYS D 249 62.64 -3.02 11.40
N PRO D 250 63.83 -3.32 10.85
CA PRO D 250 63.91 -3.99 9.55
C PRO D 250 63.64 -5.49 9.60
N ALA D 251 63.10 -6.02 10.70
CA ALA D 251 62.74 -7.43 10.76
C ALA D 251 61.27 -7.65 10.45
N THR D 252 60.42 -6.70 10.79
CA THR D 252 59.00 -6.82 10.50
C THR D 252 58.74 -6.56 9.02
N ASN D 253 57.88 -7.37 8.42
CA ASN D 253 57.61 -7.25 7.00
C ASN D 253 56.98 -5.90 6.68
N MET D 254 57.39 -5.32 5.56
CA MET D 254 56.84 -4.04 5.13
C MET D 254 55.45 -4.22 4.56
N LYS D 255 54.49 -3.46 5.07
CA LYS D 255 53.12 -3.45 4.57
C LYS D 255 52.60 -2.02 4.63
N PRO D 256 51.63 -1.67 3.79
CA PRO D 256 51.08 -0.31 3.85
C PRO D 256 50.28 -0.07 5.10
N CYS D 257 50.20 1.21 5.48
CA CYS D 257 49.43 1.58 6.67
C CYS D 257 48.00 1.07 6.58
N TYR D 258 47.42 1.12 5.39
CA TYR D 258 46.05 0.66 5.20
C TYR D 258 45.88 -0.76 5.70
N GLY D 259 44.92 -0.96 6.60
CA GLY D 259 44.62 -2.29 7.08
C GLY D 259 45.77 -2.97 7.76
N SER D 260 46.52 -2.24 8.59
CA SER D 260 47.68 -2.78 9.28
C SER D 260 47.39 -2.81 10.78
N PHE D 261 47.60 -3.98 11.39
CA PHE D 261 47.27 -4.19 12.80
C PHE D 261 48.49 -4.72 13.54
N ALA D 262 48.61 -4.33 14.80
CA ALA D 262 49.65 -4.83 15.69
C ALA D 262 49.07 -4.90 17.08
N ARG D 263 48.72 -6.13 17.49
CA ARG D 263 48.08 -6.39 18.82
C ARG D 263 48.82 -5.62 19.91
N PRO D 264 48.12 -5.03 20.90
CA PRO D 264 48.80 -4.35 22.00
C PRO D 264 49.41 -5.35 22.98
N THR D 265 50.64 -5.07 23.40
CA THR D 265 51.39 -5.96 24.27
C THR D 265 51.45 -5.51 25.72
N ASN D 266 51.19 -4.23 26.00
CA ASN D 266 51.21 -3.73 27.36
C ASN D 266 50.04 -2.78 27.57
N ILE D 267 49.62 -2.66 28.83
CA ILE D 267 48.38 -1.97 29.16
C ILE D 267 48.39 -0.53 28.67
N LYS D 268 49.56 0.06 28.49
CA LYS D 268 49.67 1.48 28.16
C LYS D 268 49.58 1.76 26.67
N GLY D 269 49.32 0.74 25.84
CA GLY D 269 49.13 0.92 24.43
C GLY D 269 50.31 0.54 23.56
N GLY D 270 51.46 0.26 24.16
CA GLY D 270 52.62 -0.10 23.37
C GLY D 270 52.39 -1.37 22.57
N GLN D 271 53.19 -1.51 21.52
CA GLN D 271 53.04 -2.64 20.59
C GLN D 271 54.30 -3.46 20.44
N ALA D 272 55.37 -3.13 21.17
CA ALA D 272 56.63 -3.85 21.00
C ALA D 272 56.50 -5.29 21.46
N LYS D 273 57.17 -6.19 20.76
CA LYS D 273 57.27 -7.57 21.19
C LYS D 273 58.27 -7.71 22.32
N ASN D 274 58.24 -8.86 22.98
CA ASN D 274 59.15 -9.16 24.07
C ASN D 274 60.32 -9.97 23.48
N ARG D 275 61.51 -9.37 23.51
CA ARG D 275 62.70 -10.09 23.08
C ARG D 275 62.92 -11.29 23.98
N LYS D 276 63.14 -12.45 23.37
CA LYS D 276 63.32 -13.70 24.11
C LYS D 276 64.78 -14.00 24.42
N VAL D 277 65.69 -13.08 24.12
CA VAL D 277 67.12 -13.30 24.27
C VAL D 277 67.68 -12.25 25.22
N LYS D 278 68.31 -12.71 26.30
CA LYS D 278 69.01 -11.83 27.25
C LYS D 278 70.10 -12.65 27.93
N PRO D 279 71.16 -12.98 27.20
CA PRO D 279 72.17 -13.89 27.75
C PRO D 279 72.81 -13.34 29.01
N THR D 280 73.10 -14.24 29.95
CA THR D 280 73.74 -13.88 31.21
C THR D 280 74.96 -14.76 31.41
N THR D 281 75.98 -14.19 32.05
CA THR D 281 77.24 -14.88 32.29
C THR D 281 77.22 -15.70 33.59
N GLU D 282 76.23 -16.58 33.74
CA GLU D 282 76.21 -17.50 34.86
C GLU D 282 75.54 -18.83 34.51
N GLY D 283 75.21 -19.06 33.23
CA GLY D 283 74.35 -20.16 32.86
C GLY D 283 72.91 -19.79 33.10
N GLY D 284 72.46 -19.90 34.36
CA GLY D 284 71.17 -19.41 34.78
C GLY D 284 70.04 -19.65 33.79
N VAL D 285 69.23 -18.61 33.55
CA VAL D 285 68.13 -18.68 32.61
C VAL D 285 68.03 -17.35 31.87
N GLU D 286 67.31 -17.36 30.75
CA GLU D 286 67.15 -16.17 29.94
C GLU D 286 66.02 -15.29 30.50
N THR D 287 65.96 -14.06 30.01
CA THR D 287 64.99 -13.08 30.46
C THR D 287 64.37 -12.37 29.25
N GLU D 288 63.23 -11.75 29.49
CA GLU D 288 62.47 -11.05 28.45
C GLU D 288 62.60 -9.55 28.65
N GLU D 289 62.94 -8.84 27.59
CA GLU D 289 63.00 -7.38 27.59
C GLU D 289 62.26 -6.85 26.38
N PRO D 290 61.54 -5.73 26.50
CA PRO D 290 60.91 -5.14 25.32
C PRO D 290 61.94 -4.83 24.25
N ASP D 291 61.59 -5.15 23.00
CA ASP D 291 62.51 -5.00 21.88
C ASP D 291 62.35 -3.61 21.29
N ILE D 292 62.97 -2.64 21.94
CA ILE D 292 62.92 -1.25 21.53
C ILE D 292 64.31 -0.65 21.66
N ASP D 293 64.67 0.22 20.72
CA ASP D 293 65.99 0.84 20.75
C ASP D 293 65.91 2.34 20.48
N MET D 294 67.06 2.98 20.27
CA MET D 294 67.13 4.42 20.09
C MET D 294 68.11 4.71 18.96
N GLU D 295 67.63 5.31 17.89
CA GLU D 295 68.44 5.73 16.77
C GLU D 295 68.42 7.23 16.65
N PHE D 296 69.58 7.82 16.35
CA PHE D 296 69.75 9.26 16.32
C PHE D 296 70.19 9.71 14.94
N PHE D 297 69.69 10.86 14.51
CA PHE D 297 70.06 11.46 13.23
C PHE D 297 70.36 12.93 13.43
N ASP D 298 71.27 13.46 12.60
CA ASP D 298 71.77 14.81 12.78
C ASP D 298 71.51 15.73 11.59
N GLY D 299 71.85 15.29 10.38
CA GLY D 299 71.71 16.14 9.21
C GLY D 299 72.79 15.86 8.19
N ARG D 300 72.43 15.94 6.90
CA ARG D 300 73.37 15.55 5.85
C ARG D 300 74.58 16.48 5.80
N ASP D 301 74.35 17.78 5.90
CA ASP D 301 75.41 18.77 5.74
C ASP D 301 76.19 19.02 7.01
N ALA D 302 75.84 18.37 8.12
CA ALA D 302 76.52 18.64 9.38
C ALA D 302 78.00 18.31 9.26
N VAL D 303 78.84 19.20 9.78
CA VAL D 303 80.29 19.04 9.74
C VAL D 303 80.72 18.25 10.95
N ALA D 304 81.77 17.44 10.78
CA ALA D 304 82.14 16.45 11.79
C ALA D 304 82.39 17.08 13.15
N GLY D 305 82.76 18.36 13.19
CA GLY D 305 83.03 19.01 14.45
C GLY D 305 81.86 18.96 15.42
N ALA D 306 80.77 19.64 15.09
CA ALA D 306 79.62 19.79 15.98
C ALA D 306 78.47 18.95 15.43
N LEU D 307 78.44 17.68 15.83
CA LEU D 307 77.33 16.78 15.54
C LEU D 307 76.53 16.57 16.81
N ALA D 308 75.24 16.87 16.73
CA ALA D 308 74.33 16.76 17.87
C ALA D 308 73.07 16.03 17.44
N PRO D 309 72.38 15.37 18.37
CA PRO D 309 71.14 14.70 18.00
C PRO D 309 70.10 15.71 17.55
N GLU D 310 69.34 15.35 16.52
CA GLU D 310 68.35 16.24 15.95
C GLU D 310 66.99 15.57 15.86
N ILE D 311 66.97 14.25 15.68
CA ILE D 311 65.74 13.49 15.56
C ILE D 311 65.95 12.15 16.27
N VAL D 312 65.31 11.98 17.42
CA VAL D 312 65.24 10.66 18.03
C VAL D 312 64.20 9.83 17.29
N LEU D 313 64.37 8.52 17.33
CA LEU D 313 63.46 7.62 16.62
C LEU D 313 63.52 6.27 17.32
N TYR D 314 62.46 5.93 18.05
CA TYR D 314 62.39 4.63 18.69
C TYR D 314 62.06 3.57 17.64
N THR D 315 62.70 2.41 17.75
CA THR D 315 62.56 1.35 16.76
C THR D 315 62.29 0.04 17.47
N GLU D 316 61.27 -0.68 17.00
CA GLU D 316 60.84 -1.91 17.64
C GLU D 316 60.26 -2.85 16.60
N ASN D 317 59.89 -4.03 17.06
CA ASN D 317 59.21 -5.03 16.24
C ASN D 317 57.80 -5.23 16.79
N VAL D 318 56.85 -5.42 15.89
CA VAL D 318 55.46 -5.66 16.28
C VAL D 318 54.95 -6.84 15.48
N ASN D 319 53.88 -7.47 15.99
CA ASN D 319 53.23 -8.58 15.31
C ASN D 319 52.36 -8.04 14.17
N LEU D 320 53.02 -7.42 13.20
CA LEU D 320 52.30 -6.82 12.08
C LEU D 320 51.48 -7.87 11.35
N GLU D 321 50.22 -7.53 11.08
CA GLU D 321 49.36 -8.42 10.31
C GLU D 321 48.28 -7.59 9.66
N THR D 322 47.64 -8.17 8.64
CA THR D 322 46.65 -7.49 7.82
C THR D 322 45.41 -8.36 7.78
N PRO D 323 44.61 -8.36 8.85
CA PRO D 323 43.49 -9.32 8.91
C PRO D 323 42.46 -9.13 7.82
N ASP D 324 42.32 -7.93 7.26
CA ASP D 324 41.29 -7.66 6.27
C ASP D 324 41.83 -6.86 5.10
N SER D 325 42.98 -7.26 4.57
CA SER D 325 43.52 -6.58 3.39
C SER D 325 44.60 -7.44 2.77
N HIS D 326 44.96 -7.11 1.53
CA HIS D 326 45.98 -7.81 0.78
C HIS D 326 46.72 -6.82 -0.08
N VAL D 327 47.68 -7.32 -0.85
CA VAL D 327 48.60 -6.48 -1.61
C VAL D 327 48.28 -6.63 -3.08
N VAL D 328 48.13 -5.51 -3.77
CA VAL D 328 47.80 -5.51 -5.20
C VAL D 328 49.00 -5.12 -6.06
N TYR D 329 50.00 -4.45 -5.52
CA TYR D 329 51.19 -4.07 -6.26
C TYR D 329 52.41 -4.31 -5.39
N LYS D 330 53.29 -5.21 -5.82
CA LYS D 330 54.49 -5.59 -5.08
C LYS D 330 55.68 -5.45 -6.03
N PRO D 331 56.33 -4.28 -6.04
CA PRO D 331 57.39 -4.05 -7.02
C PRO D 331 58.49 -5.11 -7.06
N GLU D 332 59.16 -5.35 -5.94
CA GLU D 332 60.29 -6.26 -5.88
C GLU D 332 59.98 -7.43 -4.96
N THR D 333 60.64 -8.56 -5.22
CA THR D 333 60.37 -9.77 -4.44
C THR D 333 60.96 -9.68 -3.05
N SER D 334 62.16 -9.12 -2.92
CA SER D 334 62.84 -9.08 -1.64
C SER D 334 62.00 -8.31 -0.63
N ASN D 335 61.76 -8.93 0.52
CA ASN D 335 61.05 -8.25 1.60
C ASN D 335 61.90 -7.12 2.16
N ASN D 336 61.23 -6.04 2.56
CA ASN D 336 61.89 -4.90 3.20
C ASN D 336 62.98 -4.32 2.29
N SER D 337 62.53 -3.78 1.16
CA SER D 337 63.39 -3.07 0.24
C SER D 337 62.87 -1.65 0.06
N HIS D 338 63.70 -0.79 -0.55
CA HIS D 338 63.30 0.59 -0.74
C HIS D 338 62.08 0.69 -1.66
N ALA D 339 62.16 0.05 -2.82
CA ALA D 339 61.05 0.13 -3.78
C ALA D 339 59.77 -0.43 -3.18
N ASN D 340 59.88 -1.33 -2.20
CA ASN D 340 58.70 -1.92 -1.59
C ASN D 340 57.91 -0.91 -0.77
N LEU D 341 58.45 0.28 -0.51
CA LEU D 341 57.69 1.28 0.21
C LEU D 341 56.41 1.67 -0.51
N GLY D 342 56.34 1.44 -1.82
CA GLY D 342 55.21 1.88 -2.60
C GLY D 342 54.25 0.78 -2.99
N GLN D 343 54.18 -0.28 -2.20
CA GLN D 343 53.24 -1.36 -2.48
C GLN D 343 51.84 -0.94 -2.07
N GLN D 344 50.86 -1.35 -2.89
CA GLN D 344 49.47 -0.94 -2.72
C GLN D 344 48.68 -2.04 -2.02
N ALA D 345 47.59 -1.63 -1.38
CA ALA D 345 46.72 -2.53 -0.64
C ALA D 345 45.27 -2.30 -1.03
N MET D 346 44.51 -3.39 -1.10
CA MET D 346 43.09 -3.34 -1.39
C MET D 346 42.35 -4.15 -0.33
N PRO D 347 41.18 -3.70 0.11
CA PRO D 347 40.47 -4.42 1.16
C PRO D 347 39.97 -5.78 0.69
N ASN D 348 39.84 -6.70 1.64
CA ASN D 348 39.36 -8.03 1.33
C ASN D 348 37.89 -7.99 0.90
N ARG D 349 37.50 -8.95 0.08
CA ARG D 349 36.16 -8.96 -0.45
C ARG D 349 35.17 -9.44 0.61
N PRO D 350 33.98 -8.84 0.68
CA PRO D 350 32.99 -9.33 1.63
C PRO D 350 32.56 -10.74 1.29
N ASN D 351 32.24 -11.51 2.33
CA ASN D 351 31.83 -12.90 2.16
C ASN D 351 30.95 -13.27 3.34
N TYR D 352 29.64 -13.27 3.13
CA TYR D 352 28.68 -13.62 4.17
C TYR D 352 28.40 -15.10 4.12
N ILE D 353 28.43 -15.75 5.28
CA ILE D 353 28.17 -17.18 5.39
C ILE D 353 27.00 -17.39 6.34
N GLY D 354 26.14 -18.33 6.01
CA GLY D 354 25.03 -18.67 6.87
C GLY D 354 24.38 -19.95 6.41
N PHE D 355 23.24 -20.27 7.02
CA PHE D 355 22.48 -21.42 6.60
C PHE D 355 21.81 -21.13 5.26
N ARG D 356 21.12 -22.13 4.73
CA ARG D 356 20.50 -22.01 3.43
C ARG D 356 19.02 -21.68 3.56
N ASP D 357 18.40 -21.36 2.44
CA ASP D 357 16.98 -21.04 2.43
C ASP D 357 16.20 -22.30 2.77
N ASN D 358 15.43 -22.24 3.85
CA ASN D 358 14.67 -23.40 4.32
C ASN D 358 15.60 -24.55 4.67
N PHE D 359 16.73 -24.24 5.27
CA PHE D 359 17.67 -25.23 5.78
C PHE D 359 17.86 -26.37 4.79
N VAL D 360 18.01 -25.99 3.52
CA VAL D 360 18.31 -26.98 2.49
C VAL D 360 19.57 -27.74 2.88
N GLY D 361 19.59 -29.02 2.55
CA GLY D 361 20.80 -29.82 2.67
C GLY D 361 21.10 -30.38 4.03
N LEU D 362 20.37 -29.97 5.07
CA LEU D 362 20.67 -30.45 6.41
C LEU D 362 20.15 -31.85 6.65
N MET D 363 19.24 -32.34 5.83
CA MET D 363 18.73 -33.69 5.91
C MET D 363 19.39 -34.54 4.83
N TYR D 364 18.94 -35.78 4.68
CA TYR D 364 19.50 -36.71 3.71
C TYR D 364 18.41 -37.28 2.81
N TYR D 365 17.57 -36.39 2.28
CA TYR D 365 16.56 -36.82 1.33
C TYR D 365 17.24 -37.37 0.08
N ASN D 366 16.60 -38.36 -0.53
CA ASN D 366 17.05 -38.92 -1.80
C ASN D 366 18.49 -39.39 -1.75
N SER D 367 18.90 -39.98 -0.63
CA SER D 367 20.23 -40.54 -0.47
C SER D 367 20.08 -42.06 -0.34
N THR D 368 20.29 -42.77 -1.44
CA THR D 368 20.11 -44.22 -1.43
C THR D 368 21.05 -44.89 -0.44
N GLY D 369 22.30 -44.42 -0.37
CA GLY D 369 23.24 -45.00 0.58
C GLY D 369 22.81 -44.78 2.01
N ASN D 370 22.28 -43.60 2.32
CA ASN D 370 21.84 -43.24 3.66
C ASN D 370 20.37 -42.84 3.59
N MET D 371 19.50 -43.77 3.92
CA MET D 371 18.05 -43.56 3.87
C MET D 371 17.47 -43.74 5.28
N GLY D 372 16.14 -43.72 5.35
CA GLY D 372 15.45 -43.99 6.59
C GLY D 372 14.35 -45.01 6.37
N VAL D 373 13.82 -45.51 7.49
CA VAL D 373 12.73 -46.48 7.47
C VAL D 373 11.75 -46.11 8.56
N LEU D 374 10.46 -46.20 8.25
CA LEU D 374 9.38 -45.97 9.21
C LEU D 374 8.62 -47.26 9.48
N ALA D 375 9.33 -48.39 9.40
CA ALA D 375 8.71 -49.70 9.46
C ALA D 375 8.38 -50.10 10.90
N GLY D 376 7.55 -51.13 11.03
CA GLY D 376 7.22 -51.64 12.34
C GLY D 376 8.38 -52.38 12.98
N GLN D 377 8.29 -52.52 14.30
CA GLN D 377 9.34 -53.23 15.03
C GLN D 377 9.50 -54.65 14.52
N ALA D 378 8.44 -55.23 13.94
CA ALA D 378 8.49 -56.60 13.43
C ALA D 378 7.89 -56.68 12.03
N SER D 379 8.20 -55.72 11.17
CA SER D 379 7.70 -55.69 9.80
C SER D 379 8.79 -55.79 8.76
N GLN D 380 9.89 -55.06 8.93
CA GLN D 380 11.00 -55.09 7.99
C GLN D 380 10.56 -54.70 6.58
N LEU D 381 9.65 -53.72 6.50
CA LEU D 381 9.20 -53.15 5.23
C LEU D 381 9.40 -51.64 5.33
N ASN D 382 10.39 -51.12 4.64
CA ASN D 382 10.71 -49.70 4.69
C ASN D 382 9.61 -48.87 4.07
N ALA D 383 8.89 -48.11 4.89
CA ALA D 383 7.78 -47.29 4.40
C ALA D 383 8.25 -46.00 3.74
N VAL D 384 9.52 -45.65 3.88
CA VAL D 384 10.09 -44.44 3.29
C VAL D 384 10.92 -44.90 2.10
N VAL D 385 10.35 -44.78 0.91
CA VAL D 385 11.08 -45.14 -0.32
C VAL D 385 11.84 -43.89 -0.74
N ASP D 386 13.02 -43.72 -0.15
CA ASP D 386 13.84 -42.52 -0.34
C ASP D 386 14.83 -42.81 -1.47
N LEU D 387 14.38 -42.61 -2.70
CA LEU D 387 15.19 -42.79 -3.88
C LEU D 387 15.47 -41.44 -4.52
N GLN D 388 16.25 -41.46 -5.60
CA GLN D 388 16.70 -40.25 -6.27
C GLN D 388 15.82 -39.87 -7.45
N ASP D 389 14.73 -40.61 -7.69
CA ASP D 389 13.83 -40.27 -8.78
C ASP D 389 13.19 -38.90 -8.55
N ARG D 390 12.80 -38.60 -7.31
CA ARG D 390 12.15 -37.34 -6.97
C ARG D 390 13.12 -36.46 -6.21
N ASN D 391 13.06 -35.16 -6.49
CA ASN D 391 13.94 -34.17 -5.87
C ASN D 391 13.11 -33.47 -4.79
N THR D 392 13.26 -33.96 -3.56
CA THR D 392 12.34 -33.56 -2.50
C THR D 392 12.46 -32.07 -2.18
N GLU D 393 13.69 -31.55 -2.15
CA GLU D 393 13.87 -30.17 -1.72
C GLU D 393 13.22 -29.20 -2.70
N LEU D 394 13.36 -29.46 -4.00
CA LEU D 394 12.71 -28.59 -4.98
C LEU D 394 11.20 -28.72 -4.89
N SER D 395 10.69 -29.92 -4.64
CA SER D 395 9.28 -30.08 -4.41
C SER D 395 8.82 -29.21 -3.24
N TYR D 396 9.60 -29.21 -2.16
CA TYR D 396 9.27 -28.35 -1.02
C TYR D 396 9.26 -26.88 -1.42
N GLN D 397 10.25 -26.46 -2.20
CA GLN D 397 10.34 -25.06 -2.58
C GLN D 397 9.12 -24.63 -3.38
N LEU D 398 8.76 -25.43 -4.39
CA LEU D 398 7.59 -25.11 -5.19
C LEU D 398 6.32 -25.17 -4.35
N LEU D 399 6.25 -26.10 -3.40
CA LEU D 399 5.07 -26.19 -2.55
C LEU D 399 4.91 -24.93 -1.71
N LEU D 400 5.99 -24.48 -1.09
CA LEU D 400 5.92 -23.26 -0.30
C LEU D 400 5.53 -22.07 -1.18
N ASP D 401 6.11 -21.99 -2.38
CA ASP D 401 5.72 -20.91 -3.28
C ASP D 401 4.23 -20.98 -3.59
N SER D 402 3.71 -22.17 -3.85
CA SER D 402 2.29 -22.32 -4.13
C SER D 402 1.43 -21.88 -2.95
N LEU D 403 1.88 -22.16 -1.73
CA LEU D 403 1.13 -21.77 -0.55
C LEU D 403 1.05 -20.26 -0.36
N GLY D 404 1.58 -19.46 -1.27
CA GLY D 404 1.53 -18.02 -1.09
C GLY D 404 0.12 -17.47 -1.03
N ASP D 405 -0.82 -18.10 -1.74
CA ASP D 405 -2.20 -17.63 -1.78
C ASP D 405 -2.71 -17.24 -0.40
N ARG D 406 -2.77 -18.21 0.51
CA ARG D 406 -3.21 -17.92 1.87
C ARG D 406 -2.27 -16.93 2.54
N THR D 407 -0.96 -17.14 2.41
CA THR D 407 0.03 -16.30 3.07
C THR D 407 0.48 -15.15 2.18
N ARG D 408 -0.47 -14.39 1.64
CA ARG D 408 -0.16 -13.15 0.94
C ARG D 408 -0.16 -11.95 1.87
N TYR D 409 -0.48 -12.14 3.15
CA TYR D 409 -0.50 -11.02 4.09
C TYR D 409 0.86 -10.80 4.74
N PHE D 410 1.61 -11.87 4.98
CA PHE D 410 2.91 -11.75 5.62
C PHE D 410 3.86 -11.08 4.63
N SER D 411 4.14 -9.78 4.85
CA SER D 411 5.01 -9.07 3.92
C SER D 411 6.47 -9.51 4.07
N MET D 412 6.87 -9.94 5.26
CA MET D 412 8.17 -10.56 5.47
C MET D 412 8.12 -12.07 5.30
N TRP D 413 7.12 -12.59 4.57
CA TRP D 413 7.03 -14.02 4.34
C TRP D 413 8.30 -14.56 3.69
N ASN D 414 9.00 -13.73 2.93
CA ASN D 414 10.11 -14.18 2.09
C ASN D 414 11.36 -13.36 2.35
N GLN D 415 11.73 -13.22 3.62
CA GLN D 415 12.88 -12.42 4.01
C GLN D 415 14.19 -13.18 3.92
N ALA D 416 14.16 -14.44 3.53
CA ALA D 416 15.37 -15.24 3.41
C ALA D 416 15.64 -15.72 1.99
N VAL D 417 14.65 -15.75 1.12
CA VAL D 417 14.85 -16.25 -0.23
C VAL D 417 15.95 -15.45 -0.91
N ASP D 418 16.75 -16.13 -1.72
CA ASP D 418 17.84 -15.46 -2.41
C ASP D 418 17.30 -14.44 -3.41
N SER D 419 17.97 -13.29 -3.48
CA SER D 419 17.60 -12.24 -4.41
C SER D 419 18.85 -11.47 -4.80
N TYR D 420 18.70 -10.58 -5.78
CA TYR D 420 19.81 -9.76 -6.25
C TYR D 420 19.32 -8.33 -6.39
N ASP D 421 20.26 -7.40 -6.35
CA ASP D 421 19.93 -6.01 -6.59
C ASP D 421 19.56 -5.86 -8.06
N PRO D 422 18.34 -5.43 -8.38
CA PRO D 422 17.96 -5.37 -9.81
C PRO D 422 18.86 -4.48 -10.63
N ASP D 423 19.42 -3.43 -10.04
CA ASP D 423 20.24 -2.50 -10.82
C ASP D 423 21.61 -3.08 -11.14
N VAL D 424 22.11 -4.00 -10.32
CA VAL D 424 23.39 -4.62 -10.61
C VAL D 424 23.29 -5.50 -11.85
N ARG D 425 22.26 -6.33 -11.93
CA ARG D 425 22.13 -7.24 -13.06
C ARG D 425 21.92 -6.47 -14.36
N ILE D 426 21.03 -5.49 -14.34
CA ILE D 426 20.72 -4.66 -15.50
C ILE D 426 21.11 -3.23 -15.16
N ILE D 427 22.01 -2.66 -15.93
CA ILE D 427 22.67 -1.40 -15.59
C ILE D 427 22.07 -0.28 -16.43
N GLU D 428 21.74 0.83 -15.78
CA GLU D 428 21.14 1.99 -16.41
C GLU D 428 22.13 3.15 -16.24
N ASN D 429 22.91 3.43 -17.27
CA ASN D 429 23.96 4.44 -17.20
C ASN D 429 23.43 5.72 -17.82
N HIS D 430 23.17 6.72 -16.97
CA HIS D 430 22.71 8.02 -17.41
C HIS D 430 23.69 9.13 -17.06
N GLY D 431 24.94 8.77 -16.79
CA GLY D 431 25.96 9.77 -16.60
C GLY D 431 26.01 10.28 -15.17
N ILE D 432 26.72 11.38 -15.01
CA ILE D 432 26.94 12.02 -13.72
C ILE D 432 26.81 13.52 -13.91
N GLU D 433 26.13 14.18 -12.97
CA GLU D 433 25.95 15.62 -13.02
C GLU D 433 27.22 16.28 -12.49
N ASP D 434 28.23 16.33 -13.36
CA ASP D 434 29.55 16.85 -13.03
C ASP D 434 29.82 18.17 -13.73
N GLU D 435 28.81 19.04 -13.80
CA GLU D 435 28.95 20.29 -14.54
C GLU D 435 30.07 21.15 -13.97
N LEU D 436 30.12 21.28 -12.67
CA LEU D 436 31.10 22.13 -12.02
C LEU D 436 32.35 21.33 -11.67
N PRO D 437 33.45 22.02 -11.36
CA PRO D 437 34.61 21.35 -10.77
C PRO D 437 34.45 21.26 -9.25
N ASN D 438 35.46 20.67 -8.62
CA ASN D 438 35.50 20.54 -7.16
C ASN D 438 36.94 20.66 -6.71
N TYR D 439 37.32 21.82 -6.19
CA TYR D 439 38.71 22.12 -5.89
C TYR D 439 39.07 21.71 -4.46
N CYS D 440 40.36 21.46 -4.26
CA CYS D 440 40.94 21.32 -2.93
C CYS D 440 41.90 22.47 -2.70
N PHE D 441 41.73 23.18 -1.59
CA PHE D 441 42.57 24.31 -1.28
C PHE D 441 43.52 23.98 -0.13
N PRO D 442 44.70 24.59 -0.09
CA PRO D 442 45.60 24.36 1.05
C PRO D 442 44.95 24.66 2.38
N LEU D 443 45.58 24.23 3.47
CA LEU D 443 44.95 24.36 4.78
C LEU D 443 44.83 25.82 5.20
N ASN D 444 45.76 26.67 4.77
CA ASN D 444 45.73 28.09 5.11
C ASN D 444 45.01 28.93 4.08
N GLY D 445 44.35 28.29 3.10
CA GLY D 445 43.66 29.00 2.04
C GLY D 445 44.58 29.53 0.96
N ILE D 446 45.89 29.43 1.15
CA ILE D 446 46.88 29.92 0.22
C ILE D 446 47.96 28.87 0.06
N GLY D 447 48.64 28.90 -1.08
CA GLY D 447 49.82 28.11 -1.26
C GLY D 447 50.96 28.74 -0.49
N PRO D 448 52.18 28.59 -0.98
CA PRO D 448 53.30 29.36 -0.43
C PRO D 448 53.30 30.77 -1.02
N GLY D 449 54.30 31.53 -0.65
CA GLY D 449 54.44 32.89 -1.14
C GLY D 449 55.85 33.41 -1.02
N HIS D 450 55.97 34.73 -0.97
CA HIS D 450 57.26 35.39 -0.93
C HIS D 450 57.27 36.43 0.19
N THR D 451 58.45 36.64 0.77
CA THR D 451 58.61 37.58 1.87
C THR D 451 58.77 38.99 1.31
N TYR D 452 57.98 39.93 1.83
CA TYR D 452 58.00 41.31 1.40
C TYR D 452 58.23 42.21 2.61
N GLN D 453 58.64 43.45 2.33
CA GLN D 453 58.85 44.47 3.35
C GLN D 453 57.85 45.59 3.16
N GLY D 454 58.00 46.63 3.97
CA GLY D 454 57.11 47.79 3.95
C GLY D 454 57.84 49.03 3.49
N ILE D 455 57.16 49.85 2.69
CA ILE D 455 57.70 51.10 2.18
C ILE D 455 56.60 52.14 2.24
N LYS D 456 56.99 53.39 2.49
CA LYS D 456 56.05 54.49 2.66
C LYS D 456 56.44 55.67 1.78
N VAL D 457 55.44 56.47 1.43
CA VAL D 457 55.68 57.67 0.64
C VAL D 457 56.60 58.60 1.42
N LYS D 458 57.58 59.18 0.72
CA LYS D 458 58.53 60.05 1.37
C LYS D 458 57.86 61.35 1.80
N THR D 459 58.23 61.83 2.99
CA THR D 459 57.69 63.09 3.48
C THR D 459 57.98 64.22 2.50
N ASP D 460 59.10 64.13 1.79
CA ASP D 460 59.36 65.05 0.69
C ASP D 460 58.41 64.76 -0.46
N ASP D 461 58.22 65.77 -1.32
CA ASP D 461 57.42 65.59 -2.51
C ASP D 461 58.07 64.64 -3.50
N THR D 462 59.34 64.28 -3.29
CA THR D 462 60.04 63.40 -4.22
C THR D 462 59.26 62.11 -4.42
N ASN D 463 59.16 61.69 -5.67
CA ASN D 463 58.47 60.44 -6.02
C ASN D 463 59.40 59.25 -5.82
N GLY D 464 59.89 59.13 -4.59
CA GLY D 464 60.77 58.03 -4.22
C GLY D 464 60.32 57.40 -2.92
N TRP D 465 60.68 56.14 -2.76
CA TRP D 465 60.22 55.34 -1.64
C TRP D 465 61.40 54.89 -0.80
N GLU D 466 61.19 54.81 0.51
CA GLU D 466 62.24 54.47 1.45
C GLU D 466 61.76 53.32 2.33
N LYS D 467 62.72 52.60 2.89
CA LYS D 467 62.41 51.55 3.83
C LYS D 467 61.67 52.14 5.03
N ASP D 468 60.70 51.38 5.54
CA ASP D 468 59.90 51.79 6.68
C ASP D 468 60.26 50.97 7.90
N ALA D 469 60.04 51.54 9.08
CA ALA D 469 60.34 50.90 10.34
C ALA D 469 59.11 50.49 11.13
N ASN D 470 57.93 50.98 10.76
CA ASN D 470 56.69 50.61 11.43
C ASN D 470 56.09 49.32 10.89
N VAL D 471 56.76 48.67 9.95
CA VAL D 471 56.31 47.40 9.38
C VAL D 471 57.43 46.39 9.53
N ALA D 472 57.06 45.14 9.78
CA ALA D 472 58.07 44.11 10.02
C ALA D 472 58.93 43.92 8.78
N PRO D 473 60.18 43.47 8.96
CA PRO D 473 61.04 43.27 7.79
C PRO D 473 60.52 42.24 6.82
N ALA D 474 59.84 41.20 7.31
CA ALA D 474 59.38 40.09 6.48
C ALA D 474 57.88 39.95 6.62
N ASN D 475 57.18 39.90 5.48
CA ASN D 475 55.74 39.69 5.44
C ASN D 475 55.42 38.71 4.33
N GLU D 476 54.60 37.72 4.65
CA GLU D 476 54.16 36.73 3.67
C GLU D 476 52.90 37.25 2.99
N ILE D 477 52.98 37.44 1.68
CA ILE D 477 51.87 37.93 0.88
C ILE D 477 51.93 37.20 -0.46
N THR D 478 50.98 36.32 -0.71
CA THR D 478 50.97 35.58 -1.96
C THR D 478 50.59 36.50 -3.11
N ILE D 479 50.92 36.04 -4.32
CA ILE D 479 50.72 36.82 -5.53
C ILE D 479 49.85 35.98 -6.46
N GLY D 480 48.75 36.56 -6.93
CA GLY D 480 47.83 35.83 -7.76
C GLY D 480 46.98 34.85 -6.97
N ASN D 481 46.33 33.97 -7.71
CA ASN D 481 45.44 33.00 -7.09
C ASN D 481 46.24 31.92 -6.36
N ASN D 482 45.53 30.99 -5.74
CA ASN D 482 46.15 30.01 -4.86
C ASN D 482 46.20 28.64 -5.54
N LEU D 483 47.21 27.85 -5.14
CA LEU D 483 47.36 26.50 -5.66
C LEU D 483 46.17 25.64 -5.26
N ALA D 484 45.79 24.72 -6.13
CA ALA D 484 44.62 23.88 -5.91
C ALA D 484 44.78 22.60 -6.73
N MET D 485 43.94 21.62 -6.41
CA MET D 485 43.82 20.42 -7.23
C MET D 485 42.38 19.95 -7.22
N GLU D 486 41.86 19.63 -8.40
CA GLU D 486 40.45 19.31 -8.57
C GLU D 486 40.25 17.81 -8.72
N ILE D 487 39.12 17.34 -8.21
CA ILE D 487 38.73 15.93 -8.27
C ILE D 487 37.26 15.85 -8.64
N ASN D 488 36.92 14.88 -9.49
CA ASN D 488 35.54 14.66 -9.88
C ASN D 488 34.92 13.69 -8.90
N ILE D 489 34.13 14.21 -7.96
CA ILE D 489 33.61 13.40 -6.87
C ILE D 489 32.54 12.44 -7.40
N GLN D 490 31.63 12.95 -8.23
CA GLN D 490 30.55 12.10 -8.74
C GLN D 490 31.10 10.98 -9.59
N ALA D 491 32.07 11.28 -10.45
CA ALA D 491 32.69 10.25 -11.27
C ALA D 491 33.32 9.18 -10.40
N ASN D 492 33.97 9.59 -9.31
CA ASN D 492 34.64 8.61 -8.45
C ASN D 492 33.62 7.73 -7.73
N LEU D 493 32.52 8.31 -7.25
CA LEU D 493 31.49 7.48 -6.63
C LEU D 493 30.91 6.48 -7.62
N TRP D 494 30.63 6.93 -8.84
CA TRP D 494 30.07 6.03 -9.84
C TRP D 494 31.03 4.90 -10.18
N ARG D 495 32.31 5.24 -10.39
CA ARG D 495 33.29 4.21 -10.70
C ARG D 495 33.46 3.24 -9.55
N SER D 496 33.46 3.74 -8.31
CA SER D 496 33.61 2.86 -7.16
C SER D 496 32.43 1.89 -7.08
N PHE D 497 31.22 2.39 -7.30
CA PHE D 497 30.06 1.50 -7.28
C PHE D 497 30.20 0.43 -8.36
N LEU D 498 30.50 0.84 -9.59
CA LEU D 498 30.61 -0.13 -10.67
C LEU D 498 31.68 -1.16 -10.38
N TYR D 499 32.85 -0.71 -9.92
CA TYR D 499 33.91 -1.64 -9.54
C TYR D 499 33.37 -2.64 -8.54
N SER D 500 33.00 -2.17 -7.36
CA SER D 500 32.72 -3.07 -6.24
C SER D 500 31.53 -3.98 -6.52
N ASN D 501 30.61 -3.60 -7.42
CA ASN D 501 29.42 -4.40 -7.62
C ASN D 501 29.38 -5.17 -8.92
N VAL D 502 30.30 -4.92 -9.85
CA VAL D 502 30.31 -5.66 -11.11
C VAL D 502 31.70 -6.23 -11.37
N ALA D 503 32.72 -5.39 -11.29
CA ALA D 503 34.03 -5.77 -11.82
C ALA D 503 34.62 -6.93 -11.04
N LEU D 504 34.55 -6.88 -9.71
CA LEU D 504 35.13 -7.93 -8.90
C LEU D 504 34.43 -9.27 -9.10
N TYR D 505 33.22 -9.28 -9.63
CA TYR D 505 32.45 -10.51 -9.79
C TYR D 505 32.51 -11.04 -11.22
N LEU D 506 33.38 -10.51 -12.06
CA LEU D 506 33.51 -10.99 -13.42
C LEU D 506 34.11 -12.40 -13.42
N PRO D 507 33.99 -13.11 -14.53
CA PRO D 507 34.63 -14.43 -14.62
C PRO D 507 36.14 -14.30 -14.49
N ASP D 508 36.77 -15.40 -14.09
CA ASP D 508 38.20 -15.36 -13.81
C ASP D 508 39.05 -15.15 -15.05
N VAL D 509 38.51 -15.41 -16.24
CA VAL D 509 39.29 -15.26 -17.45
C VAL D 509 39.69 -13.81 -17.67
N TYR D 510 38.95 -12.87 -17.09
CA TYR D 510 39.20 -11.45 -17.31
C TYR D 510 40.16 -10.84 -16.29
N LYS D 511 40.55 -11.58 -15.27
CA LYS D 511 41.43 -11.06 -14.23
C LYS D 511 42.86 -11.52 -14.50
N TYR D 512 43.76 -11.20 -13.57
CA TYR D 512 45.15 -11.63 -13.69
C TYR D 512 45.79 -11.64 -12.32
N THR D 513 46.91 -12.36 -12.22
CA THR D 513 47.62 -12.51 -10.96
C THR D 513 48.75 -11.48 -10.90
N PRO D 514 48.77 -10.59 -9.91
CA PRO D 514 49.80 -9.55 -9.90
C PRO D 514 51.19 -10.15 -9.86
N PRO D 515 52.16 -9.50 -10.49
CA PRO D 515 53.54 -10.00 -10.40
C PRO D 515 54.05 -9.93 -8.97
N ASN D 516 55.02 -10.79 -8.68
CA ASN D 516 55.75 -10.82 -7.42
C ASN D 516 54.91 -11.34 -6.26
N ILE D 517 53.71 -11.83 -6.53
CA ILE D 517 52.84 -12.40 -5.51
C ILE D 517 52.52 -13.83 -5.91
N THR D 518 52.49 -14.71 -4.92
CA THR D 518 52.17 -16.12 -5.13
C THR D 518 50.81 -16.43 -4.50
N LEU D 519 49.89 -16.94 -5.30
CA LEU D 519 48.56 -17.29 -4.84
C LEU D 519 48.37 -18.79 -4.92
N PRO D 520 47.51 -19.37 -4.07
CA PRO D 520 47.36 -20.83 -4.06
C PRO D 520 47.08 -21.40 -5.44
N THR D 521 47.33 -22.70 -5.62
CA THR D 521 47.02 -23.37 -6.87
C THR D 521 45.56 -23.78 -6.97
N ASN D 522 44.82 -23.74 -5.86
CA ASN D 522 43.40 -24.06 -5.88
C ASN D 522 42.62 -22.85 -6.34
N THR D 523 41.72 -23.05 -7.31
CA THR D 523 40.98 -21.95 -7.91
C THR D 523 39.67 -21.68 -7.19
N ASN D 524 39.35 -22.43 -6.13
CA ASN D 524 38.11 -22.26 -5.39
C ASN D 524 38.34 -21.84 -3.95
N THR D 525 39.56 -21.50 -3.59
CA THR D 525 39.88 -21.08 -2.23
C THR D 525 39.78 -19.56 -2.12
N TYR D 526 39.57 -19.09 -0.88
CA TYR D 526 39.37 -17.67 -0.67
C TYR D 526 40.60 -16.87 -1.07
N GLU D 527 41.79 -17.38 -0.73
CA GLU D 527 43.02 -16.65 -1.05
C GLU D 527 43.12 -16.41 -2.54
N TYR D 528 42.78 -17.39 -3.36
CA TYR D 528 42.87 -17.22 -4.80
C TYR D 528 41.79 -16.26 -5.30
N MET D 529 40.55 -16.43 -4.87
CA MET D 529 39.49 -15.55 -5.31
C MET D 529 39.73 -14.11 -4.89
N ASN D 530 40.57 -13.89 -3.88
CA ASN D 530 40.85 -12.54 -3.41
C ASN D 530 42.08 -11.95 -4.09
N GLY D 531 43.16 -12.73 -4.21
CA GLY D 531 44.40 -12.18 -4.70
C GLY D 531 44.31 -11.61 -6.10
N ARG D 532 43.58 -12.29 -6.98
CA ARG D 532 43.49 -11.84 -8.36
C ARG D 532 42.92 -10.42 -8.42
N VAL D 533 43.50 -9.59 -9.27
CA VAL D 533 43.13 -8.19 -9.38
C VAL D 533 42.60 -7.95 -10.79
N VAL D 534 41.46 -7.27 -10.88
CA VAL D 534 40.78 -7.04 -12.15
C VAL D 534 40.99 -5.59 -12.54
N SER D 535 41.34 -5.37 -13.80
CA SER D 535 41.64 -4.02 -14.26
C SER D 535 40.40 -3.15 -14.08
N PRO D 536 40.54 -1.91 -13.59
CA PRO D 536 39.36 -1.07 -13.34
C PRO D 536 38.73 -0.53 -14.61
N SER D 537 39.36 -0.69 -15.77
CA SER D 537 38.84 -0.13 -17.01
C SER D 537 37.91 -1.05 -17.76
N LEU D 538 37.77 -2.31 -17.34
CA LEU D 538 36.89 -3.22 -18.05
C LEU D 538 35.44 -2.74 -18.02
N VAL D 539 34.99 -2.26 -16.86
CA VAL D 539 33.66 -1.69 -16.71
C VAL D 539 33.86 -0.27 -16.18
N ASP D 540 33.89 0.69 -17.10
CA ASP D 540 34.16 2.08 -16.77
C ASP D 540 32.84 2.87 -16.72
N SER D 541 32.96 4.18 -16.54
CA SER D 541 31.78 5.02 -16.40
C SER D 541 30.96 5.10 -17.68
N TYR D 542 31.54 4.77 -18.82
CA TYR D 542 30.89 4.96 -20.11
C TYR D 542 30.23 3.70 -20.64
N ILE D 543 30.17 2.63 -19.84
CA ILE D 543 29.71 1.35 -20.35
C ILE D 543 28.27 1.48 -20.83
N ASN D 544 28.07 1.27 -22.12
CA ASN D 544 26.74 1.34 -22.73
C ASN D 544 25.99 2.58 -22.25
N ILE D 545 26.56 3.74 -22.57
CA ILE D 545 26.01 4.99 -22.08
C ILE D 545 24.62 5.20 -22.65
N GLY D 546 23.64 5.39 -21.76
CA GLY D 546 22.31 5.79 -22.18
C GLY D 546 21.34 4.68 -22.47
N ALA D 547 21.58 3.46 -21.98
CA ALA D 547 20.68 2.35 -22.27
C ALA D 547 20.68 1.33 -21.13
N ARG D 548 19.64 0.51 -21.11
CA ARG D 548 19.57 -0.65 -20.23
C ARG D 548 20.17 -1.84 -20.95
N TRP D 549 21.25 -2.39 -20.40
CA TRP D 549 21.91 -3.52 -21.03
C TRP D 549 22.80 -4.21 -20.02
N SER D 550 22.49 -5.46 -19.69
CA SER D 550 23.37 -6.24 -18.83
C SER D 550 24.64 -6.59 -19.59
N LEU D 551 25.76 -6.60 -18.87
CA LEU D 551 27.05 -6.84 -19.51
C LEU D 551 27.08 -8.22 -20.13
N ASP D 552 27.72 -8.34 -21.28
CA ASP D 552 27.79 -9.62 -21.96
C ASP D 552 28.49 -10.68 -21.12
N PRO D 553 29.63 -10.41 -20.49
CA PRO D 553 30.25 -11.45 -19.65
C PRO D 553 29.36 -11.91 -18.51
N MET D 554 28.55 -11.01 -17.96
CA MET D 554 27.85 -11.27 -16.72
C MET D 554 26.66 -12.22 -16.87
N ASP D 555 26.10 -12.36 -18.08
CA ASP D 555 24.88 -13.13 -18.23
C ASP D 555 25.06 -14.56 -17.74
N ASN D 556 26.25 -15.13 -17.94
CA ASN D 556 26.52 -16.51 -17.57
C ASN D 556 27.18 -16.64 -16.20
N VAL D 557 26.89 -15.72 -15.29
CA VAL D 557 27.42 -15.73 -13.94
C VAL D 557 26.25 -15.70 -12.97
N ASN D 558 26.28 -16.59 -11.99
CA ASN D 558 25.19 -16.72 -11.02
C ASN D 558 24.96 -15.40 -10.31
N PRO D 559 23.87 -14.70 -10.61
CA PRO D 559 23.62 -13.42 -9.93
C PRO D 559 23.38 -13.56 -8.44
N PHE D 560 23.00 -14.74 -7.97
CA PHE D 560 22.66 -14.95 -6.58
C PHE D 560 23.88 -15.11 -5.69
N ASN D 561 25.06 -15.35 -6.26
CA ASN D 561 26.30 -15.41 -5.49
C ASN D 561 26.92 -14.01 -5.38
N HIS D 562 26.15 -13.09 -4.83
CA HIS D 562 26.54 -11.69 -4.69
C HIS D 562 26.41 -11.27 -3.24
N HIS D 563 27.21 -10.28 -2.87
CA HIS D 563 27.17 -9.77 -1.49
C HIS D 563 26.04 -8.78 -1.27
N ARG D 564 25.28 -8.43 -2.29
CA ARG D 564 24.04 -7.69 -2.13
C ARG D 564 22.84 -8.62 -2.08
N ASN D 565 23.07 -9.91 -1.95
CA ASN D 565 21.99 -10.88 -1.76
C ASN D 565 21.31 -10.63 -0.42
N ALA D 566 20.09 -10.10 -0.47
CA ALA D 566 19.42 -9.69 0.76
C ALA D 566 19.19 -10.87 1.70
N GLY D 567 18.73 -12.00 1.16
CA GLY D 567 18.42 -13.12 2.01
C GLY D 567 19.65 -13.72 2.68
N LEU D 568 20.73 -13.88 1.92
CA LEU D 568 21.94 -14.42 2.50
C LEU D 568 22.47 -13.53 3.61
N ARG D 569 22.46 -12.22 3.38
CA ARG D 569 22.92 -11.29 4.41
C ARG D 569 22.01 -11.34 5.63
N TYR D 570 20.70 -11.45 5.42
CA TYR D 570 19.79 -11.59 6.53
C TYR D 570 20.16 -12.81 7.37
N ARG D 571 20.38 -13.94 6.72
CA ARG D 571 20.71 -15.15 7.47
C ARG D 571 22.04 -15.00 8.20
N SER D 572 23.04 -14.45 7.53
CA SER D 572 24.35 -14.32 8.16
C SER D 572 24.29 -13.41 9.38
N MET D 573 23.53 -12.32 9.29
CA MET D 573 23.29 -11.50 10.46
C MET D 573 22.57 -12.29 11.53
N LEU D 574 21.57 -13.08 11.14
CA LEU D 574 20.79 -13.83 12.11
C LEU D 574 21.69 -14.72 12.94
N LEU D 575 22.71 -15.32 12.33
CA LEU D 575 23.63 -16.15 13.11
C LEU D 575 24.55 -15.31 14.01
N GLY D 576 24.78 -14.05 13.68
CA GLY D 576 25.66 -13.20 14.45
C GLY D 576 26.70 -12.53 13.58
N ASN D 577 27.71 -11.96 14.23
CA ASN D 577 28.74 -11.19 13.55
C ASN D 577 30.14 -11.70 13.86
N GLY D 578 30.26 -12.96 14.29
CA GLY D 578 31.54 -13.53 14.65
C GLY D 578 31.77 -14.85 13.93
N ARG D 579 33.01 -15.33 14.03
CA ARG D 579 33.38 -16.56 13.36
C ARG D 579 32.85 -17.79 14.08
N TYR D 580 32.76 -17.74 15.41
CA TYR D 580 32.29 -18.86 16.23
C TYR D 580 30.95 -18.47 16.82
N VAL D 581 29.91 -19.24 16.51
CA VAL D 581 28.57 -18.93 17.00
C VAL D 581 27.82 -20.23 17.29
N PRO D 582 27.11 -20.32 18.42
CA PRO D 582 26.22 -21.46 18.64
C PRO D 582 24.83 -21.20 18.07
N PHE D 583 24.23 -22.27 17.56
CA PHE D 583 22.96 -22.18 16.86
C PHE D 583 21.92 -23.08 17.50
N HIS D 584 20.72 -22.53 17.66
CA HIS D 584 19.54 -23.27 18.09
C HIS D 584 18.54 -23.11 16.96
N ILE D 585 18.09 -24.22 16.37
CA ILE D 585 17.25 -24.18 15.17
C ILE D 585 16.20 -25.26 15.24
N GLN D 586 15.18 -25.10 14.40
CA GLN D 586 14.10 -26.06 14.24
C GLN D 586 13.84 -26.24 12.76
N VAL D 587 13.74 -27.48 12.31
CA VAL D 587 13.66 -27.77 10.87
C VAL D 587 12.47 -28.67 10.58
N PRO D 588 11.76 -28.47 9.46
CA PRO D 588 10.61 -29.31 9.15
C PRO D 588 10.97 -30.49 8.27
N GLN D 589 10.32 -31.61 8.54
CA GLN D 589 10.52 -32.81 7.74
C GLN D 589 9.77 -32.67 6.43
N LYS D 590 10.44 -33.00 5.33
CA LYS D 590 9.94 -32.71 3.99
C LYS D 590 9.40 -33.92 3.25
N PHE D 591 10.08 -35.06 3.32
CA PHE D 591 9.62 -36.23 2.58
C PHE D 591 8.14 -36.48 2.82
N PHE D 592 7.71 -36.43 4.07
CA PHE D 592 6.31 -36.59 4.42
C PHE D 592 5.52 -35.30 4.23
N ALA D 593 6.19 -34.19 3.96
CA ALA D 593 5.49 -32.96 3.60
C ALA D 593 4.94 -33.02 2.18
N VAL D 594 5.61 -33.76 1.30
CA VAL D 594 5.09 -33.98 -0.04
C VAL D 594 4.41 -35.33 -0.19
N LYS D 595 4.71 -36.30 0.68
CA LYS D 595 4.01 -37.58 0.64
C LYS D 595 2.83 -37.66 1.60
N ASN D 596 2.89 -36.99 2.75
CA ASN D 596 1.74 -36.89 3.64
C ASN D 596 1.29 -38.28 4.10
N LEU D 597 2.13 -38.90 4.94
CA LEU D 597 1.88 -40.23 5.46
C LEU D 597 1.22 -40.17 6.83
N LEU D 598 0.43 -41.21 7.15
CA LEU D 598 -0.20 -41.39 8.45
C LEU D 598 0.03 -42.83 8.91
N LEU D 599 0.20 -43.02 10.21
CA LEU D 599 0.56 -44.32 10.76
C LEU D 599 -0.51 -44.79 11.74
N LEU D 600 -0.99 -46.02 11.53
CA LEU D 600 -1.86 -46.71 12.47
C LEU D 600 -0.98 -47.52 13.42
N PRO D 601 -1.54 -48.30 14.35
CA PRO D 601 -0.70 -49.02 15.33
C PRO D 601 0.42 -49.82 14.69
N GLY D 602 1.39 -50.26 15.50
CA GLY D 602 2.50 -51.04 14.99
C GLY D 602 3.84 -50.84 15.68
N SER D 603 4.02 -49.76 16.42
CA SER D 603 5.26 -49.51 17.16
C SER D 603 6.46 -49.47 16.21
N TYR D 604 6.47 -48.43 15.38
CA TYR D 604 7.43 -48.29 14.31
C TYR D 604 8.76 -47.72 14.81
N THR D 605 9.78 -47.89 13.97
CA THR D 605 11.10 -47.29 14.18
C THR D 605 11.37 -46.28 13.08
N TYR D 606 11.91 -45.13 13.45
CA TYR D 606 12.10 -44.01 12.54
C TYR D 606 13.52 -43.47 12.73
N GLU D 607 14.39 -43.71 11.76
CA GLU D 607 15.77 -43.25 11.82
C GLU D 607 16.07 -42.38 10.60
N TRP D 608 16.81 -41.30 10.84
CA TRP D 608 17.15 -40.33 9.81
C TRP D 608 18.59 -39.89 10.00
N ASN D 609 19.23 -39.52 8.89
CA ASN D 609 20.61 -39.08 8.91
C ASN D 609 20.70 -37.59 8.59
N PHE D 610 21.75 -36.96 9.09
CA PHE D 610 21.99 -35.54 8.87
C PHE D 610 23.37 -35.34 8.25
N ARG D 611 23.61 -34.13 7.75
CA ARG D 611 24.83 -33.81 7.04
C ARG D 611 25.77 -33.00 7.93
N LYS D 612 27.07 -33.29 7.81
CA LYS D 612 28.11 -32.47 8.40
C LYS D 612 29.03 -31.87 7.35
N ASP D 613 28.76 -32.11 6.07
CA ASP D 613 29.51 -31.45 5.00
C ASP D 613 29.15 -29.98 4.98
N VAL D 614 30.15 -29.12 5.16
CA VAL D 614 29.88 -27.70 5.32
C VAL D 614 29.34 -27.10 4.02
N ASN D 615 29.82 -27.58 2.87
CA ASN D 615 29.41 -26.97 1.61
C ASN D 615 27.90 -27.02 1.43
N MET D 616 27.28 -28.17 1.70
CA MET D 616 25.86 -28.32 1.45
C MET D 616 25.00 -27.73 2.55
N VAL D 617 25.53 -27.61 3.77
CA VAL D 617 24.74 -27.10 4.88
C VAL D 617 24.79 -25.58 4.96
N LEU D 618 25.92 -24.97 4.60
CA LEU D 618 26.11 -23.53 4.69
C LEU D 618 26.02 -22.91 3.29
N GLN D 619 26.25 -21.60 3.24
CA GLN D 619 26.27 -20.85 1.99
C GLN D 619 27.32 -19.76 2.09
N SER D 620 27.77 -19.27 0.95
CA SER D 620 28.77 -18.22 0.90
C SER D 620 28.46 -17.29 -0.26
N SER D 621 28.70 -16.00 -0.06
CA SER D 621 28.47 -15.04 -1.13
C SER D 621 29.38 -15.31 -2.32
N LEU D 622 30.67 -15.51 -2.06
CA LEU D 622 31.62 -15.75 -3.14
C LEU D 622 31.46 -17.16 -3.71
N GLY D 623 31.20 -18.14 -2.86
CA GLY D 623 31.10 -19.51 -3.29
C GLY D 623 32.38 -20.31 -3.15
N ASN D 624 33.33 -19.84 -2.32
CA ASN D 624 34.66 -20.50 -2.19
C ASN D 624 34.50 -21.78 -1.36
N ASP D 625 35.08 -22.90 -1.81
CA ASP D 625 35.03 -24.20 -1.08
C ASP D 625 35.20 -23.94 0.42
N LEU D 626 34.14 -24.06 1.21
CA LEU D 626 34.18 -23.81 2.67
C LEU D 626 34.83 -25.01 3.36
N ARG D 627 34.88 -26.18 2.72
CA ARG D 627 35.45 -27.39 3.32
C ARG D 627 36.94 -27.22 3.56
N THR D 628 37.68 -26.77 2.54
CA THR D 628 39.11 -26.58 2.69
C THR D 628 39.46 -25.27 3.36
N ASP D 629 38.55 -24.31 3.40
CA ASP D 629 38.85 -23.03 4.02
C ASP D 629 38.99 -23.17 5.53
N GLY D 630 38.23 -24.07 6.14
CA GLY D 630 38.34 -24.30 7.57
C GLY D 630 37.05 -24.14 8.33
N ALA D 631 35.92 -24.30 7.65
CA ALA D 631 34.62 -24.23 8.28
C ALA D 631 34.20 -25.62 8.76
N THR D 632 33.57 -25.67 9.92
CA THR D 632 33.13 -26.94 10.50
C THR D 632 31.79 -26.75 11.17
N ILE D 633 31.08 -27.87 11.32
CA ILE D 633 29.79 -27.90 11.99
C ILE D 633 29.85 -29.01 13.04
N SER D 634 29.01 -28.88 14.06
CA SER D 634 29.01 -29.86 15.15
C SER D 634 27.69 -29.77 15.89
N PHE D 635 27.07 -30.93 16.11
CA PHE D 635 25.79 -31.00 16.80
C PHE D 635 25.99 -31.46 18.24
N THR D 636 25.02 -31.12 19.08
CA THR D 636 25.05 -31.48 20.49
C THR D 636 23.86 -32.31 20.92
N SER D 637 22.67 -32.01 20.41
CA SER D 637 21.48 -32.79 20.74
C SER D 637 20.35 -32.49 19.78
N ILE D 638 19.79 -33.51 19.15
CA ILE D 638 18.62 -33.37 18.29
C ILE D 638 17.49 -34.21 18.85
N ASN D 639 16.33 -33.58 19.03
CA ASN D 639 15.14 -34.24 19.53
C ASN D 639 13.99 -34.00 18.57
N LEU D 640 13.08 -34.97 18.50
CA LEU D 640 11.97 -34.94 17.57
C LEU D 640 10.69 -34.53 18.28
N TYR D 641 9.94 -33.63 17.67
CA TYR D 641 8.65 -33.20 18.17
C TYR D 641 7.56 -33.66 17.22
N ALA D 642 6.56 -34.36 17.74
CA ALA D 642 5.50 -34.94 16.94
C ALA D 642 4.16 -34.63 17.57
N THR D 643 3.12 -34.57 16.74
CA THR D 643 1.77 -34.23 17.17
C THR D 643 0.81 -35.29 16.67
N PHE D 644 0.29 -36.10 17.58
CA PHE D 644 -0.73 -37.08 17.26
C PHE D 644 -2.10 -36.41 17.27
N PHE D 645 -3.11 -37.12 16.80
CA PHE D 645 -4.47 -36.60 16.82
C PHE D 645 -5.44 -37.73 17.10
N PRO D 646 -6.57 -37.44 17.76
CA PRO D 646 -7.56 -38.48 18.00
C PRO D 646 -8.27 -38.91 16.73
N MET D 647 -8.73 -40.15 16.73
CA MET D 647 -9.58 -40.70 15.68
C MET D 647 -10.13 -42.03 16.16
N ALA D 648 -11.44 -42.18 16.13
CA ALA D 648 -12.08 -43.34 16.72
C ALA D 648 -11.66 -44.60 15.97
N HIS D 649 -11.47 -45.69 16.72
CA HIS D 649 -11.15 -46.97 16.11
C HIS D 649 -12.21 -47.36 15.09
N ASN D 650 -13.46 -46.99 15.35
CA ASN D 650 -14.51 -47.27 14.38
C ASN D 650 -14.23 -46.59 13.05
N THR D 651 -13.80 -45.33 13.09
CA THR D 651 -13.47 -44.62 11.85
C THR D 651 -12.30 -45.30 11.15
N ALA D 652 -11.28 -45.71 11.89
CA ALA D 652 -10.13 -46.37 11.28
C ALA D 652 -10.54 -47.67 10.61
N SER D 653 -11.37 -48.46 11.29
CA SER D 653 -11.86 -49.70 10.70
C SER D 653 -12.68 -49.42 9.44
N THR D 654 -13.54 -48.39 9.51
CA THR D 654 -14.30 -48.00 8.33
C THR D 654 -13.38 -47.73 7.16
N LEU D 655 -12.38 -46.87 7.36
CA LEU D 655 -11.44 -46.56 6.28
C LEU D 655 -10.76 -47.83 5.78
N GLU D 656 -10.23 -48.65 6.70
CA GLU D 656 -9.47 -49.82 6.29
C GLU D 656 -10.32 -50.75 5.43
N ALA D 657 -11.57 -50.99 5.83
CA ALA D 657 -12.45 -51.85 5.05
C ALA D 657 -13.06 -51.13 3.86
N MET D 658 -12.84 -49.82 3.73
CA MET D 658 -13.56 -49.05 2.72
C MET D 658 -12.76 -48.92 1.44
N LEU D 659 -11.43 -48.77 1.53
CA LEU D 659 -10.57 -48.61 0.37
C LEU D 659 -9.92 -49.91 -0.08
N ARG D 660 -10.33 -51.04 0.48
CA ARG D 660 -9.73 -52.33 0.13
C ARG D 660 -9.84 -52.57 -1.37
N ALA D 674 7.24 -37.52 -9.80
CA ALA D 674 8.02 -36.97 -10.91
C ALA D 674 9.41 -37.60 -10.95
N ALA D 675 9.87 -37.93 -12.15
CA ALA D 675 11.18 -38.51 -12.36
C ALA D 675 12.17 -37.43 -12.78
N ASN D 676 13.40 -37.53 -12.28
CA ASN D 676 14.45 -36.56 -12.55
C ASN D 676 15.56 -37.22 -13.34
N MET D 677 16.02 -36.54 -14.39
CA MET D 677 17.08 -37.06 -15.25
C MET D 677 18.04 -35.93 -15.57
N LEU D 678 19.34 -36.20 -15.44
CA LEU D 678 20.39 -35.24 -15.75
C LEU D 678 21.23 -35.78 -16.91
N TYR D 679 21.43 -34.93 -17.91
CA TYR D 679 22.13 -35.30 -19.13
C TYR D 679 23.42 -34.48 -19.28
N PRO D 680 24.48 -35.07 -19.81
CA PRO D 680 25.73 -34.31 -19.98
C PRO D 680 25.63 -33.32 -21.12
N ILE D 681 26.57 -32.37 -21.10
CA ILE D 681 26.75 -31.41 -22.18
C ILE D 681 28.22 -31.02 -22.21
N PRO D 682 29.04 -31.63 -23.05
CA PRO D 682 30.46 -31.25 -23.11
C PRO D 682 30.65 -29.75 -23.31
N ALA D 683 31.87 -29.27 -23.08
CA ALA D 683 32.14 -27.84 -23.21
C ALA D 683 32.05 -27.41 -24.66
N ASN D 684 31.48 -26.23 -24.88
CA ASN D 684 31.38 -25.65 -26.22
C ASN D 684 30.54 -26.52 -27.14
N ALA D 685 29.58 -27.23 -26.57
CA ALA D 685 28.64 -28.02 -27.35
C ALA D 685 27.50 -27.13 -27.84
N THR D 686 26.89 -27.53 -28.96
CA THR D 686 25.75 -26.83 -29.51
C THR D 686 24.55 -27.75 -29.73
N ASN D 687 24.78 -28.98 -30.13
CA ASN D 687 23.72 -29.97 -30.27
C ASN D 687 23.74 -30.89 -29.05
N ILE D 688 22.58 -31.45 -28.73
CA ILE D 688 22.48 -32.44 -27.67
C ILE D 688 21.37 -33.42 -28.02
N PRO D 689 21.67 -34.55 -28.62
CA PRO D 689 20.64 -35.56 -28.85
C PRO D 689 20.48 -36.50 -27.67
N ILE D 690 19.28 -36.53 -27.08
CA ILE D 690 18.98 -37.32 -25.91
C ILE D 690 17.93 -38.36 -26.26
N SER D 691 17.88 -39.42 -25.45
CA SER D 691 16.89 -40.47 -25.59
C SER D 691 16.31 -40.78 -24.21
N ILE D 692 15.02 -40.55 -24.04
CA ILE D 692 14.37 -40.82 -22.76
C ILE D 692 14.23 -42.33 -22.59
N PRO D 693 14.53 -42.89 -21.41
CA PRO D 693 14.25 -44.31 -21.18
C PRO D 693 12.76 -44.58 -21.28
N SER D 694 12.43 -45.76 -21.79
CA SER D 694 11.03 -46.13 -22.02
C SER D 694 10.37 -46.45 -20.68
N ARG D 695 9.43 -45.61 -20.27
CA ARG D 695 8.63 -45.83 -19.07
C ARG D 695 7.15 -45.84 -19.48
N ASN D 696 6.28 -45.91 -18.48
CA ASN D 696 4.84 -45.87 -18.75
C ASN D 696 4.49 -44.58 -19.47
N TRP D 697 4.02 -44.70 -20.71
CA TRP D 697 3.70 -43.53 -21.51
C TRP D 697 2.67 -42.64 -20.81
N ALA D 698 1.82 -43.22 -19.97
CA ALA D 698 0.85 -42.44 -19.23
C ALA D 698 1.57 -41.52 -18.25
N ALA D 699 0.80 -40.62 -17.65
CA ALA D 699 1.27 -39.65 -16.66
C ALA D 699 2.26 -38.64 -17.24
N PHE D 700 2.36 -38.55 -18.57
CA PHE D 700 3.25 -37.58 -19.19
C PHE D 700 2.58 -36.21 -19.20
N ARG D 701 2.18 -35.71 -18.03
CA ARG D 701 1.48 -34.44 -17.94
C ARG D 701 2.48 -33.28 -18.02
N GLY D 702 3.16 -33.22 -19.16
CA GLY D 702 4.13 -32.16 -19.41
C GLY D 702 5.44 -32.36 -18.66
N TRP D 703 6.53 -31.85 -19.21
CA TRP D 703 7.82 -31.92 -18.56
C TRP D 703 8.48 -30.54 -18.62
N SER D 704 9.38 -30.30 -17.69
CA SER D 704 10.16 -29.07 -17.63
C SER D 704 11.62 -29.36 -17.93
N PHE D 705 12.40 -28.30 -18.08
CA PHE D 705 13.81 -28.46 -18.35
C PHE D 705 14.53 -27.13 -18.21
N THR D 706 15.76 -27.17 -17.70
CA THR D 706 16.62 -26.01 -17.61
C THR D 706 18.07 -26.48 -17.65
N ARG D 707 18.98 -25.51 -17.78
CA ARG D 707 20.40 -25.80 -17.89
C ARG D 707 21.11 -25.40 -16.60
N LEU D 708 21.99 -26.27 -16.12
CA LEU D 708 22.78 -26.04 -14.92
C LEU D 708 24.27 -26.12 -15.25
N LYS D 709 25.10 -26.10 -14.21
CA LYS D 709 26.53 -26.26 -14.34
C LYS D 709 26.98 -27.49 -13.57
N THR D 710 27.99 -28.17 -14.10
CA THR D 710 28.49 -29.37 -13.43
C THR D 710 29.12 -29.01 -12.10
N LYS D 711 29.79 -27.85 -12.03
CA LYS D 711 30.43 -27.41 -10.81
C LYS D 711 29.44 -27.02 -9.72
N GLU D 712 28.17 -26.85 -10.06
CA GLU D 712 27.16 -26.41 -9.11
C GLU D 712 26.23 -27.53 -8.66
N THR D 713 25.83 -28.41 -9.56
CA THR D 713 24.97 -29.51 -9.17
C THR D 713 25.79 -30.54 -8.39
N PRO D 714 25.39 -30.89 -7.17
CA PRO D 714 26.14 -31.91 -6.43
C PRO D 714 25.72 -33.31 -6.84
N SER D 715 26.67 -34.24 -6.78
CA SER D 715 26.41 -35.62 -7.14
C SER D 715 25.62 -36.29 -6.02
N LEU D 716 24.39 -35.82 -5.85
CA LEU D 716 23.50 -36.41 -4.85
C LEU D 716 23.33 -37.89 -5.12
N GLY D 717 23.40 -38.69 -4.07
CA GLY D 717 23.26 -40.13 -4.21
C GLY D 717 24.41 -40.90 -3.57
N SER D 718 25.14 -40.24 -2.68
CA SER D 718 26.17 -40.90 -1.89
C SER D 718 26.15 -40.30 -0.49
N GLY D 719 27.17 -40.62 0.29
CA GLY D 719 27.29 -40.07 1.62
C GLY D 719 28.01 -38.73 1.60
N PHE D 720 28.95 -38.58 0.69
CA PHE D 720 29.77 -37.37 0.64
C PHE D 720 30.48 -37.31 -0.70
N ASP D 721 30.26 -36.23 -1.45
CA ASP D 721 30.88 -36.07 -2.76
C ASP D 721 32.19 -35.33 -2.58
N PRO D 722 33.35 -35.99 -2.74
CA PRO D 722 34.61 -35.26 -2.59
C PRO D 722 34.84 -34.21 -3.67
N TYR D 723 34.15 -34.30 -4.79
CA TYR D 723 34.37 -33.38 -5.91
C TYR D 723 33.50 -32.13 -5.84
N PHE D 724 32.67 -31.99 -4.81
CA PHE D 724 31.85 -30.80 -4.61
C PHE D 724 32.70 -29.76 -3.90
N VAL D 725 33.29 -28.82 -4.66
CA VAL D 725 34.24 -27.82 -4.08
C VAL D 725 33.65 -26.42 -4.31
N TYR D 726 32.37 -26.26 -4.02
CA TYR D 726 31.65 -24.98 -4.22
C TYR D 726 30.50 -24.93 -3.20
N SER D 727 30.22 -23.76 -2.59
CA SER D 727 29.19 -23.62 -1.53
C SER D 727 28.24 -22.44 -1.79
N GLY D 728 28.09 -22.00 -3.04
CA GLY D 728 27.23 -20.85 -3.39
C GLY D 728 25.75 -21.21 -3.46
N SER D 729 25.05 -20.90 -4.55
CA SER D 729 23.65 -21.24 -4.78
C SER D 729 23.55 -22.50 -5.62
N ILE D 730 22.78 -23.47 -5.15
CA ILE D 730 22.60 -24.74 -5.84
C ILE D 730 21.24 -24.73 -6.53
N PRO D 731 21.15 -24.27 -7.78
CA PRO D 731 19.83 -24.17 -8.41
C PRO D 731 19.11 -25.51 -8.50
N TYR D 732 19.85 -26.61 -8.49
CA TYR D 732 19.25 -27.93 -8.49
C TYR D 732 18.43 -28.19 -7.24
N LEU D 733 18.64 -27.42 -6.18
CA LEU D 733 17.98 -27.68 -4.90
C LEU D 733 17.15 -26.51 -4.38
N ASP D 734 17.43 -25.28 -4.77
CA ASP D 734 16.65 -24.14 -4.29
C ASP D 734 15.95 -23.39 -5.42
N GLY D 735 15.99 -23.91 -6.64
CA GLY D 735 15.21 -23.34 -7.71
C GLY D 735 15.68 -22.00 -8.22
N THR D 736 16.93 -21.65 -8.00
CA THR D 736 17.49 -20.38 -8.47
C THR D 736 18.20 -20.56 -9.81
N PHE D 737 17.46 -21.06 -10.79
CA PHE D 737 18.02 -21.26 -12.12
C PHE D 737 18.23 -19.92 -12.81
N TYR D 738 19.34 -19.81 -13.56
CA TYR D 738 19.64 -18.57 -14.26
C TYR D 738 20.11 -18.75 -15.70
N LEU D 739 20.50 -19.95 -16.13
CA LEU D 739 20.94 -20.17 -17.51
C LEU D 739 19.80 -20.66 -18.39
N ASN D 740 18.68 -19.94 -18.39
CA ASN D 740 17.55 -20.28 -19.23
C ASN D 740 17.59 -19.57 -20.57
N HIS D 741 18.39 -18.53 -20.70
CA HIS D 741 18.49 -17.76 -21.94
C HIS D 741 19.46 -18.37 -22.93
N THR D 742 20.08 -19.51 -22.60
CA THR D 742 21.05 -20.15 -23.46
C THR D 742 20.44 -21.29 -24.26
N PHE D 743 19.18 -21.16 -24.65
CA PHE D 743 18.46 -22.19 -25.37
C PHE D 743 18.05 -21.68 -26.73
N LYS D 744 18.16 -22.53 -27.74
CA LYS D 744 17.94 -22.13 -29.12
C LYS D 744 16.79 -22.86 -29.80
N LYS D 745 16.70 -24.17 -29.64
CA LYS D 745 15.69 -24.95 -30.35
C LYS D 745 15.62 -26.33 -29.73
N VAL D 746 14.42 -26.85 -29.54
CA VAL D 746 14.18 -28.18 -29.01
C VAL D 746 13.25 -28.92 -29.94
N SER D 747 13.68 -30.07 -30.45
CA SER D 747 12.93 -30.84 -31.41
C SER D 747 12.64 -32.23 -30.86
N ILE D 748 11.38 -32.64 -30.94
CA ILE D 748 10.96 -33.97 -30.57
C ILE D 748 10.92 -34.82 -31.85
N MET D 749 11.17 -36.11 -31.70
CA MET D 749 11.10 -37.00 -32.85
C MET D 749 9.65 -37.12 -33.33
N PHE D 750 9.46 -37.84 -34.43
CA PHE D 750 8.16 -37.86 -35.10
C PHE D 750 7.09 -38.60 -34.31
N ASP D 751 7.45 -39.30 -33.24
CA ASP D 751 6.44 -40.03 -32.46
C ASP D 751 5.36 -39.09 -31.96
N SER D 752 4.11 -39.50 -32.12
CA SER D 752 2.98 -38.64 -31.82
C SER D 752 2.88 -38.36 -30.34
N SER D 753 2.34 -37.18 -30.00
CA SER D 753 2.15 -36.77 -28.62
C SER D 753 0.83 -36.03 -28.49
N VAL D 754 0.23 -36.14 -27.31
CA VAL D 754 -1.02 -35.43 -27.04
C VAL D 754 -0.74 -33.96 -26.84
N SER D 755 -1.61 -33.11 -27.38
CA SER D 755 -1.44 -31.66 -27.32
C SER D 755 -2.25 -31.12 -26.15
N TRP D 756 -1.54 -30.53 -25.18
CA TRP D 756 -2.14 -29.98 -23.96
C TRP D 756 -3.37 -30.76 -23.52
N SER D 764 0.47 -30.23 -30.59
CA SER D 764 1.56 -31.15 -30.29
C SER D 764 2.66 -31.05 -31.34
N PRO D 765 3.25 -29.87 -31.48
CA PRO D 765 4.28 -29.68 -32.52
C PRO D 765 5.53 -30.49 -32.20
N ASN D 766 6.46 -30.48 -33.15
CA ASN D 766 7.70 -31.24 -33.04
C ASN D 766 8.90 -30.37 -32.69
N GLU D 767 9.06 -29.21 -33.31
CA GLU D 767 10.17 -28.31 -33.02
C GLU D 767 9.63 -26.98 -32.55
N PHE D 768 10.22 -26.44 -31.49
CA PHE D 768 9.91 -25.11 -30.99
C PHE D 768 11.13 -24.24 -31.13
N GLU D 769 10.95 -23.03 -31.63
CA GLU D 769 12.06 -22.09 -31.77
C GLU D 769 12.12 -21.22 -30.52
N ILE D 770 13.27 -21.21 -29.86
CA ILE D 770 13.42 -20.43 -28.64
C ILE D 770 13.79 -18.99 -28.95
N LYS D 771 14.83 -18.79 -29.75
CA LYS D 771 15.26 -17.47 -30.16
C LYS D 771 15.92 -17.57 -31.51
N ARG D 772 15.51 -16.73 -32.45
CA ARG D 772 16.07 -16.73 -33.78
C ARG D 772 17.08 -15.60 -33.95
N THR D 787 11.12 -15.54 -30.35
CA THR D 787 9.99 -15.90 -31.20
C THR D 787 8.68 -15.84 -30.42
N LYS D 788 7.66 -15.24 -31.01
CA LYS D 788 6.37 -15.09 -30.32
C LYS D 788 5.78 -16.45 -29.98
N ASP D 789 6.11 -17.48 -30.76
CA ASP D 789 5.53 -18.80 -30.50
C ASP D 789 5.91 -19.29 -29.11
N TRP D 790 7.17 -19.16 -28.74
CA TRP D 790 7.59 -19.63 -27.42
C TRP D 790 6.95 -18.80 -26.31
N PHE D 791 6.82 -17.49 -26.53
CA PHE D 791 6.12 -16.66 -25.55
C PHE D 791 4.72 -17.19 -25.31
N LEU D 792 4.01 -17.49 -26.39
CA LEU D 792 2.65 -18.02 -26.24
C LEU D 792 2.64 -19.36 -25.54
N VAL D 793 3.57 -20.26 -25.90
CA VAL D 793 3.58 -21.57 -25.27
C VAL D 793 3.81 -21.46 -23.78
N GLN D 794 4.79 -20.64 -23.37
CA GLN D 794 5.07 -20.50 -21.95
C GLN D 794 3.90 -19.85 -21.21
N MET D 795 3.28 -18.84 -21.81
CA MET D 795 2.11 -18.24 -21.18
C MET D 795 1.00 -19.27 -21.01
N LEU D 796 0.75 -20.08 -22.03
CA LEU D 796 -0.30 -21.09 -21.93
C LEU D 796 0.04 -22.11 -20.85
N ALA D 797 1.32 -22.46 -20.73
CA ALA D 797 1.73 -23.36 -19.65
C ALA D 797 1.35 -22.80 -18.29
N ASN D 798 1.25 -21.48 -18.17
CA ASN D 798 0.82 -20.85 -16.93
C ASN D 798 -0.70 -20.78 -16.87
N ARG D 815 3.27 -15.86 -9.31
CA ARG D 815 4.10 -16.28 -8.19
C ARG D 815 5.56 -15.90 -8.41
N MET D 816 6.42 -16.30 -7.48
CA MET D 816 7.83 -15.96 -7.58
C MET D 816 8.53 -16.80 -8.64
N TYR D 817 8.21 -18.09 -8.72
CA TYR D 817 8.90 -19.02 -9.61
C TYR D 817 8.18 -19.16 -10.96
N SER D 818 7.49 -18.11 -11.41
CA SER D 818 6.64 -18.19 -12.58
C SER D 818 7.07 -17.18 -13.63
N PHE D 819 6.74 -17.50 -14.89
CA PHE D 819 7.02 -16.59 -15.98
C PHE D 819 6.31 -15.27 -15.77
N PHE D 820 6.72 -14.27 -16.55
CA PHE D 820 6.12 -12.95 -16.53
C PHE D 820 6.45 -12.18 -15.26
N ARG D 821 7.14 -12.82 -14.32
CA ARG D 821 7.73 -12.13 -13.19
C ARG D 821 9.25 -12.07 -13.28
N ASN D 822 9.86 -12.90 -14.13
CA ASN D 822 11.31 -12.93 -14.29
C ASN D 822 11.74 -12.74 -15.73
N PHE D 823 10.82 -12.46 -16.64
CA PHE D 823 11.15 -12.23 -18.04
C PHE D 823 11.42 -10.75 -18.25
N GLN D 824 12.53 -10.44 -18.92
CA GLN D 824 12.94 -9.06 -19.11
C GLN D 824 13.67 -8.88 -20.43
N PRO D 825 13.03 -8.25 -21.42
CA PRO D 825 13.74 -7.95 -22.68
C PRO D 825 14.51 -6.65 -22.60
N MET D 826 15.49 -6.52 -23.49
CA MET D 826 16.34 -5.34 -23.53
C MET D 826 16.71 -5.06 -24.97
N SER D 827 16.99 -3.78 -25.26
CA SER D 827 17.33 -3.35 -26.60
C SER D 827 18.35 -2.22 -26.52
N ARG D 828 19.34 -2.28 -27.41
CA ARG D 828 20.43 -1.32 -27.41
C ARG D 828 20.83 -1.02 -28.84
N GLN D 829 21.33 0.20 -29.05
CA GLN D 829 21.91 0.60 -30.32
C GLN D 829 23.43 0.50 -30.22
N VAL D 830 24.06 -0.07 -31.23
CA VAL D 830 25.51 -0.27 -31.24
C VAL D 830 26.04 0.14 -32.61
N VAL D 831 27.36 0.34 -32.67
CA VAL D 831 28.01 0.75 -33.90
C VAL D 831 27.81 -0.33 -34.96
N ASP D 832 27.45 0.08 -36.16
CA ASP D 832 27.35 -0.86 -37.26
C ASP D 832 28.74 -1.33 -37.68
N GLU D 833 28.85 -2.61 -38.00
CA GLU D 833 30.14 -3.21 -38.30
C GLU D 833 30.52 -3.08 -39.77
N VAL D 834 29.59 -3.38 -40.67
CA VAL D 834 29.92 -3.54 -42.08
C VAL D 834 29.64 -2.30 -42.92
N ASN D 835 28.80 -1.39 -42.45
CA ASN D 835 28.48 -0.20 -43.24
C ASN D 835 29.40 0.97 -42.95
N TYR D 836 29.72 1.21 -41.68
CA TYR D 836 30.64 2.27 -41.33
C TYR D 836 32.01 1.97 -41.93
N THR D 837 32.41 2.76 -42.93
CA THR D 837 33.60 2.41 -43.71
C THR D 837 34.88 2.58 -42.91
N ASP D 838 34.90 3.50 -41.95
CA ASP D 838 36.12 3.87 -41.24
C ASP D 838 36.14 3.23 -39.86
N TYR D 839 35.68 1.99 -39.76
CA TYR D 839 35.62 1.25 -38.51
C TYR D 839 36.87 0.39 -38.35
N LYS D 840 37.41 0.38 -37.13
CA LYS D 840 38.58 -0.44 -36.81
C LYS D 840 38.43 -0.93 -35.39
N ALA D 841 38.26 -2.24 -35.21
CA ALA D 841 37.96 -2.83 -33.91
C ALA D 841 39.24 -2.94 -33.11
N VAL D 842 39.44 -2.01 -32.18
CA VAL D 842 40.62 -2.03 -31.32
C VAL D 842 40.41 -3.06 -30.22
N THR D 843 41.42 -3.91 -30.01
CA THR D 843 41.34 -4.90 -28.96
C THR D 843 41.45 -4.23 -27.60
N LEU D 844 40.94 -4.91 -26.58
CA LEU D 844 40.89 -4.35 -25.24
C LEU D 844 42.24 -3.82 -24.76
N PRO D 845 43.36 -4.53 -24.95
CA PRO D 845 44.63 -4.02 -24.45
C PRO D 845 45.05 -2.69 -25.04
N TYR D 846 44.55 -2.33 -26.22
CA TYR D 846 44.98 -1.13 -26.92
C TYR D 846 43.94 -0.02 -26.89
N GLN D 847 42.90 -0.17 -26.08
CA GLN D 847 41.92 0.89 -25.88
C GLN D 847 42.35 1.75 -24.70
N HIS D 848 42.45 3.06 -24.91
CA HIS D 848 42.86 3.98 -23.86
C HIS D 848 41.80 5.06 -23.70
N ASN D 849 41.21 5.11 -22.51
CA ASN D 849 40.30 6.16 -22.10
C ASN D 849 40.69 6.59 -20.70
N ASN D 850 40.54 7.88 -20.41
CA ASN D 850 40.99 8.45 -19.15
C ASN D 850 42.48 8.20 -18.94
N SER D 851 43.25 8.14 -20.02
CA SER D 851 44.67 7.85 -19.92
C SER D 851 45.35 8.89 -19.05
N GLY D 852 46.26 8.42 -18.19
CA GLY D 852 47.00 9.29 -17.31
C GLY D 852 46.36 9.56 -15.97
N PHE D 853 45.07 9.29 -15.83
CA PHE D 853 44.33 9.57 -14.62
C PHE D 853 43.73 8.30 -14.02
N VAL D 854 44.36 7.16 -14.26
CA VAL D 854 43.90 5.89 -13.71
C VAL D 854 45.01 4.86 -13.85
N GLY D 855 45.03 3.87 -12.99
CA GLY D 855 45.97 2.77 -13.16
C GLY D 855 45.73 2.06 -14.47
N TYR D 856 46.82 1.76 -15.17
CA TYR D 856 46.77 1.14 -16.49
C TYR D 856 46.70 -0.37 -16.34
N LEU D 857 45.58 -0.95 -16.75
CA LEU D 857 45.37 -2.41 -16.69
C LEU D 857 45.68 -2.95 -15.29
N ALA D 858 45.49 -2.11 -14.27
CA ALA D 858 45.79 -2.51 -12.90
C ALA D 858 45.26 -1.46 -11.94
N PRO D 859 44.74 -1.84 -10.77
CA PRO D 859 44.37 -0.83 -9.78
C PRO D 859 45.61 -0.18 -9.17
N THR D 860 46.42 0.43 -10.02
CA THR D 860 47.68 1.06 -9.63
C THR D 860 47.53 2.57 -9.69
N MET D 861 48.54 3.26 -9.15
CA MET D 861 48.47 4.71 -9.03
C MET D 861 48.47 5.35 -10.41
N ARG D 862 48.39 6.68 -10.41
CA ARG D 862 48.31 7.44 -11.65
C ARG D 862 49.48 7.09 -12.56
N GLN D 863 49.18 6.93 -13.85
CA GLN D 863 50.21 6.64 -14.82
C GLN D 863 49.69 6.92 -16.22
N GLY D 864 50.60 7.38 -17.09
CA GLY D 864 50.30 7.70 -18.46
C GLY D 864 50.36 9.20 -18.71
N GLU D 865 49.85 9.59 -19.87
CA GLU D 865 49.76 10.99 -20.24
C GLU D 865 48.37 11.29 -20.77
N PRO D 866 47.84 12.49 -20.50
CA PRO D 866 46.54 12.85 -21.07
C PRO D 866 46.57 12.82 -22.59
N TYR D 867 45.47 12.37 -23.17
CA TYR D 867 45.37 12.24 -24.62
C TYR D 867 43.93 11.92 -24.98
N PRO D 868 43.44 12.33 -26.14
CA PRO D 868 42.07 12.00 -26.50
C PRO D 868 41.85 10.50 -26.52
N ALA D 869 40.67 10.07 -26.10
CA ALA D 869 40.35 8.65 -26.03
C ALA D 869 39.95 8.14 -27.40
N ASN D 870 39.95 6.81 -27.53
CA ASN D 870 39.52 6.15 -28.76
C ASN D 870 38.30 5.28 -28.58
N TYR D 871 38.05 4.78 -27.39
CA TYR D 871 36.85 4.03 -27.09
C TYR D 871 35.97 4.81 -26.13
N PRO D 872 34.65 4.85 -26.32
CA PRO D 872 33.84 4.22 -27.37
C PRO D 872 33.60 5.11 -28.58
N TYR D 873 32.84 4.63 -29.54
CA TYR D 873 32.49 5.40 -30.71
C TYR D 873 31.24 6.23 -30.43
N PRO D 874 31.24 7.53 -30.74
CA PRO D 874 30.06 8.35 -30.42
C PRO D 874 28.85 7.95 -31.24
N LEU D 875 27.84 7.37 -30.59
CA LEU D 875 26.61 7.02 -31.28
C LEU D 875 25.69 8.22 -31.46
N ILE D 876 25.98 9.34 -30.81
CA ILE D 876 25.17 10.55 -30.89
C ILE D 876 26.08 11.70 -31.31
N GLY D 877 25.49 12.89 -31.42
CA GLY D 877 26.24 14.09 -31.70
C GLY D 877 26.29 14.45 -33.16
N THR D 878 27.03 15.52 -33.45
CA THR D 878 27.18 16.02 -34.81
C THR D 878 28.06 15.13 -35.66
N THR D 879 28.76 14.16 -35.07
CA THR D 879 29.59 13.22 -35.80
C THR D 879 29.21 11.80 -35.44
N ALA D 880 27.91 11.53 -35.40
CA ALA D 880 27.43 10.20 -35.04
C ALA D 880 27.82 9.19 -36.11
N VAL D 881 27.92 7.93 -35.69
CA VAL D 881 28.23 6.85 -36.59
C VAL D 881 26.95 6.06 -36.88
N LYS D 882 26.99 5.24 -37.92
CA LYS D 882 25.84 4.43 -38.25
C LYS D 882 25.61 3.38 -37.16
N SER D 883 24.37 2.95 -37.01
CA SER D 883 23.99 2.14 -35.86
C SER D 883 23.11 0.98 -36.30
N VAL D 884 23.15 -0.09 -35.48
CA VAL D 884 22.30 -1.26 -35.64
C VAL D 884 21.70 -1.57 -34.27
N THR D 885 20.63 -2.36 -34.28
CA THR D 885 19.87 -2.64 -33.07
C THR D 885 20.12 -4.08 -32.63
N GLN D 886 20.35 -4.24 -31.33
CA GLN D 886 20.57 -5.54 -30.71
C GLN D 886 19.45 -5.81 -29.71
N LYS D 887 19.15 -7.09 -29.49
CA LYS D 887 18.05 -7.48 -28.62
C LYS D 887 18.42 -8.75 -27.87
N LYS D 888 18.13 -8.77 -26.56
CA LYS D 888 18.35 -9.96 -25.76
C LYS D 888 17.40 -9.93 -24.57
N PHE D 889 17.24 -11.09 -23.94
CA PHE D 889 16.33 -11.23 -22.82
C PHE D 889 16.96 -12.09 -21.74
N LEU D 890 16.51 -11.88 -20.51
CA LEU D 890 16.96 -12.64 -19.35
C LEU D 890 15.75 -13.18 -18.61
N CYS D 891 15.73 -14.49 -18.40
CA CYS D 891 14.71 -15.14 -17.57
C CYS D 891 15.41 -16.04 -16.58
N ASP D 892 15.07 -15.90 -15.31
CA ASP D 892 15.81 -16.56 -14.24
C ASP D 892 14.85 -17.03 -13.16
N ARG D 893 15.28 -17.76 -12.16
CA ARG D 893 14.41 -18.37 -11.19
C ARG D 893 13.17 -18.82 -11.92
N THR D 894 13.28 -19.57 -13.02
CA THR D 894 12.10 -20.13 -13.66
C THR D 894 12.50 -21.41 -14.36
N MET D 895 11.58 -21.96 -15.13
CA MET D 895 11.83 -23.18 -15.89
C MET D 895 10.99 -23.16 -17.15
N TRP D 896 11.44 -23.94 -18.13
CA TRP D 896 10.65 -24.16 -19.33
C TRP D 896 9.64 -25.27 -19.08
N ARG D 897 8.45 -25.21 -19.71
CA ARG D 897 7.37 -26.19 -19.51
C ARG D 897 6.76 -26.52 -20.88
N ILE D 898 7.07 -27.69 -21.47
CA ILE D 898 6.47 -28.12 -22.78
C ILE D 898 5.09 -28.70 -22.48
N PRO D 899 3.96 -28.19 -23.04
CA PRO D 899 2.62 -28.70 -22.71
C PRO D 899 2.35 -30.09 -23.31
N PHE D 900 1.37 -30.82 -22.78
CA PHE D 900 1.01 -32.18 -23.27
C PHE D 900 -0.43 -32.51 -22.84
N ALA D 925 10.33 -45.25 -26.59
CA ALA D 925 11.57 -44.46 -26.57
C ALA D 925 11.37 -43.14 -27.28
N LEU D 926 11.48 -42.04 -26.53
CA LEU D 926 11.30 -40.70 -27.07
C LEU D 926 12.67 -40.06 -27.24
N ASP D 927 12.90 -39.50 -28.43
CA ASP D 927 14.19 -38.90 -28.75
C ASP D 927 13.99 -37.40 -28.95
N MET D 928 15.00 -36.64 -28.56
CA MET D 928 14.98 -35.19 -28.68
C MET D 928 16.32 -34.72 -29.20
N THR D 929 16.36 -33.45 -29.60
CA THR D 929 17.60 -32.77 -29.90
C THR D 929 17.50 -31.36 -29.35
N PHE D 930 18.49 -30.94 -28.59
CA PHE D 930 18.51 -29.64 -27.96
C PHE D 930 19.59 -28.77 -28.60
N GLU D 931 19.31 -27.47 -28.70
CA GLU D 931 20.27 -26.48 -29.13
C GLU D 931 20.57 -25.53 -27.98
N VAL D 932 21.83 -25.14 -27.84
CA VAL D 932 22.26 -24.31 -26.72
C VAL D 932 23.38 -23.40 -27.19
N ASP D 933 23.39 -22.18 -26.68
CA ASP D 933 24.48 -21.27 -26.96
C ASP D 933 25.75 -21.80 -26.31
N PRO D 934 26.86 -21.87 -27.02
CA PRO D 934 28.05 -22.54 -26.47
C PRO D 934 28.53 -21.87 -25.19
N MET D 935 29.05 -22.69 -24.28
CA MET D 935 29.58 -22.22 -23.01
C MET D 935 30.94 -22.86 -22.78
N ASP D 936 31.74 -22.24 -21.92
CA ASP D 936 33.13 -22.61 -21.73
C ASP D 936 33.36 -23.59 -20.59
N GLU D 937 32.31 -24.11 -19.96
CA GLU D 937 32.43 -25.09 -18.90
C GLU D 937 31.35 -26.15 -19.07
N PRO D 938 31.59 -27.36 -18.57
CA PRO D 938 30.57 -28.40 -18.71
C PRO D 938 29.27 -28.00 -18.05
N THR D 939 28.16 -28.38 -18.68
CA THR D 939 26.83 -28.09 -18.19
C THR D 939 25.99 -29.36 -18.23
N LEU D 940 24.83 -29.30 -17.58
CA LEU D 940 23.92 -30.43 -17.51
C LEU D 940 22.53 -29.99 -17.94
N LEU D 941 21.83 -30.86 -18.66
CA LEU D 941 20.46 -30.61 -19.10
C LEU D 941 19.52 -31.30 -18.11
N TYR D 942 18.83 -30.51 -17.30
CA TYR D 942 17.95 -31.05 -16.27
C TYR D 942 16.55 -31.24 -16.86
N LEU D 943 15.96 -32.40 -16.61
CA LEU D 943 14.64 -32.74 -17.12
C LEU D 943 13.75 -33.19 -15.97
N LEU D 944 12.55 -32.61 -15.91
CA LEU D 944 11.58 -32.88 -14.86
C LEU D 944 10.34 -33.46 -15.50
N PHE D 945 10.31 -34.79 -15.64
CA PHE D 945 9.16 -35.48 -16.24
C PHE D 945 8.12 -35.69 -15.15
N GLU D 946 7.14 -34.79 -15.10
CA GLU D 946 6.08 -34.89 -14.10
C GLU D 946 5.22 -36.11 -14.37
N VAL D 947 4.98 -36.89 -13.32
CA VAL D 947 4.13 -38.08 -13.43
C VAL D 947 3.33 -38.26 -12.15
N PRO E 81 -17.11 -24.14 -60.92
CA PRO E 81 -18.24 -23.20 -60.87
C PRO E 81 -18.04 -22.04 -59.88
N THR E 82 -16.78 -21.67 -59.57
CA THR E 82 -16.46 -20.61 -58.56
C THR E 82 -15.89 -19.32 -59.19
N VAL E 83 -16.14 -18.14 -58.60
CA VAL E 83 -15.59 -16.82 -59.01
C VAL E 83 -15.01 -16.11 -57.77
N ALA E 84 -15.83 -15.48 -56.90
CA ALA E 84 -15.35 -14.78 -55.72
C ALA E 84 -16.49 -14.49 -54.75
N PRO E 85 -16.34 -14.82 -53.46
CA PRO E 85 -17.37 -14.46 -52.47
C PRO E 85 -17.12 -13.07 -51.89
N THR E 86 -17.97 -12.67 -50.95
CA THR E 86 -17.86 -11.38 -50.27
C THR E 86 -17.90 -11.59 -48.77
N HIS E 87 -17.23 -10.68 -48.04
CA HIS E 87 -17.18 -10.80 -46.58
C HIS E 87 -18.57 -10.65 -45.96
N ASP E 88 -19.44 -9.85 -46.56
CA ASP E 88 -20.78 -9.70 -46.04
C ASP E 88 -21.53 -11.03 -46.11
N VAL E 89 -21.37 -11.77 -47.21
CA VAL E 89 -22.05 -13.06 -47.35
C VAL E 89 -21.60 -14.02 -46.26
N THR E 90 -20.29 -14.07 -46.00
CA THR E 90 -19.74 -14.97 -44.99
C THR E 90 -19.94 -14.35 -43.61
N THR E 91 -19.26 -14.92 -42.61
CA THR E 91 -19.37 -14.44 -41.24
C THR E 91 -20.73 -14.79 -40.66
N ASP E 92 -21.07 -14.22 -39.51
CA ASP E 92 -22.29 -14.53 -38.81
C ASP E 92 -23.06 -13.25 -38.52
N ARG E 93 -24.37 -13.41 -38.33
CA ARG E 93 -25.23 -12.29 -37.98
C ARG E 93 -25.10 -11.87 -36.52
N SER E 94 -24.30 -12.60 -35.72
CA SER E 94 -24.06 -12.26 -34.33
C SER E 94 -22.58 -12.43 -34.00
N GLN E 95 -21.70 -11.96 -34.88
CA GLN E 95 -20.26 -12.09 -34.72
C GLN E 95 -19.59 -10.75 -34.97
N ARG E 96 -18.75 -10.32 -34.03
CA ARG E 96 -17.90 -9.16 -34.23
C ARG E 96 -16.56 -9.60 -34.84
N LEU E 97 -15.89 -8.66 -35.50
CA LEU E 97 -14.67 -9.02 -36.21
C LEU E 97 -13.89 -7.76 -36.57
N MET E 98 -12.59 -7.93 -36.77
CA MET E 98 -11.71 -6.85 -37.18
C MET E 98 -11.34 -7.00 -38.66
N LEU E 99 -11.18 -5.86 -39.33
CA LEU E 99 -10.73 -5.83 -40.72
C LEU E 99 -9.55 -4.87 -40.84
N ARG E 100 -8.45 -5.35 -41.38
CA ARG E 100 -7.38 -4.48 -41.84
C ARG E 100 -7.87 -3.70 -43.05
N PHE E 101 -7.17 -2.61 -43.37
CA PHE E 101 -7.63 -1.73 -44.44
C PHE E 101 -6.40 -1.04 -45.03
N VAL E 102 -5.93 -1.53 -46.16
CA VAL E 102 -4.82 -0.87 -46.87
C VAL E 102 -5.40 0.30 -47.66
N PRO E 103 -4.82 1.49 -47.56
CA PRO E 103 -5.44 2.67 -48.17
C PRO E 103 -5.43 2.61 -49.68
N VAL E 104 -6.33 3.39 -50.27
CA VAL E 104 -6.49 3.40 -51.72
C VAL E 104 -5.46 4.33 -52.36
N ASP E 105 -5.29 5.53 -51.82
CA ASP E 105 -4.36 6.51 -52.36
C ASP E 105 -3.60 7.17 -51.22
N ARG E 106 -2.29 7.34 -51.43
CA ARG E 106 -1.41 7.95 -50.43
C ARG E 106 -0.49 8.94 -51.12
N GLU E 107 -0.44 10.16 -50.60
CA GLU E 107 0.44 11.20 -51.11
C GLU E 107 1.29 11.75 -49.98
N ASP E 108 2.60 11.72 -50.15
CA ASP E 108 3.55 12.16 -49.14
C ASP E 108 4.08 13.54 -49.54
N ASN E 109 3.36 14.58 -49.13
CA ASN E 109 3.72 15.94 -49.46
C ASN E 109 4.86 16.40 -48.55
N THR E 110 5.21 17.68 -48.62
CA THR E 110 6.34 18.19 -47.86
C THR E 110 6.11 18.11 -46.36
N TYR E 111 4.93 18.53 -45.89
CA TYR E 111 4.63 18.58 -44.48
C TYR E 111 3.48 17.67 -44.06
N SER E 112 2.87 16.94 -44.99
CA SER E 112 1.72 16.12 -44.67
C SER E 112 1.88 14.75 -45.31
N TYR E 113 1.16 13.77 -44.77
CA TYR E 113 1.11 12.42 -45.31
C TYR E 113 -0.36 12.03 -45.44
N LYS E 114 -0.96 12.36 -46.57
CA LYS E 114 -2.38 12.10 -46.76
C LYS E 114 -2.63 10.63 -47.05
N VAL E 115 -3.72 10.11 -46.49
CA VAL E 115 -4.13 8.73 -46.71
C VAL E 115 -5.63 8.70 -46.88
N ARG E 116 -6.11 7.93 -47.87
CA ARG E 116 -7.52 7.84 -48.19
C ARG E 116 -7.94 6.38 -48.22
N TYR E 117 -9.12 6.11 -47.68
CA TYR E 117 -9.64 4.75 -47.57
C TYR E 117 -11.00 4.66 -48.25
N THR E 118 -11.64 3.50 -48.12
CA THR E 118 -12.98 3.29 -48.62
C THR E 118 -13.66 2.26 -47.73
N LEU E 119 -14.78 2.63 -47.12
CA LEU E 119 -15.48 1.79 -46.17
C LEU E 119 -16.60 1.02 -46.85
N ALA E 120 -17.10 0.00 -46.14
CA ALA E 120 -18.09 -0.91 -46.68
C ALA E 120 -19.43 -0.74 -45.96
N VAL E 121 -20.51 -0.92 -46.71
CA VAL E 121 -21.85 -0.74 -46.16
C VAL E 121 -22.03 -1.64 -44.95
N GLY E 122 -22.62 -1.08 -43.89
CA GLY E 122 -22.97 -1.87 -42.72
C GLY E 122 -24.34 -2.51 -42.85
N ASP E 123 -24.44 -3.55 -43.68
CA ASP E 123 -25.71 -4.28 -43.84
C ASP E 123 -25.82 -5.31 -42.73
N ASN E 124 -26.89 -5.20 -41.93
CA ASN E 124 -27.06 -6.01 -40.72
C ASN E 124 -25.98 -5.73 -39.69
N ARG E 125 -25.24 -4.64 -39.86
CA ARG E 125 -24.14 -4.28 -38.97
C ARG E 125 -23.97 -2.76 -38.98
N VAL E 126 -23.37 -2.25 -37.92
CA VAL E 126 -23.09 -0.82 -37.79
C VAL E 126 -21.65 -0.68 -37.31
N LEU E 127 -20.99 0.39 -37.78
CA LEU E 127 -19.54 0.54 -37.65
C LEU E 127 -19.20 1.39 -36.44
N ASP E 128 -18.64 0.77 -35.41
CA ASP E 128 -18.14 1.45 -34.22
C ASP E 128 -16.88 2.19 -34.63
N MET E 129 -16.99 3.49 -34.88
CA MET E 129 -15.86 4.24 -35.39
C MET E 129 -14.81 4.50 -34.31
N ALA E 130 -15.23 4.82 -33.09
CA ALA E 130 -14.27 5.18 -32.06
C ALA E 130 -13.41 3.98 -31.68
N SER E 131 -13.82 2.77 -32.06
CA SER E 131 -12.98 1.60 -31.84
C SER E 131 -11.81 1.53 -32.82
N THR E 132 -11.82 2.34 -33.86
CA THR E 132 -10.76 2.26 -34.87
C THR E 132 -9.45 2.78 -34.33
N PHE E 133 -8.36 2.16 -34.78
CA PHE E 133 -7.02 2.57 -34.40
C PHE E 133 -6.07 2.30 -35.57
N PHE E 134 -5.14 3.23 -35.79
CA PHE E 134 -4.21 3.11 -36.91
C PHE E 134 -3.04 2.21 -36.55
N ASP E 135 -2.10 2.09 -37.48
CA ASP E 135 -0.92 1.25 -37.30
C ASP E 135 0.19 1.82 -38.16
N ILE E 136 1.16 2.49 -37.54
CA ILE E 136 2.21 3.21 -38.26
C ILE E 136 3.53 2.49 -38.08
N ARG E 137 4.38 2.61 -39.10
CA ARG E 137 5.74 2.07 -39.03
C ARG E 137 6.64 2.98 -39.86
N GLY E 138 7.71 3.49 -39.27
CA GLY E 138 8.59 4.42 -39.97
C GLY E 138 9.99 4.49 -39.41
N VAL E 139 10.71 5.56 -39.77
CA VAL E 139 12.09 5.77 -39.34
C VAL E 139 12.20 7.17 -38.75
N LEU E 140 12.98 7.29 -37.68
CA LEU E 140 13.06 8.53 -36.91
C LEU E 140 14.51 8.94 -36.74
N ASP E 141 14.80 10.21 -36.97
CA ASP E 141 16.12 10.79 -36.74
C ASP E 141 15.95 11.92 -35.73
N ARG E 142 16.58 11.77 -34.57
CA ARG E 142 16.32 12.66 -33.45
C ARG E 142 17.22 13.88 -33.44
N GLY E 143 18.05 14.07 -34.46
CA GLY E 143 18.81 15.29 -34.61
C GLY E 143 20.12 15.26 -33.85
N PRO E 144 21.02 16.21 -34.16
CA PRO E 144 22.30 16.26 -33.46
C PRO E 144 22.19 16.67 -32.00
N SER E 145 21.02 17.13 -31.55
CA SER E 145 20.83 17.62 -30.19
C SER E 145 20.22 16.56 -29.31
N PHE E 146 20.58 15.30 -29.51
CA PHE E 146 20.09 14.18 -28.73
C PHE E 146 21.21 13.72 -27.82
N LYS E 147 21.10 14.04 -26.53
CA LYS E 147 22.07 13.61 -25.53
C LYS E 147 21.32 12.96 -24.37
N PRO E 148 21.13 11.64 -24.41
CA PRO E 148 20.42 10.94 -23.34
C PRO E 148 21.31 10.55 -22.16
N TYR E 149 22.12 11.49 -21.69
CA TYR E 149 22.90 11.27 -20.48
C TYR E 149 23.52 12.60 -20.06
N SER E 150 23.80 12.70 -18.77
CA SER E 150 24.43 13.87 -18.19
C SER E 150 25.92 13.65 -18.07
N GLY E 151 26.69 14.71 -18.27
CA GLY E 151 28.13 14.63 -18.17
C GLY E 151 28.73 13.96 -19.38
N THR E 152 30.04 14.12 -19.52
CA THR E 152 30.74 13.63 -20.70
C THR E 152 30.83 12.12 -20.68
N ALA E 153 31.48 11.59 -21.70
CA ALA E 153 31.75 10.16 -21.81
C ALA E 153 33.22 9.87 -22.08
N TYR E 154 34.03 10.89 -22.31
CA TYR E 154 35.44 10.72 -22.65
C TYR E 154 36.28 11.51 -21.67
N ASN E 155 37.26 10.85 -21.07
CA ASN E 155 38.18 11.48 -20.13
C ASN E 155 37.40 12.19 -19.02
N SER E 156 36.44 11.48 -18.44
CA SER E 156 35.60 12.08 -17.40
C SER E 156 36.41 12.45 -16.16
N LEU E 157 37.51 11.75 -15.91
CA LEU E 157 38.32 12.03 -14.72
C LEU E 157 39.23 13.22 -14.89
N ALA E 158 39.50 13.64 -16.13
CA ALA E 158 40.51 14.66 -16.34
C ALA E 158 40.10 15.96 -15.68
N PRO E 159 41.04 16.71 -15.11
CA PRO E 159 40.70 18.05 -14.61
C PRO E 159 40.19 18.91 -15.74
N LYS E 160 39.23 19.77 -15.42
CA LYS E 160 38.50 20.49 -16.47
C LYS E 160 39.31 21.60 -17.11
N GLY E 161 40.54 21.82 -16.69
CA GLY E 161 41.40 22.79 -17.34
C GLY E 161 42.66 22.17 -17.91
N ALA E 162 42.85 20.88 -17.68
CA ALA E 162 44.07 20.22 -18.11
C ALA E 162 44.11 20.14 -19.63
N PRO E 163 45.19 20.59 -20.27
CA PRO E 163 45.29 20.46 -21.73
C PRO E 163 46.03 19.20 -22.15
N ASN E 164 45.72 18.74 -23.35
CA ASN E 164 46.51 17.68 -23.94
C ASN E 164 47.95 18.17 -24.16
N THR E 165 48.83 17.22 -24.46
CA THR E 165 50.22 17.56 -24.74
C THR E 165 50.30 18.05 -26.18
N SER E 166 50.32 19.36 -26.35
CA SER E 166 50.21 19.99 -27.66
C SER E 166 51.37 20.95 -27.88
N GLN E 167 51.37 21.59 -29.05
CA GLN E 167 52.43 22.52 -29.44
C GLN E 167 51.81 23.72 -30.13
N TRP E 168 52.58 24.81 -30.18
CA TRP E 168 52.12 26.02 -30.85
C TRP E 168 53.32 26.78 -31.40
N ILE E 169 53.05 27.64 -32.37
CA ILE E 169 54.08 28.37 -33.12
C ILE E 169 53.92 29.85 -32.85
N VAL E 170 55.00 30.50 -32.45
CA VAL E 170 55.02 31.92 -32.13
C VAL E 170 55.63 32.67 -33.31
N THR E 171 54.91 33.69 -33.79
CA THR E 171 55.35 34.40 -34.99
C THR E 171 56.63 35.20 -34.74
N THR E 172 56.73 35.88 -33.61
CA THR E 172 57.88 36.73 -33.30
C THR E 172 58.13 37.73 -34.43
N ASN E 173 57.12 38.56 -34.68
CA ASN E 173 57.20 39.51 -35.77
C ASN E 173 58.29 40.55 -35.53
N GLY E 174 58.88 41.02 -36.63
CA GLY E 174 59.94 42.01 -36.55
C GLY E 174 60.62 42.16 -37.89
N ASP E 175 61.72 42.91 -37.88
CA ASP E 175 62.49 43.09 -39.11
C ASP E 175 63.03 41.75 -39.59
N ASN E 176 63.50 40.90 -38.67
CA ASN E 176 63.91 39.54 -38.97
C ASN E 176 62.96 38.62 -38.20
N ALA E 177 61.82 38.31 -38.82
CA ALA E 177 60.82 37.49 -38.16
C ALA E 177 61.32 36.06 -38.00
N VAL E 178 60.99 35.45 -36.86
CA VAL E 178 61.34 34.08 -36.55
C VAL E 178 60.04 33.33 -36.31
N THR E 179 59.50 32.71 -37.36
CA THR E 179 58.24 32.00 -37.29
C THR E 179 58.43 30.51 -37.06
N THR E 180 59.50 30.13 -36.37
CA THR E 180 59.82 28.73 -36.09
C THR E 180 60.07 28.54 -34.61
N THR E 181 59.15 29.05 -33.78
CA THR E 181 59.30 28.93 -32.35
C THR E 181 58.99 27.51 -31.89
N THR E 182 57.77 27.04 -32.13
CA THR E 182 57.39 25.64 -32.00
C THR E 182 57.67 25.11 -30.58
N ASN E 183 56.93 25.66 -29.64
CA ASN E 183 57.02 25.24 -28.25
C ASN E 183 56.20 23.97 -28.02
N THR E 184 56.45 23.33 -26.88
CA THR E 184 55.71 22.14 -26.49
C THR E 184 55.43 22.18 -24.99
N PHE E 185 54.36 21.48 -24.59
CA PHE E 185 54.00 21.39 -23.18
C PHE E 185 53.31 20.05 -22.97
N GLY E 186 53.88 19.17 -22.15
CA GLY E 186 53.27 17.88 -21.92
C GLY E 186 53.99 16.94 -20.98
N ILE E 187 53.98 15.65 -21.34
CA ILE E 187 54.43 14.58 -20.48
C ILE E 187 55.35 13.66 -21.28
N ALA E 188 56.20 12.93 -20.56
CA ALA E 188 56.96 11.81 -21.12
C ALA E 188 57.03 10.73 -20.05
N SER E 189 56.34 9.60 -20.28
CA SER E 189 56.20 8.57 -19.26
C SER E 189 56.65 7.18 -19.69
N MET E 190 56.97 6.98 -20.96
CA MET E 190 57.39 5.66 -21.45
C MET E 190 58.87 5.50 -21.18
N LYS E 191 59.20 4.67 -20.19
CA LYS E 191 60.59 4.45 -19.82
C LYS E 191 61.35 3.78 -20.96
N GLY E 192 62.65 4.06 -21.01
CA GLY E 192 63.49 3.45 -22.02
C GLY E 192 64.93 3.41 -21.57
N ASP E 193 65.68 2.44 -22.09
CA ASP E 193 67.07 2.30 -21.71
C ASP E 193 67.94 3.38 -22.35
N ASN E 194 67.70 3.68 -23.62
CA ASN E 194 68.48 4.69 -24.31
C ASN E 194 67.68 5.19 -25.51
N ILE E 195 68.13 6.32 -26.05
CA ILE E 195 67.50 6.95 -27.20
C ILE E 195 68.55 7.16 -28.27
N THR E 196 68.21 6.85 -29.51
CA THR E 196 69.11 7.03 -30.64
C THR E 196 68.32 7.65 -31.79
N LYS E 197 68.95 7.72 -32.96
CA LYS E 197 68.29 8.32 -34.12
C LYS E 197 66.98 7.60 -34.44
N GLU E 198 66.95 6.28 -34.26
CA GLU E 198 65.73 5.52 -34.53
C GLU E 198 64.59 5.98 -33.63
N GLY E 199 64.88 6.21 -32.35
CA GLY E 199 63.90 6.65 -31.40
C GLY E 199 64.14 6.01 -30.06
N LEU E 200 63.09 5.98 -29.24
CA LEU E 200 63.18 5.39 -27.92
C LEU E 200 63.39 3.88 -28.02
N GLN E 201 64.21 3.34 -27.11
CA GLN E 201 64.48 1.91 -27.07
C GLN E 201 63.54 1.28 -26.06
N ILE E 202 62.87 0.21 -26.46
CA ILE E 202 61.85 -0.45 -25.64
C ILE E 202 62.26 -1.88 -25.29
N GLY E 203 62.72 -2.64 -26.28
CA GLY E 203 63.09 -4.02 -26.05
C GLY E 203 64.37 -4.42 -26.77
N LYS E 204 65.28 -5.07 -26.04
CA LYS E 204 66.55 -5.51 -26.59
C LYS E 204 66.54 -7.02 -26.77
N ASP E 205 66.94 -7.48 -27.96
CA ASP E 205 66.97 -8.90 -28.27
C ASP E 205 68.30 -9.28 -28.91
N GLU E 213 72.69 -7.59 -30.91
CA GLU E 213 71.51 -7.33 -30.09
C GLU E 213 70.37 -6.78 -30.93
N LYS E 214 70.67 -5.77 -31.74
CA LYS E 214 69.66 -5.12 -32.57
C LYS E 214 68.48 -4.70 -31.71
N PRO E 215 68.63 -3.69 -30.86
CA PRO E 215 67.52 -3.29 -29.98
C PRO E 215 66.30 -2.89 -30.79
N ILE E 216 65.13 -3.25 -30.28
CA ILE E 216 63.87 -2.90 -30.92
C ILE E 216 63.49 -1.49 -30.52
N TYR E 217 63.22 -0.64 -31.50
CA TYR E 217 62.82 0.74 -31.27
C TYR E 217 61.31 0.87 -31.47
N ALA E 218 60.71 1.75 -30.69
CA ALA E 218 59.26 1.83 -30.60
C ALA E 218 58.65 2.07 -31.98
N ASP E 219 57.60 1.32 -32.29
CA ASP E 219 56.84 1.55 -33.50
C ASP E 219 56.12 2.89 -33.42
N LYS E 220 56.23 3.69 -34.47
CA LYS E 220 55.67 5.03 -34.44
C LYS E 220 54.16 5.06 -34.57
N THR E 221 53.56 4.02 -35.15
CA THR E 221 52.12 4.05 -35.39
C THR E 221 51.34 4.16 -34.09
N TYR E 222 51.71 3.38 -33.08
CA TYR E 222 51.02 3.42 -31.80
C TYR E 222 51.93 3.75 -30.63
N GLN E 223 53.08 3.09 -30.51
CA GLN E 223 53.95 3.35 -29.37
C GLN E 223 54.55 4.75 -29.45
N PRO E 224 54.79 5.40 -28.31
CA PRO E 224 54.49 4.97 -26.94
C PRO E 224 52.99 4.99 -26.68
N GLU E 225 52.42 3.87 -26.28
CA GLU E 225 51.01 3.85 -25.95
C GLU E 225 50.75 4.85 -24.83
N PRO E 226 49.84 5.82 -25.01
CA PRO E 226 49.61 6.79 -23.93
C PRO E 226 49.20 6.14 -22.63
N GLN E 227 48.53 4.99 -22.69
CA GLN E 227 48.08 4.34 -21.46
C GLN E 227 49.27 3.95 -20.60
N VAL E 228 50.32 3.43 -21.22
CA VAL E 228 51.43 2.83 -20.47
C VAL E 228 52.32 3.94 -19.94
N GLY E 229 52.53 3.94 -18.62
CA GLY E 229 53.48 4.83 -18.00
C GLY E 229 54.13 4.14 -16.82
N GLU E 230 55.29 4.67 -16.44
CA GLU E 230 56.02 4.09 -15.31
C GLU E 230 55.14 4.07 -14.07
N GLU E 231 55.08 2.93 -13.40
CA GLU E 231 54.28 2.77 -12.19
C GLU E 231 55.27 2.63 -11.03
N SER E 232 55.79 3.77 -10.56
CA SER E 232 56.66 3.79 -9.41
C SER E 232 56.84 5.21 -8.89
N TRP E 233 56.37 5.49 -7.68
CA TRP E 233 56.74 6.73 -7.01
C TRP E 233 58.00 6.54 -6.18
N THR E 234 58.26 5.32 -5.72
CA THR E 234 59.53 4.97 -5.10
C THR E 234 60.50 4.37 -6.12
N ASP E 235 60.72 5.07 -7.22
CA ASP E 235 61.54 4.53 -8.30
C ASP E 235 63.03 4.71 -8.01
N THR E 236 63.48 5.96 -7.93
CA THR E 236 64.89 6.27 -7.68
C THR E 236 65.80 5.42 -8.55
N ASP E 237 65.44 5.27 -9.82
CA ASP E 237 66.25 4.45 -10.72
C ASP E 237 67.65 5.04 -10.89
N GLY E 238 67.74 6.36 -11.03
CA GLY E 238 69.03 7.00 -11.18
C GLY E 238 69.63 6.79 -12.55
N THR E 239 70.93 7.08 -12.64
CA THR E 239 71.69 6.97 -13.89
C THR E 239 71.06 7.93 -14.89
N ASN E 240 70.78 7.51 -16.12
CA ASN E 240 70.14 8.35 -17.12
C ASN E 240 68.72 7.84 -17.34
N GLU E 241 67.73 8.69 -17.01
CA GLU E 241 66.32 8.32 -17.11
C GLU E 241 65.76 8.85 -18.42
N LYS E 242 66.05 8.14 -19.50
CA LYS E 242 65.43 8.45 -20.78
C LYS E 242 63.93 8.19 -20.70
N PHE E 243 63.15 9.11 -21.24
CA PHE E 243 61.69 8.99 -21.22
C PHE E 243 61.14 9.44 -22.57
N GLY E 244 59.96 8.92 -22.91
CA GLY E 244 59.35 9.24 -24.18
C GLY E 244 57.83 9.35 -24.04
N GLY E 245 57.22 9.86 -25.09
CA GLY E 245 55.78 10.04 -25.11
C GLY E 245 55.33 10.47 -26.48
N ARG E 246 54.09 10.92 -26.55
CA ARG E 246 53.55 11.42 -27.81
C ARG E 246 52.67 12.62 -27.55
N ALA E 247 52.87 13.67 -28.34
CA ALA E 247 52.19 14.94 -28.18
C ALA E 247 51.46 15.29 -29.48
N LEU E 248 50.67 16.36 -29.42
CA LEU E 248 49.85 16.76 -30.54
C LEU E 248 50.54 17.88 -31.31
N LYS E 249 50.50 17.77 -32.64
CA LYS E 249 51.16 18.75 -33.50
C LYS E 249 50.40 20.06 -33.48
N PRO E 250 51.04 21.15 -33.91
CA PRO E 250 50.42 22.47 -33.84
C PRO E 250 49.37 22.75 -34.89
N ALA E 251 48.90 21.74 -35.62
CA ALA E 251 47.83 21.94 -36.59
C ALA E 251 46.46 21.59 -36.01
N THR E 252 46.41 20.63 -35.10
CA THR E 252 45.15 20.27 -34.47
C THR E 252 44.76 21.31 -33.43
N ASN E 253 43.48 21.66 -33.41
CA ASN E 253 42.99 22.70 -32.51
C ASN E 253 43.20 22.27 -31.05
N MET E 254 43.59 23.22 -30.22
CA MET E 254 43.78 22.95 -28.80
C MET E 254 42.45 22.85 -28.09
N LYS E 255 42.24 21.75 -27.37
CA LYS E 255 41.06 21.54 -26.56
C LYS E 255 41.47 20.83 -25.28
N PRO E 256 40.71 20.98 -24.20
CA PRO E 256 41.05 20.29 -22.96
C PRO E 256 40.86 18.79 -23.07
N CYS E 257 41.60 18.06 -22.24
CA CYS E 257 41.48 16.61 -22.23
C CYS E 257 40.04 16.17 -22.00
N TYR E 258 39.33 16.88 -21.13
CA TYR E 258 37.95 16.56 -20.82
C TYR E 258 37.12 16.47 -22.10
N GLY E 259 36.46 15.34 -22.29
CA GLY E 259 35.58 15.20 -23.43
C GLY E 259 36.26 15.36 -24.77
N SER E 260 37.46 14.79 -24.92
CA SER E 260 38.23 14.89 -26.15
C SER E 260 38.33 13.53 -26.80
N PHE E 261 37.97 13.45 -28.08
CA PHE E 261 37.91 12.20 -28.81
C PHE E 261 38.75 12.28 -30.08
N ALA E 262 39.36 11.16 -30.45
CA ALA E 262 40.10 11.05 -31.69
C ALA E 262 39.92 9.62 -32.20
N ARG E 263 39.05 9.49 -33.20
CA ARG E 263 38.70 8.17 -33.79
C ARG E 263 39.98 7.36 -34.05
N PRO E 264 39.98 6.03 -33.80
CA PRO E 264 41.17 5.22 -34.10
C PRO E 264 41.30 4.98 -35.60
N THR E 265 42.54 5.11 -36.08
CA THR E 265 42.82 4.99 -37.51
C THR E 265 43.46 3.66 -37.90
N ASN E 266 44.04 2.93 -36.96
CA ASN E 266 44.66 1.65 -37.25
C ASN E 266 44.32 0.66 -36.15
N ILE E 267 44.36 -0.63 -36.51
CA ILE E 267 43.84 -1.68 -35.63
C ILE E 267 44.55 -1.68 -34.29
N LYS E 268 45.77 -1.17 -34.22
CA LYS E 268 46.59 -1.27 -33.01
C LYS E 268 46.33 -0.14 -32.03
N GLY E 269 45.36 0.73 -32.30
CA GLY E 269 44.98 1.78 -31.38
C GLY E 269 45.49 3.16 -31.73
N GLY E 270 46.39 3.27 -32.71
CA GLY E 270 46.91 4.57 -33.07
C GLY E 270 45.83 5.51 -33.56
N GLN E 271 46.13 6.80 -33.47
CA GLN E 271 45.16 7.84 -33.81
C GLN E 271 45.65 8.78 -34.89
N ALA E 272 46.85 8.58 -35.43
CA ALA E 272 47.40 9.50 -36.40
C ALA E 272 46.58 9.48 -37.69
N LYS E 273 46.45 10.65 -38.30
CA LYS E 273 45.83 10.74 -39.62
C LYS E 273 46.82 10.28 -40.69
N ASN E 274 46.29 10.06 -41.89
CA ASN E 274 47.08 9.67 -43.04
C ASN E 274 47.41 10.92 -43.84
N ARG E 275 48.70 11.27 -43.88
CA ARG E 275 49.13 12.39 -44.71
C ARG E 275 48.83 12.09 -46.16
N LYS E 276 48.21 13.05 -46.84
CA LYS E 276 47.81 12.89 -48.24
C LYS E 276 48.86 13.38 -49.21
N VAL E 277 50.04 13.77 -48.72
CA VAL E 277 51.08 14.36 -49.55
C VAL E 277 52.33 13.51 -49.44
N LYS E 278 52.82 13.04 -50.59
CA LYS E 278 54.09 12.30 -50.67
C LYS E 278 54.65 12.47 -52.08
N PRO E 279 55.13 13.67 -52.41
CA PRO E 279 55.53 13.94 -53.80
C PRO E 279 56.65 13.01 -54.25
N THR E 280 56.58 12.63 -55.52
CA THR E 280 57.58 11.76 -56.13
C THR E 280 58.10 12.41 -57.41
N THR E 281 59.37 12.16 -57.69
CA THR E 281 60.03 12.75 -58.86
C THR E 281 59.85 11.90 -60.12
N GLU E 282 58.60 11.58 -60.46
CA GLU E 282 58.32 10.91 -61.72
C GLU E 282 56.96 11.28 -62.29
N GLY E 283 56.27 12.27 -61.71
CA GLY E 283 54.88 12.51 -62.02
C GLY E 283 54.01 11.53 -61.26
N GLY E 284 53.89 10.31 -61.79
CA GLY E 284 53.23 9.22 -61.09
C GLY E 284 51.98 9.60 -60.33
N VAL E 285 51.88 9.13 -59.08
CA VAL E 285 50.75 9.43 -58.21
C VAL E 285 51.26 9.61 -56.79
N GLU E 286 50.42 10.22 -55.96
CA GLU E 286 50.79 10.47 -54.58
C GLU E 286 50.52 9.24 -53.72
N THR E 287 51.06 9.25 -52.50
CA THR E 287 50.95 8.13 -51.57
C THR E 287 50.59 8.65 -50.18
N GLU E 288 50.09 7.75 -49.35
CA GLU E 288 49.65 8.06 -48.00
C GLU E 288 50.65 7.51 -47.00
N GLU E 289 51.08 8.35 -46.07
CA GLU E 289 51.95 7.94 -44.98
C GLU E 289 51.39 8.47 -43.66
N PRO E 290 51.49 7.70 -42.57
CA PRO E 290 51.04 8.23 -41.28
C PRO E 290 51.79 9.50 -40.93
N ASP E 291 51.04 10.49 -40.42
CA ASP E 291 51.60 11.81 -40.13
C ASP E 291 52.12 11.81 -38.69
N ILE E 292 53.32 11.26 -38.53
CA ILE E 292 53.97 11.16 -37.23
C ILE E 292 55.44 11.53 -37.41
N ASP E 293 56.00 12.21 -36.42
CA ASP E 293 57.40 12.62 -36.49
C ASP E 293 58.13 12.36 -35.18
N MET E 294 59.35 12.88 -35.05
CA MET E 294 60.18 12.64 -33.89
C MET E 294 60.86 13.95 -33.51
N GLU E 295 60.57 14.44 -32.31
CA GLU E 295 61.19 15.64 -31.78
C GLU E 295 62.00 15.28 -30.55
N PHE E 296 63.18 15.89 -30.42
CA PHE E 296 64.13 15.55 -29.37
C PHE E 296 64.41 16.79 -28.53
N PHE E 297 64.56 16.59 -27.22
CA PHE E 297 64.90 17.65 -26.29
C PHE E 297 66.02 17.18 -25.38
N ASP E 298 66.85 18.13 -24.94
CA ASP E 298 68.06 17.81 -24.18
C ASP E 298 68.09 18.42 -22.80
N GLY E 299 67.83 19.71 -22.66
CA GLY E 299 67.93 20.39 -21.38
C GLY E 299 68.39 21.83 -21.52
N ARG E 300 67.85 22.71 -20.69
CA ARG E 300 68.13 24.13 -20.85
C ARG E 300 69.60 24.47 -20.59
N ASP E 301 70.18 23.88 -19.55
CA ASP E 301 71.55 24.21 -19.15
C ASP E 301 72.61 23.43 -19.91
N ALA E 302 72.21 22.52 -20.80
CA ALA E 302 73.19 21.70 -21.50
C ALA E 302 74.15 22.58 -22.30
N VAL E 303 75.43 22.27 -22.21
CA VAL E 303 76.48 23.02 -22.91
C VAL E 303 76.65 22.43 -24.29
N ALA E 304 76.99 23.29 -25.25
CA ALA E 304 76.94 22.91 -26.66
C ALA E 304 77.82 21.69 -26.95
N GLY E 305 78.84 21.46 -26.14
CA GLY E 305 79.72 20.33 -26.37
C GLY E 305 78.99 19.00 -26.42
N ALA E 306 78.44 18.57 -25.28
CA ALA E 306 77.82 17.26 -25.14
C ALA E 306 76.31 17.44 -25.05
N LEU E 307 75.66 17.47 -26.21
CA LEU E 307 74.21 17.47 -26.30
C LEU E 307 73.75 16.10 -26.76
N ALA E 308 72.87 15.48 -25.98
CA ALA E 308 72.36 14.15 -26.25
C ALA E 308 70.86 14.14 -26.08
N PRO E 309 70.15 13.25 -26.76
CA PRO E 309 68.70 13.18 -26.59
C PRO E 309 68.35 12.79 -25.17
N GLU E 310 67.31 13.42 -24.63
CA GLU E 310 66.90 13.17 -23.26
C GLU E 310 65.42 12.82 -23.17
N ILE E 311 64.62 13.35 -24.09
CA ILE E 311 63.18 13.10 -24.11
C ILE E 311 62.76 13.00 -25.57
N VAL E 312 62.42 11.81 -26.02
CA VAL E 312 61.76 11.64 -27.31
C VAL E 312 60.30 12.03 -27.15
N LEU E 313 59.69 12.48 -28.26
CA LEU E 313 58.30 12.91 -28.22
C LEU E 313 57.74 12.75 -29.63
N TYR E 314 56.88 11.76 -29.81
CA TYR E 314 56.23 11.57 -31.11
C TYR E 314 55.13 12.61 -31.26
N THR E 315 55.00 13.16 -32.47
CA THR E 315 54.06 14.24 -32.73
C THR E 315 53.26 13.90 -33.99
N GLU E 316 51.94 14.04 -33.89
CA GLU E 316 51.06 13.66 -34.97
C GLU E 316 49.82 14.55 -34.94
N ASN E 317 48.96 14.36 -35.93
CA ASN E 317 47.67 15.02 -36.01
C ASN E 317 46.57 13.97 -35.87
N VAL E 318 45.50 14.33 -35.17
CA VAL E 318 44.36 13.46 -34.99
C VAL E 318 43.09 14.24 -35.29
N ASN E 319 42.02 13.51 -35.59
CA ASN E 319 40.71 14.12 -35.84
C ASN E 319 40.07 14.51 -34.51
N LEU E 320 40.72 15.44 -33.82
CA LEU E 320 40.23 15.87 -32.51
C LEU E 320 38.82 16.42 -32.63
N GLU E 321 37.95 15.97 -31.73
CA GLU E 321 36.59 16.48 -31.68
C GLU E 321 36.06 16.28 -30.27
N THR E 322 34.99 17.02 -29.96
CA THR E 322 34.40 17.05 -28.62
C THR E 322 32.92 16.77 -28.77
N PRO E 323 32.53 15.51 -28.97
CA PRO E 323 31.12 15.22 -29.28
C PRO E 323 30.16 15.61 -28.18
N ASP E 324 30.60 15.67 -26.92
CA ASP E 324 29.71 15.94 -25.81
C ASP E 324 30.32 16.94 -24.84
N SER E 325 30.88 18.03 -25.35
CA SER E 325 31.42 19.05 -24.47
C SER E 325 31.64 20.33 -25.27
N HIS E 326 31.83 21.43 -24.53
CA HIS E 326 32.05 22.73 -25.12
C HIS E 326 33.00 23.50 -24.24
N VAL E 327 33.31 24.73 -24.64
CA VAL E 327 34.33 25.55 -23.99
C VAL E 327 33.65 26.69 -23.25
N VAL E 328 34.01 26.86 -21.98
CA VAL E 328 33.42 27.90 -21.15
C VAL E 328 34.38 29.06 -20.90
N TYR E 329 35.68 28.86 -21.07
CA TYR E 329 36.66 29.92 -20.90
C TYR E 329 37.70 29.82 -22.01
N LYS E 330 37.78 30.85 -22.84
CA LYS E 330 38.68 30.90 -23.99
C LYS E 330 39.48 32.19 -23.89
N PRO E 331 40.66 32.15 -23.27
CA PRO E 331 41.40 33.39 -23.03
C PRO E 331 41.66 34.24 -24.27
N GLU E 332 42.31 33.68 -25.28
CA GLU E 332 42.70 34.42 -26.47
C GLU E 332 42.00 33.85 -27.70
N THR E 333 41.82 34.71 -28.71
CA THR E 333 41.10 34.29 -29.91
C THR E 333 41.94 33.36 -30.77
N SER E 334 43.24 33.64 -30.89
CA SER E 334 44.09 32.87 -31.78
C SER E 334 44.11 31.40 -31.34
N ASN E 335 43.83 30.51 -32.29
CA ASN E 335 43.90 29.10 -32.01
C ASN E 335 45.35 28.68 -31.77
N ASN E 336 45.52 27.71 -30.87
CA ASN E 336 46.84 27.14 -30.57
C ASN E 336 47.81 28.23 -30.12
N SER E 337 47.50 28.81 -28.96
CA SER E 337 48.37 29.76 -28.31
C SER E 337 48.73 29.26 -26.92
N HIS E 338 49.73 29.90 -26.30
CA HIS E 338 50.15 29.47 -24.97
C HIS E 338 49.04 29.65 -23.95
N ALA E 339 48.47 30.85 -23.90
CA ALA E 339 47.42 31.12 -22.92
C ALA E 339 46.23 30.18 -23.11
N ASN E 340 46.03 29.69 -24.33
CA ASN E 340 44.91 28.81 -24.61
C ASN E 340 45.04 27.47 -23.91
N LEU E 341 46.20 27.14 -23.35
CA LEU E 341 46.34 25.89 -22.64
C LEU E 341 45.38 25.80 -21.45
N GLY E 342 44.89 26.93 -20.96
CA GLY E 342 44.07 26.93 -19.76
C GLY E 342 42.60 27.14 -20.03
N GLN E 343 42.13 26.76 -21.21
CA GLN E 343 40.71 26.89 -21.52
C GLN E 343 39.92 25.79 -20.82
N GLN E 344 38.74 26.14 -20.33
CA GLN E 344 37.90 25.25 -19.55
C GLN E 344 36.83 24.61 -20.41
N ALA E 345 36.35 23.45 -19.96
CA ALA E 345 35.31 22.70 -20.67
C ALA E 345 34.21 22.30 -19.70
N MET E 346 32.97 22.32 -20.19
CA MET E 346 31.81 21.91 -19.44
C MET E 346 31.01 20.92 -20.28
N PRO E 347 30.44 19.88 -19.68
CA PRO E 347 29.72 18.89 -20.46
C PRO E 347 28.44 19.46 -21.07
N ASN E 348 28.04 18.87 -22.19
CA ASN E 348 26.83 19.31 -22.87
C ASN E 348 25.59 18.98 -22.02
N ARG E 349 24.56 19.77 -22.21
CA ARG E 349 23.36 19.61 -21.39
C ARG E 349 22.56 18.40 -21.88
N PRO E 350 21.98 17.62 -20.98
CA PRO E 350 21.13 16.52 -21.42
C PRO E 350 19.91 17.02 -22.16
N ASN E 351 19.46 16.23 -23.13
CA ASN E 351 18.31 16.60 -23.95
C ASN E 351 17.68 15.31 -24.45
N TYR E 352 16.60 14.89 -23.81
CA TYR E 352 15.88 13.68 -24.20
C TYR E 352 14.80 14.03 -25.21
N ILE E 353 14.73 13.27 -26.30
CA ILE E 353 13.74 13.47 -27.34
C ILE E 353 12.91 12.21 -27.49
N GLY E 354 11.62 12.38 -27.70
CA GLY E 354 10.75 11.25 -27.94
C GLY E 354 9.41 11.71 -28.43
N PHE E 355 8.47 10.76 -28.51
CA PHE E 355 7.11 11.11 -28.87
C PHE E 355 6.44 11.85 -27.72
N ARG E 356 5.21 12.26 -27.94
CA ARG E 356 4.48 13.04 -26.95
C ARG E 356 3.53 12.15 -26.17
N ASP E 357 2.97 12.72 -25.10
CA ASP E 357 2.02 11.98 -24.27
C ASP E 357 0.77 11.71 -25.09
N ASN E 358 0.45 10.43 -25.27
CA ASN E 358 -0.70 10.03 -26.09
C ASN E 358 -0.55 10.50 -27.52
N PHE E 359 0.67 10.42 -28.04
CA PHE E 359 0.96 10.72 -29.44
C PHE E 359 0.24 11.98 -29.89
N VAL E 360 0.28 13.00 -29.04
CA VAL E 360 -0.28 14.29 -29.42
C VAL E 360 0.36 14.77 -30.70
N GLY E 361 -0.42 15.43 -31.54
CA GLY E 361 0.11 16.12 -32.69
C GLY E 361 0.34 15.28 -33.92
N LEU E 362 0.24 13.95 -33.83
CA LEU E 362 0.52 13.11 -34.98
C LEU E 362 -0.64 13.08 -35.97
N MET E 363 -1.82 13.50 -35.55
CA MET E 363 -2.98 13.60 -36.43
C MET E 363 -3.19 15.06 -36.81
N TYR E 364 -4.28 15.35 -37.51
CA TYR E 364 -4.60 16.70 -37.97
C TYR E 364 -5.98 17.11 -37.51
N TYR E 365 -6.27 16.91 -36.23
CA TYR E 365 -7.53 17.37 -35.69
C TYR E 365 -7.59 18.89 -35.77
N ASN E 366 -8.80 19.40 -35.97
CA ASN E 366 -9.06 20.84 -35.95
C ASN E 366 -8.18 21.59 -36.93
N SER E 367 -7.93 21.02 -38.09
CA SER E 367 -7.16 21.66 -39.15
C SER E 367 -8.11 21.92 -40.31
N THR E 368 -8.60 23.16 -40.41
CA THR E 368 -9.57 23.49 -41.46
C THR E 368 -8.97 23.29 -42.84
N GLY E 369 -7.71 23.68 -43.02
CA GLY E 369 -7.07 23.48 -44.32
C GLY E 369 -6.95 22.01 -44.68
N ASN E 370 -6.63 21.17 -43.70
CA ASN E 370 -6.46 19.73 -43.92
C ASN E 370 -7.41 19.00 -42.98
N MET E 371 -8.56 18.60 -43.50
CA MET E 371 -9.59 17.91 -42.73
C MET E 371 -9.82 16.53 -43.32
N GLY E 372 -10.84 15.85 -42.80
CA GLY E 372 -11.26 14.57 -43.34
C GLY E 372 -12.76 14.56 -43.57
N VAL E 373 -13.20 13.52 -44.28
CA VAL E 373 -14.62 13.32 -44.57
C VAL E 373 -14.93 11.85 -44.44
N LEU E 374 -16.07 11.55 -43.82
CA LEU E 374 -16.57 10.18 -43.68
C LEU E 374 -17.84 9.99 -44.50
N ALA E 375 -17.94 10.70 -45.61
CA ALA E 375 -19.16 10.76 -46.39
C ALA E 375 -19.31 9.52 -47.28
N GLY E 376 -20.52 9.34 -47.79
CA GLY E 376 -20.77 8.25 -48.70
C GLY E 376 -20.13 8.46 -50.06
N GLN E 377 -19.97 7.35 -50.78
CA GLN E 377 -19.38 7.43 -52.12
C GLN E 377 -20.18 8.36 -53.02
N ALA E 378 -21.47 8.52 -52.75
CA ALA E 378 -22.33 9.38 -53.56
C ALA E 378 -23.18 10.30 -52.69
N SER E 379 -22.58 10.88 -51.65
CA SER E 379 -23.28 11.78 -50.75
C SER E 379 -22.72 13.19 -50.77
N GLN E 380 -21.40 13.33 -50.73
CA GLN E 380 -20.75 14.65 -50.74
C GLN E 380 -21.21 15.51 -49.56
N LEU E 381 -21.39 14.87 -48.41
CA LEU E 381 -21.71 15.56 -47.16
C LEU E 381 -20.68 15.11 -46.13
N ASN E 382 -19.76 16.00 -45.79
CA ASN E 382 -18.68 15.68 -44.85
C ASN E 382 -19.23 15.45 -43.46
N ALA E 383 -19.17 14.20 -42.98
CA ALA E 383 -19.70 13.87 -41.66
C ALA E 383 -18.75 14.25 -40.54
N VAL E 384 -17.51 14.61 -40.86
CA VAL E 384 -16.51 15.02 -39.88
C VAL E 384 -16.39 16.53 -39.97
N VAL E 385 -17.05 17.23 -39.06
CA VAL E 385 -16.97 18.71 -39.03
C VAL E 385 -15.75 19.03 -38.17
N ASP E 386 -14.58 19.02 -38.81
CA ASP E 386 -13.30 19.21 -38.13
C ASP E 386 -12.94 20.69 -38.20
N LEU E 387 -13.47 21.46 -37.26
CA LEU E 387 -13.21 22.87 -37.14
C LEU E 387 -12.37 23.14 -35.90
N GLN E 388 -12.01 24.41 -35.70
CA GLN E 388 -11.13 24.81 -34.62
C GLN E 388 -11.88 25.29 -33.40
N ASP E 389 -13.21 25.20 -33.39
CA ASP E 389 -13.98 25.60 -32.22
C ASP E 389 -13.66 24.72 -31.03
N ARG E 390 -13.51 23.41 -31.25
CA ARG E 390 -13.23 22.45 -30.19
C ARG E 390 -11.78 22.00 -30.28
N ASN E 391 -11.16 21.83 -29.12
CA ASN E 391 -9.76 21.41 -29.03
C ASN E 391 -9.77 19.93 -28.70
N THR E 392 -9.64 19.09 -29.73
CA THR E 392 -9.89 17.67 -29.57
C THR E 392 -8.88 17.03 -28.64
N GLU E 393 -7.61 17.41 -28.75
CA GLU E 393 -6.58 16.73 -27.98
C GLU E 393 -6.77 16.96 -26.48
N LEU E 394 -7.11 18.18 -26.09
CA LEU E 394 -7.36 18.46 -24.68
C LEU E 394 -8.60 17.73 -24.20
N SER E 395 -9.62 17.64 -25.05
CA SER E 395 -10.78 16.84 -24.71
C SER E 395 -10.37 15.41 -24.43
N TYR E 396 -9.51 14.85 -25.27
CA TYR E 396 -9.02 13.49 -25.04
C TYR E 396 -8.28 13.38 -23.72
N GLN E 397 -7.45 14.37 -23.42
CA GLN E 397 -6.66 14.31 -22.19
C GLN E 397 -7.58 14.30 -20.97
N LEU E 398 -8.54 15.22 -20.94
CA LEU E 398 -9.47 15.25 -19.81
C LEU E 398 -10.31 13.99 -19.76
N LEU E 399 -10.68 13.44 -20.92
CA LEU E 399 -11.46 12.21 -20.92
C LEU E 399 -10.68 11.06 -20.31
N LEU E 400 -9.43 10.90 -20.71
CA LEU E 400 -8.60 9.85 -20.12
C LEU E 400 -8.44 10.05 -18.63
N ASP E 401 -8.22 11.30 -18.21
CA ASP E 401 -8.12 11.56 -16.77
C ASP E 401 -9.40 11.15 -16.05
N SER E 402 -10.55 11.47 -16.64
CA SER E 402 -11.82 11.11 -16.03
C SER E 402 -11.98 9.60 -15.93
N LEU E 403 -11.50 8.87 -16.93
CA LEU E 403 -11.60 7.41 -16.91
C LEU E 403 -10.76 6.78 -15.82
N GLY E 404 -10.10 7.55 -14.95
CA GLY E 404 -9.28 6.94 -13.92
C GLY E 404 -10.07 6.09 -12.95
N ASP E 405 -11.33 6.43 -12.72
CA ASP E 405 -12.16 5.70 -11.76
C ASP E 405 -12.03 4.19 -11.94
N ARG E 406 -12.41 3.69 -13.12
CA ARG E 406 -12.28 2.26 -13.38
C ARG E 406 -10.82 1.84 -13.33
N THR E 407 -9.94 2.61 -13.96
CA THR E 407 -8.52 2.26 -14.04
C THR E 407 -7.72 2.88 -12.90
N ARG E 408 -8.17 2.67 -11.67
CA ARG E 408 -7.38 3.03 -10.51
C ARG E 408 -6.48 1.90 -10.03
N TYR E 409 -6.54 0.73 -10.68
CA TYR E 409 -5.71 -0.39 -10.28
C TYR E 409 -4.36 -0.38 -10.98
N PHE E 410 -4.32 0.07 -12.24
CA PHE E 410 -3.08 0.11 -12.99
C PHE E 410 -2.17 1.17 -12.36
N SER E 411 -1.17 0.73 -11.60
CA SER E 411 -0.28 1.68 -10.95
C SER E 411 0.65 2.36 -11.94
N MET E 412 1.00 1.68 -13.04
CA MET E 412 1.72 2.29 -14.13
C MET E 412 0.78 2.86 -15.19
N TRP E 413 -0.47 3.16 -14.83
CA TRP E 413 -1.41 3.73 -15.78
C TRP E 413 -0.86 5.03 -16.38
N ASN E 414 -0.01 5.73 -15.66
CA ASN E 414 0.41 7.08 -16.03
C ASN E 414 1.93 7.19 -16.05
N GLN E 415 2.60 6.25 -16.72
CA GLN E 415 4.05 6.22 -16.76
C GLN E 415 4.64 7.11 -17.84
N ALA E 416 3.80 7.81 -18.61
CA ALA E 416 4.26 8.70 -19.66
C ALA E 416 3.89 10.15 -19.44
N VAL E 417 2.88 10.44 -18.61
CA VAL E 417 2.45 11.80 -18.41
C VAL E 417 3.61 12.64 -17.91
N ASP E 418 3.67 13.89 -18.37
CA ASP E 418 4.75 14.78 -17.96
C ASP E 418 4.68 15.05 -16.46
N SER E 419 5.83 15.10 -15.81
CA SER E 419 5.92 15.39 -14.40
C SER E 419 7.26 16.06 -14.12
N TYR E 420 7.42 16.54 -12.90
CA TYR E 420 8.65 17.20 -12.48
C TYR E 420 9.05 16.68 -11.11
N ASP E 421 10.33 16.79 -10.81
CA ASP E 421 10.80 16.44 -9.48
C ASP E 421 10.26 17.45 -8.49
N PRO E 422 9.46 17.04 -7.50
CA PRO E 422 8.86 18.04 -6.60
C PRO E 422 9.89 18.88 -5.87
N ASP E 423 11.07 18.33 -5.58
CA ASP E 423 12.06 19.09 -4.82
C ASP E 423 12.74 20.16 -5.67
N VAL E 424 12.80 19.98 -6.98
CA VAL E 424 13.39 20.99 -7.84
C VAL E 424 12.53 22.24 -7.86
N ARG E 425 11.22 22.07 -8.04
CA ARG E 425 10.34 23.24 -8.12
C ARG E 425 10.31 24.00 -6.81
N ILE E 426 10.17 23.28 -5.70
CA ILE E 426 10.13 23.87 -4.37
C ILE E 426 11.33 23.33 -3.60
N ILE E 427 12.19 24.23 -3.14
CA ILE E 427 13.50 23.87 -2.60
C ILE E 427 13.46 23.98 -1.09
N GLU E 428 13.98 22.94 -0.43
CA GLU E 428 14.03 22.85 1.02
C GLU E 428 15.51 22.82 1.41
N ASN E 429 16.04 23.96 1.83
CA ASN E 429 17.46 24.08 2.14
C ASN E 429 17.63 23.98 3.64
N HIS E 430 18.19 22.86 4.10
CA HIS E 430 18.46 22.62 5.51
C HIS E 430 19.95 22.46 5.78
N GLY E 431 20.79 22.91 4.86
CA GLY E 431 22.21 22.92 5.12
C GLY E 431 22.87 21.60 4.80
N ILE E 432 24.09 21.47 5.27
CA ILE E 432 24.92 20.29 5.04
C ILE E 432 25.63 19.95 6.33
N GLU E 433 25.68 18.65 6.65
CA GLU E 433 26.35 18.18 7.86
C GLU E 433 27.85 18.13 7.59
N ASP E 434 28.48 19.31 7.64
CA ASP E 434 29.89 19.48 7.33
C ASP E 434 30.69 19.81 8.60
N GLU E 435 30.37 19.14 9.69
CA GLU E 435 31.02 19.46 10.97
C GLU E 435 32.52 19.24 10.89
N LEU E 436 32.94 18.13 10.33
CA LEU E 436 34.35 17.80 10.26
C LEU E 436 34.97 18.30 8.97
N PRO E 437 36.29 18.34 8.89
CA PRO E 437 36.97 18.57 7.62
C PRO E 437 37.15 17.26 6.86
N ASN E 438 37.76 17.36 5.68
CA ASN E 438 38.05 16.19 4.85
C ASN E 438 39.35 16.45 4.13
N TYR E 439 40.43 15.84 4.60
CA TYR E 439 41.77 16.14 4.12
C TYR E 439 42.15 15.23 2.95
N CYS E 440 43.07 15.72 2.14
CA CYS E 440 43.77 14.92 1.13
C CYS E 440 45.23 14.83 1.51
N PHE E 441 45.75 13.61 1.58
CA PHE E 441 47.14 13.39 1.95
C PHE E 441 47.96 12.97 0.75
N PRO E 442 49.25 13.30 0.71
CA PRO E 442 50.09 12.82 -0.39
C PRO E 442 50.06 11.32 -0.55
N LEU E 443 50.57 10.82 -1.68
CA LEU E 443 50.45 9.39 -1.96
C LEU E 443 51.28 8.55 -1.01
N ASN E 444 52.39 9.10 -0.51
CA ASN E 444 53.26 8.38 0.40
C ASN E 444 52.92 8.66 1.86
N GLY E 445 51.82 9.36 2.12
CA GLY E 445 51.43 9.72 3.47
C GLY E 445 52.20 10.90 4.04
N ILE E 446 53.22 11.37 3.33
CA ILE E 446 54.07 12.46 3.77
C ILE E 446 54.28 13.41 2.59
N GLY E 447 54.57 14.66 2.92
CA GLY E 447 55.02 15.59 1.91
C GLY E 447 56.46 15.27 1.55
N PRO E 448 57.22 16.29 1.18
CA PRO E 448 58.68 16.11 1.04
C PRO E 448 59.33 16.19 2.42
N GLY E 449 60.65 16.11 2.42
CA GLY E 449 61.41 16.19 3.64
C GLY E 449 62.85 16.58 3.40
N HIS E 450 63.71 16.21 4.34
CA HIS E 450 65.12 16.56 4.31
C HIS E 450 65.97 15.33 4.54
N THR E 451 67.15 15.32 3.94
CA THR E 451 68.07 14.19 4.06
C THR E 451 68.86 14.32 5.35
N TYR E 452 68.89 13.24 6.13
CA TYR E 452 69.60 13.19 7.40
C TYR E 452 70.57 12.02 7.40
N GLN E 453 71.53 12.08 8.32
CA GLN E 453 72.51 11.02 8.51
C GLN E 453 72.32 10.39 9.88
N GLY E 454 73.22 9.46 10.22
CA GLY E 454 73.16 8.74 11.48
C GLY E 454 74.34 9.10 12.36
N ILE E 455 74.08 9.22 13.66
CA ILE E 455 75.10 9.51 14.66
C ILE E 455 74.84 8.64 15.88
N LYS E 456 75.91 8.25 16.55
CA LYS E 456 75.83 7.35 17.69
C LYS E 456 76.60 7.92 18.87
N VAL E 457 76.19 7.51 20.07
CA VAL E 457 76.88 7.93 21.28
C VAL E 457 78.31 7.44 21.24
N LYS E 458 79.25 8.29 21.63
CA LYS E 458 80.66 7.92 21.59
C LYS E 458 80.96 6.87 22.65
N THR E 459 81.80 5.90 22.27
CA THR E 459 82.20 4.87 23.22
C THR E 459 82.85 5.48 24.46
N ASP E 460 83.52 6.62 24.29
CA ASP E 460 83.99 7.39 25.42
C ASP E 460 82.81 8.02 26.16
N ASP E 461 83.03 8.34 27.43
CA ASP E 461 82.03 9.03 28.22
C ASP E 461 81.77 10.44 27.71
N THR E 462 82.61 10.95 26.82
CA THR E 462 82.46 12.30 26.31
C THR E 462 81.06 12.50 25.74
N ASN E 463 80.45 13.64 26.07
CA ASN E 463 79.11 13.98 25.58
C ASN E 463 79.22 14.59 24.18
N GLY E 464 79.82 13.81 23.28
CA GLY E 464 79.98 14.23 21.89
C GLY E 464 79.57 13.12 20.95
N TRP E 465 79.18 13.52 19.75
CA TRP E 465 78.61 12.61 18.78
C TRP E 465 79.48 12.59 17.53
N GLU E 466 79.57 11.41 16.91
CA GLU E 466 80.43 11.20 15.75
C GLU E 466 79.60 10.60 14.63
N LYS E 467 80.08 10.78 13.41
CA LYS E 467 79.46 10.15 12.27
C LYS E 467 79.49 8.64 12.42
N ASP E 468 78.41 7.99 11.99
CA ASP E 468 78.27 6.55 12.07
C ASP E 468 78.38 5.93 10.68
N ALA E 469 78.80 4.67 10.64
CA ALA E 469 78.96 3.95 9.39
C ALA E 469 77.94 2.84 9.19
N ASN E 470 77.20 2.47 10.23
CA ASN E 470 76.16 1.44 10.12
C ASN E 470 74.83 2.00 9.65
N VAL E 471 74.77 3.29 9.33
CA VAL E 471 73.57 3.93 8.83
C VAL E 471 73.91 4.62 7.52
N ALA E 472 72.97 4.62 6.58
CA ALA E 472 73.24 5.17 5.26
C ALA E 472 73.52 6.67 5.37
N PRO E 473 74.30 7.22 4.44
CA PRO E 473 74.59 8.66 4.51
C PRO E 473 73.36 9.54 4.41
N ALA E 474 72.35 9.13 3.65
CA ALA E 474 71.17 9.93 3.39
C ALA E 474 69.93 9.17 3.83
N ASN E 475 69.09 9.82 4.63
CA ASN E 475 67.83 9.25 5.08
C ASN E 475 66.76 10.33 5.00
N GLU E 476 65.62 9.98 4.42
CA GLU E 476 64.49 10.88 4.33
C GLU E 476 63.63 10.74 5.57
N ILE E 477 63.50 11.81 6.34
CA ILE E 477 62.71 11.83 7.56
C ILE E 477 62.04 13.18 7.64
N THR E 478 60.73 13.22 7.47
CA THR E 478 60.01 14.48 7.52
C THR E 478 59.97 15.01 8.95
N ILE E 479 59.69 16.30 9.07
CA ILE E 479 59.69 17.00 10.34
C ILE E 479 58.31 17.63 10.51
N GLY E 480 57.67 17.34 11.64
CA GLY E 480 56.33 17.83 11.86
C GLY E 480 55.29 17.06 11.07
N ASN E 481 54.10 17.65 11.02
CA ASN E 481 52.99 17.02 10.32
C ASN E 481 53.18 17.08 8.81
N ASN E 482 52.23 16.52 8.08
CA ASN E 482 52.36 16.36 6.64
C ASN E 482 51.47 17.35 5.90
N LEU E 483 51.92 17.71 4.69
CA LEU E 483 51.14 18.61 3.85
C LEU E 483 49.82 17.98 3.47
N ALA E 484 48.79 18.82 3.36
CA ALA E 484 47.43 18.35 3.09
C ALA E 484 46.65 19.48 2.43
N MET E 485 45.50 19.13 1.86
CA MET E 485 44.54 20.11 1.40
C MET E 485 43.13 19.58 1.63
N GLU E 486 42.27 20.42 2.17
CA GLU E 486 40.93 20.01 2.58
C GLU E 486 39.89 20.49 1.59
N ILE E 487 38.84 19.68 1.44
CA ILE E 487 37.73 19.97 0.54
C ILE E 487 36.43 19.64 1.27
N ASN E 488 35.42 20.48 1.07
CA ASN E 488 34.11 20.23 1.66
C ASN E 488 33.29 19.41 0.67
N ILE E 489 33.19 18.11 0.94
CA ILE E 489 32.56 17.21 -0.01
C ILE E 489 31.05 17.43 -0.05
N GLN E 490 30.43 17.57 1.12
CA GLN E 490 28.98 17.74 1.17
C GLN E 490 28.58 19.05 0.49
N ALA E 491 29.31 20.12 0.76
CA ALA E 491 29.03 21.40 0.11
C ALA E 491 29.12 21.28 -1.39
N ASN E 492 30.12 20.54 -1.89
CA ASN E 492 30.29 20.42 -3.33
C ASN E 492 29.16 19.60 -3.94
N LEU E 493 28.72 18.53 -3.28
CA LEU E 493 27.58 17.78 -3.81
C LEU E 493 26.34 18.63 -3.85
N TRP E 494 26.08 19.40 -2.79
CA TRP E 494 24.89 20.25 -2.77
C TRP E 494 24.94 21.30 -3.86
N ARG E 495 26.08 21.97 -4.01
CA ARG E 495 26.20 22.99 -5.05
C ARG E 495 26.06 22.38 -6.43
N SER E 496 26.62 21.20 -6.65
CA SER E 496 26.50 20.57 -7.96
C SER E 496 25.05 20.25 -8.26
N PHE E 497 24.32 19.71 -7.28
CA PHE E 497 22.90 19.45 -7.50
C PHE E 497 22.16 20.72 -7.84
N LEU E 498 22.34 21.78 -7.05
CA LEU E 498 21.63 23.01 -7.30
C LEU E 498 21.96 23.57 -8.68
N TYR E 499 23.25 23.58 -9.03
CA TYR E 499 23.64 24.03 -10.36
C TYR E 499 22.88 23.24 -11.42
N SER E 500 23.12 21.94 -11.48
CA SER E 500 22.65 21.14 -12.61
C SER E 500 21.13 21.10 -12.68
N ASN E 501 20.42 21.32 -11.58
CA ASN E 501 18.97 21.17 -11.60
C ASN E 501 18.20 22.48 -11.53
N VAL E 502 18.86 23.60 -11.26
CA VAL E 502 18.15 24.88 -11.21
C VAL E 502 18.86 25.90 -12.09
N ALA E 503 20.17 26.06 -11.89
CA ALA E 503 20.86 27.21 -12.46
C ALA E 503 20.85 27.17 -13.98
N LEU E 504 21.13 26.01 -14.56
CA LEU E 504 21.17 25.91 -16.01
C LEU E 504 19.82 26.15 -16.66
N TYR E 505 18.74 26.04 -15.91
CA TYR E 505 17.39 26.19 -16.46
C TYR E 505 16.80 27.57 -16.18
N LEU E 506 17.60 28.52 -15.72
CA LEU E 506 17.12 29.86 -15.48
C LEU E 506 16.79 30.55 -16.80
N PRO E 507 16.03 31.64 -16.74
CA PRO E 507 15.77 32.39 -17.97
C PRO E 507 17.06 32.94 -18.54
N ASP E 508 17.03 33.23 -19.85
CA ASP E 508 18.25 33.63 -20.54
C ASP E 508 18.75 35.00 -20.12
N VAL E 509 17.90 35.82 -19.50
CA VAL E 509 18.32 37.16 -19.10
C VAL E 509 19.41 37.09 -18.05
N TYR E 510 19.49 35.98 -17.32
CA TYR E 510 20.45 35.87 -16.22
C TYR E 510 21.79 35.27 -16.65
N LYS E 511 21.91 34.80 -17.88
CA LYS E 511 23.14 34.20 -18.35
C LYS E 511 23.95 35.21 -19.15
N TYR E 512 25.05 34.74 -19.73
CA TYR E 512 25.88 35.61 -20.57
C TYR E 512 26.71 34.76 -21.52
N THR E 513 27.20 35.40 -22.57
CA THR E 513 27.97 34.72 -23.60
C THR E 513 29.46 34.88 -23.30
N PRO E 514 30.21 33.80 -23.12
CA PRO E 514 31.61 33.95 -22.74
C PRO E 514 32.38 34.74 -23.78
N PRO E 515 33.37 35.52 -23.38
CA PRO E 515 34.20 36.22 -24.36
C PRO E 515 34.98 35.23 -25.22
N ASN E 516 35.32 35.69 -26.42
CA ASN E 516 36.17 34.98 -27.36
C ASN E 516 35.48 33.78 -27.99
N ILE E 517 34.18 33.59 -27.75
CA ILE E 517 33.41 32.50 -28.33
C ILE E 517 32.26 33.11 -29.11
N THR E 518 31.96 32.54 -30.27
CA THR E 518 30.86 32.98 -31.10
C THR E 518 29.76 31.92 -31.10
N LEU E 519 28.55 32.33 -30.72
CA LEU E 519 27.41 31.43 -30.68
C LEU E 519 26.39 31.86 -31.72
N PRO E 520 25.58 30.93 -32.23
CA PRO E 520 24.63 31.28 -33.29
C PRO E 520 23.76 32.47 -32.93
N THR E 521 23.19 33.12 -33.94
CA THR E 521 22.27 34.22 -33.71
C THR E 521 20.86 33.76 -33.39
N ASN E 522 20.55 32.48 -33.60
CA ASN E 522 19.25 31.94 -33.26
C ASN E 522 19.21 31.61 -31.78
N THR E 523 18.17 32.08 -31.10
CA THR E 523 18.06 31.91 -29.66
C THR E 523 17.35 30.62 -29.26
N ASN E 524 16.92 29.81 -30.23
CA ASN E 524 16.21 28.58 -29.96
C ASN E 524 16.95 27.35 -30.44
N THR E 525 18.20 27.51 -30.86
CA THR E 525 19.00 26.39 -31.33
C THR E 525 19.81 25.80 -30.19
N TYR E 526 20.20 24.53 -30.35
CA TYR E 526 20.90 23.84 -29.28
C TYR E 526 22.23 24.50 -28.97
N GLU E 527 22.96 24.91 -30.02
CA GLU E 527 24.27 25.53 -29.80
C GLU E 527 24.15 26.75 -28.91
N TYR E 528 23.12 27.57 -29.13
CA TYR E 528 22.96 28.76 -28.32
C TYR E 528 22.54 28.42 -26.89
N MET E 529 21.57 27.53 -26.74
CA MET E 529 21.13 27.15 -25.40
C MET E 529 22.23 26.47 -24.61
N ASN E 530 23.25 25.96 -25.28
CA ASN E 530 24.35 25.30 -24.60
C ASN E 530 25.50 26.25 -24.31
N GLY E 531 25.88 27.09 -25.28
CA GLY E 531 27.06 27.90 -25.12
C GLY E 531 26.99 28.85 -23.96
N ARG E 532 25.82 29.46 -23.74
CA ARG E 532 25.69 30.45 -22.68
C ARG E 532 26.03 29.81 -21.33
N VAL E 533 26.77 30.55 -20.51
CA VAL E 533 27.24 30.06 -19.23
C VAL E 533 26.63 30.92 -18.14
N VAL E 534 26.09 30.28 -17.10
CA VAL E 534 25.40 30.97 -16.02
C VAL E 534 26.29 30.96 -14.80
N SER E 535 26.41 32.11 -14.15
CA SER E 535 27.30 32.22 -13.01
C SER E 535 26.86 31.25 -11.92
N PRO E 536 27.79 30.54 -11.28
CA PRO E 536 27.39 29.55 -10.28
C PRO E 536 26.90 30.15 -8.97
N SER E 537 27.04 31.47 -8.78
CA SER E 537 26.67 32.09 -7.52
C SER E 537 25.23 32.58 -7.48
N LEU E 538 24.51 32.53 -8.60
CA LEU E 538 23.12 32.99 -8.58
C LEU E 538 22.26 32.15 -7.65
N VAL E 539 22.45 30.84 -7.67
CA VAL E 539 21.76 29.93 -6.76
C VAL E 539 22.84 29.17 -6.01
N ASP E 540 23.19 29.67 -4.83
CA ASP E 540 24.27 29.10 -4.03
C ASP E 540 23.69 28.23 -2.93
N SER E 541 24.57 27.74 -2.05
CA SER E 541 24.15 26.83 -1.00
C SER E 541 23.26 27.49 0.04
N TYR E 542 23.26 28.82 0.11
CA TYR E 542 22.56 29.54 1.16
C TYR E 542 21.20 30.06 0.72
N ILE E 543 20.73 29.67 -0.47
CA ILE E 543 19.52 30.28 -1.01
C ILE E 543 18.34 29.98 -0.10
N ASN E 544 17.77 31.04 0.47
CA ASN E 544 16.62 30.91 1.36
C ASN E 544 16.84 29.81 2.39
N ILE E 545 17.88 29.99 3.20
CA ILE E 545 18.27 28.95 4.15
C ILE E 545 17.16 28.72 5.15
N GLY E 546 16.70 27.48 5.26
CA GLY E 546 15.77 27.11 6.31
C GLY E 546 14.31 27.23 5.99
N ALA E 547 13.92 27.28 4.72
CA ALA E 547 12.51 27.45 4.38
C ALA E 547 12.20 26.80 3.04
N ARG E 548 10.92 26.54 2.82
CA ARG E 548 10.40 26.12 1.52
C ARG E 548 10.03 27.35 0.72
N TRP E 549 10.70 27.55 -0.42
CA TRP E 549 10.43 28.72 -1.24
C TRP E 549 10.99 28.47 -2.64
N SER E 550 10.10 28.44 -3.63
CA SER E 550 10.55 28.35 -5.01
C SER E 550 11.18 29.67 -5.43
N LEU E 551 12.23 29.58 -6.24
CA LEU E 551 12.97 30.77 -6.63
C LEU E 551 12.05 31.72 -7.40
N ASP E 552 12.23 33.02 -7.18
CA ASP E 552 11.40 33.99 -7.87
C ASP E 552 11.54 33.92 -9.38
N PRO E 553 12.74 33.84 -9.96
CA PRO E 553 12.84 33.72 -11.41
C PRO E 553 12.13 32.50 -11.96
N MET E 554 12.14 31.40 -11.21
CA MET E 554 11.72 30.11 -11.75
C MET E 554 10.21 29.98 -11.91
N ASP E 555 9.41 30.77 -11.21
CA ASP E 555 7.97 30.58 -11.22
C ASP E 555 7.41 30.66 -12.63
N ASN E 556 7.98 31.54 -13.46
CA ASN E 556 7.49 31.77 -14.81
C ASN E 556 8.26 30.96 -15.85
N VAL E 557 8.77 29.79 -15.47
CA VAL E 557 9.49 28.90 -16.37
C VAL E 557 8.81 27.55 -16.34
N ASN E 558 8.56 26.99 -17.53
CA ASN E 558 7.85 25.74 -17.66
C ASN E 558 8.57 24.64 -16.90
N PRO E 559 8.05 24.18 -15.77
CA PRO E 559 8.74 23.11 -15.02
C PRO E 559 8.81 21.80 -15.78
N PHE E 560 7.94 21.59 -16.76
CA PHE E 560 7.88 20.32 -17.46
C PHE E 560 8.96 20.18 -18.54
N ASN E 561 9.62 21.27 -18.90
CA ASN E 561 10.75 21.22 -19.84
C ASN E 561 12.05 20.99 -19.07
N HIS E 562 12.10 19.91 -18.32
CA HIS E 562 13.23 19.56 -17.48
C HIS E 562 13.71 18.16 -17.82
N HIS E 563 14.99 17.91 -17.56
CA HIS E 563 15.56 16.60 -17.84
C HIS E 563 15.29 15.59 -16.73
N ARG E 564 14.65 16.01 -15.64
CA ARG E 564 14.12 15.08 -14.64
C ARG E 564 12.66 14.77 -14.90
N ASN E 565 12.14 15.14 -16.06
CA ASN E 565 10.78 14.78 -16.46
C ASN E 565 10.70 13.27 -16.63
N ALA E 566 10.02 12.59 -15.71
CA ALA E 566 10.01 11.14 -15.73
C ALA E 566 9.38 10.59 -17.00
N GLY E 567 8.25 11.16 -17.41
CA GLY E 567 7.56 10.64 -18.59
C GLY E 567 8.35 10.82 -19.87
N LEU E 568 8.93 12.00 -20.06
CA LEU E 568 9.72 12.23 -21.26
C LEU E 568 10.90 11.28 -21.33
N ARG E 569 11.59 11.08 -20.21
CA ARG E 569 12.71 10.16 -20.19
C ARG E 569 12.24 8.73 -20.46
N TYR E 570 11.10 8.34 -19.90
CA TYR E 570 10.56 7.02 -20.19
C TYR E 570 10.35 6.85 -21.69
N ARG E 571 9.73 7.83 -22.33
CA ARG E 571 9.48 7.72 -23.77
C ARG E 571 10.78 7.66 -24.55
N SER E 572 11.73 8.53 -24.22
CA SER E 572 12.99 8.56 -24.96
C SER E 572 13.74 7.24 -24.83
N MET E 573 13.74 6.66 -23.64
CA MET E 573 14.28 5.31 -23.49
C MET E 573 13.51 4.31 -24.33
N LEU E 574 12.19 4.42 -24.33
CA LEU E 574 11.37 3.47 -25.08
C LEU E 574 11.76 3.46 -26.55
N LEU E 575 12.09 4.61 -27.11
CA LEU E 575 12.53 4.62 -28.51
C LEU E 575 13.93 4.05 -28.68
N GLY E 576 14.76 4.05 -27.65
CA GLY E 576 16.12 3.55 -27.73
C GLY E 576 17.12 4.57 -27.21
N ASN E 577 18.39 4.30 -27.51
CA ASN E 577 19.49 5.13 -27.00
C ASN E 577 20.37 5.66 -28.12
N GLY E 578 19.85 5.74 -29.35
CA GLY E 578 20.62 6.19 -30.48
C GLY E 578 19.88 7.28 -31.24
N ARG E 579 20.61 7.91 -32.15
CA ARG E 579 20.05 9.01 -32.92
C ARG E 579 19.11 8.52 -34.01
N TYR E 580 19.37 7.35 -34.60
CA TYR E 580 18.55 6.79 -35.65
C TYR E 580 17.85 5.56 -35.11
N VAL E 581 16.51 5.57 -35.12
CA VAL E 581 15.74 4.45 -34.58
C VAL E 581 14.49 4.24 -35.41
N PRO E 582 14.14 3.00 -35.75
CA PRO E 582 12.84 2.75 -36.37
C PRO E 582 11.75 2.51 -35.33
N PHE E 583 10.55 2.98 -35.66
CA PHE E 583 9.44 2.96 -34.72
C PHE E 583 8.26 2.22 -35.30
N HIS E 584 7.65 1.37 -34.47
CA HIS E 584 6.40 0.68 -34.77
C HIS E 584 5.44 1.13 -33.68
N ILE E 585 4.32 1.74 -34.06
CA ILE E 585 3.41 2.34 -33.10
C ILE E 585 1.98 2.13 -33.53
N GLN E 586 1.07 2.31 -32.58
CA GLN E 586 -0.37 2.24 -32.80
C GLN E 586 -1.01 3.41 -32.10
N VAL E 587 -1.91 4.11 -32.78
CA VAL E 587 -2.47 5.35 -32.26
C VAL E 587 -3.98 5.34 -32.32
N PRO E 588 -4.69 5.87 -31.33
CA PRO E 588 -6.15 5.87 -31.36
C PRO E 588 -6.74 7.13 -31.97
N GLN E 589 -7.82 6.93 -32.70
CA GLN E 589 -8.54 8.04 -33.32
C GLN E 589 -9.35 8.76 -32.25
N LYS E 590 -9.26 10.09 -32.23
CA LYS E 590 -9.80 10.89 -31.15
C LYS E 590 -11.09 11.62 -31.49
N PHE E 591 -11.19 12.21 -32.68
CA PHE E 591 -12.38 12.96 -33.03
C PHE E 591 -13.64 12.16 -32.74
N PHE E 592 -13.66 10.90 -33.14
CA PHE E 592 -14.78 10.02 -32.86
C PHE E 592 -14.71 9.43 -31.45
N ALA E 593 -13.61 9.63 -30.74
CA ALA E 593 -13.55 9.25 -29.33
C ALA E 593 -14.35 10.20 -28.46
N VAL E 594 -14.45 11.47 -28.86
CA VAL E 594 -15.29 12.42 -28.15
C VAL E 594 -16.63 12.64 -28.84
N LYS E 595 -16.74 12.33 -30.13
CA LYS E 595 -18.03 12.42 -30.82
C LYS E 595 -18.78 11.10 -30.87
N ASN E 596 -18.09 9.97 -30.94
CA ASN E 596 -18.74 8.66 -30.84
C ASN E 596 -19.78 8.47 -31.96
N LEU E 597 -19.27 8.34 -33.18
CA LEU E 597 -20.11 8.18 -34.37
C LEU E 597 -20.27 6.71 -34.73
N LEU E 598 -21.41 6.39 -35.36
CA LEU E 598 -21.71 5.07 -35.89
C LEU E 598 -22.24 5.22 -37.30
N LEU E 599 -21.91 4.27 -38.17
CA LEU E 599 -22.23 4.34 -39.58
C LEU E 599 -23.12 3.17 -40.01
N LEU E 600 -24.25 3.49 -40.64
CA LEU E 600 -25.11 2.51 -41.28
C LEU E 600 -24.66 2.36 -42.73
N PRO E 601 -25.33 1.55 -43.56
CA PRO E 601 -24.85 1.34 -44.93
C PRO E 601 -24.56 2.62 -45.70
N GLY E 602 -23.86 2.51 -46.82
CA GLY E 602 -23.54 3.67 -47.62
C GLY E 602 -22.21 3.66 -48.36
N SER E 603 -21.28 2.80 -47.96
CA SER E 603 -20.00 2.67 -48.65
C SER E 603 -19.25 4.01 -48.64
N TYR E 604 -18.83 4.40 -47.43
CA TYR E 604 -18.24 5.70 -47.18
C TYR E 604 -16.76 5.73 -47.54
N THR E 605 -16.24 6.94 -47.67
CA THR E 605 -14.81 7.19 -47.85
C THR E 605 -14.28 7.94 -46.65
N TYR E 606 -13.11 7.53 -46.17
CA TYR E 606 -12.53 8.05 -44.93
C TYR E 606 -11.07 8.38 -45.19
N GLU E 607 -10.74 9.67 -45.24
CA GLU E 607 -9.37 10.12 -45.48
C GLU E 607 -8.93 11.01 -44.33
N TRP E 608 -7.67 10.83 -43.92
CA TRP E 608 -7.10 11.57 -42.81
C TRP E 608 -5.66 11.94 -43.15
N ASN E 609 -5.20 13.05 -42.58
CA ASN E 609 -3.86 13.54 -42.82
C ASN E 609 -3.02 13.41 -41.55
N PHE E 610 -1.71 13.29 -41.74
CA PHE E 610 -0.76 13.16 -40.64
C PHE E 610 0.30 14.25 -40.75
N ARG E 611 1.05 14.42 -39.67
CA ARG E 611 2.05 15.48 -39.57
C ARG E 611 3.44 14.93 -39.78
N LYS E 612 4.27 15.71 -40.46
CA LYS E 612 5.70 15.45 -40.55
C LYS E 612 6.52 16.58 -39.95
N ASP E 613 5.88 17.60 -39.39
CA ASP E 613 6.60 18.64 -38.65
C ASP E 613 7.14 18.06 -37.36
N VAL E 614 8.47 18.12 -37.21
CA VAL E 614 9.10 17.43 -36.08
C VAL E 614 8.71 18.09 -34.76
N ASN E 615 8.56 19.42 -34.75
CA ASN E 615 8.28 20.12 -33.49
C ASN E 615 7.02 19.58 -32.83
N MET E 616 5.94 19.41 -33.60
CA MET E 616 4.67 19.03 -33.00
C MET E 616 4.59 17.52 -32.75
N VAL E 617 5.35 16.71 -33.47
CA VAL E 617 5.27 15.27 -33.30
C VAL E 617 6.20 14.77 -32.20
N LEU E 618 7.35 15.41 -32.01
CA LEU E 618 8.34 15.00 -31.03
C LEU E 618 8.30 15.94 -29.83
N GLN E 619 9.22 15.71 -28.89
CA GLN E 619 9.37 16.54 -27.71
C GLN E 619 10.84 16.61 -27.35
N SER E 620 11.20 17.64 -26.59
CA SER E 620 12.58 17.83 -26.16
C SER E 620 12.60 18.38 -24.75
N SER E 621 13.57 17.94 -23.96
CA SER E 621 13.68 18.45 -22.60
C SER E 621 13.97 19.94 -22.60
N LEU E 622 14.94 20.37 -23.40
CA LEU E 622 15.30 21.79 -23.44
C LEU E 622 14.25 22.60 -24.16
N GLY E 623 13.68 22.06 -25.24
CA GLY E 623 12.72 22.78 -26.04
C GLY E 623 13.31 23.49 -27.24
N ASN E 624 14.51 23.10 -27.68
CA ASN E 624 15.22 23.78 -28.79
C ASN E 624 14.56 23.40 -30.11
N ASP E 625 14.28 24.37 -30.99
CA ASP E 625 13.66 24.13 -32.33
C ASP E 625 14.29 22.88 -32.94
N LEU E 626 13.57 21.75 -32.99
CA LEU E 626 14.09 20.47 -33.54
C LEU E 626 14.08 20.54 -35.07
N ARG E 627 13.30 21.45 -35.67
CA ARG E 627 13.21 21.57 -37.12
C ARG E 627 14.54 22.00 -37.72
N THR E 628 15.14 23.06 -37.18
CA THR E 628 16.41 23.55 -37.68
C THR E 628 17.59 22.75 -37.15
N ASP E 629 17.42 22.02 -36.05
CA ASP E 629 18.53 21.25 -35.51
C ASP E 629 18.92 20.09 -36.42
N GLY E 630 17.94 19.50 -37.10
CA GLY E 630 18.23 18.43 -38.03
C GLY E 630 17.47 17.15 -37.75
N ALA E 631 16.34 17.25 -37.08
CA ALA E 631 15.50 16.10 -36.82
C ALA E 631 14.49 15.92 -37.94
N THR E 632 14.23 14.67 -38.30
CA THR E 632 13.29 14.37 -39.37
C THR E 632 12.50 13.13 -39.02
N ILE E 633 11.34 13.00 -39.66
CA ILE E 633 10.46 11.85 -39.49
C ILE E 633 10.11 11.34 -40.88
N SER E 634 9.77 10.06 -40.95
CA SER E 634 9.46 9.44 -42.24
C SER E 634 8.64 8.19 -42.00
N PHE E 635 7.54 8.05 -42.74
CA PHE E 635 6.65 6.91 -42.61
C PHE E 635 6.88 5.94 -43.76
N THR E 636 6.50 4.69 -43.53
CA THR E 636 6.65 3.62 -44.51
C THR E 636 5.34 2.95 -44.87
N SER E 637 4.45 2.76 -43.90
CA SER E 637 3.15 2.16 -44.19
C SER E 637 2.20 2.36 -43.02
N ILE E 638 1.03 2.93 -43.27
CA ILE E 638 -0.01 3.08 -42.25
C ILE E 638 -1.25 2.34 -42.71
N ASN E 639 -1.77 1.48 -41.84
CA ASN E 639 -2.97 0.70 -42.12
C ASN E 639 -3.97 0.91 -40.98
N LEU E 640 -5.24 0.83 -41.32
CA LEU E 640 -6.32 1.10 -40.39
C LEU E 640 -6.94 -0.20 -39.91
N TYR E 641 -7.16 -0.30 -38.61
CA TYR E 641 -7.82 -1.44 -37.99
C TYR E 641 -9.16 -1.01 -37.44
N ALA E 642 -10.23 -1.70 -37.83
CA ALA E 642 -11.58 -1.34 -37.45
C ALA E 642 -12.32 -2.57 -36.98
N THR E 643 -13.30 -2.37 -36.10
CA THR E 643 -14.06 -3.46 -35.50
C THR E 643 -15.54 -3.16 -35.68
N PHE E 644 -16.20 -3.92 -36.53
CA PHE E 644 -17.64 -3.83 -36.70
C PHE E 644 -18.34 -4.67 -35.64
N PHE E 645 -19.65 -4.52 -35.55
CA PHE E 645 -20.42 -5.32 -34.60
C PHE E 645 -21.77 -5.67 -35.21
N PRO E 646 -22.34 -6.82 -34.85
CA PRO E 646 -23.66 -7.17 -35.37
C PRO E 646 -24.76 -6.30 -34.78
N MET E 647 -25.83 -6.15 -35.55
CA MET E 647 -27.05 -5.49 -35.10
C MET E 647 -28.13 -5.74 -36.13
N ALA E 648 -29.25 -6.29 -35.70
CA ALA E 648 -30.29 -6.73 -36.62
C ALA E 648 -30.85 -5.54 -37.39
N HIS E 649 -31.14 -5.76 -38.67
CA HIS E 649 -31.75 -4.72 -39.49
C HIS E 649 -33.05 -4.24 -38.86
N ASN E 650 -33.77 -5.13 -38.18
CA ASN E 650 -34.99 -4.72 -37.50
C ASN E 650 -34.68 -3.67 -36.44
N THR E 651 -33.62 -3.89 -35.65
CA THR E 651 -33.23 -2.91 -34.64
C THR E 651 -32.86 -1.58 -35.28
N ALA E 652 -32.12 -1.61 -36.38
CA ALA E 652 -31.72 -0.38 -37.05
C ALA E 652 -32.94 0.37 -37.57
N SER E 653 -33.89 -0.35 -38.16
CA SER E 653 -35.12 0.30 -38.62
C SER E 653 -35.90 0.88 -37.46
N THR E 654 -35.98 0.14 -36.35
CA THR E 654 -36.63 0.66 -35.16
C THR E 654 -36.02 1.99 -34.75
N LEU E 655 -34.70 2.02 -34.59
CA LEU E 655 -34.03 3.26 -34.21
C LEU E 655 -34.33 4.37 -35.20
N GLU E 656 -34.16 4.09 -36.50
CA GLU E 656 -34.32 5.12 -37.51
C GLU E 656 -35.72 5.73 -37.46
N ALA E 657 -36.75 4.89 -37.33
CA ALA E 657 -38.11 5.39 -37.24
C ALA E 657 -38.46 5.91 -35.85
N MET E 658 -37.58 5.72 -34.88
CA MET E 658 -37.94 6.01 -33.49
C MET E 658 -37.53 7.42 -33.08
N LEU E 659 -36.38 7.90 -33.56
CA LEU E 659 -35.87 9.22 -33.21
C LEU E 659 -36.20 10.28 -34.26
N ARG E 660 -37.04 9.96 -35.23
CA ARG E 660 -37.38 10.90 -36.28
C ARG E 660 -37.94 12.18 -35.69
N ALA E 674 -17.86 22.63 -26.92
CA ALA E 674 -17.19 23.76 -26.27
C ALA E 674 -16.47 24.61 -27.31
N ALA E 675 -16.56 25.93 -27.15
CA ALA E 675 -15.91 26.87 -28.04
C ALA E 675 -14.61 27.35 -27.40
N ASN E 676 -13.58 27.54 -28.22
CA ASN E 676 -12.26 27.96 -27.76
C ASN E 676 -11.94 29.32 -28.33
N MET E 677 -11.44 30.21 -27.49
CA MET E 677 -11.09 31.57 -27.89
C MET E 677 -9.76 31.94 -27.25
N LEU E 678 -8.87 32.52 -28.05
CA LEU E 678 -7.56 32.97 -27.60
C LEU E 678 -7.48 34.48 -27.78
N TYR E 679 -7.06 35.17 -26.71
CA TYR E 679 -7.00 36.61 -26.68
C TYR E 679 -5.56 37.09 -26.51
N PRO E 680 -5.18 38.20 -27.12
CA PRO E 680 -3.80 38.68 -26.97
C PRO E 680 -3.57 39.30 -25.60
N ILE E 681 -2.29 39.44 -25.27
CA ILE E 681 -1.85 40.14 -24.06
C ILE E 681 -0.47 40.72 -24.36
N PRO E 682 -0.36 41.98 -24.74
CA PRO E 682 0.96 42.56 -25.00
C PRO E 682 1.91 42.39 -23.83
N ALA E 683 3.20 42.60 -24.06
CA ALA E 683 4.19 42.43 -23.02
C ALA E 683 4.03 43.47 -21.93
N ASN E 684 4.20 43.05 -20.69
CA ASN E 684 4.14 43.95 -19.53
C ASN E 684 2.77 44.59 -19.40
N ALA E 685 1.74 43.88 -19.84
CA ALA E 685 0.37 44.34 -19.67
C ALA E 685 -0.14 43.97 -18.29
N THR E 686 -1.10 44.74 -17.80
CA THR E 686 -1.74 44.47 -16.52
C THR E 686 -3.25 44.38 -16.62
N ASN E 687 -3.87 45.18 -17.47
CA ASN E 687 -5.30 45.10 -17.74
C ASN E 687 -5.53 44.36 -19.06
N ILE E 688 -6.68 43.73 -19.17
CA ILE E 688 -7.08 43.09 -20.42
C ILE E 688 -8.59 43.16 -20.53
N PRO E 689 -9.14 44.14 -21.23
CA PRO E 689 -10.58 44.16 -21.48
C PRO E 689 -10.97 43.37 -22.71
N ILE E 690 -11.80 42.34 -22.53
CA ILE E 690 -12.21 41.45 -23.60
C ILE E 690 -13.71 41.57 -23.80
N SER E 691 -14.16 41.18 -24.99
CA SER E 691 -15.57 41.16 -25.33
C SER E 691 -15.89 39.84 -26.02
N ILE E 692 -16.74 39.04 -25.40
CA ILE E 692 -17.11 37.74 -25.96
C ILE E 692 -18.03 37.97 -27.16
N PRO E 693 -17.84 37.28 -28.28
CA PRO E 693 -18.82 37.40 -29.37
C PRO E 693 -20.17 36.87 -28.93
N SER E 694 -21.22 37.50 -29.45
CA SER E 694 -22.59 37.15 -29.05
C SER E 694 -22.98 35.83 -29.68
N ARG E 695 -23.15 34.80 -28.87
CA ARG E 695 -23.63 33.50 -29.29
C ARG E 695 -24.90 33.16 -28.50
N ASN E 696 -25.40 31.95 -28.69
CA ASN E 696 -26.58 31.50 -27.94
C ASN E 696 -26.28 31.56 -26.44
N TRP E 697 -27.02 32.42 -25.74
CA TRP E 697 -26.78 32.59 -24.31
C TRP E 697 -26.93 31.27 -23.56
N ALA E 698 -27.74 30.36 -24.08
CA ALA E 698 -27.89 29.06 -23.45
C ALA E 698 -26.57 28.29 -23.51
N ALA E 699 -26.53 27.17 -22.80
CA ALA E 699 -25.38 26.27 -22.74
C ALA E 699 -24.16 26.92 -22.09
N PHE E 700 -24.33 28.05 -21.40
CA PHE E 700 -23.22 28.69 -20.71
C PHE E 700 -22.97 27.99 -19.38
N ARG E 701 -22.73 26.67 -19.41
CA ARG E 701 -22.55 25.90 -18.19
C ARG E 701 -21.12 26.08 -17.67
N GLY E 702 -20.81 27.33 -17.33
CA GLY E 702 -19.50 27.67 -16.80
C GLY E 702 -18.41 27.70 -17.85
N TRP E 703 -17.38 28.51 -17.63
CA TRP E 703 -16.25 28.58 -18.53
C TRP E 703 -14.96 28.52 -17.71
N SER E 704 -13.90 28.09 -18.37
CA SER E 704 -12.57 28.03 -17.76
C SER E 704 -11.65 29.04 -18.43
N PHE E 705 -10.47 29.21 -17.86
CA PHE E 705 -9.50 30.13 -18.43
C PHE E 705 -8.15 29.95 -17.76
N THR E 706 -7.09 30.10 -18.55
CA THR E 706 -5.73 30.07 -18.05
C THR E 706 -4.86 30.90 -18.98
N ARG E 707 -3.62 31.15 -18.55
CA ARG E 707 -2.68 31.97 -19.28
C ARG E 707 -1.60 31.10 -19.91
N LEU E 708 -1.29 31.36 -21.17
CA LEU E 708 -0.25 30.64 -21.91
C LEU E 708 0.80 31.63 -22.41
N LYS E 709 1.70 31.13 -23.25
CA LYS E 709 2.72 31.95 -23.89
C LYS E 709 2.55 31.88 -25.40
N THR E 710 2.83 32.99 -26.08
CA THR E 710 2.71 32.99 -27.53
C THR E 710 3.73 32.06 -28.17
N LYS E 711 4.92 31.98 -27.59
CA LYS E 711 5.96 31.12 -28.12
C LYS E 711 5.65 29.64 -27.95
N GLU E 712 4.66 29.29 -27.13
CA GLU E 712 4.34 27.90 -26.86
C GLU E 712 3.07 27.42 -27.55
N THR E 713 2.05 28.25 -27.62
CA THR E 713 0.83 27.86 -28.32
C THR E 713 1.08 27.88 -29.82
N PRO E 714 0.84 26.79 -30.54
CA PRO E 714 1.03 26.81 -31.98
C PRO E 714 -0.19 27.37 -32.68
N SER E 715 0.05 28.03 -33.81
CA SER E 715 -1.03 28.63 -34.60
C SER E 715 -1.77 27.52 -35.34
N LEU E 716 -2.44 26.67 -34.56
CA LEU E 716 -3.24 25.61 -35.15
C LEU E 716 -4.28 26.20 -36.08
N GLY E 717 -4.44 25.58 -37.24
CA GLY E 717 -5.40 26.06 -38.23
C GLY E 717 -4.78 26.28 -39.59
N SER E 718 -3.62 25.67 -39.83
CA SER E 718 -3.00 25.68 -41.14
C SER E 718 -2.35 24.32 -41.37
N GLY E 719 -1.55 24.23 -42.41
CA GLY E 719 -0.83 23.00 -42.69
C GLY E 719 0.49 22.96 -41.95
N PHE E 720 1.11 24.11 -41.76
CA PHE E 720 2.44 24.16 -41.16
C PHE E 720 2.72 25.59 -40.73
N ASP E 721 2.98 25.81 -39.44
CA ASP E 721 3.26 27.14 -38.94
C ASP E 721 4.76 27.38 -38.98
N PRO E 722 5.26 28.23 -39.88
CA PRO E 722 6.71 28.47 -39.90
C PRO E 722 7.24 29.16 -38.66
N TYR E 723 6.38 29.82 -37.88
CA TYR E 723 6.82 30.58 -36.72
C TYR E 723 6.86 29.75 -35.45
N PHE E 724 6.52 28.47 -35.52
CA PHE E 724 6.59 27.58 -34.36
C PHE E 724 8.02 27.07 -34.26
N VAL E 725 8.84 27.69 -33.40
CA VAL E 725 10.30 27.35 -33.29
C VAL E 725 10.57 26.85 -31.89
N TYR E 726 9.72 25.97 -31.37
CA TYR E 726 9.83 25.43 -30.00
C TYR E 726 9.19 24.04 -29.99
N SER E 727 9.77 23.06 -29.28
CA SER E 727 9.29 21.64 -29.28
C SER E 727 9.14 21.08 -27.86
N GLY E 728 8.98 21.93 -26.84
CA GLY E 728 8.88 21.49 -25.43
C GLY E 728 7.49 20.98 -25.08
N SER E 729 6.85 21.49 -24.02
CA SER E 729 5.51 21.13 -23.59
C SER E 729 4.52 22.16 -24.11
N ILE E 730 3.47 21.70 -24.77
CA ILE E 730 2.45 22.58 -25.33
C ILE E 730 1.22 22.52 -24.43
N PRO E 731 1.12 23.39 -23.42
CA PRO E 731 -0.01 23.28 -22.49
C PRO E 731 -1.36 23.43 -23.17
N TYR E 732 -1.40 24.08 -24.33
CA TYR E 732 -2.63 24.20 -25.09
C TYR E 732 -3.13 22.86 -25.59
N LEU E 733 -2.28 21.83 -25.61
CA LEU E 733 -2.66 20.54 -26.16
C LEU E 733 -2.53 19.38 -25.19
N ASP E 734 -1.69 19.46 -24.16
CA ASP E 734 -1.55 18.37 -23.21
C ASP E 734 -1.95 18.77 -21.79
N GLY E 735 -2.49 19.97 -21.60
CA GLY E 735 -3.03 20.34 -20.31
C GLY E 735 -2.01 20.57 -19.22
N THR E 736 -0.78 20.87 -19.58
CA THR E 736 0.27 21.15 -18.59
C THR E 736 0.42 22.65 -18.37
N PHE E 737 -0.68 23.28 -17.96
CA PHE E 737 -0.65 24.70 -17.68
C PHE E 737 0.12 24.98 -16.41
N TYR E 738 0.88 26.08 -16.40
CA TYR E 738 1.66 26.45 -15.22
C TYR E 738 1.59 27.92 -14.85
N LEU E 739 1.12 28.82 -15.71
CA LEU E 739 1.02 30.24 -15.39
C LEU E 739 -0.36 30.60 -14.86
N ASN E 740 -0.83 29.87 -13.84
CA ASN E 740 -2.11 30.15 -13.22
C ASN E 740 -1.99 31.09 -12.04
N HIS E 741 -0.79 31.26 -11.50
CA HIS E 741 -0.57 32.12 -10.34
C HIS E 741 -0.37 33.58 -10.71
N THR E 742 -0.46 33.91 -12.00
CA THR E 742 -0.25 35.27 -12.47
C THR E 742 -1.57 36.00 -12.71
N PHE E 743 -2.58 35.71 -11.89
CA PHE E 743 -3.91 36.29 -12.03
C PHE E 743 -4.25 37.09 -10.79
N LYS E 744 -4.88 38.24 -11.00
CA LYS E 744 -5.15 39.18 -9.92
C LYS E 744 -6.62 39.42 -9.67
N LYS E 745 -7.41 39.65 -10.73
CA LYS E 745 -8.81 39.99 -10.56
C LYS E 745 -9.51 39.87 -11.91
N VAL E 746 -10.71 39.31 -11.90
CA VAL E 746 -11.52 39.15 -13.10
C VAL E 746 -12.90 39.72 -12.82
N SER E 747 -13.32 40.68 -13.63
CA SER E 747 -14.58 41.38 -13.44
C SER E 747 -15.47 41.19 -14.65
N ILE E 748 -16.72 40.81 -14.42
CA ILE E 748 -17.72 40.70 -15.45
C ILE E 748 -18.53 41.99 -15.46
N MET E 749 -19.03 42.37 -16.63
CA MET E 749 -19.86 43.57 -16.71
C MET E 749 -21.18 43.33 -15.98
N PHE E 750 -21.99 44.38 -15.91
CA PHE E 750 -23.18 44.35 -15.06
C PHE E 750 -24.27 43.41 -15.58
N ASP E 751 -24.13 42.89 -16.80
CA ASP E 751 -25.16 42.00 -17.33
C ASP E 751 -25.37 40.80 -16.42
N SER E 752 -26.63 40.49 -16.15
CA SER E 752 -26.96 39.46 -15.17
C SER E 752 -26.53 38.08 -15.64
N SER E 753 -26.22 37.21 -14.69
CA SER E 753 -25.81 35.85 -14.99
C SER E 753 -26.41 34.92 -13.95
N VAL E 754 -26.66 33.67 -14.36
CA VAL E 754 -27.20 32.67 -13.44
C VAL E 754 -26.09 32.20 -12.52
N SER E 755 -26.42 32.00 -11.25
CA SER E 755 -25.45 31.61 -10.23
C SER E 755 -25.51 30.09 -10.08
N TRP E 756 -24.39 29.42 -10.38
CA TRP E 756 -24.27 27.97 -10.32
C TRP E 756 -25.58 27.26 -10.63
N SER E 764 -23.88 34.79 -8.30
CA SER E 764 -23.48 35.31 -9.60
C SER E 764 -22.80 36.67 -9.45
N PRO E 765 -21.69 36.71 -8.72
CA PRO E 765 -21.01 37.99 -8.48
C PRO E 765 -20.40 38.54 -9.76
N ASN E 766 -19.89 39.77 -9.66
CA ASN E 766 -19.32 40.45 -10.81
C ASN E 766 -17.80 40.46 -10.80
N GLU E 767 -17.15 40.71 -9.67
CA GLU E 767 -15.70 40.72 -9.58
C GLU E 767 -15.26 39.68 -8.56
N PHE E 768 -14.24 38.90 -8.91
CA PHE E 768 -13.62 37.94 -8.02
C PHE E 768 -12.19 38.37 -7.78
N GLU E 769 -11.76 38.35 -6.52
CA GLU E 769 -10.38 38.68 -6.18
C GLU E 769 -9.55 37.41 -6.15
N ILE E 770 -8.48 37.38 -6.95
CA ILE E 770 -7.63 36.19 -7.02
C ILE E 770 -6.60 36.20 -5.91
N LYS E 771 -5.85 37.29 -5.78
CA LYS E 771 -4.85 37.43 -4.74
C LYS E 771 -4.71 38.91 -4.42
N ARG E 772 -4.77 39.24 -3.14
CA ARG E 772 -4.63 40.63 -2.71
C ARG E 772 -3.23 40.90 -2.17
N THR E 787 -7.07 35.13 -1.47
CA THR E 787 -8.37 35.43 -0.86
C THR E 787 -9.18 34.15 -0.68
N LYS E 788 -9.79 34.00 0.50
CA LYS E 788 -10.56 32.80 0.79
C LYS E 788 -11.72 32.63 -0.19
N ASP E 789 -12.23 33.74 -0.72
CA ASP E 789 -13.38 33.66 -1.63
C ASP E 789 -13.04 32.81 -2.84
N TRP E 790 -11.87 33.04 -3.45
CA TRP E 790 -11.50 32.26 -4.62
C TRP E 790 -11.29 30.80 -4.27
N PHE E 791 -10.69 30.53 -3.11
CA PHE E 791 -10.54 29.14 -2.67
C PHE E 791 -11.90 28.46 -2.63
N LEU E 792 -12.88 29.13 -2.03
CA LEU E 792 -14.22 28.53 -1.95
C LEU E 792 -14.83 28.34 -3.33
N VAL E 793 -14.68 29.33 -4.22
CA VAL E 793 -15.28 29.20 -5.55
C VAL E 793 -14.69 28.02 -6.30
N GLN E 794 -13.36 27.89 -6.26
CA GLN E 794 -12.72 26.78 -6.97
C GLN E 794 -13.10 25.44 -6.36
N MET E 795 -13.16 25.35 -5.03
CA MET E 795 -13.60 24.12 -4.41
C MET E 795 -15.01 23.76 -4.83
N LEU E 796 -15.91 24.74 -4.84
CA LEU E 796 -17.29 24.48 -5.24
C LEU E 796 -17.36 24.04 -6.70
N ALA E 797 -16.51 24.62 -7.55
CA ALA E 797 -16.45 24.17 -8.94
C ALA E 797 -16.12 22.69 -9.03
N ASN E 798 -15.43 22.16 -8.03
CA ASN E 798 -15.12 20.74 -7.97
C ASN E 798 -16.26 19.96 -7.34
N ARG E 815 -8.58 14.00 -8.92
CA ARG E 815 -7.91 13.56 -10.13
C ARG E 815 -6.59 14.30 -10.32
N MET E 816 -5.92 14.04 -11.44
CA MET E 816 -4.64 14.66 -11.71
C MET E 816 -4.81 16.12 -12.11
N TYR E 817 -5.81 16.42 -12.93
CA TYR E 817 -6.00 17.76 -13.48
C TYR E 817 -6.96 18.59 -12.64
N SER E 818 -7.01 18.36 -11.33
CA SER E 818 -8.00 18.96 -10.46
C SER E 818 -7.33 19.74 -9.34
N PHE E 819 -8.06 20.73 -8.83
CA PHE E 819 -7.58 21.52 -7.71
C PHE E 819 -7.34 20.63 -6.50
N PHE E 820 -6.64 21.18 -5.52
CA PHE E 820 -6.35 20.49 -4.27
C PHE E 820 -5.36 19.35 -4.45
N ARG E 821 -4.96 19.07 -5.68
CA ARG E 821 -3.84 18.19 -5.95
C ARG E 821 -2.63 18.94 -6.48
N ASN E 822 -2.81 20.17 -6.95
CA ASN E 822 -1.72 20.98 -7.48
C ASN E 822 -1.61 22.33 -6.80
N PHE E 823 -2.39 22.60 -5.75
CA PHE E 823 -2.32 23.85 -5.03
C PHE E 823 -1.31 23.72 -3.89
N GLN E 824 -0.42 24.69 -3.78
CA GLN E 824 0.65 24.63 -2.79
C GLN E 824 1.02 26.02 -2.29
N PRO E 825 0.65 26.38 -1.06
CA PRO E 825 1.08 27.66 -0.50
C PRO E 825 2.45 27.56 0.15
N MET E 826 3.09 28.71 0.29
CA MET E 826 4.42 28.79 0.86
C MET E 826 4.54 30.08 1.65
N SER E 827 5.43 30.07 2.65
CA SER E 827 5.63 31.23 3.51
C SER E 827 7.10 31.29 3.92
N ARG E 828 7.64 32.50 3.91
CA ARG E 828 9.04 32.73 4.20
C ARG E 828 9.20 34.02 4.97
N GLN E 829 10.23 34.07 5.81
CA GLN E 829 10.63 35.28 6.51
C GLN E 829 11.79 35.92 5.76
N VAL E 830 11.73 37.23 5.57
CA VAL E 830 12.76 37.96 4.85
C VAL E 830 13.09 39.23 5.61
N VAL E 831 14.23 39.82 5.24
CA VAL E 831 14.69 41.03 5.91
C VAL E 831 13.68 42.14 5.67
N ASP E 832 13.35 42.87 6.74
CA ASP E 832 12.48 44.03 6.61
C ASP E 832 13.22 45.14 5.89
N GLU E 833 12.50 45.84 5.01
CA GLU E 833 13.12 46.86 4.17
C GLU E 833 13.14 48.23 4.84
N VAL E 834 12.03 48.65 5.44
CA VAL E 834 11.87 50.03 5.87
C VAL E 834 12.16 50.24 7.35
N ASN E 835 12.13 49.19 8.17
CA ASN E 835 12.36 49.36 9.60
C ASN E 835 13.83 49.19 9.97
N TYR E 836 14.51 48.19 9.41
CA TYR E 836 15.92 48.01 9.68
C TYR E 836 16.69 49.23 9.18
N THR E 837 17.23 50.02 10.12
CA THR E 837 17.79 51.31 9.76
C THR E 837 19.08 51.18 8.97
N ASP E 838 19.84 50.11 9.19
CA ASP E 838 21.17 49.98 8.62
C ASP E 838 21.15 49.01 7.45
N TYR E 839 20.10 49.10 6.63
CA TYR E 839 19.92 48.24 5.47
C TYR E 839 20.46 48.92 4.22
N LYS E 840 21.16 48.16 3.39
CA LYS E 840 21.69 48.67 2.12
C LYS E 840 21.63 47.55 1.10
N ALA E 841 20.79 47.72 0.09
CA ALA E 841 20.52 46.65 -0.89
C ALA E 841 21.66 46.61 -1.89
N VAL E 842 22.56 45.64 -1.72
CA VAL E 842 23.68 45.47 -2.64
C VAL E 842 23.17 44.76 -3.89
N THR E 843 23.55 45.30 -5.05
CA THR E 843 23.16 44.67 -6.30
C THR E 843 23.94 43.38 -6.50
N LEU E 844 23.39 42.49 -7.33
CA LEU E 844 23.98 41.18 -7.54
C LEU E 844 25.45 41.24 -7.92
N PRO E 845 25.89 42.13 -8.82
CA PRO E 845 27.31 42.13 -9.20
C PRO E 845 28.26 42.44 -8.05
N TYR E 846 27.79 43.09 -6.99
CA TYR E 846 28.65 43.51 -5.90
C TYR E 846 28.47 42.69 -4.63
N GLN E 847 27.75 41.58 -4.73
CA GLN E 847 27.62 40.64 -3.61
C GLN E 847 28.72 39.59 -3.71
N HIS E 848 29.49 39.44 -2.65
CA HIS E 848 30.58 38.46 -2.62
C HIS E 848 30.40 37.53 -1.45
N ASN E 849 30.23 36.24 -1.75
CA ASN E 849 30.21 35.17 -0.77
C ASN E 849 31.09 34.04 -1.29
N ASN E 850 31.77 33.36 -0.39
CA ASN E 850 32.74 32.34 -0.76
C ASN E 850 33.83 32.92 -1.66
N SER E 851 34.14 34.20 -1.48
CA SER E 851 35.13 34.85 -2.33
C SER E 851 36.46 34.12 -2.24
N GLY E 852 37.10 33.96 -3.39
CA GLY E 852 38.39 33.31 -3.47
C GLY E 852 38.35 31.82 -3.66
N PHE E 853 37.20 31.18 -3.41
CA PHE E 853 37.06 29.74 -3.50
C PHE E 853 36.00 29.34 -4.52
N VAL E 854 35.80 30.17 -5.54
CA VAL E 854 34.84 29.87 -6.59
C VAL E 854 35.10 30.81 -7.77
N GLY E 855 34.75 30.38 -8.96
CA GLY E 855 34.83 31.28 -10.11
C GLY E 855 33.93 32.49 -9.91
N TYR E 856 34.47 33.66 -10.24
CA TYR E 856 33.76 34.93 -10.04
C TYR E 856 32.89 35.21 -11.25
N LEU E 857 31.57 35.22 -11.03
CA LEU E 857 30.60 35.50 -12.09
C LEU E 857 30.86 34.63 -13.32
N ALA E 858 31.42 33.45 -13.12
CA ALA E 858 31.75 32.55 -14.21
C ALA E 858 32.16 31.19 -13.66
N PRO E 859 31.80 30.08 -14.33
CA PRO E 859 32.31 28.78 -13.89
C PRO E 859 33.80 28.64 -14.20
N THR E 860 34.59 29.55 -13.63
CA THR E 860 36.02 29.61 -13.87
C THR E 860 36.75 29.16 -12.61
N MET E 861 38.06 28.96 -12.76
CA MET E 861 38.86 28.40 -11.68
C MET E 861 38.91 29.36 -10.50
N ARG E 862 39.60 28.92 -9.45
CA ARG E 862 39.68 29.71 -8.22
C ARG E 862 40.19 31.12 -8.51
N GLN E 863 39.58 32.10 -7.87
CA GLN E 863 40.00 33.48 -8.05
C GLN E 863 39.42 34.33 -6.93
N GLY E 864 40.20 35.33 -6.51
CA GLY E 864 39.82 36.25 -5.46
C GLY E 864 40.67 36.05 -4.22
N GLU E 865 40.21 36.67 -3.13
CA GLU E 865 40.86 36.52 -1.84
C GLU E 865 39.80 36.24 -0.77
N PRO E 866 40.13 35.42 0.22
CA PRO E 866 39.18 35.18 1.31
C PRO E 866 38.83 36.48 2.02
N TYR E 867 37.58 36.61 2.42
CA TYR E 867 37.09 37.81 3.07
C TYR E 867 35.69 37.55 3.58
N PRO E 868 35.26 38.18 4.68
CA PRO E 868 33.90 37.95 5.16
C PRO E 868 32.87 38.31 4.10
N ALA E 869 31.80 37.54 4.05
CA ALA E 869 30.76 37.76 3.06
C ALA E 869 29.83 38.87 3.50
N ASN E 870 29.04 39.37 2.56
CA ASN E 870 28.05 40.41 2.83
C ASN E 870 26.63 39.95 2.56
N TYR E 871 26.43 38.98 1.70
CA TYR E 871 25.12 38.40 1.46
C TYR E 871 25.09 36.96 1.94
N PRO E 872 24.02 36.52 2.61
CA PRO E 872 22.78 37.21 2.96
C PRO E 872 22.82 37.84 4.35
N TYR E 873 21.72 38.44 4.76
CA TYR E 873 21.61 39.04 6.09
C TYR E 873 21.16 37.98 7.09
N PRO E 874 21.83 37.86 8.24
CA PRO E 874 21.44 36.80 9.18
C PRO E 874 20.06 37.05 9.79
N LEU E 875 19.08 36.23 9.42
CA LEU E 875 17.76 36.33 10.00
C LEU E 875 17.67 35.71 11.38
N ILE E 876 18.69 34.97 11.81
CA ILE E 876 18.72 34.31 13.10
C ILE E 876 19.99 34.73 13.83
N GLY E 877 20.17 34.21 15.03
CA GLY E 877 21.39 34.43 15.78
C GLY E 877 21.29 35.57 16.77
N THR E 878 22.42 35.83 17.43
CA THR E 878 22.51 36.90 18.42
C THR E 878 22.50 38.28 17.80
N THR E 879 22.63 38.38 16.49
CA THR E 879 22.59 39.65 15.78
C THR E 879 21.57 39.59 14.67
N ALA E 880 20.39 39.06 14.97
CA ALA E 880 19.35 38.92 13.96
C ALA E 880 18.83 40.30 13.56
N VAL E 881 18.29 40.36 12.35
CA VAL E 881 17.71 41.59 11.83
C VAL E 881 16.19 41.47 11.89
N LYS E 882 15.51 42.61 11.75
CA LYS E 882 14.06 42.59 11.76
C LYS E 882 13.54 41.89 10.51
N SER E 883 12.36 41.31 10.62
CA SER E 883 11.85 40.42 9.59
C SER E 883 10.40 40.73 9.26
N VAL E 884 10.02 40.38 8.02
CA VAL E 884 8.65 40.46 7.56
C VAL E 884 8.31 39.14 6.89
N THR E 885 7.02 38.89 6.72
CA THR E 885 6.53 37.61 6.21
C THR E 885 6.02 37.77 4.79
N GLN E 886 6.41 36.83 3.93
CA GLN E 886 5.98 36.80 2.54
C GLN E 886 5.18 35.53 2.28
N LYS E 887 4.27 35.59 1.31
CA LYS E 887 3.38 34.48 1.04
C LYS E 887 3.12 34.39 -0.45
N LYS E 888 3.19 33.17 -1.00
CA LYS E 888 2.87 32.95 -2.40
C LYS E 888 2.41 31.51 -2.59
N PHE E 889 1.77 31.26 -3.71
CA PHE E 889 1.23 29.93 -4.01
C PHE E 889 1.49 29.57 -5.46
N LEU E 890 1.55 28.27 -5.72
CA LEU E 890 1.74 27.73 -7.06
C LEU E 890 0.65 26.71 -7.35
N CYS E 891 -0.07 26.92 -8.45
CA CYS E 891 -1.05 25.95 -8.93
C CYS E 891 -0.78 25.71 -10.42
N ASP E 892 -0.67 24.44 -10.79
CA ASP E 892 -0.22 24.07 -12.13
C ASP E 892 -0.99 22.87 -12.63
N ARG E 893 -0.83 22.45 -13.86
CA ARG E 893 -1.64 21.41 -14.45
C ARG E 893 -3.05 21.59 -13.93
N THR E 894 -3.64 22.79 -14.02
CA THR E 894 -5.04 22.95 -13.64
C THR E 894 -5.62 24.10 -14.44
N MET E 895 -6.83 24.49 -14.10
CA MET E 895 -7.50 25.59 -14.77
C MET E 895 -8.45 26.26 -13.79
N TRP E 896 -8.76 27.52 -14.09
CA TRP E 896 -9.79 28.22 -13.34
C TRP E 896 -11.16 27.88 -13.91
N ARG E 897 -12.21 27.85 -13.07
CA ARG E 897 -13.58 27.48 -13.47
C ARG E 897 -14.56 28.45 -12.81
N ILE E 898 -15.11 29.43 -13.54
CA ILE E 898 -16.13 30.37 -12.98
C ILE E 898 -17.49 29.66 -13.02
N PRO E 899 -18.22 29.47 -11.88
CA PRO E 899 -19.49 28.72 -11.90
C PRO E 899 -20.63 29.51 -12.54
N PHE E 900 -21.70 28.83 -12.98
CA PHE E 900 -22.87 29.48 -13.64
C PHE E 900 -24.10 28.56 -13.51
N ALA E 925 -23.69 40.40 -25.83
CA ALA E 925 -22.27 40.72 -25.74
C ALA E 925 -21.84 40.83 -24.29
N LEU E 926 -20.96 39.93 -23.86
CA LEU E 926 -20.46 39.90 -22.49
C LEU E 926 -19.06 40.49 -22.47
N ASP E 927 -18.82 41.42 -21.55
CA ASP E 927 -17.55 42.11 -21.45
C ASP E 927 -16.90 41.74 -20.12
N MET E 928 -15.57 41.65 -20.15
CA MET E 928 -14.80 41.31 -18.96
C MET E 928 -13.59 42.21 -18.90
N THR E 929 -12.93 42.20 -17.74
CA THR E 929 -11.64 42.82 -17.57
C THR E 929 -10.79 41.90 -16.71
N PHE E 930 -9.59 41.59 -17.19
CA PHE E 930 -8.69 40.68 -16.49
C PHE E 930 -7.49 41.45 -15.94
N GLU E 931 -7.00 41.02 -14.80
CA GLU E 931 -5.78 41.54 -14.21
C GLU E 931 -4.74 40.42 -14.18
N VAL E 932 -3.48 40.77 -14.45
CA VAL E 932 -2.42 39.79 -14.54
C VAL E 932 -1.12 40.42 -14.07
N ASP E 933 -0.31 39.64 -13.39
CA ASP E 933 1.01 40.11 -12.99
C ASP E 933 1.86 40.31 -14.24
N PRO E 934 2.53 41.44 -14.40
CA PRO E 934 3.22 41.71 -15.67
C PRO E 934 4.28 40.66 -15.98
N MET E 935 4.43 40.38 -17.26
CA MET E 935 5.41 39.42 -17.76
C MET E 935 6.18 40.05 -18.91
N ASP E 936 7.36 39.50 -19.18
CA ASP E 936 8.29 40.09 -20.13
C ASP E 936 8.18 39.53 -21.55
N GLU E 937 7.21 38.67 -21.82
CA GLU E 937 6.98 38.13 -23.15
C GLU E 937 5.49 38.08 -23.44
N PRO E 938 5.11 38.13 -24.71
CA PRO E 938 3.68 38.10 -25.03
C PRO E 938 3.03 36.82 -24.51
N THR E 939 1.79 36.96 -24.05
CA THR E 939 1.02 35.85 -23.52
C THR E 939 -0.37 35.88 -24.14
N LEU E 940 -1.11 34.78 -23.94
CA LEU E 940 -2.45 34.65 -24.47
C LEU E 940 -3.40 34.23 -23.35
N LEU E 941 -4.61 34.77 -23.38
CA LEU E 941 -5.65 34.44 -22.42
C LEU E 941 -6.55 33.38 -23.06
N TYR E 942 -6.46 32.16 -22.56
CA TYR E 942 -7.22 31.05 -23.12
C TYR E 942 -8.57 30.95 -22.42
N LEU E 943 -9.64 30.81 -23.19
CA LEU E 943 -11.00 30.75 -22.66
C LEU E 943 -11.69 29.51 -23.19
N LEU E 944 -12.30 28.73 -22.30
CA LEU E 944 -12.97 27.49 -22.64
C LEU E 944 -14.43 27.63 -22.25
N PHE E 945 -15.24 28.13 -23.19
CA PHE E 945 -16.68 28.30 -22.96
C PHE E 945 -17.36 26.97 -23.23
N GLU E 946 -17.62 26.22 -22.16
CA GLU E 946 -18.28 24.92 -22.30
C GLU E 946 -19.71 25.12 -22.77
N VAL E 947 -20.11 24.36 -23.79
CA VAL E 947 -21.48 24.42 -24.29
C VAL E 947 -21.92 23.03 -24.73
N PHE F 161 -15.20 -55.31 -34.32
CA PHE F 161 -14.60 -53.99 -34.47
C PHE F 161 -15.53 -53.06 -35.25
N ALA F 162 -15.54 -51.78 -34.88
CA ALA F 162 -16.36 -50.81 -35.57
C ALA F 162 -16.02 -50.78 -37.05
N VAL F 163 -17.05 -50.78 -37.89
CA VAL F 163 -16.89 -50.84 -39.34
C VAL F 163 -16.21 -49.58 -39.86
N PRO F 164 -16.80 -48.40 -39.66
CA PRO F 164 -16.23 -47.15 -40.18
C PRO F 164 -15.20 -46.53 -39.25
N GLU F 165 -14.14 -47.28 -38.94
CA GLU F 165 -13.05 -46.79 -38.10
C GLU F 165 -11.72 -47.23 -38.69
N VAL F 166 -10.62 -46.84 -38.06
CA VAL F 166 -9.30 -47.21 -38.57
C VAL F 166 -8.29 -47.24 -37.42
N LEU F 167 -7.45 -48.28 -37.38
CA LEU F 167 -6.32 -48.32 -36.47
C LEU F 167 -5.23 -49.18 -37.12
N ALA F 168 -4.29 -48.51 -37.78
CA ALA F 168 -3.12 -49.15 -38.35
C ALA F 168 -1.92 -48.85 -37.44
N THR F 169 -0.73 -49.23 -37.90
CA THR F 169 0.47 -48.99 -37.11
C THR F 169 1.68 -48.57 -37.94
N TYR F 170 1.54 -48.38 -39.25
CA TYR F 170 2.67 -48.02 -40.10
C TYR F 170 2.38 -46.86 -41.03
N HIS F 171 1.19 -46.24 -40.95
CA HIS F 171 0.81 -45.15 -41.83
C HIS F 171 0.51 -43.85 -41.07
N ILE F 172 0.79 -43.81 -39.77
CA ILE F 172 0.46 -42.64 -38.97
C ILE F 172 1.66 -42.24 -38.11
N PHE F 173 2.44 -41.30 -38.60
CA PHE F 173 3.47 -40.65 -37.78
C PHE F 173 3.32 -39.13 -37.78
N PHE F 174 3.03 -38.53 -38.93
CA PHE F 174 2.53 -37.16 -39.00
C PHE F 174 3.48 -36.15 -38.35
N GLN F 175 4.63 -35.98 -38.99
CA GLN F 175 5.52 -34.90 -38.64
C GLN F 175 4.76 -33.58 -38.58
N ASN F 176 5.00 -32.80 -37.52
CA ASN F 176 4.32 -31.55 -37.28
C ASN F 176 5.29 -30.39 -37.47
N CYS F 177 4.81 -29.32 -38.09
CA CYS F 177 5.63 -28.15 -38.35
C CYS F 177 4.74 -26.92 -38.49
N LYS F 178 5.34 -25.75 -38.32
CA LYS F 178 4.62 -24.51 -38.59
C LYS F 178 4.50 -24.29 -40.09
N ILE F 179 3.35 -23.82 -40.52
CA ILE F 179 3.08 -23.69 -41.96
C ILE F 179 4.05 -22.68 -42.52
N PRO F 180 4.86 -23.03 -43.53
CA PRO F 180 5.73 -22.02 -44.13
C PRO F 180 4.92 -20.86 -44.68
N LEU F 181 5.29 -19.63 -44.33
CA LEU F 181 4.57 -18.42 -44.80
C LEU F 181 4.60 -18.42 -46.31
N SER F 182 5.59 -19.07 -46.90
CA SER F 182 5.74 -19.17 -48.37
C SER F 182 4.99 -20.36 -48.96
N CYS F 183 4.05 -20.95 -48.20
CA CYS F 183 3.32 -22.16 -48.64
C CYS F 183 2.49 -21.92 -49.90
N ARG F 184 1.93 -22.96 -50.49
CA ARG F 184 1.20 -22.88 -51.77
C ARG F 184 0.06 -21.92 -51.75
N ALA F 185 -0.63 -21.81 -50.67
CA ALA F 185 -1.83 -20.97 -50.65
C ALA F 185 -1.38 -19.54 -50.87
N ASN F 186 -0.43 -19.12 -50.10
CA ASN F 186 0.03 -17.73 -50.11
C ASN F 186 0.60 -17.33 -51.46
N ARG F 187 0.92 -18.23 -52.36
CA ARG F 187 1.41 -17.83 -53.69
C ARG F 187 0.18 -17.83 -54.61
N SER F 188 -0.40 -16.66 -54.91
CA SER F 188 -1.58 -16.52 -55.77
C SER F 188 -1.25 -16.90 -57.21
N ARG F 189 -0.09 -16.50 -57.71
CA ARG F 189 0.31 -16.77 -59.07
C ARG F 189 0.88 -18.18 -59.25
N ALA F 190 0.70 -19.05 -58.26
CA ALA F 190 1.26 -20.40 -58.34
C ALA F 190 0.80 -21.12 -59.60
N ASP F 191 -0.42 -20.85 -60.06
CA ASP F 191 -0.95 -21.57 -61.21
C ASP F 191 -0.09 -21.37 -62.45
N LYS F 192 0.36 -20.14 -62.69
CA LYS F 192 1.17 -19.88 -63.87
C LYS F 192 2.48 -20.67 -63.82
N GLN F 193 3.14 -20.68 -62.66
CA GLN F 193 4.36 -21.48 -62.53
C GLN F 193 4.07 -22.96 -62.72
N LEU F 194 2.94 -23.44 -62.20
CA LEU F 194 2.58 -24.84 -62.35
C LEU F 194 2.38 -25.24 -63.80
N ALA F 195 2.19 -24.28 -64.70
CA ALA F 195 2.01 -24.60 -66.11
C ALA F 195 3.25 -25.31 -66.66
N LEU F 196 3.01 -26.37 -67.41
CA LEU F 196 4.09 -27.15 -68.02
C LEU F 196 3.76 -27.39 -69.49
N ARG F 197 4.82 -27.54 -70.29
CA ARG F 197 4.66 -27.75 -71.72
C ARG F 197 5.42 -28.99 -72.16
N GLN F 198 5.51 -29.20 -73.49
CA GLN F 198 6.17 -30.40 -74.00
C GLN F 198 7.64 -30.45 -73.57
N GLY F 199 8.33 -29.32 -73.64
CA GLY F 199 9.74 -29.27 -73.26
C GLY F 199 9.92 -29.18 -71.75
N ALA F 200 9.55 -30.25 -71.04
CA ALA F 200 9.68 -30.29 -69.59
C ALA F 200 10.29 -31.63 -69.19
N VAL F 201 11.29 -31.58 -68.32
CA VAL F 201 11.95 -32.76 -67.82
C VAL F 201 11.60 -32.92 -66.34
N ILE F 202 11.84 -34.12 -65.80
CA ILE F 202 11.46 -34.44 -64.42
C ILE F 202 12.17 -33.49 -63.46
N PRO F 203 11.54 -33.10 -62.36
CA PRO F 203 12.22 -32.20 -61.42
C PRO F 203 13.50 -32.83 -60.87
N ASP F 204 14.49 -31.99 -60.66
CA ASP F 204 15.84 -32.42 -60.30
C ASP F 204 16.09 -32.22 -58.81
N ILE F 205 17.08 -32.94 -58.28
CA ILE F 205 17.44 -32.82 -56.88
C ILE F 205 18.08 -31.46 -56.63
N ALA F 206 17.92 -30.95 -55.41
CA ALA F 206 18.59 -29.74 -54.95
C ALA F 206 19.18 -30.01 -53.58
N SER F 207 20.40 -29.52 -53.36
CA SER F 207 21.11 -29.68 -52.10
C SER F 207 21.14 -28.36 -51.36
N LEU F 208 21.51 -28.43 -50.08
CA LEU F 208 21.55 -27.22 -49.25
C LEU F 208 22.57 -26.23 -49.78
N ASP F 209 23.76 -26.69 -50.17
CA ASP F 209 24.80 -25.78 -50.73
C ASP F 209 24.31 -25.26 -52.09
N GLU F 210 23.62 -26.09 -52.89
CA GLU F 210 23.22 -25.64 -54.22
C GLU F 210 22.38 -24.37 -54.15
N VAL F 211 21.40 -24.34 -53.27
CA VAL F 211 20.61 -23.12 -53.04
C VAL F 211 21.45 -22.18 -52.19
N PRO F 212 21.48 -20.88 -52.47
CA PRO F 212 22.30 -19.96 -51.66
C PRO F 212 21.76 -19.78 -50.26
N LYS F 213 20.46 -19.53 -50.13
CA LYS F 213 19.85 -19.31 -48.84
C LYS F 213 18.35 -19.52 -48.95
N ILE F 214 17.70 -19.63 -47.80
CA ILE F 214 16.26 -19.86 -47.71
C ILE F 214 15.58 -18.60 -47.19
N PHE F 215 14.46 -18.25 -47.82
CA PHE F 215 13.65 -17.12 -47.40
C PHE F 215 12.20 -17.58 -47.26
N GLU F 216 11.63 -17.40 -46.08
CA GLU F 216 10.30 -17.91 -45.79
C GLU F 216 9.19 -16.88 -45.95
N GLY F 217 9.51 -15.59 -45.90
CA GLY F 217 8.49 -14.57 -45.96
C GLY F 217 7.71 -14.61 -47.26
N LEU F 218 6.54 -13.94 -47.24
CA LEU F 218 5.72 -13.87 -48.44
C LEU F 218 6.49 -13.23 -49.60
N GLY F 219 7.41 -12.32 -49.30
CA GLY F 219 8.22 -11.70 -50.32
C GLY F 219 7.48 -10.63 -51.09
N ARG F 220 8.19 -10.07 -52.07
CA ARG F 220 7.62 -9.04 -52.92
C ARG F 220 6.72 -9.66 -53.98
N ASP F 221 5.99 -8.81 -54.70
CA ASP F 221 5.05 -9.13 -55.76
C ASP F 221 3.72 -9.66 -55.20
N GLU F 222 3.61 -9.85 -53.88
CA GLU F 222 2.37 -10.29 -53.26
C GLU F 222 1.82 -9.13 -52.42
N LYS F 223 0.57 -8.75 -52.69
CA LYS F 223 -0.07 -7.63 -52.03
C LYS F 223 -1.23 -8.14 -51.18
N ARG F 224 -1.23 -7.76 -49.90
CA ARG F 224 -2.30 -8.19 -49.00
C ARG F 224 -3.63 -7.62 -49.44
N ALA F 225 -4.68 -8.42 -49.28
CA ALA F 225 -6.02 -7.99 -49.64
C ALA F 225 -6.50 -6.88 -48.70
N ALA F 226 -7.38 -6.04 -49.22
CA ALA F 226 -7.93 -4.91 -48.45
C ALA F 226 -9.08 -5.39 -47.57
N ASN F 227 -8.80 -6.41 -46.78
CA ASN F 227 -9.79 -6.98 -45.87
C ASN F 227 -9.21 -7.20 -44.47
N VAL F 242 0.39 -16.22 -40.44
CA VAL F 242 0.42 -17.53 -41.09
C VAL F 242 -0.23 -17.46 -42.46
N LEU F 243 -1.51 -17.13 -42.50
CA LEU F 243 -2.28 -17.01 -43.73
C LEU F 243 -2.74 -15.58 -43.89
N VAL F 244 -2.42 -14.97 -45.04
CA VAL F 244 -2.80 -13.60 -45.35
C VAL F 244 -3.71 -13.63 -46.56
N GLU F 245 -4.84 -12.94 -46.47
CA GLU F 245 -5.77 -12.88 -47.60
C GLU F 245 -5.12 -12.18 -48.78
N LEU F 246 -5.35 -12.72 -49.98
CA LEU F 246 -4.75 -12.19 -51.19
C LEU F 246 -5.74 -12.29 -52.33
N GLU F 247 -5.50 -11.48 -53.37
CA GLU F 247 -6.33 -11.47 -54.57
C GLU F 247 -5.70 -12.35 -55.64
N GLY F 248 -6.40 -12.48 -56.76
CA GLY F 248 -5.91 -13.33 -57.83
C GLY F 248 -5.77 -14.78 -57.44
N ASP F 249 -6.72 -15.30 -56.67
CA ASP F 249 -6.67 -16.66 -56.19
C ASP F 249 -8.07 -17.26 -56.25
N ASN F 250 -8.11 -18.59 -56.33
CA ASN F 250 -9.40 -19.28 -56.43
C ASN F 250 -10.25 -18.97 -55.20
N ALA F 251 -11.56 -18.82 -55.43
CA ALA F 251 -12.47 -18.52 -54.32
C ALA F 251 -12.34 -19.54 -53.21
N ARG F 252 -12.01 -20.79 -53.55
CA ARG F 252 -11.77 -21.79 -52.52
C ARG F 252 -10.69 -21.30 -51.56
N LEU F 253 -9.61 -20.76 -52.10
CA LEU F 253 -8.54 -20.21 -51.25
C LEU F 253 -9.08 -19.05 -50.41
N ALA F 254 -9.92 -18.21 -51.00
CA ALA F 254 -10.43 -17.06 -50.26
C ALA F 254 -11.23 -17.51 -49.04
N VAL F 255 -12.19 -18.41 -49.24
CA VAL F 255 -13.00 -18.87 -48.11
C VAL F 255 -12.12 -19.63 -47.12
N LEU F 256 -11.21 -20.46 -47.61
CA LEU F 256 -10.29 -21.18 -46.75
C LEU F 256 -9.54 -20.22 -45.83
N LYS F 257 -9.04 -19.13 -46.39
CA LYS F 257 -8.23 -18.20 -45.63
C LYS F 257 -9.08 -17.39 -44.67
N ARG F 258 -10.32 -17.07 -45.09
CA ARG F 258 -11.23 -16.34 -44.22
C ARG F 258 -11.59 -17.16 -42.99
N SER F 259 -11.77 -18.48 -43.16
CA SER F 259 -12.21 -19.40 -42.06
C SER F 259 -11.04 -19.96 -41.25
N ILE F 260 -10.06 -20.61 -41.88
CA ILE F 260 -8.92 -21.30 -41.19
C ILE F 260 -7.66 -20.41 -41.20
N GLU F 261 -6.93 -20.36 -40.09
CA GLU F 261 -5.62 -19.65 -39.99
C GLU F 261 -4.85 -20.39 -38.88
N VAL F 262 -4.78 -21.72 -38.97
CA VAL F 262 -4.11 -22.60 -37.95
C VAL F 262 -2.61 -22.27 -37.95
N THR F 263 -1.85 -22.62 -36.89
CA THR F 263 -0.43 -22.26 -36.81
C THR F 263 0.41 -23.50 -36.97
N HIS F 264 -0.21 -24.65 -37.23
CA HIS F 264 0.49 -25.93 -37.38
C HIS F 264 -0.32 -26.89 -38.26
N PHE F 265 0.33 -27.77 -39.02
CA PHE F 265 -0.30 -28.79 -39.86
C PHE F 265 0.44 -30.10 -39.70
N ALA F 266 -0.32 -31.20 -39.77
CA ALA F 266 0.22 -32.54 -39.51
C ALA F 266 0.56 -33.18 -40.85
N TYR F 267 1.70 -32.80 -41.40
CA TYR F 267 2.13 -33.36 -42.68
C TYR F 267 2.39 -34.85 -42.54
N PRO F 268 2.17 -35.64 -43.59
CA PRO F 268 2.58 -37.04 -43.52
C PRO F 268 4.09 -37.14 -43.35
N ALA F 269 4.53 -38.17 -42.63
CA ALA F 269 5.95 -38.37 -42.39
C ALA F 269 6.57 -39.13 -43.55
N LEU F 270 7.67 -38.60 -44.09
CA LEU F 270 8.41 -39.24 -45.16
C LEU F 270 9.86 -39.53 -44.77
N ASN F 271 10.19 -39.42 -43.50
CA ASN F 271 11.55 -39.66 -43.05
C ASN F 271 11.91 -41.14 -43.24
N LEU F 272 13.21 -41.41 -43.28
CA LEU F 272 13.68 -42.78 -43.27
C LEU F 272 13.42 -43.40 -41.89
N PRO F 273 13.40 -44.72 -41.81
CA PRO F 273 12.99 -45.39 -40.59
C PRO F 273 13.86 -44.96 -39.42
N PRO F 274 13.31 -44.93 -38.21
CA PRO F 274 14.12 -44.46 -37.08
C PRO F 274 15.36 -45.29 -36.83
N LYS F 275 15.30 -46.61 -37.07
CA LYS F 275 16.44 -47.46 -36.76
C LYS F 275 17.63 -47.14 -37.65
N VAL F 276 17.41 -47.11 -38.98
CA VAL F 276 18.53 -46.87 -39.89
C VAL F 276 19.08 -45.47 -39.69
N MET F 277 18.20 -44.49 -39.52
CA MET F 277 18.66 -43.12 -39.32
C MET F 277 19.45 -43.00 -38.02
N SER F 278 18.98 -43.65 -36.96
CA SER F 278 19.69 -43.59 -35.68
C SER F 278 21.06 -44.24 -35.79
N THR F 279 21.15 -45.40 -36.45
CA THR F 279 22.46 -46.02 -36.63
C THR F 279 23.38 -45.14 -37.45
N VAL F 280 22.86 -44.54 -38.52
CA VAL F 280 23.70 -43.68 -39.35
C VAL F 280 24.23 -42.52 -38.53
N MET F 281 23.37 -41.86 -37.76
CA MET F 281 23.80 -40.73 -36.95
C MET F 281 24.81 -41.15 -35.90
N SER F 282 24.55 -42.26 -35.22
CA SER F 282 25.44 -42.70 -34.15
C SER F 282 26.81 -43.06 -34.69
N GLU F 283 26.87 -43.78 -35.80
CA GLU F 283 28.15 -44.17 -36.37
C GLU F 283 28.88 -43.00 -37.02
N LEU F 284 28.16 -42.02 -37.54
CA LEU F 284 28.76 -41.00 -38.38
C LEU F 284 28.89 -39.64 -37.70
N ILE F 285 27.83 -39.14 -37.06
CA ILE F 285 27.81 -37.78 -36.52
C ILE F 285 28.14 -37.78 -35.03
N VAL F 286 27.28 -38.37 -34.21
CA VAL F 286 27.49 -38.37 -32.77
C VAL F 286 26.64 -39.44 -32.13
N ARG F 287 27.17 -40.08 -31.08
CA ARG F 287 26.43 -41.10 -30.36
C ARG F 287 25.37 -40.47 -29.47
N ARG F 288 24.22 -41.13 -29.36
CA ARG F 288 23.16 -40.62 -28.51
C ARG F 288 23.53 -40.80 -27.04
N ALA F 289 23.37 -39.73 -26.26
CA ALA F 289 23.79 -39.71 -24.87
C ALA F 289 22.63 -40.17 -23.98
N ARG F 290 22.74 -41.39 -23.44
CA ARG F 290 21.73 -41.88 -22.53
C ARG F 290 21.80 -41.15 -21.19
N PRO F 291 20.74 -41.25 -20.39
CA PRO F 291 20.73 -40.54 -19.10
C PRO F 291 21.85 -41.01 -18.20
N LEU F 292 22.37 -40.07 -17.40
CA LEU F 292 23.38 -40.42 -16.42
C LEU F 292 22.73 -41.12 -15.23
N GLU F 293 23.07 -42.40 -15.08
CA GLU F 293 22.62 -43.18 -13.94
C GLU F 293 23.45 -42.75 -12.75
N ARG F 294 22.81 -42.55 -11.60
CA ARG F 294 23.48 -41.91 -10.43
C ARG F 294 24.46 -42.78 -9.64
N ASP F 295 25.69 -42.97 -10.12
CA ASP F 295 26.70 -43.63 -9.28
C ASP F 295 27.97 -42.81 -9.13
N ALA F 296 28.24 -41.85 -10.02
CA ALA F 296 29.41 -40.98 -9.92
C ALA F 296 29.15 -39.73 -10.74
N ASN F 297 30.03 -38.75 -10.60
CA ASN F 297 29.88 -37.49 -11.32
C ASN F 297 31.23 -36.80 -11.41
N LEU F 298 31.27 -35.75 -12.23
CA LEU F 298 32.43 -34.90 -12.45
C LEU F 298 33.54 -35.61 -13.22
N GLN F 299 33.28 -36.84 -13.65
CA GLN F 299 34.26 -37.55 -14.50
C GLN F 299 33.96 -37.21 -15.95
N GLU F 300 34.89 -36.56 -16.63
CA GLU F 300 34.66 -36.13 -18.01
C GLU F 300 35.04 -37.26 -18.96
N GLN F 301 34.18 -38.28 -18.97
CA GLN F 301 34.33 -39.40 -19.91
C GLN F 301 33.68 -39.03 -21.24
N THR F 302 34.26 -38.01 -21.88
CA THR F 302 33.71 -37.49 -23.12
C THR F 302 33.72 -38.52 -24.24
N GLU F 303 34.57 -39.55 -24.15
CA GLU F 303 34.66 -40.53 -25.22
C GLU F 303 33.29 -41.10 -25.56
N GLU F 304 32.45 -41.34 -24.55
CA GLU F 304 31.10 -41.82 -24.80
C GLU F 304 30.28 -40.79 -25.59
N GLY F 305 30.39 -39.52 -25.22
CA GLY F 305 29.62 -38.47 -25.87
C GLY F 305 30.44 -37.66 -26.86
N LEU F 306 31.69 -38.03 -27.07
CA LEU F 306 32.54 -37.30 -28.01
C LEU F 306 32.02 -37.50 -29.43
N PRO F 307 32.16 -36.50 -30.29
CA PRO F 307 31.78 -36.68 -31.70
C PRO F 307 32.58 -37.81 -32.34
N ALA F 308 31.93 -38.51 -33.27
CA ALA F 308 32.53 -39.70 -33.87
C ALA F 308 33.91 -39.39 -34.44
N VAL F 309 34.09 -38.21 -35.00
CA VAL F 309 35.37 -37.78 -35.56
C VAL F 309 35.83 -36.53 -34.82
N GLY F 310 37.05 -36.58 -34.29
CA GLY F 310 37.59 -35.46 -33.53
C GLY F 310 38.15 -34.37 -34.42
N ASP F 311 38.55 -33.27 -33.75
CA ASP F 311 39.09 -32.13 -34.49
C ASP F 311 40.40 -32.47 -35.18
N GLU F 312 41.29 -33.19 -34.49
CA GLU F 312 42.58 -33.51 -35.07
C GLU F 312 42.43 -34.39 -36.32
N GLN F 313 41.59 -35.42 -36.23
CA GLN F 313 41.39 -36.30 -37.36
C GLN F 313 40.77 -35.54 -38.53
N LEU F 314 39.80 -34.68 -38.25
CA LEU F 314 39.17 -33.90 -39.31
C LEU F 314 40.18 -32.98 -39.98
N ALA F 315 41.03 -32.33 -39.18
CA ALA F 315 42.06 -31.47 -39.77
C ALA F 315 43.03 -32.28 -40.62
N ARG F 316 43.40 -33.47 -40.16
CA ARG F 316 44.26 -34.34 -40.96
C ARG F 316 43.62 -34.67 -42.30
N TRP F 317 42.36 -35.11 -42.27
CA TRP F 317 41.68 -35.45 -43.52
C TRP F 317 41.49 -34.23 -44.40
N LEU F 318 41.15 -33.08 -43.80
CA LEU F 318 40.91 -31.87 -44.57
C LEU F 318 42.19 -31.11 -44.88
N GLU F 319 43.32 -31.51 -44.30
CA GLU F 319 44.60 -30.86 -44.55
C GLU F 319 44.48 -29.34 -44.39
N THR F 320 43.97 -28.92 -43.24
CA THR F 320 43.85 -27.50 -42.93
C THR F 320 43.52 -27.35 -41.45
N ARG F 321 44.14 -26.35 -40.82
CA ARG F 321 43.87 -26.03 -39.43
C ARG F 321 42.76 -25.00 -39.27
N GLU F 322 42.29 -24.41 -40.36
CA GLU F 322 41.24 -23.39 -40.31
C GLU F 322 40.00 -23.96 -39.61
N PRO F 323 39.68 -23.50 -38.39
CA PRO F 323 38.47 -24.02 -37.73
C PRO F 323 37.20 -23.74 -38.52
N ALA F 324 37.17 -22.65 -39.28
CA ALA F 324 35.98 -22.34 -40.07
C ALA F 324 35.69 -23.45 -41.07
N ASP F 325 36.73 -23.96 -41.75
CA ASP F 325 36.54 -25.04 -42.70
C ASP F 325 36.03 -26.31 -42.01
N LEU F 326 36.59 -26.63 -40.84
CA LEU F 326 36.13 -27.80 -40.10
C LEU F 326 34.65 -27.67 -39.76
N GLU F 327 34.27 -26.52 -39.21
CA GLU F 327 32.87 -26.32 -38.81
C GLU F 327 31.94 -26.35 -40.02
N GLU F 328 32.35 -25.73 -41.12
CA GLU F 328 31.49 -25.69 -42.30
C GLU F 328 31.30 -27.08 -42.89
N ARG F 329 32.37 -27.89 -42.93
CA ARG F 329 32.22 -29.26 -43.41
C ARG F 329 31.33 -30.08 -42.49
N ARG F 330 31.50 -29.91 -41.18
CA ARG F 330 30.65 -30.62 -40.22
C ARG F 330 29.19 -30.29 -40.46
N LYS F 331 28.85 -28.99 -40.49
CA LYS F 331 27.47 -28.59 -40.74
C LYS F 331 26.99 -29.06 -42.10
N LEU F 332 27.88 -29.04 -43.10
CA LEU F 332 27.50 -29.44 -44.44
C LEU F 332 26.99 -30.87 -44.44
N MET F 333 27.77 -31.80 -43.87
CA MET F 333 27.29 -33.17 -43.94
C MET F 333 26.23 -33.45 -42.89
N MET F 334 26.12 -32.63 -41.84
CA MET F 334 24.99 -32.79 -40.93
C MET F 334 23.69 -32.51 -41.67
N ALA F 335 23.64 -31.39 -42.39
CA ALA F 335 22.49 -31.12 -43.25
C ALA F 335 22.33 -32.22 -44.29
N ALA F 336 23.44 -32.72 -44.82
CA ALA F 336 23.36 -33.79 -45.81
C ALA F 336 22.64 -34.99 -45.25
N VAL F 337 23.13 -35.52 -44.12
CA VAL F 337 22.53 -36.72 -43.54
C VAL F 337 21.15 -36.46 -43.00
N LEU F 338 20.79 -35.19 -42.79
CA LEU F 338 19.45 -34.90 -42.28
C LEU F 338 18.40 -34.80 -43.40
N VAL F 339 18.75 -34.29 -44.57
CA VAL F 339 17.76 -34.09 -45.63
C VAL F 339 18.13 -34.78 -46.93
N THR F 340 19.34 -34.61 -47.44
CA THR F 340 19.66 -35.00 -48.82
C THR F 340 19.62 -36.51 -48.97
N VAL F 341 20.10 -37.25 -48.02
CA VAL F 341 20.20 -38.70 -48.21
C VAL F 341 18.77 -39.17 -48.38
N GLU F 342 17.85 -38.52 -47.69
CA GLU F 342 16.44 -38.94 -47.73
C GLU F 342 15.95 -38.62 -49.13
N LEU F 343 16.28 -37.46 -49.63
CA LEU F 343 15.83 -37.03 -50.97
C LEU F 343 16.45 -37.93 -52.02
N GLU F 344 17.70 -38.32 -51.86
CA GLU F 344 18.44 -39.14 -52.84
C GLU F 344 17.72 -40.46 -52.98
N CYS F 345 17.34 -41.05 -51.90
CA CYS F 345 16.72 -42.35 -52.03
C CYS F 345 15.57 -42.10 -52.95
N MET F 346 14.88 -41.02 -52.71
CA MET F 346 13.62 -40.83 -53.41
C MET F 346 13.86 -40.70 -54.88
N GLN F 347 14.91 -40.01 -55.26
CA GLN F 347 15.16 -39.77 -56.69
C GLN F 347 15.16 -41.14 -57.27
N ARG F 348 16.07 -41.93 -56.82
CA ARG F 348 16.20 -43.29 -57.33
C ARG F 348 14.81 -43.93 -57.35
N PHE F 349 14.15 -44.09 -56.22
CA PHE F 349 12.89 -44.87 -56.14
C PHE F 349 11.77 -44.38 -57.01
N PHE F 350 11.67 -43.11 -57.33
CA PHE F 350 10.51 -42.64 -58.13
C PHE F 350 10.95 -42.36 -59.56
N ALA F 351 12.23 -42.29 -59.87
CA ALA F 351 12.73 -41.89 -61.20
C ALA F 351 12.81 -43.04 -62.21
N ASP F 352 12.87 -44.25 -61.74
CA ASP F 352 12.94 -45.41 -62.63
C ASP F 352 11.89 -45.30 -63.72
N PRO F 353 12.26 -45.43 -65.01
CA PRO F 353 11.23 -45.40 -66.06
C PRO F 353 10.18 -46.49 -65.91
N GLU F 354 10.54 -47.69 -65.46
CA GLU F 354 9.52 -48.73 -65.30
C GLU F 354 8.53 -48.35 -64.21
N MET F 355 9.02 -47.80 -63.09
CA MET F 355 8.12 -47.27 -62.08
C MET F 355 7.29 -46.12 -62.63
N GLN F 356 7.87 -45.33 -63.55
CA GLN F 356 7.11 -44.24 -64.16
C GLN F 356 5.95 -44.79 -64.98
N ARG F 357 6.19 -45.86 -65.75
CA ARG F 357 5.11 -46.50 -66.49
C ARG F 357 4.05 -47.03 -65.55
N LYS F 358 4.47 -47.67 -64.46
CA LYS F 358 3.49 -48.20 -63.51
C LYS F 358 2.67 -47.09 -62.87
N LEU F 359 3.31 -45.96 -62.55
CA LEU F 359 2.59 -44.85 -61.97
C LEU F 359 1.53 -44.32 -62.94
N GLU F 360 1.91 -44.14 -64.21
CA GLU F 360 0.93 -43.74 -65.21
C GLU F 360 -0.22 -44.72 -65.25
N GLU F 361 0.08 -46.01 -65.22
CA GLU F 361 -0.97 -47.02 -65.34
C GLU F 361 -1.92 -46.96 -64.14
N THR F 362 -1.38 -46.82 -62.93
CA THR F 362 -2.26 -46.77 -61.76
C THR F 362 -3.12 -45.52 -61.80
N LEU F 363 -2.56 -44.38 -62.25
CA LEU F 363 -3.38 -43.19 -62.37
C LEU F 363 -4.51 -43.39 -63.36
N HIS F 364 -4.21 -44.00 -64.50
CA HIS F 364 -5.26 -44.29 -65.47
C HIS F 364 -6.33 -45.19 -64.87
N TYR F 365 -5.91 -46.19 -64.09
CA TYR F 365 -6.88 -47.10 -63.47
C TYR F 365 -7.75 -46.37 -62.46
N THR F 366 -7.16 -45.50 -61.64
CA THR F 366 -7.93 -44.85 -60.59
C THR F 366 -8.84 -43.75 -61.15
N PHE F 367 -8.49 -43.17 -62.29
CA PHE F 367 -9.33 -42.14 -62.91
C PHE F 367 -10.14 -42.66 -64.09
N ARG F 368 -9.98 -43.93 -64.46
CA ARG F 368 -10.80 -44.57 -65.49
C ARG F 368 -10.86 -43.70 -66.75
N GLN F 369 -9.68 -43.53 -67.36
CA GLN F 369 -9.52 -42.67 -68.53
C GLN F 369 -8.99 -43.48 -69.71
N GLY F 370 -9.66 -43.35 -70.85
CA GLY F 370 -9.11 -43.89 -72.09
C GLY F 370 -8.97 -45.40 -72.06
N TYR F 371 -7.71 -45.85 -71.94
CA TYR F 371 -7.40 -47.27 -72.02
C TYR F 371 -8.24 -48.09 -71.05
N VAL F 372 -8.38 -47.60 -69.81
CA VAL F 372 -9.16 -48.32 -68.81
C VAL F 372 -10.63 -48.34 -69.20
N ARG F 373 -11.13 -47.24 -69.77
CA ARG F 373 -12.52 -47.22 -70.22
C ARG F 373 -12.76 -48.26 -71.30
N GLN F 374 -11.86 -48.37 -72.28
CA GLN F 374 -12.04 -49.36 -73.33
C GLN F 374 -11.87 -50.77 -72.79
N ALA F 375 -11.01 -50.97 -71.80
CA ALA F 375 -10.89 -52.27 -71.17
C ALA F 375 -12.18 -52.66 -70.47
N CYS F 376 -12.80 -51.71 -69.77
CA CYS F 376 -14.09 -51.99 -69.13
C CYS F 376 -15.15 -52.30 -70.18
N LYS F 377 -15.16 -51.55 -71.29
CA LYS F 377 -16.13 -51.82 -72.35
C LYS F 377 -15.94 -53.22 -72.92
N ILE F 378 -14.69 -53.62 -73.17
CA ILE F 378 -14.43 -54.93 -73.74
C ILE F 378 -14.84 -56.03 -72.77
N SER F 379 -14.47 -55.88 -71.50
CA SER F 379 -14.78 -56.88 -70.48
C SER F 379 -16.18 -56.71 -69.90
N ASN F 380 -16.85 -55.59 -70.16
CA ASN F 380 -18.19 -55.31 -69.64
C ASN F 380 -18.20 -55.26 -68.11
N VAL F 381 -17.03 -55.08 -67.49
CA VAL F 381 -16.91 -55.03 -66.04
C VAL F 381 -16.13 -53.78 -65.69
N GLU F 382 -16.73 -52.91 -64.88
CA GLU F 382 -16.02 -51.72 -64.40
C GLU F 382 -14.90 -52.14 -63.46
N LEU F 383 -13.74 -51.49 -63.61
CA LEU F 383 -12.56 -51.80 -62.80
C LEU F 383 -12.49 -50.99 -61.53
N CYS F 384 -13.52 -50.19 -61.22
CA CYS F 384 -13.50 -49.40 -59.99
C CYS F 384 -13.39 -50.27 -58.76
N ASN F 385 -13.75 -51.54 -58.85
CA ASN F 385 -13.69 -52.46 -57.73
C ASN F 385 -12.33 -53.14 -57.58
N LEU F 386 -11.37 -52.80 -58.43
CA LEU F 386 -10.04 -53.40 -58.40
C LEU F 386 -9.16 -52.61 -57.45
N VAL F 387 -8.77 -53.22 -56.33
CA VAL F 387 -7.91 -52.60 -55.34
C VAL F 387 -6.90 -53.64 -54.86
N SER F 388 -5.67 -53.20 -54.63
CA SER F 388 -4.59 -54.08 -54.23
C SER F 388 -3.85 -53.48 -53.04
N TYR F 389 -3.20 -54.36 -52.27
CA TYR F 389 -2.41 -53.93 -51.13
C TYR F 389 -1.33 -54.98 -50.90
N LEU F 390 -0.09 -54.66 -51.29
CA LEU F 390 1.01 -55.61 -51.24
C LEU F 390 0.75 -56.83 -52.12
N GLY F 391 -0.09 -56.67 -53.14
CA GLY F 391 -0.42 -57.75 -54.05
C GLY F 391 -1.56 -58.64 -53.58
N ILE F 392 -2.05 -58.45 -52.36
CA ILE F 392 -3.16 -59.23 -51.84
C ILE F 392 -4.41 -58.39 -52.10
N LEU F 393 -5.04 -58.62 -53.25
CA LEU F 393 -6.20 -57.84 -53.64
C LEU F 393 -7.38 -58.15 -52.73
N HIS F 394 -8.13 -57.11 -52.37
CA HIS F 394 -9.30 -57.26 -51.50
C HIS F 394 -10.62 -57.22 -52.27
N GLU F 395 -10.60 -56.75 -53.52
CA GLU F 395 -11.78 -56.76 -54.38
C GLU F 395 -12.95 -56.01 -53.71
N ASN F 396 -12.65 -54.84 -53.18
CA ASN F 396 -13.67 -53.97 -52.63
C ASN F 396 -14.58 -53.46 -53.74
N ARG F 397 -15.87 -53.30 -53.41
CA ARG F 397 -16.87 -52.93 -54.41
C ARG F 397 -17.45 -51.54 -54.23
N LEU F 398 -17.40 -50.98 -53.02
CA LEU F 398 -17.99 -49.66 -52.75
C LEU F 398 -16.98 -48.58 -53.17
N GLY F 399 -17.01 -48.24 -54.45
CA GLY F 399 -16.14 -47.21 -54.97
C GLY F 399 -16.72 -46.60 -56.24
N GLN F 400 -16.50 -45.30 -56.40
CA GLN F 400 -16.96 -44.58 -57.58
C GLN F 400 -15.94 -43.52 -57.92
N ASN F 401 -15.41 -43.55 -59.14
CA ASN F 401 -14.35 -42.66 -59.58
C ASN F 401 -14.73 -41.98 -60.90
N VAL F 402 -15.96 -41.43 -60.94
CA VAL F 402 -16.43 -40.68 -62.11
C VAL F 402 -16.96 -39.31 -61.74
N LEU F 403 -16.95 -38.94 -60.46
CA LEU F 403 -17.49 -37.64 -60.06
C LEU F 403 -16.57 -36.50 -60.49
N HIS F 404 -15.25 -36.73 -60.48
CA HIS F 404 -14.31 -35.64 -60.74
C HIS F 404 -14.54 -35.01 -62.11
N SER F 405 -15.12 -35.76 -63.05
CA SER F 405 -15.34 -35.23 -64.39
C SER F 405 -16.30 -34.04 -64.39
N THR F 406 -17.16 -33.92 -63.38
CA THR F 406 -18.16 -32.86 -63.39
C THR F 406 -17.51 -31.48 -63.31
N LEU F 407 -16.47 -31.33 -62.50
CA LEU F 407 -15.84 -30.05 -62.30
C LEU F 407 -14.76 -29.79 -63.34
N LYS F 408 -14.52 -28.51 -63.62
CA LYS F 408 -13.54 -28.10 -64.62
C LYS F 408 -12.94 -26.77 -64.19
N GLY F 409 -11.75 -26.50 -64.68
CA GLY F 409 -11.04 -25.27 -64.40
C GLY F 409 -9.86 -25.49 -63.48
N GLU F 410 -9.36 -24.37 -62.95
CA GLU F 410 -8.24 -24.43 -62.02
C GLU F 410 -8.57 -25.28 -60.80
N ALA F 411 -9.85 -25.34 -60.41
CA ALA F 411 -10.24 -26.20 -59.31
C ALA F 411 -9.98 -27.67 -59.64
N ARG F 412 -10.31 -28.08 -60.86
CA ARG F 412 -10.04 -29.45 -61.27
C ARG F 412 -8.54 -29.76 -61.23
N ARG F 413 -7.73 -28.83 -61.74
CA ARG F 413 -6.28 -29.05 -61.73
C ARG F 413 -5.78 -29.18 -60.30
N ASP F 414 -6.24 -28.31 -59.41
CA ASP F 414 -5.80 -28.37 -58.01
C ASP F 414 -6.20 -29.70 -57.38
N TYR F 415 -7.45 -30.13 -57.60
CA TYR F 415 -7.91 -31.37 -56.98
C TYR F 415 -7.13 -32.56 -57.48
N VAL F 416 -6.90 -32.63 -58.80
CA VAL F 416 -6.16 -33.77 -59.35
C VAL F 416 -4.73 -33.76 -58.84
N ARG F 417 -4.15 -32.57 -58.80
CA ARG F 417 -2.75 -32.40 -58.38
C ARG F 417 -2.64 -32.87 -56.96
N ASP F 418 -3.69 -32.69 -56.20
CA ASP F 418 -3.67 -33.17 -54.81
C ASP F 418 -3.84 -34.66 -54.87
N CYS F 419 -4.84 -35.15 -55.57
CA CYS F 419 -5.13 -36.58 -55.54
C CYS F 419 -3.84 -37.32 -55.76
N VAL F 420 -3.03 -36.88 -56.70
CA VAL F 420 -1.81 -37.60 -57.08
C VAL F 420 -0.74 -37.43 -56.01
N TYR F 421 -0.67 -36.25 -55.39
CA TYR F 421 0.33 -36.02 -54.34
C TYR F 421 0.08 -36.94 -53.15
N LEU F 422 -1.18 -37.05 -52.74
CA LEU F 422 -1.49 -37.94 -51.63
C LEU F 422 -1.23 -39.40 -51.99
N PHE F 423 -1.54 -39.79 -53.23
CA PHE F 423 -1.26 -41.16 -53.65
C PHE F 423 0.24 -41.46 -53.57
N LEU F 424 1.06 -40.53 -54.03
CA LEU F 424 2.51 -40.71 -53.94
C LEU F 424 2.97 -40.78 -52.49
N CYS F 425 2.40 -39.93 -51.63
CA CYS F 425 2.77 -39.98 -50.22
C CYS F 425 2.44 -41.35 -49.63
N TYR F 426 1.26 -41.88 -49.94
CA TYR F 426 0.89 -43.20 -49.45
C TYR F 426 1.84 -44.26 -49.97
N THR F 427 2.22 -44.17 -51.24
CA THR F 427 3.12 -45.16 -51.81
C THR F 427 4.46 -45.15 -51.08
N TRP F 428 5.04 -43.98 -50.90
CA TRP F 428 6.32 -43.92 -50.19
C TRP F 428 6.18 -44.39 -48.76
N GLN F 429 5.08 -44.05 -48.10
CA GLN F 429 4.90 -44.46 -46.72
C GLN F 429 4.82 -45.97 -46.60
N THR F 430 4.08 -46.62 -47.48
CA THR F 430 3.98 -48.08 -47.40
C THR F 430 5.31 -48.74 -47.78
N ALA F 431 6.04 -48.16 -48.74
CA ALA F 431 7.37 -48.68 -49.03
C ALA F 431 8.26 -48.60 -47.81
N MET F 432 8.25 -47.45 -47.09
CA MET F 432 9.13 -47.25 -45.90
C MET F 432 8.63 -48.10 -44.76
N GLY F 433 7.36 -48.50 -44.74
CA GLY F 433 6.90 -49.45 -43.75
C GLY F 433 7.42 -50.84 -44.01
N VAL F 434 7.33 -51.30 -45.26
CA VAL F 434 7.82 -52.63 -45.57
C VAL F 434 9.31 -52.72 -45.34
N TRP F 435 10.04 -51.62 -45.61
CA TRP F 435 11.45 -51.61 -45.25
C TRP F 435 11.63 -51.78 -43.73
N GLN F 436 10.96 -50.93 -42.94
CA GLN F 436 11.16 -50.98 -41.49
C GLN F 436 10.81 -52.35 -40.93
N GLN F 437 9.87 -53.06 -41.55
CA GLN F 437 9.52 -54.37 -41.04
C GLN F 437 10.71 -55.33 -41.17
N CYS F 438 11.42 -55.26 -42.29
CA CYS F 438 12.48 -56.23 -42.59
C CYS F 438 13.85 -55.66 -42.23
N LEU F 439 14.13 -55.61 -40.93
CA LEU F 439 15.47 -55.37 -40.41
C LEU F 439 15.76 -56.38 -39.30
N GLU F 440 17.03 -56.74 -39.19
CA GLU F 440 17.50 -57.64 -38.14
C GLU F 440 18.85 -57.16 -37.63
N GLU F 441 19.20 -57.59 -36.42
CA GLU F 441 20.46 -57.16 -35.83
C GLU F 441 21.65 -57.50 -36.71
N ARG F 442 21.52 -58.55 -37.53
CA ARG F 442 22.57 -58.85 -38.51
C ARG F 442 22.76 -57.67 -39.46
N ASN F 443 21.66 -57.12 -39.96
CA ASN F 443 21.75 -55.94 -40.82
C ASN F 443 22.31 -54.76 -40.05
N LEU F 444 21.96 -54.65 -38.76
CA LEU F 444 22.50 -53.58 -37.93
C LEU F 444 24.02 -53.65 -37.91
N LYS F 445 24.57 -54.83 -37.60
CA LYS F 445 26.01 -54.98 -37.55
C LYS F 445 26.65 -54.78 -38.92
N GLU F 446 25.98 -55.24 -39.98
CA GLU F 446 26.50 -55.03 -41.33
C GLU F 446 26.64 -53.55 -41.62
N LEU F 447 25.60 -52.77 -41.32
CA LEU F 447 25.67 -51.33 -41.54
C LEU F 447 26.76 -50.70 -40.69
N GLN F 448 26.87 -51.14 -39.43
CA GLN F 448 27.91 -50.60 -38.56
C GLN F 448 29.29 -50.83 -39.17
N LYS F 449 29.56 -52.05 -39.62
CA LYS F 449 30.85 -52.36 -40.21
C LYS F 449 31.10 -51.52 -41.45
N LEU F 450 30.09 -51.42 -42.32
CA LEU F 450 30.27 -50.64 -43.55
C LEU F 450 30.58 -49.19 -43.22
N LEU F 451 29.88 -48.64 -42.23
CA LEU F 451 30.06 -47.19 -41.88
C LEU F 451 31.47 -46.98 -41.34
N LYS F 452 31.92 -47.84 -40.42
CA LYS F 452 33.25 -47.66 -39.79
C LYS F 452 34.36 -47.85 -40.83
N GLN F 453 34.21 -48.84 -41.71
CA GLN F 453 35.27 -49.14 -42.71
C GLN F 453 35.36 -48.02 -43.76
N ASN F 454 34.24 -47.38 -44.07
CA ASN F 454 34.24 -46.36 -45.17
C ASN F 454 34.24 -44.94 -44.62
N LEU F 455 34.24 -44.76 -43.29
CA LEU F 455 34.13 -43.40 -42.67
C LEU F 455 34.88 -42.34 -43.47
N LYS F 456 36.15 -42.58 -43.81
CA LYS F 456 36.98 -41.59 -44.55
C LYS F 456 36.31 -41.16 -45.86
N ASP F 457 35.98 -42.11 -46.75
CA ASP F 457 35.44 -41.73 -48.09
C ASP F 457 34.14 -40.94 -47.95
N LEU F 458 33.39 -41.08 -46.85
CA LEU F 458 32.22 -40.22 -46.71
C LEU F 458 32.60 -38.85 -46.16
N TRP F 459 33.48 -38.81 -45.16
CA TRP F 459 33.87 -37.53 -44.58
C TRP F 459 34.55 -36.62 -45.60
N THR F 460 35.36 -37.18 -46.49
CA THR F 460 36.03 -36.41 -47.53
C THR F 460 35.24 -36.54 -48.82
N ALA F 461 34.62 -35.44 -49.25
CA ALA F 461 33.85 -35.45 -50.48
C ALA F 461 33.87 -34.05 -51.09
N PHE F 462 33.66 -34.00 -52.41
CA PHE F 462 33.67 -32.72 -53.11
C PHE F 462 32.44 -31.89 -52.77
N ASN F 463 31.25 -32.51 -52.80
CA ASN F 463 30.01 -31.80 -52.61
C ASN F 463 28.97 -32.74 -52.01
N GLU F 464 27.80 -32.15 -51.66
CA GLU F 464 26.68 -32.88 -50.97
C GLU F 464 26.02 -33.94 -51.87
N ARG F 465 26.10 -33.85 -53.20
CA ARG F 465 25.55 -34.89 -54.05
C ARG F 465 26.38 -36.17 -53.96
N SER F 466 27.71 -36.04 -53.96
CA SER F 466 28.57 -37.20 -53.91
C SER F 466 28.37 -37.99 -52.62
N VAL F 467 28.42 -37.31 -51.48
CA VAL F 467 28.25 -37.99 -50.20
C VAL F 467 26.86 -38.61 -50.11
N ALA F 468 25.84 -37.89 -50.57
CA ALA F 468 24.49 -38.45 -50.53
C ALA F 468 24.41 -39.72 -51.36
N ALA F 469 24.98 -39.71 -52.57
CA ALA F 469 24.95 -40.90 -53.40
C ALA F 469 25.68 -42.06 -52.73
N HIS F 470 26.86 -41.79 -52.18
CA HIS F 470 27.64 -42.84 -51.53
C HIS F 470 26.87 -43.45 -50.38
N LEU F 471 26.30 -42.59 -49.52
CA LEU F 471 25.50 -43.10 -48.41
C LEU F 471 24.33 -43.93 -48.93
N ALA F 472 23.66 -43.45 -49.98
CA ALA F 472 22.55 -44.20 -50.54
C ALA F 472 22.99 -45.60 -50.94
N ASP F 473 24.13 -45.70 -51.63
CA ASP F 473 24.61 -47.03 -52.00
C ASP F 473 24.90 -47.87 -50.75
N ILE F 474 25.44 -47.24 -49.70
CA ILE F 474 25.74 -47.99 -48.48
C ILE F 474 24.47 -48.59 -47.89
N ILE F 475 23.40 -47.79 -47.81
CA ILE F 475 22.17 -48.24 -47.16
C ILE F 475 21.05 -48.52 -48.15
N PHE F 476 21.24 -48.23 -49.43
CA PHE F 476 20.22 -48.50 -50.45
C PHE F 476 20.88 -49.23 -51.61
N PRO F 477 21.22 -50.50 -51.42
CA PRO F 477 21.76 -51.28 -52.53
C PRO F 477 20.71 -51.51 -53.60
N GLU F 478 21.17 -51.60 -54.85
CA GLU F 478 20.23 -51.77 -55.95
C GLU F 478 19.34 -52.98 -55.74
N ARG F 479 19.84 -54.02 -55.08
CA ARG F 479 19.02 -55.19 -54.81
C ARG F 479 17.87 -54.85 -53.89
N LEU F 480 18.13 -54.07 -52.83
CA LEU F 480 17.06 -53.68 -51.92
C LEU F 480 16.01 -52.85 -52.63
N LEU F 481 16.43 -51.81 -53.34
CA LEU F 481 15.49 -51.02 -54.14
C LEU F 481 14.65 -51.95 -55.01
N LYS F 482 15.31 -52.85 -55.73
CA LYS F 482 14.59 -53.75 -56.63
C LYS F 482 13.51 -54.51 -55.89
N THR F 483 13.86 -55.14 -54.76
CA THR F 483 12.88 -55.97 -54.08
C THR F 483 11.72 -55.13 -53.56
N LEU F 484 11.98 -53.86 -53.21
CA LEU F 484 10.87 -53.00 -52.78
C LEU F 484 9.97 -52.62 -53.95
N GLN F 485 10.54 -52.23 -55.09
CA GLN F 485 9.71 -51.69 -56.17
C GLN F 485 8.62 -52.67 -56.58
N GLN F 486 8.95 -53.95 -56.64
CA GLN F 486 7.96 -54.93 -57.05
C GLN F 486 6.76 -54.88 -56.11
N GLY F 487 5.57 -54.80 -56.70
CA GLY F 487 4.35 -54.77 -55.91
C GLY F 487 4.21 -53.58 -55.00
N LEU F 488 4.98 -52.52 -55.21
CA LEU F 488 4.86 -51.33 -54.38
C LEU F 488 3.66 -50.47 -54.77
N PRO F 489 3.55 -50.05 -56.04
CA PRO F 489 2.46 -49.13 -56.39
C PRO F 489 1.10 -49.82 -56.41
N ASP F 490 0.57 -50.08 -55.22
CA ASP F 490 -0.70 -50.79 -55.11
C ASP F 490 -1.85 -49.94 -55.64
N PHE F 491 -2.85 -50.62 -56.17
CA PHE F 491 -4.05 -49.92 -56.64
C PHE F 491 -4.77 -49.26 -55.48
N THR F 492 -5.35 -48.09 -55.74
CA THR F 492 -6.00 -47.31 -54.71
C THR F 492 -7.19 -46.59 -55.32
N SER F 493 -8.25 -46.35 -54.54
CA SER F 493 -9.48 -45.72 -55.02
C SER F 493 -9.52 -44.27 -54.61
N GLN F 494 -10.41 -43.50 -55.24
CA GLN F 494 -10.62 -42.10 -54.87
C GLN F 494 -11.16 -42.13 -53.45
N SER F 495 -11.94 -43.14 -53.13
CA SER F 495 -12.52 -43.29 -51.79
C SER F 495 -11.38 -43.40 -50.81
N MET F 496 -10.44 -44.29 -51.06
CA MET F 496 -9.33 -44.52 -50.12
C MET F 496 -8.61 -43.19 -49.98
N LEU F 497 -8.40 -42.48 -51.08
CA LEU F 497 -7.68 -41.19 -51.07
C LEU F 497 -8.41 -40.25 -50.13
N GLN F 498 -9.69 -39.99 -50.37
CA GLN F 498 -10.45 -39.03 -49.54
C GLN F 498 -10.31 -39.46 -48.11
N ASN F 499 -10.38 -40.75 -47.83
CA ASN F 499 -10.34 -41.21 -46.44
C ASN F 499 -9.03 -40.73 -45.85
N PHE F 500 -7.92 -40.85 -46.59
CA PHE F 500 -6.59 -40.43 -46.11
C PHE F 500 -6.61 -38.94 -45.86
N ARG F 501 -7.03 -38.18 -46.83
CA ARG F 501 -7.10 -36.71 -46.74
C ARG F 501 -7.89 -36.36 -45.51
N ASN F 502 -8.98 -37.04 -45.29
CA ASN F 502 -9.88 -36.71 -44.19
C ASN F 502 -9.07 -36.90 -42.94
N PHE F 503 -8.44 -38.05 -42.80
CA PHE F 503 -7.68 -38.36 -41.58
C PHE F 503 -6.50 -37.43 -41.40
N ILE F 504 -5.91 -36.94 -42.46
CA ILE F 504 -4.79 -35.97 -42.38
C ILE F 504 -5.35 -34.71 -41.74
N LEU F 505 -6.44 -34.18 -42.27
CA LEU F 505 -7.00 -32.89 -41.82
C LEU F 505 -7.60 -33.07 -40.44
N GLU F 506 -8.12 -34.23 -40.15
CA GLU F 506 -8.75 -34.49 -38.85
C GLU F 506 -7.63 -34.30 -37.85
N ARG F 507 -6.52 -35.02 -38.01
CA ARG F 507 -5.40 -34.97 -37.03
C ARG F 507 -4.79 -33.57 -36.93
N SER F 508 -4.64 -32.86 -38.05
CA SER F 508 -4.12 -31.50 -38.04
C SER F 508 -4.93 -30.59 -37.13
N GLY F 509 -6.17 -30.97 -36.81
CA GLY F 509 -6.99 -30.18 -35.92
C GLY F 509 -8.00 -29.41 -36.73
N ILE F 510 -8.20 -29.75 -37.99
CA ILE F 510 -9.09 -28.99 -38.87
C ILE F 510 -10.34 -29.82 -39.14
N LEU F 511 -11.50 -29.22 -38.94
CA LEU F 511 -12.77 -29.92 -39.10
C LEU F 511 -13.04 -30.23 -40.57
N PRO F 512 -13.40 -31.46 -40.92
CA PRO F 512 -13.70 -31.77 -42.34
C PRO F 512 -14.88 -31.01 -42.88
N ALA F 513 -15.82 -30.59 -42.03
CA ALA F 513 -17.01 -29.90 -42.50
C ALA F 513 -16.68 -28.55 -43.12
N THR F 514 -15.46 -28.05 -42.92
CA THR F 514 -15.02 -26.81 -43.52
C THR F 514 -15.03 -26.93 -45.05
N CYS F 515 -15.45 -25.85 -45.70
CA CYS F 515 -15.55 -25.80 -47.15
C CYS F 515 -14.17 -25.84 -47.80
N CYS F 516 -13.90 -26.94 -48.52
CA CYS F 516 -12.80 -27.03 -49.48
C CYS F 516 -11.43 -26.76 -48.84
N ALA F 517 -11.02 -27.69 -47.99
CA ALA F 517 -9.67 -27.71 -47.43
C ALA F 517 -8.94 -28.95 -47.95
N LEU F 518 -7.78 -28.74 -48.58
CA LEU F 518 -6.93 -29.83 -49.04
C LEU F 518 -5.51 -29.65 -48.53
N PRO F 519 -4.73 -30.72 -48.38
CA PRO F 519 -3.41 -30.59 -47.74
C PRO F 519 -2.35 -29.98 -48.64
N SER F 520 -2.49 -30.07 -49.96
CA SER F 520 -1.43 -29.58 -50.84
C SER F 520 -1.27 -28.07 -50.77
N ASP F 521 -2.23 -27.36 -50.20
CA ASP F 521 -2.11 -25.91 -50.08
C ASP F 521 -0.95 -25.51 -49.18
N PHE F 522 -0.66 -26.50 -48.16
CA PHE F 522 0.34 -26.08 -47.18
C PHE F 522 1.74 -26.59 -47.55
N VAL F 523 2.17 -26.34 -48.78
CA VAL F 523 3.46 -26.83 -49.26
C VAL F 523 4.07 -25.79 -50.19
N PRO F 524 5.31 -25.37 -49.97
CA PRO F 524 5.93 -24.42 -50.90
C PRO F 524 6.16 -25.06 -52.26
N ILE F 525 6.11 -24.23 -53.31
CA ILE F 525 6.15 -24.75 -54.66
C ILE F 525 7.52 -25.33 -54.99
N LYS F 526 8.59 -24.61 -54.64
CA LYS F 526 9.93 -25.02 -55.01
C LYS F 526 10.91 -24.72 -53.88
N TYR F 527 12.13 -25.23 -54.03
CA TYR F 527 13.02 -25.37 -52.88
C TYR F 527 13.55 -24.04 -52.37
N ARG F 528 13.64 -23.02 -53.24
CA ARG F 528 14.28 -21.78 -52.84
C ARG F 528 13.63 -21.15 -51.62
N GLU F 529 12.35 -21.42 -51.38
CA GLU F 529 11.62 -20.80 -50.27
C GLU F 529 11.31 -21.75 -49.13
N CYS F 530 11.47 -23.05 -49.34
CA CYS F 530 11.10 -24.03 -48.32
C CYS F 530 12.14 -24.11 -47.22
N PRO F 531 11.73 -24.34 -45.97
CA PRO F 531 12.70 -24.70 -44.94
C PRO F 531 13.23 -26.10 -45.16
N PRO F 532 14.43 -26.41 -44.67
CA PRO F 532 15.10 -27.67 -45.05
C PRO F 532 14.22 -28.89 -44.84
N PRO F 533 13.56 -29.02 -43.69
CA PRO F 533 12.88 -30.29 -43.39
C PRO F 533 11.83 -30.69 -44.41
N LEU F 534 11.24 -29.75 -45.13
CA LEU F 534 10.12 -30.04 -46.00
C LEU F 534 10.51 -30.17 -47.47
N TRP F 535 11.82 -30.27 -47.77
CA TRP F 535 12.23 -30.45 -49.16
C TRP F 535 11.73 -31.76 -49.73
N GLY F 536 11.61 -32.79 -48.89
CA GLY F 536 11.04 -34.04 -49.38
C GLY F 536 9.61 -33.84 -49.86
N HIS F 537 8.82 -33.11 -49.09
CA HIS F 537 7.45 -32.83 -49.50
C HIS F 537 7.43 -31.96 -50.74
N CYS F 538 8.37 -31.02 -50.85
CA CYS F 538 8.43 -30.20 -52.06
C CYS F 538 8.70 -31.05 -53.29
N TYR F 539 9.64 -31.98 -53.19
CA TYR F 539 9.90 -32.85 -54.33
C TYR F 539 8.71 -33.74 -54.63
N LEU F 540 8.03 -34.23 -53.59
CA LEU F 540 6.83 -35.01 -53.83
C LEU F 540 5.82 -34.20 -54.62
N LEU F 541 5.61 -32.94 -54.23
CA LEU F 541 4.62 -32.12 -54.93
C LEU F 541 5.04 -31.82 -56.35
N GLN F 542 6.33 -31.52 -56.58
CA GLN F 542 6.78 -31.20 -57.93
C GLN F 542 6.67 -32.42 -58.84
N LEU F 543 7.11 -33.58 -58.37
CA LEU F 543 6.97 -34.80 -59.15
C LEU F 543 5.49 -35.12 -59.38
N ALA F 544 4.65 -34.86 -58.38
CA ALA F 544 3.22 -35.05 -58.55
C ALA F 544 2.70 -34.20 -59.68
N ASN F 545 3.10 -32.92 -59.72
CA ASN F 545 2.65 -32.04 -60.78
C ASN F 545 3.14 -32.52 -62.13
N TYR F 546 4.37 -33.02 -62.19
CA TYR F 546 4.91 -33.46 -63.47
C TYR F 546 4.13 -34.66 -64.00
N LEU F 547 3.89 -35.67 -63.16
CA LEU F 547 3.06 -36.78 -63.62
C LEU F 547 1.66 -36.32 -63.98
N ALA F 548 1.09 -35.40 -63.21
CA ALA F 548 -0.25 -34.92 -63.53
C ALA F 548 -0.29 -34.30 -64.92
N TYR F 549 0.65 -33.41 -65.22
CA TYR F 549 0.64 -32.75 -66.52
C TYR F 549 0.97 -33.72 -67.65
N HIS F 550 1.96 -34.59 -67.45
CA HIS F 550 2.36 -35.47 -68.54
C HIS F 550 1.25 -36.43 -68.90
N SER F 551 0.53 -36.94 -67.91
CA SER F 551 -0.55 -37.89 -68.16
C SER F 551 -1.73 -37.26 -68.89
N ASP F 552 -1.72 -35.94 -69.11
CA ASP F 552 -2.80 -35.25 -69.78
C ASP F 552 -4.11 -35.43 -69.02
N ILE F 553 -4.11 -34.95 -67.77
CA ILE F 553 -5.29 -35.00 -66.94
C ILE F 553 -6.46 -34.21 -67.52
N MET F 554 -6.21 -33.39 -68.54
CA MET F 554 -7.26 -32.59 -69.18
C MET F 554 -7.89 -31.68 -68.13
N PRO G 159 -1.34 -57.15 -35.22
CA PRO G 159 -0.80 -57.44 -36.56
C PRO G 159 -1.87 -57.41 -37.63
N VAL G 160 -1.88 -56.36 -38.45
CA VAL G 160 -2.85 -56.19 -39.52
C VAL G 160 -2.11 -56.01 -40.83
N PHE G 161 -2.44 -56.83 -41.82
CA PHE G 161 -1.91 -56.72 -43.18
C PHE G 161 -3.11 -56.64 -44.12
N ALA G 162 -3.61 -55.43 -44.32
CA ALA G 162 -4.79 -55.22 -45.15
C ALA G 162 -5.02 -53.72 -45.30
N VAL G 163 -5.69 -53.35 -46.37
CA VAL G 163 -6.02 -51.93 -46.60
C VAL G 163 -7.03 -51.49 -45.56
N PRO G 164 -7.00 -50.23 -45.10
CA PRO G 164 -7.85 -49.87 -43.95
C PRO G 164 -9.34 -50.14 -44.16
N GLU G 165 -9.86 -49.92 -45.36
CA GLU G 165 -11.29 -50.09 -45.59
C GLU G 165 -11.67 -51.57 -45.49
N VAL G 166 -12.90 -51.81 -45.05
CA VAL G 166 -13.45 -53.16 -44.94
C VAL G 166 -14.88 -53.15 -45.48
N LEU G 167 -15.40 -54.34 -45.73
CA LEU G 167 -16.76 -54.52 -46.22
C LEU G 167 -17.71 -54.69 -45.04
N ALA G 168 -18.83 -54.01 -45.08
CA ALA G 168 -19.82 -54.05 -44.01
C ALA G 168 -21.21 -54.05 -44.62
N THR G 169 -21.83 -55.23 -44.67
CA THR G 169 -23.16 -55.35 -45.23
C THR G 169 -24.24 -54.78 -44.32
N TYR G 170 -23.89 -54.45 -43.07
CA TYR G 170 -24.88 -53.99 -42.11
C TYR G 170 -25.55 -52.71 -42.58
N HIS G 171 -24.77 -51.78 -43.13
CA HIS G 171 -25.26 -50.43 -43.42
C HIS G 171 -25.61 -50.21 -44.88
N ILE G 172 -25.13 -51.06 -45.79
CA ILE G 172 -25.18 -50.73 -47.20
C ILE G 172 -26.61 -50.88 -47.71
N PHE G 173 -27.37 -49.80 -47.62
CA PHE G 173 -28.73 -49.72 -48.13
C PHE G 173 -29.14 -48.27 -48.16
N PHE G 174 -29.70 -47.81 -49.28
CA PHE G 174 -30.06 -46.41 -49.42
C PHE G 174 -31.38 -46.30 -50.16
N GLN G 175 -32.12 -45.23 -49.85
CA GLN G 175 -33.41 -44.95 -50.48
C GLN G 175 -33.29 -43.65 -51.26
N ASN G 176 -33.64 -43.71 -52.53
CA ASN G 176 -33.49 -42.57 -53.44
C ASN G 176 -34.86 -41.94 -53.69
N CYS G 177 -34.98 -40.66 -53.33
CA CYS G 177 -36.21 -39.93 -53.57
C CYS G 177 -35.87 -38.45 -53.69
N LYS G 178 -36.76 -37.71 -54.33
CA LYS G 178 -36.44 -36.34 -54.72
C LYS G 178 -36.42 -35.42 -53.51
N ILE G 179 -35.45 -34.49 -53.53
CA ILE G 179 -35.19 -33.51 -52.44
C ILE G 179 -36.48 -32.73 -52.16
N PRO G 180 -36.92 -32.53 -50.90
CA PRO G 180 -38.11 -31.74 -50.63
C PRO G 180 -37.98 -30.28 -51.08
N LEU G 181 -39.09 -29.66 -51.52
CA LEU G 181 -39.09 -28.21 -51.84
C LEU G 181 -38.84 -27.48 -50.52
N SER G 182 -39.21 -28.09 -49.38
CA SER G 182 -39.06 -27.52 -48.04
C SER G 182 -37.85 -28.07 -47.31
N CYS G 183 -36.76 -28.34 -48.02
CA CYS G 183 -35.55 -28.82 -47.38
C CYS G 183 -35.04 -27.78 -46.37
N ARG G 184 -34.12 -28.23 -45.51
CA ARG G 184 -33.60 -27.34 -44.48
C ARG G 184 -32.94 -26.12 -45.11
N ALA G 185 -32.12 -26.33 -46.13
CA ALA G 185 -31.40 -25.22 -46.76
C ALA G 185 -32.34 -24.17 -47.33
N ASN G 186 -33.54 -24.60 -47.77
CA ASN G 186 -34.58 -23.74 -48.43
C ASN G 186 -35.45 -23.04 -47.37
N ARG G 187 -35.15 -23.20 -46.08
CA ARG G 187 -35.88 -22.54 -44.97
C ARG G 187 -34.86 -21.70 -44.18
N SER G 188 -34.85 -20.38 -44.34
CA SER G 188 -33.90 -19.50 -43.65
C SER G 188 -34.17 -19.47 -42.15
N ARG G 189 -35.44 -19.35 -41.75
CA ARG G 189 -35.80 -19.26 -40.35
C ARG G 189 -36.02 -20.62 -39.71
N ALA G 190 -35.49 -21.70 -40.30
CA ALA G 190 -35.68 -23.03 -39.74
C ALA G 190 -35.09 -23.11 -38.34
N ASP G 191 -33.90 -22.56 -38.15
CA ASP G 191 -33.27 -22.59 -36.83
C ASP G 191 -34.14 -21.89 -35.80
N LYS G 192 -34.94 -20.91 -36.21
CA LYS G 192 -35.81 -20.21 -35.28
C LYS G 192 -36.83 -21.16 -34.67
N GLN G 193 -37.54 -21.91 -35.53
CA GLN G 193 -38.53 -22.86 -35.04
C GLN G 193 -37.86 -24.01 -34.31
N LEU G 194 -36.72 -24.49 -34.82
CA LEU G 194 -36.05 -25.63 -34.21
C LEU G 194 -35.55 -25.32 -32.81
N ALA G 195 -35.45 -24.06 -32.44
CA ALA G 195 -35.01 -23.70 -31.10
C ALA G 195 -35.94 -24.30 -30.05
N LEU G 196 -35.35 -24.77 -28.96
CA LEU G 196 -36.10 -25.34 -27.85
C LEU G 196 -35.79 -24.57 -26.57
N ARG G 197 -36.76 -24.56 -25.67
CA ARG G 197 -36.66 -23.85 -24.40
C ARG G 197 -36.91 -24.83 -23.26
N GLN G 198 -36.84 -24.33 -22.03
CA GLN G 198 -37.08 -25.16 -20.87
C GLN G 198 -38.52 -25.67 -20.89
N GLY G 199 -38.70 -26.92 -20.48
CA GLY G 199 -40.01 -27.53 -20.38
C GLY G 199 -40.52 -28.18 -21.64
N ALA G 200 -39.80 -28.07 -22.75
CA ALA G 200 -40.26 -28.68 -24.00
C ALA G 200 -40.41 -30.18 -23.81
N VAL G 201 -41.47 -30.74 -24.39
CA VAL G 201 -41.76 -32.15 -24.28
C VAL G 201 -41.23 -32.87 -25.50
N ILE G 202 -40.92 -34.15 -25.33
CA ILE G 202 -40.38 -34.94 -26.44
C ILE G 202 -41.40 -34.93 -27.59
N PRO G 203 -40.99 -34.64 -28.81
CA PRO G 203 -41.95 -34.69 -29.93
C PRO G 203 -42.47 -36.09 -30.16
N ASP G 204 -43.69 -36.16 -30.66
CA ASP G 204 -44.38 -37.42 -30.88
C ASP G 204 -44.59 -37.65 -32.37
N ILE G 205 -44.78 -38.91 -32.74
CA ILE G 205 -45.04 -39.27 -34.13
C ILE G 205 -46.38 -38.68 -34.55
N ALA G 206 -46.60 -38.59 -35.86
CA ALA G 206 -47.85 -38.08 -36.41
C ALA G 206 -48.39 -39.11 -37.39
N SER G 207 -49.67 -38.96 -37.74
CA SER G 207 -50.37 -39.90 -38.59
C SER G 207 -51.22 -39.16 -39.61
N LEU G 208 -51.57 -39.87 -40.68
CA LEU G 208 -52.32 -39.25 -41.76
C LEU G 208 -53.70 -38.78 -41.32
N ASP G 209 -54.19 -39.26 -40.17
CA ASP G 209 -55.49 -38.82 -39.69
C ASP G 209 -55.51 -37.30 -39.47
N GLU G 210 -54.45 -36.77 -38.87
CA GLU G 210 -54.35 -35.33 -38.60
C GLU G 210 -53.55 -34.60 -39.67
N VAL G 211 -53.09 -35.28 -40.70
CA VAL G 211 -52.33 -34.70 -41.79
C VAL G 211 -53.06 -34.98 -43.09
N PRO G 212 -53.94 -34.08 -43.54
CA PRO G 212 -54.75 -34.37 -44.73
C PRO G 212 -53.92 -34.53 -45.99
N LYS G 213 -53.11 -33.54 -46.32
CA LYS G 213 -52.35 -33.55 -47.55
C LYS G 213 -50.99 -32.88 -47.33
N ILE G 214 -49.96 -33.46 -47.93
CA ILE G 214 -48.62 -32.87 -47.88
C ILE G 214 -48.66 -31.53 -48.57
N PHE G 215 -48.29 -30.48 -47.85
CA PHE G 215 -48.19 -29.12 -48.39
C PHE G 215 -46.73 -28.69 -48.33
N GLU G 216 -46.18 -28.32 -49.48
CA GLU G 216 -44.78 -27.91 -49.57
C GLU G 216 -44.67 -26.41 -49.85
N VAL G 242 -32.69 -26.69 -57.45
CA VAL G 242 -33.63 -27.11 -56.43
C VAL G 242 -33.51 -26.21 -55.21
N LEU G 243 -32.28 -25.84 -54.88
CA LEU G 243 -32.02 -24.89 -53.81
C LEU G 243 -32.07 -23.47 -54.35
N VAL G 244 -32.62 -22.57 -53.55
CA VAL G 244 -32.79 -21.17 -53.91
C VAL G 244 -32.13 -20.30 -52.86
N GLU G 245 -31.34 -19.33 -53.29
CA GLU G 245 -30.65 -18.44 -52.36
C GLU G 245 -31.68 -17.60 -51.63
N LEU G 246 -31.91 -17.91 -50.36
CA LEU G 246 -32.90 -17.21 -49.56
C LEU G 246 -32.29 -15.95 -48.95
N GLU G 247 -33.15 -15.14 -48.33
CA GLU G 247 -32.71 -13.87 -47.78
C GLU G 247 -31.90 -14.06 -46.49
N GLY G 248 -32.30 -15.05 -45.68
CA GLY G 248 -31.59 -15.31 -44.41
C GLY G 248 -30.69 -16.53 -44.49
N ASP G 249 -30.18 -16.85 -45.68
CA ASP G 249 -29.23 -18.00 -45.83
C ASP G 249 -27.95 -17.70 -45.06
N ASN G 250 -27.65 -18.49 -44.02
CA ASN G 250 -26.45 -18.24 -43.18
C ASN G 250 -25.19 -18.61 -43.96
N ALA G 251 -24.01 -18.12 -43.55
CA ALA G 251 -22.75 -18.35 -44.28
C ALA G 251 -22.58 -19.80 -44.74
N ARG G 252 -22.60 -20.77 -43.81
CA ARG G 252 -22.32 -22.19 -44.17
C ARG G 252 -23.28 -22.66 -45.28
N LEU G 253 -24.52 -22.21 -45.26
CA LEU G 253 -25.49 -22.59 -46.29
C LEU G 253 -25.37 -21.70 -47.53
N ALA G 254 -24.96 -20.44 -47.36
CA ALA G 254 -24.88 -19.53 -48.50
C ALA G 254 -23.92 -20.06 -49.56
N VAL G 255 -22.70 -20.51 -49.21
CA VAL G 255 -21.79 -20.97 -50.32
C VAL G 255 -22.32 -22.29 -50.92
N LEU G 256 -22.90 -23.14 -50.06
CA LEU G 256 -23.43 -24.46 -50.50
C LEU G 256 -24.59 -24.26 -51.48
N LYS G 257 -25.60 -23.44 -51.13
CA LYS G 257 -26.77 -23.21 -52.02
C LYS G 257 -26.29 -22.83 -53.43
N ARG G 258 -25.04 -22.35 -53.55
CA ARG G 258 -24.47 -21.93 -54.85
C ARG G 258 -23.69 -23.05 -55.56
N SER G 259 -22.69 -23.69 -54.92
CA SER G 259 -21.90 -24.67 -55.76
C SER G 259 -22.44 -26.11 -55.80
N ILE G 260 -23.63 -26.36 -56.38
CA ILE G 260 -24.21 -27.68 -56.14
C ILE G 260 -24.90 -28.17 -57.41
N GLU G 261 -24.59 -29.39 -57.82
CA GLU G 261 -25.30 -30.05 -58.92
C GLU G 261 -26.37 -30.97 -58.33
N VAL G 262 -27.32 -30.36 -57.64
CA VAL G 262 -28.33 -31.11 -56.92
C VAL G 262 -29.44 -31.56 -57.87
N THR G 263 -29.54 -32.87 -58.05
CA THR G 263 -30.60 -33.47 -58.84
C THR G 263 -31.47 -34.38 -57.98
N HIS G 264 -30.83 -35.29 -57.25
CA HIS G 264 -31.51 -36.23 -56.38
C HIS G 264 -30.55 -36.65 -55.28
N PHE G 265 -30.92 -36.38 -54.03
CA PHE G 265 -30.10 -36.73 -52.89
C PHE G 265 -30.60 -38.02 -52.27
N ALA G 266 -29.72 -39.00 -52.15
CA ALA G 266 -30.09 -40.26 -51.52
C ALA G 266 -30.24 -40.09 -50.03
N TYR G 267 -30.99 -40.99 -49.42
CA TYR G 267 -31.24 -40.98 -47.98
C TYR G 267 -30.87 -42.32 -47.40
N PRO G 268 -30.47 -42.36 -46.13
CA PRO G 268 -30.15 -43.65 -45.51
C PRO G 268 -31.40 -44.54 -45.47
N ALA G 269 -31.26 -45.76 -45.96
CA ALA G 269 -32.41 -46.65 -46.02
C ALA G 269 -32.80 -47.08 -44.62
N LEU G 270 -33.78 -46.40 -44.05
CA LEU G 270 -34.27 -46.69 -42.71
C LEU G 270 -35.57 -47.46 -42.86
N ASN G 271 -35.50 -48.76 -42.62
CA ASN G 271 -36.65 -49.63 -42.83
C ASN G 271 -36.53 -50.87 -41.96
N LEU G 272 -37.68 -51.52 -41.74
CA LEU G 272 -37.76 -52.80 -41.04
C LEU G 272 -37.17 -53.86 -41.95
N PRO G 273 -36.79 -55.03 -41.42
CA PRO G 273 -36.14 -56.03 -42.26
C PRO G 273 -37.01 -56.39 -43.44
N PRO G 274 -36.37 -56.66 -44.57
CA PRO G 274 -37.07 -56.92 -45.81
C PRO G 274 -38.02 -58.11 -45.68
N LYS G 275 -37.68 -59.11 -44.88
CA LYS G 275 -38.53 -60.29 -44.70
C LYS G 275 -39.74 -59.91 -43.85
N VAL G 276 -39.52 -59.21 -42.76
CA VAL G 276 -40.61 -58.78 -41.85
C VAL G 276 -41.65 -58.13 -42.75
N MET G 277 -41.18 -57.27 -43.64
CA MET G 277 -42.10 -56.54 -44.55
C MET G 277 -42.78 -57.57 -45.43
N SER G 278 -42.02 -58.48 -46.02
CA SER G 278 -42.57 -59.51 -46.93
C SER G 278 -43.73 -60.20 -46.23
N THR G 279 -43.60 -60.50 -44.95
CA THR G 279 -44.64 -61.26 -44.22
C THR G 279 -45.97 -60.53 -44.29
N VAL G 280 -45.98 -59.22 -44.10
CA VAL G 280 -47.26 -58.46 -43.99
C VAL G 280 -47.71 -57.90 -45.34
N MET G 281 -46.90 -57.91 -46.38
CA MET G 281 -47.35 -57.43 -47.72
C MET G 281 -48.00 -58.59 -48.47
N SER G 282 -47.46 -59.82 -48.39
CA SER G 282 -47.99 -61.08 -48.91
C SER G 282 -49.26 -61.47 -48.17
N GLU G 283 -49.33 -61.16 -46.88
CA GLU G 283 -50.56 -61.39 -46.13
C GLU G 283 -51.67 -60.48 -46.65
N LEU G 284 -51.37 -59.19 -46.86
CA LEU G 284 -52.36 -58.30 -47.47
C LEU G 284 -52.69 -58.71 -48.89
N ILE G 285 -51.69 -59.17 -49.65
CA ILE G 285 -51.90 -59.57 -51.03
C ILE G 285 -51.76 -61.09 -51.16
N PRO G 307 -55.97 -57.39 -53.36
CA PRO G 307 -56.43 -57.34 -51.96
C PRO G 307 -56.97 -58.67 -51.48
N ALA G 308 -56.18 -59.38 -50.66
CA ALA G 308 -56.58 -60.71 -50.23
C ALA G 308 -57.86 -60.67 -49.41
N VAL G 309 -57.97 -59.71 -48.50
CA VAL G 309 -59.14 -59.65 -47.62
C VAL G 309 -60.42 -59.49 -48.44
N GLY G 310 -60.37 -58.66 -49.48
CA GLY G 310 -61.53 -58.39 -50.30
C GLY G 310 -62.38 -57.26 -49.74
N ASP G 311 -63.60 -57.17 -50.24
CA ASP G 311 -64.55 -56.16 -49.80
C ASP G 311 -65.69 -56.74 -48.95
N GLU G 312 -65.88 -58.07 -48.98
CA GLU G 312 -66.99 -58.66 -48.23
C GLU G 312 -66.77 -58.56 -46.73
N GLN G 313 -65.57 -58.93 -46.27
CA GLN G 313 -65.27 -58.79 -44.84
C GLN G 313 -65.27 -57.32 -44.42
N LEU G 314 -64.75 -56.44 -45.26
CA LEU G 314 -64.78 -55.02 -44.94
C LEU G 314 -66.22 -54.53 -44.77
N ALA G 315 -67.11 -54.92 -45.68
CA ALA G 315 -68.51 -54.53 -45.55
C ALA G 315 -69.12 -55.12 -44.28
N ARG G 316 -68.78 -56.38 -43.98
CA ARG G 316 -69.24 -56.97 -42.73
C ARG G 316 -68.84 -56.10 -41.54
N TRP G 317 -67.59 -55.64 -41.53
CA TRP G 317 -67.14 -54.78 -40.43
C TRP G 317 -67.92 -53.47 -40.41
N LEU G 318 -67.89 -52.72 -41.51
CA LEU G 318 -68.47 -51.38 -41.53
C LEU G 318 -69.96 -51.40 -41.20
N GLU G 319 -70.64 -52.51 -41.45
CA GLU G 319 -72.09 -52.61 -41.22
C GLU G 319 -72.86 -51.53 -41.97
N THR G 320 -72.29 -51.03 -43.06
CA THR G 320 -72.91 -49.99 -43.86
C THR G 320 -72.71 -50.31 -45.34
N ARG G 321 -73.60 -49.77 -46.18
CA ARG G 321 -73.57 -50.03 -47.60
C ARG G 321 -72.71 -49.03 -48.38
N GLU G 322 -72.10 -48.07 -47.69
CA GLU G 322 -71.30 -47.06 -48.38
C GLU G 322 -69.93 -47.62 -48.71
N PRO G 323 -69.53 -47.70 -49.98
CA PRO G 323 -68.16 -48.14 -50.29
C PRO G 323 -67.09 -47.11 -49.94
N ALA G 324 -67.47 -45.86 -49.72
CA ALA G 324 -66.49 -44.84 -49.36
C ALA G 324 -65.80 -45.19 -48.05
N ASP G 325 -66.56 -45.67 -47.07
CA ASP G 325 -65.96 -46.12 -45.81
C ASP G 325 -65.01 -47.27 -46.05
N LEU G 326 -65.37 -48.19 -46.95
CA LEU G 326 -64.50 -49.32 -47.28
C LEU G 326 -63.17 -48.83 -47.85
N GLU G 327 -63.23 -47.91 -48.80
CA GLU G 327 -62.00 -47.37 -49.39
C GLU G 327 -61.19 -46.62 -48.35
N GLU G 328 -61.84 -45.86 -47.48
CA GLU G 328 -61.12 -45.13 -46.44
C GLU G 328 -60.42 -46.09 -45.49
N ARG G 329 -61.09 -47.17 -45.09
CA ARG G 329 -60.47 -48.15 -44.21
C ARG G 329 -59.29 -48.83 -44.90
N ARG G 330 -59.44 -49.18 -46.17
CA ARG G 330 -58.34 -49.80 -46.90
C ARG G 330 -57.14 -48.85 -46.96
N LYS G 331 -57.39 -47.57 -47.25
CA LYS G 331 -56.31 -46.59 -47.30
C LYS G 331 -55.66 -46.44 -45.93
N LEU G 332 -56.47 -46.46 -44.86
CA LEU G 332 -55.93 -46.36 -43.52
C LEU G 332 -54.98 -47.52 -43.23
N MET G 333 -55.39 -48.74 -43.59
CA MET G 333 -54.53 -49.89 -43.35
C MET G 333 -53.25 -49.81 -44.18
N MET G 334 -53.37 -49.40 -45.44
CA MET G 334 -52.18 -49.29 -46.29
C MET G 334 -51.20 -48.28 -45.72
N ALA G 335 -51.70 -47.10 -45.35
CA ALA G 335 -50.83 -46.07 -44.78
C ALA G 335 -50.21 -46.53 -43.48
N ALA G 336 -51.00 -47.22 -42.63
CA ALA G 336 -50.47 -47.73 -41.38
C ALA G 336 -49.30 -48.68 -41.64
N VAL G 337 -49.50 -49.67 -42.50
CA VAL G 337 -48.43 -50.62 -42.77
C VAL G 337 -47.25 -49.96 -43.48
N LEU G 338 -47.47 -48.82 -44.13
CA LEU G 338 -46.38 -48.20 -44.88
C LEU G 338 -45.51 -47.31 -44.00
N VAL G 339 -46.13 -46.45 -43.18
CA VAL G 339 -45.40 -45.43 -42.42
C VAL G 339 -45.67 -45.54 -40.92
N THR G 340 -46.92 -45.73 -40.53
CA THR G 340 -47.29 -45.60 -39.10
C THR G 340 -46.79 -46.79 -38.29
N VAL G 341 -46.62 -47.94 -38.88
CA VAL G 341 -46.04 -49.05 -38.13
C VAL G 341 -44.61 -48.72 -37.76
N GLU G 342 -43.81 -48.29 -38.73
CA GLU G 342 -42.42 -47.94 -38.46
C GLU G 342 -42.33 -46.80 -37.45
N LEU G 343 -43.18 -45.79 -37.59
CA LEU G 343 -43.13 -44.68 -36.65
C LEU G 343 -43.41 -45.17 -35.24
N GLU G 344 -44.35 -46.11 -35.08
CA GLU G 344 -44.64 -46.66 -33.76
C GLU G 344 -43.45 -47.45 -33.23
N CYS G 345 -42.79 -48.25 -34.08
CA CYS G 345 -41.63 -49.00 -33.61
C CYS G 345 -40.54 -48.06 -33.12
N MET G 346 -40.30 -46.98 -33.88
CA MET G 346 -39.34 -45.97 -33.43
C MET G 346 -39.76 -45.39 -32.09
N GLN G 347 -41.04 -45.01 -31.98
CA GLN G 347 -41.55 -44.39 -30.77
C GLN G 347 -41.29 -45.27 -29.56
N ARG G 348 -41.56 -46.57 -29.69
CA ARG G 348 -41.35 -47.47 -28.55
C ARG G 348 -39.86 -47.68 -28.29
N PHE G 349 -39.05 -47.82 -29.35
CA PHE G 349 -37.64 -48.13 -29.13
C PHE G 349 -36.95 -46.98 -28.40
N PHE G 350 -37.07 -45.76 -28.93
CA PHE G 350 -36.23 -44.67 -28.44
C PHE G 350 -36.83 -43.92 -27.27
N ALA G 351 -38.05 -44.24 -26.86
CA ALA G 351 -38.70 -43.48 -25.79
C ALA G 351 -38.53 -44.11 -24.41
N ASP G 352 -37.85 -45.25 -24.30
CA ASP G 352 -37.65 -45.86 -23.00
C ASP G 352 -36.78 -44.94 -22.14
N PRO G 353 -37.24 -44.54 -20.95
CA PRO G 353 -36.41 -43.64 -20.13
C PRO G 353 -35.02 -44.17 -19.87
N GLU G 354 -34.88 -45.48 -19.65
CA GLU G 354 -33.54 -46.05 -19.51
C GLU G 354 -32.75 -45.92 -20.81
N MET G 355 -33.41 -46.20 -21.94
CA MET G 355 -32.74 -46.07 -23.23
C MET G 355 -32.37 -44.61 -23.50
N GLN G 356 -33.25 -43.67 -23.14
CA GLN G 356 -32.91 -42.27 -23.33
C GLN G 356 -31.75 -41.87 -22.44
N ARG G 357 -31.71 -42.40 -21.21
CA ARG G 357 -30.55 -42.21 -20.35
C ARG G 357 -29.28 -42.69 -21.05
N LYS G 358 -29.34 -43.88 -21.65
CA LYS G 358 -28.17 -44.44 -22.31
C LYS G 358 -27.73 -43.56 -23.47
N LEU G 359 -28.69 -43.09 -24.27
CA LEU G 359 -28.37 -42.20 -25.38
C LEU G 359 -27.74 -40.90 -24.88
N GLU G 360 -28.30 -40.33 -23.82
CA GLU G 360 -27.76 -39.09 -23.29
C GLU G 360 -26.33 -39.28 -22.81
N GLU G 361 -26.06 -40.39 -22.12
CA GLU G 361 -24.71 -40.60 -21.62
C GLU G 361 -23.73 -40.87 -22.76
N THR G 362 -24.13 -41.60 -23.80
CA THR G 362 -23.20 -41.81 -24.90
C THR G 362 -22.94 -40.51 -25.65
N LEU G 363 -23.95 -39.65 -25.79
CA LEU G 363 -23.71 -38.35 -26.39
C LEU G 363 -22.76 -37.52 -25.54
N HIS G 364 -22.98 -37.52 -24.22
CA HIS G 364 -22.05 -36.87 -23.31
C HIS G 364 -20.63 -37.36 -23.57
N TYR G 365 -20.46 -38.67 -23.67
CA TYR G 365 -19.14 -39.25 -23.92
C TYR G 365 -18.57 -38.73 -25.24
N THR G 366 -19.34 -38.85 -26.32
CA THR G 366 -18.79 -38.58 -27.65
C THR G 366 -18.39 -37.12 -27.79
N PHE G 367 -19.18 -36.20 -27.24
CA PHE G 367 -18.88 -34.78 -27.39
C PHE G 367 -18.05 -34.22 -26.25
N ARG G 368 -17.64 -35.05 -25.28
CA ARG G 368 -16.74 -34.63 -24.22
C ARG G 368 -17.18 -33.31 -23.60
N GLN G 369 -18.36 -33.33 -22.98
CA GLN G 369 -18.88 -32.17 -22.28
C GLN G 369 -19.48 -32.59 -20.95
N GLY G 370 -19.13 -31.86 -19.90
CA GLY G 370 -19.79 -32.03 -18.62
C GLY G 370 -19.06 -33.00 -17.71
N TYR G 371 -19.81 -33.96 -17.18
CA TYR G 371 -19.26 -34.86 -16.17
C TYR G 371 -18.13 -35.72 -16.72
N VAL G 372 -18.22 -36.14 -17.98
CA VAL G 372 -17.12 -36.90 -18.57
C VAL G 372 -15.87 -36.04 -18.65
N ARG G 373 -16.03 -34.76 -18.99
CA ARG G 373 -14.88 -33.86 -19.04
C ARG G 373 -14.29 -33.69 -17.64
N GLN G 374 -15.13 -33.53 -16.63
CA GLN G 374 -14.61 -33.41 -15.26
C GLN G 374 -13.86 -34.67 -14.86
N ALA G 375 -14.40 -35.84 -15.19
CA ALA G 375 -13.71 -37.09 -14.87
C ALA G 375 -12.37 -37.17 -15.56
N CYS G 376 -12.31 -36.80 -16.85
CA CYS G 376 -11.04 -36.82 -17.55
C CYS G 376 -10.04 -35.87 -16.90
N LYS G 377 -10.49 -34.67 -16.54
CA LYS G 377 -9.58 -33.71 -15.92
C LYS G 377 -9.03 -34.25 -14.60
N ILE G 378 -9.93 -34.67 -13.70
CA ILE G 378 -9.49 -35.11 -12.38
C ILE G 378 -8.73 -36.42 -12.48
N SER G 379 -9.14 -37.31 -13.38
CA SER G 379 -8.55 -38.64 -13.43
C SER G 379 -7.06 -38.59 -13.75
N ASN G 380 -6.65 -37.67 -14.63
CA ASN G 380 -5.31 -37.67 -15.23
C ASN G 380 -5.20 -38.85 -16.20
N VAL G 381 -6.30 -39.57 -16.40
CA VAL G 381 -6.38 -40.66 -17.36
C VAL G 381 -7.49 -40.31 -18.35
N GLU G 382 -7.19 -40.46 -19.64
CA GLU G 382 -8.11 -40.06 -20.70
C GLU G 382 -9.23 -41.09 -20.81
N LEU G 383 -10.47 -40.66 -20.60
CA LEU G 383 -11.63 -41.53 -20.69
C LEU G 383 -12.42 -41.39 -21.98
N CYS G 384 -12.24 -40.31 -22.73
CA CYS G 384 -13.00 -40.17 -23.97
C CYS G 384 -12.65 -41.25 -24.98
N ASN G 385 -11.47 -41.84 -24.88
CA ASN G 385 -10.97 -42.72 -25.94
C ASN G 385 -11.77 -44.00 -26.10
N LEU G 386 -12.61 -44.37 -25.13
CA LEU G 386 -13.34 -45.62 -25.25
C LEU G 386 -14.38 -45.55 -26.37
N VAL G 387 -14.22 -46.44 -27.34
CA VAL G 387 -15.16 -46.61 -28.46
C VAL G 387 -15.65 -48.04 -28.43
N SER G 388 -16.95 -48.23 -28.62
CA SER G 388 -17.58 -49.52 -28.43
C SER G 388 -18.36 -49.93 -29.67
N TYR G 389 -18.69 -51.22 -29.72
CA TYR G 389 -19.53 -51.77 -30.78
C TYR G 389 -20.19 -53.02 -30.24
N LEU G 390 -21.49 -52.95 -30.01
CA LEU G 390 -22.25 -54.08 -29.45
C LEU G 390 -21.65 -54.54 -28.12
N GLY G 391 -21.16 -53.59 -27.33
CA GLY G 391 -20.61 -53.89 -26.03
C GLY G 391 -19.20 -54.44 -26.03
N ILE G 392 -18.53 -54.50 -27.18
CA ILE G 392 -17.17 -55.00 -27.21
C ILE G 392 -16.23 -54.05 -26.45
N LEU G 393 -16.48 -52.74 -26.55
CA LEU G 393 -15.76 -51.75 -25.76
C LEU G 393 -14.26 -51.78 -26.07
N HIS G 394 -13.94 -51.51 -27.33
CA HIS G 394 -12.56 -51.36 -27.74
C HIS G 394 -12.02 -50.01 -27.27
N GLU G 395 -10.76 -49.73 -27.62
CA GLU G 395 -10.13 -48.46 -27.30
C GLU G 395 -9.27 -48.03 -28.48
N ASN G 396 -9.40 -46.78 -28.90
CA ASN G 396 -8.71 -46.27 -30.08
C ASN G 396 -8.06 -44.93 -29.75
N ARG G 397 -6.74 -44.86 -29.91
CA ARG G 397 -6.05 -43.58 -29.83
C ARG G 397 -6.39 -42.70 -31.02
N LEU G 398 -6.47 -43.27 -32.21
CA LEU G 398 -6.71 -42.51 -33.43
C LEU G 398 -8.18 -42.13 -33.50
N GLY G 399 -8.55 -41.14 -32.68
CA GLY G 399 -9.90 -40.64 -32.66
C GLY G 399 -9.99 -39.23 -32.13
N GLN G 400 -10.64 -38.35 -32.88
CA GLN G 400 -10.81 -36.95 -32.48
C GLN G 400 -12.23 -36.72 -32.02
N ASN G 401 -12.39 -36.06 -30.87
CA ASN G 401 -13.71 -35.78 -30.34
C ASN G 401 -13.80 -34.39 -29.73
N VAL G 402 -12.77 -33.55 -29.88
CA VAL G 402 -12.75 -32.24 -29.26
C VAL G 402 -12.55 -31.16 -30.32
N LEU G 403 -12.81 -31.50 -31.58
CA LEU G 403 -12.69 -30.53 -32.66
C LEU G 403 -13.96 -29.71 -32.86
N HIS G 404 -15.08 -30.12 -32.26
CA HIS G 404 -16.33 -29.38 -32.41
C HIS G 404 -16.30 -28.05 -31.69
N SER G 405 -15.33 -27.83 -30.79
CA SER G 405 -15.24 -26.56 -30.09
C SER G 405 -14.81 -25.42 -30.99
N THR G 406 -14.19 -25.74 -32.14
CA THR G 406 -13.73 -24.68 -33.03
C THR G 406 -14.88 -23.93 -33.70
N LEU G 407 -16.08 -24.49 -33.68
CA LEU G 407 -17.26 -23.87 -34.28
C LEU G 407 -18.13 -23.25 -33.19
N LYS G 408 -18.77 -22.12 -33.50
CA LYS G 408 -19.72 -21.44 -32.57
C LYS G 408 -20.85 -20.80 -33.38
N GLY G 409 -21.70 -19.98 -32.75
CA GLY G 409 -22.83 -19.31 -33.43
C GLY G 409 -23.80 -20.33 -34.00
N GLU G 410 -24.37 -20.07 -35.18
CA GLU G 410 -25.34 -20.99 -35.84
C GLU G 410 -24.54 -22.11 -36.54
N ALA G 411 -23.23 -21.96 -36.71
CA ALA G 411 -22.38 -23.01 -37.33
C ALA G 411 -22.39 -24.23 -36.41
N ARG G 412 -22.42 -24.02 -35.09
CA ARG G 412 -22.38 -25.10 -34.12
C ARG G 412 -23.72 -25.74 -34.05
N ARG G 413 -24.78 -25.00 -33.84
CA ARG G 413 -26.06 -25.66 -33.62
C ARG G 413 -26.24 -26.65 -34.74
N ASP G 414 -26.15 -26.19 -35.96
CA ASP G 414 -26.44 -27.04 -37.11
C ASP G 414 -25.53 -28.24 -37.12
N TYR G 415 -24.28 -28.03 -36.94
CA TYR G 415 -23.31 -29.13 -37.08
C TYR G 415 -23.64 -30.16 -36.07
N VAL G 416 -23.92 -29.76 -34.88
CA VAL G 416 -24.13 -30.80 -33.87
C VAL G 416 -25.40 -31.50 -34.25
N ARG G 417 -26.45 -30.72 -34.60
CA ARG G 417 -27.77 -31.27 -34.95
C ARG G 417 -27.51 -32.39 -35.93
N ASP G 418 -26.58 -32.16 -36.86
CA ASP G 418 -26.28 -33.17 -37.85
C ASP G 418 -25.66 -34.35 -37.16
N CYS G 419 -24.58 -34.16 -36.47
CA CYS G 419 -23.87 -35.31 -35.90
C CYS G 419 -24.83 -36.20 -35.16
N VAL G 420 -25.71 -35.67 -34.34
CA VAL G 420 -26.64 -36.44 -33.53
C VAL G 420 -27.60 -37.20 -34.43
N TYR G 421 -28.05 -36.56 -35.52
CA TYR G 421 -28.96 -37.23 -36.44
C TYR G 421 -28.30 -38.48 -37.02
N LEU G 422 -27.09 -38.35 -37.55
CA LEU G 422 -26.45 -39.53 -38.11
C LEU G 422 -26.19 -40.59 -37.05
N PHE G 423 -25.90 -40.18 -35.81
CA PHE G 423 -25.68 -41.16 -34.77
C PHE G 423 -26.95 -41.96 -34.51
N LEU G 424 -28.09 -41.28 -34.48
CA LEU G 424 -29.36 -41.99 -34.31
C LEU G 424 -29.62 -42.92 -35.47
N CYS G 425 -29.34 -42.48 -36.69
CA CYS G 425 -29.52 -43.36 -37.84
C CYS G 425 -28.63 -44.59 -37.71
N TYR G 426 -27.39 -44.41 -37.30
CA TYR G 426 -26.48 -45.53 -37.16
C TYR G 426 -27.00 -46.51 -36.12
N THR G 427 -27.47 -45.97 -34.99
CA THR G 427 -28.03 -46.83 -33.95
C THR G 427 -29.17 -47.67 -34.50
N TRP G 428 -30.15 -47.03 -35.13
CA TRP G 428 -31.30 -47.77 -35.61
C TRP G 428 -30.91 -48.77 -36.69
N GLN G 429 -30.02 -48.39 -37.60
CA GLN G 429 -29.65 -49.28 -38.68
C GLN G 429 -28.92 -50.51 -38.16
N THR G 430 -27.98 -50.32 -37.24
CA THR G 430 -27.30 -51.49 -36.68
C THR G 430 -28.27 -52.36 -35.90
N ALA G 431 -29.21 -51.75 -35.17
CA ALA G 431 -30.21 -52.54 -34.47
C ALA G 431 -31.01 -53.40 -35.45
N MET G 432 -31.49 -52.79 -36.53
CA MET G 432 -32.29 -53.53 -37.50
C MET G 432 -31.45 -54.63 -38.15
N GLY G 433 -30.19 -54.35 -38.45
CA GLY G 433 -29.36 -55.37 -39.07
C GLY G 433 -29.13 -56.56 -38.15
N VAL G 434 -28.85 -56.30 -36.88
CA VAL G 434 -28.61 -57.40 -35.94
C VAL G 434 -29.88 -58.19 -35.72
N TRP G 435 -31.03 -57.53 -35.70
CA TRP G 435 -32.29 -58.27 -35.62
C TRP G 435 -32.47 -59.15 -36.86
N GLN G 436 -32.22 -58.59 -38.04
CA GLN G 436 -32.42 -59.35 -39.27
C GLN G 436 -31.54 -60.60 -39.28
N GLN G 437 -30.28 -60.45 -38.87
CA GLN G 437 -29.35 -61.58 -38.92
C GLN G 437 -29.70 -62.66 -37.90
N CYS G 438 -30.62 -62.40 -36.98
CA CYS G 438 -31.06 -63.38 -35.99
C CYS G 438 -32.49 -63.83 -36.24
N LEU G 439 -32.94 -63.81 -37.51
CA LEU G 439 -34.35 -64.15 -37.83
C LEU G 439 -34.43 -65.67 -37.89
N GLU G 440 -35.58 -66.25 -37.55
CA GLU G 440 -35.82 -67.70 -37.59
C GLU G 440 -36.99 -67.86 -38.56
N GLU G 441 -36.85 -68.68 -39.58
CA GLU G 441 -37.93 -68.88 -40.58
C GLU G 441 -39.06 -69.66 -39.90
N ARG G 442 -38.88 -70.18 -38.69
CA ARG G 442 -39.94 -70.87 -37.89
C ARG G 442 -40.78 -69.74 -37.29
N ASN G 443 -40.18 -68.74 -36.66
CA ASN G 443 -40.84 -67.52 -36.20
C ASN G 443 -41.62 -66.86 -37.33
N LEU G 444 -41.18 -67.03 -38.58
CA LEU G 444 -41.96 -66.50 -39.71
C LEU G 444 -43.30 -67.21 -39.83
N LYS G 445 -43.29 -68.54 -39.72
CA LYS G 445 -44.56 -69.27 -39.73
C LYS G 445 -45.43 -68.89 -38.55
N GLU G 446 -44.82 -68.70 -37.38
CA GLU G 446 -45.57 -68.27 -36.20
C GLU G 446 -46.21 -66.90 -36.45
N LEU G 447 -45.45 -65.98 -37.05
CA LEU G 447 -46.00 -64.67 -37.38
C LEU G 447 -47.15 -64.79 -38.36
N GLN G 448 -47.01 -65.68 -39.36
CA GLN G 448 -48.10 -65.90 -40.31
C GLN G 448 -49.36 -66.36 -39.58
N LYS G 449 -49.22 -67.33 -38.69
CA LYS G 449 -50.38 -67.85 -37.97
C LYS G 449 -50.99 -66.76 -37.08
N LEU G 450 -50.15 -65.99 -36.40
CA LEU G 450 -50.67 -64.93 -35.53
C LEU G 450 -51.41 -63.89 -36.34
N LEU G 451 -50.88 -63.52 -37.51
CA LEU G 451 -51.56 -62.55 -38.35
C LEU G 451 -52.89 -63.10 -38.83
N LYS G 452 -52.93 -64.38 -39.22
CA LYS G 452 -54.20 -64.99 -39.60
C LYS G 452 -55.20 -64.93 -38.47
N GLN G 453 -54.74 -65.18 -37.24
CA GLN G 453 -55.66 -65.24 -36.11
C GLN G 453 -56.15 -63.85 -35.71
N ASN G 454 -55.29 -62.83 -35.83
CA ASN G 454 -55.61 -61.50 -35.36
C ASN G 454 -56.19 -60.57 -36.43
N LEU G 455 -56.14 -60.93 -37.71
CA LEU G 455 -56.59 -59.99 -38.73
C LEU G 455 -58.03 -59.56 -38.49
N LYS G 456 -58.84 -60.45 -37.92
CA LYS G 456 -60.24 -60.12 -37.70
C LYS G 456 -60.39 -58.94 -36.76
N ASP G 457 -59.58 -58.90 -35.70
CA ASP G 457 -59.60 -57.75 -34.80
C ASP G 457 -58.86 -56.56 -35.41
N LEU G 458 -57.76 -56.81 -36.12
CA LEU G 458 -56.94 -55.72 -36.62
C LEU G 458 -57.66 -54.90 -37.68
N TRP G 459 -58.57 -55.51 -38.43
CA TRP G 459 -59.37 -54.76 -39.39
C TRP G 459 -60.59 -54.11 -38.75
N THR G 460 -60.63 -54.00 -37.42
CA THR G 460 -61.78 -53.47 -36.70
C THR G 460 -61.34 -52.48 -35.63
N ALA G 461 -60.45 -51.56 -35.99
CA ALA G 461 -60.03 -50.48 -35.11
C ALA G 461 -60.26 -49.15 -35.83
N PHE G 462 -60.88 -48.20 -35.12
CA PHE G 462 -61.26 -46.94 -35.76
C PHE G 462 -60.06 -46.02 -35.95
N ASN G 463 -59.16 -45.81 -34.97
CA ASN G 463 -58.06 -44.81 -35.09
C ASN G 463 -57.00 -45.43 -36.00
N GLU G 464 -56.12 -44.67 -36.66
CA GLU G 464 -55.02 -45.22 -37.51
C GLU G 464 -53.85 -45.43 -36.61
N ARG G 465 -53.68 -44.53 -35.66
CA ARG G 465 -52.59 -44.66 -34.67
C ARG G 465 -52.88 -45.93 -33.87
N SER G 466 -54.17 -46.20 -33.60
CA SER G 466 -54.55 -47.42 -32.84
C SER G 466 -54.25 -48.62 -33.72
N VAL G 467 -54.52 -48.47 -35.00
CA VAL G 467 -54.33 -49.62 -35.91
C VAL G 467 -52.85 -49.99 -35.77
N ALA G 468 -51.98 -48.99 -35.80
CA ALA G 468 -50.52 -49.23 -35.79
C ALA G 468 -50.10 -49.63 -34.38
N ALA G 469 -50.85 -49.24 -33.36
CA ALA G 469 -50.50 -49.55 -31.95
C ALA G 469 -50.48 -51.06 -31.80
N HIS G 470 -51.50 -51.72 -32.32
CA HIS G 470 -51.62 -53.19 -32.16
C HIS G 470 -50.68 -53.87 -33.12
N LEU G 471 -50.45 -53.42 -34.36
CA LEU G 471 -49.60 -54.15 -35.28
C LEU G 471 -48.18 -54.24 -34.76
N ALA G 472 -47.66 -53.13 -34.22
CA ALA G 472 -46.33 -53.17 -33.62
C ALA G 472 -46.29 -54.15 -32.46
N ASP G 473 -47.33 -54.14 -31.62
CA ASP G 473 -47.36 -55.03 -30.47
C ASP G 473 -47.28 -56.49 -30.92
N ILE G 474 -48.09 -56.87 -31.90
CA ILE G 474 -48.08 -58.26 -32.36
C ILE G 474 -46.73 -58.58 -33.01
N ILE G 475 -46.20 -57.69 -33.84
CA ILE G 475 -45.01 -58.00 -34.61
C ILE G 475 -43.73 -57.80 -33.80
N PHE G 476 -43.72 -56.84 -32.88
CA PHE G 476 -42.51 -56.46 -32.14
C PHE G 476 -42.61 -56.99 -30.72
N PRO G 477 -42.12 -58.19 -30.43
CA PRO G 477 -42.22 -58.72 -29.06
C PRO G 477 -41.35 -57.93 -28.10
N GLU G 478 -41.84 -57.83 -26.85
CA GLU G 478 -41.12 -57.08 -25.82
C GLU G 478 -39.79 -57.74 -25.49
N ARG G 479 -39.76 -59.08 -25.46
CA ARG G 479 -38.52 -59.77 -25.15
C ARG G 479 -37.44 -59.44 -26.17
N LEU G 480 -37.80 -59.41 -27.46
CA LEU G 480 -36.81 -59.07 -28.48
C LEU G 480 -36.33 -57.64 -28.33
N LEU G 481 -37.24 -56.72 -28.01
CA LEU G 481 -36.84 -55.34 -27.80
C LEU G 481 -35.86 -55.23 -26.64
N LYS G 482 -36.13 -55.92 -25.53
CA LYS G 482 -35.23 -55.87 -24.39
C LYS G 482 -33.87 -56.50 -24.73
N THR G 483 -33.88 -57.62 -25.46
CA THR G 483 -32.62 -58.24 -25.83
C THR G 483 -31.79 -57.32 -26.71
N LEU G 484 -32.44 -56.64 -27.67
CA LEU G 484 -31.71 -55.69 -28.49
C LEU G 484 -31.20 -54.53 -27.66
N GLN G 485 -31.98 -54.07 -26.69
CA GLN G 485 -31.58 -52.93 -25.87
C GLN G 485 -30.48 -53.26 -24.88
N GLN G 486 -30.08 -54.53 -24.78
CA GLN G 486 -29.11 -54.94 -23.76
C GLN G 486 -27.86 -54.06 -23.78
N GLY G 487 -27.12 -54.09 -24.89
CA GLY G 487 -25.88 -53.33 -24.98
C GLY G 487 -25.67 -52.74 -26.37
N LEU G 488 -26.77 -52.51 -27.09
CA LEU G 488 -26.70 -52.11 -28.49
C LEU G 488 -26.14 -50.70 -28.64
N PRO G 489 -26.67 -49.69 -27.94
CA PRO G 489 -26.15 -48.33 -28.13
C PRO G 489 -24.68 -48.25 -27.72
N ASP G 490 -23.82 -48.04 -28.70
CA ASP G 490 -22.38 -48.19 -28.54
C ASP G 490 -21.70 -46.85 -28.79
N PHE G 491 -20.64 -46.59 -28.03
CA PHE G 491 -19.93 -45.33 -28.17
C PHE G 491 -19.45 -45.14 -29.60
N THR G 492 -19.71 -43.97 -30.14
CA THR G 492 -19.30 -43.61 -31.50
C THR G 492 -18.43 -42.39 -31.43
N SER G 493 -17.26 -42.46 -32.07
CA SER G 493 -16.35 -41.32 -32.09
C SER G 493 -16.71 -40.41 -33.25
N GLN G 494 -16.48 -39.10 -33.05
CA GLN G 494 -16.80 -38.13 -34.08
C GLN G 494 -16.17 -38.51 -35.42
N SER G 495 -14.97 -39.09 -35.39
CA SER G 495 -14.32 -39.49 -36.64
C SER G 495 -15.14 -40.53 -37.38
N MET G 496 -15.68 -41.52 -36.66
CA MET G 496 -16.50 -42.52 -37.32
C MET G 496 -17.76 -41.90 -37.89
N LEU G 497 -18.36 -40.96 -37.15
CA LEU G 497 -19.55 -40.29 -37.67
C LEU G 497 -19.23 -39.54 -38.95
N GLN G 498 -18.09 -38.85 -38.99
CA GLN G 498 -17.72 -38.13 -40.20
C GLN G 498 -17.45 -39.10 -41.34
N ASN G 499 -16.85 -40.25 -41.05
CA ASN G 499 -16.62 -41.24 -42.09
C ASN G 499 -17.95 -41.73 -42.66
N PHE G 500 -18.93 -41.99 -41.78
CA PHE G 500 -20.24 -42.41 -42.24
C PHE G 500 -20.90 -41.31 -43.07
N ARG G 501 -20.72 -40.06 -42.61
CA ARG G 501 -21.27 -38.86 -43.29
C ARG G 501 -20.68 -38.79 -44.69
N ASN G 502 -19.38 -39.05 -44.87
CA ASN G 502 -18.74 -39.05 -46.18
C ASN G 502 -19.24 -40.21 -47.03
N PHE G 503 -19.45 -41.37 -46.42
CA PHE G 503 -20.04 -42.49 -47.13
C PHE G 503 -21.38 -42.09 -47.76
N ILE G 504 -22.26 -41.53 -46.94
CA ILE G 504 -23.58 -41.10 -47.43
C ILE G 504 -23.41 -40.13 -48.58
N LEU G 505 -22.51 -39.15 -48.40
CA LEU G 505 -22.34 -38.13 -49.43
C LEU G 505 -21.85 -38.74 -50.74
N GLU G 506 -20.78 -39.52 -50.70
CA GLU G 506 -20.23 -40.01 -51.96
C GLU G 506 -21.22 -40.91 -52.68
N ARG G 507 -21.78 -41.88 -51.93
CA ARG G 507 -22.67 -42.90 -52.53
C ARG G 507 -23.85 -42.18 -53.16
N SER G 508 -24.15 -40.98 -52.66
CA SER G 508 -25.30 -40.24 -53.19
C SER G 508 -24.93 -39.28 -54.30
N GLY G 509 -23.70 -39.32 -54.81
CA GLY G 509 -23.37 -38.59 -56.02
C GLY G 509 -22.87 -37.18 -55.83
N ILE G 510 -22.47 -36.82 -54.62
CA ILE G 510 -21.89 -35.50 -54.36
C ILE G 510 -20.46 -35.72 -53.89
N LEU G 511 -19.53 -35.03 -54.53
CA LEU G 511 -18.13 -35.07 -54.12
C LEU G 511 -18.00 -34.49 -52.72
N PRO G 512 -17.29 -35.17 -51.80
CA PRO G 512 -17.12 -34.60 -50.46
C PRO G 512 -16.31 -33.31 -50.44
N ALA G 513 -15.53 -33.05 -51.48
CA ALA G 513 -14.65 -31.89 -51.51
C ALA G 513 -15.23 -30.69 -52.25
N THR G 514 -16.49 -30.74 -52.67
CA THR G 514 -17.14 -29.57 -53.25
C THR G 514 -17.63 -28.68 -52.10
N CYS G 515 -16.66 -28.32 -51.26
CA CYS G 515 -16.87 -27.49 -50.08
C CYS G 515 -17.84 -28.21 -49.12
N CYS G 516 -18.57 -27.44 -48.32
CA CYS G 516 -19.38 -27.97 -47.23
C CYS G 516 -20.61 -28.68 -47.78
N ALA G 517 -21.00 -29.76 -47.11
CA ALA G 517 -22.22 -30.48 -47.46
C ALA G 517 -22.61 -31.43 -46.33
N LEU G 518 -23.82 -31.28 -45.80
CA LEU G 518 -24.29 -32.13 -44.70
C LEU G 518 -25.58 -32.82 -45.10
N PRO G 519 -25.69 -34.14 -44.91
CA PRO G 519 -26.93 -34.84 -45.28
C PRO G 519 -28.15 -34.32 -44.53
N SER G 520 -27.95 -33.89 -43.28
CA SER G 520 -29.06 -33.40 -42.47
C SER G 520 -29.66 -32.13 -43.04
N ASP G 521 -28.97 -31.44 -43.94
CA ASP G 521 -29.52 -30.24 -44.54
C ASP G 521 -30.55 -30.56 -45.62
N PHE G 522 -30.48 -31.74 -46.22
CA PHE G 522 -31.43 -32.13 -47.26
C PHE G 522 -32.48 -33.05 -46.65
N VAL G 523 -33.40 -32.43 -45.90
CA VAL G 523 -34.48 -33.15 -45.23
C VAL G 523 -35.48 -32.12 -44.71
N PRO G 524 -36.77 -32.39 -44.74
CA PRO G 524 -37.76 -31.43 -44.25
C PRO G 524 -37.73 -31.36 -42.73
N ILE G 525 -38.61 -30.53 -42.20
CA ILE G 525 -38.66 -30.23 -40.78
C ILE G 525 -39.91 -30.78 -40.14
N LYS G 526 -41.08 -30.27 -40.56
CA LYS G 526 -42.35 -30.69 -39.92
C LYS G 526 -42.91 -31.91 -40.65
N TYR G 527 -43.82 -32.64 -40.00
CA TYR G 527 -44.41 -33.85 -40.64
C TYR G 527 -45.25 -33.41 -41.85
N ARG G 528 -46.05 -32.36 -41.67
CA ARG G 528 -46.94 -31.87 -42.77
C ARG G 528 -46.12 -31.08 -43.79
N GLU G 529 -44.80 -31.03 -43.63
CA GLU G 529 -43.91 -30.36 -44.62
C GLU G 529 -43.11 -31.45 -45.34
N CYS G 530 -43.43 -32.73 -45.11
CA CYS G 530 -42.60 -33.77 -45.71
C CYS G 530 -43.48 -34.82 -46.37
N PRO G 531 -43.03 -35.45 -47.45
CA PRO G 531 -43.79 -36.56 -48.03
C PRO G 531 -43.87 -37.73 -47.07
N PRO G 532 -44.98 -38.47 -47.06
CA PRO G 532 -45.13 -39.60 -46.13
C PRO G 532 -43.86 -40.41 -46.02
N PRO G 533 -43.25 -40.81 -47.15
CA PRO G 533 -42.09 -41.70 -47.11
C PRO G 533 -41.05 -41.32 -46.05
N LEU G 534 -40.57 -40.08 -46.09
CA LEU G 534 -39.48 -39.64 -45.24
C LEU G 534 -39.97 -39.20 -43.86
N TRP G 535 -41.18 -39.62 -43.47
CA TRP G 535 -41.69 -39.24 -42.16
C TRP G 535 -40.85 -39.82 -41.03
N GLY G 536 -40.33 -41.03 -41.21
CA GLY G 536 -39.43 -41.59 -40.23
C GLY G 536 -38.22 -40.70 -40.03
N HIS G 537 -37.69 -40.20 -41.14
CA HIS G 537 -36.54 -39.30 -41.09
C HIS G 537 -36.90 -38.02 -40.36
N CYS G 538 -38.08 -37.48 -40.63
CA CYS G 538 -38.52 -36.29 -39.90
C CYS G 538 -38.58 -36.56 -38.41
N TYR G 539 -39.15 -37.71 -38.04
CA TYR G 539 -39.24 -38.05 -36.62
C TYR G 539 -37.85 -38.14 -36.02
N LEU G 540 -36.92 -38.75 -36.75
CA LEU G 540 -35.56 -38.85 -36.28
C LEU G 540 -34.96 -37.47 -36.08
N LEU G 541 -35.22 -36.55 -37.01
CA LEU G 541 -34.63 -35.22 -36.89
C LEU G 541 -35.20 -34.47 -35.69
N GLN G 542 -36.52 -34.56 -35.47
CA GLN G 542 -37.10 -33.93 -34.30
C GLN G 542 -36.53 -34.53 -33.02
N LEU G 543 -36.40 -35.86 -32.99
CA LEU G 543 -35.83 -36.53 -31.84
C LEU G 543 -34.40 -36.05 -31.60
N ALA G 544 -33.63 -35.93 -32.67
CA ALA G 544 -32.24 -35.48 -32.54
C ALA G 544 -32.17 -34.07 -32.00
N ASN G 545 -33.03 -33.18 -32.49
CA ASN G 545 -33.04 -31.82 -31.98
C ASN G 545 -33.42 -31.80 -30.51
N TYR G 546 -34.42 -32.59 -30.13
CA TYR G 546 -34.83 -32.66 -28.73
C TYR G 546 -33.69 -33.15 -27.87
N LEU G 547 -33.02 -34.21 -28.27
CA LEU G 547 -31.88 -34.70 -27.50
C LEU G 547 -30.78 -33.65 -27.43
N ALA G 548 -30.48 -33.00 -28.55
CA ALA G 548 -29.37 -32.06 -28.58
C ALA G 548 -29.60 -30.91 -27.62
N TYR G 549 -30.82 -30.35 -27.61
CA TYR G 549 -31.10 -29.28 -26.67
C TYR G 549 -31.28 -29.79 -25.25
N HIS G 550 -31.71 -31.04 -25.09
CA HIS G 550 -31.83 -31.63 -23.76
C HIS G 550 -30.46 -31.79 -23.11
N SER G 551 -29.47 -32.24 -23.87
CA SER G 551 -28.15 -32.51 -23.33
C SER G 551 -27.32 -31.26 -23.12
N ASP G 552 -27.89 -30.08 -23.34
CA ASP G 552 -27.20 -28.79 -23.20
C ASP G 552 -26.14 -28.59 -24.27
N ILE G 553 -25.98 -29.56 -25.18
CA ILE G 553 -24.98 -29.47 -26.24
C ILE G 553 -25.22 -28.30 -27.18
N MET G 554 -26.40 -27.68 -27.13
CA MET G 554 -26.74 -26.61 -28.05
C MET G 554 -26.59 -27.08 -29.49
N ARG G 568 -25.14 -31.00 -19.98
CA ARG G 568 -25.42 -31.37 -18.59
C ARG G 568 -26.81 -32.01 -18.46
N CYS G 569 -27.85 -31.57 -19.18
CA CYS G 569 -29.24 -32.10 -19.02
C CYS G 569 -29.52 -32.24 -17.52
N ASN G 570 -30.00 -33.39 -17.02
CA ASN G 570 -30.16 -33.65 -15.56
C ASN G 570 -29.11 -34.69 -15.17
N LEU G 571 -28.17 -35.04 -16.08
CA LEU G 571 -27.13 -35.99 -15.70
C LEU G 571 -26.01 -35.34 -14.90
N CYS G 572 -25.91 -34.01 -14.91
CA CYS G 572 -24.79 -33.30 -14.30
C CYS G 572 -25.21 -32.38 -13.16
N THR G 573 -26.22 -31.55 -13.37
CA THR G 573 -26.52 -30.49 -12.40
C THR G 573 -26.90 -31.03 -11.02
N PRO G 574 -27.77 -32.04 -10.90
CA PRO G 574 -28.30 -32.38 -9.56
C PRO G 574 -27.24 -32.88 -8.58
N HIS G 575 -26.50 -33.91 -8.97
CA HIS G 575 -25.56 -34.58 -8.08
C HIS G 575 -24.13 -34.53 -8.58
N ARG G 576 -23.90 -34.84 -9.85
CA ARG G 576 -22.54 -34.93 -10.37
C ARG G 576 -21.82 -33.59 -10.43
N SER G 577 -22.53 -32.48 -10.24
CA SER G 577 -21.91 -31.16 -10.30
C SER G 577 -21.23 -30.84 -8.97
N LEU G 578 -19.92 -30.63 -9.02
CA LEU G 578 -19.18 -30.33 -7.79
C LEU G 578 -19.63 -29.01 -7.19
N VAL G 579 -19.88 -28.00 -8.02
CA VAL G 579 -20.28 -26.69 -7.52
C VAL G 579 -21.60 -26.80 -6.74
N CYS G 580 -22.56 -27.53 -7.29
CA CYS G 580 -23.85 -27.67 -6.64
C CYS G 580 -23.80 -28.61 -5.46
N ASN G 581 -23.00 -29.68 -5.54
CA ASN G 581 -22.91 -30.69 -4.49
C ASN G 581 -21.71 -30.36 -3.61
N SER G 582 -21.99 -29.95 -2.38
CA SER G 582 -20.91 -29.60 -1.45
C SER G 582 -20.14 -30.83 -1.00
N GLN G 583 -20.85 -31.93 -0.72
CA GLN G 583 -20.18 -33.14 -0.24
C GLN G 583 -19.19 -33.66 -1.27
N LEU G 584 -19.60 -33.69 -2.55
CA LEU G 584 -18.70 -34.18 -3.58
C LEU G 584 -17.48 -33.28 -3.72
N LEU G 585 -17.66 -31.97 -3.65
CA LEU G 585 -16.53 -31.06 -3.72
C LEU G 585 -15.57 -31.30 -2.56
N SER G 586 -16.10 -31.39 -1.35
CA SER G 586 -15.25 -31.61 -0.19
C SER G 586 -14.49 -32.93 -0.30
N GLU G 587 -15.16 -33.97 -0.79
CA GLU G 587 -14.48 -35.24 -1.01
C GLU G 587 -13.36 -35.09 -2.04
N SER G 588 -13.61 -34.33 -3.10
CA SER G 588 -12.59 -34.12 -4.12
C SER G 588 -11.37 -33.41 -3.54
N GLN G 589 -11.60 -32.42 -2.67
CA GLN G 589 -10.49 -31.63 -2.15
C GLN G 589 -9.45 -32.49 -1.45
N ILE G 590 -9.86 -33.64 -0.91
CA ILE G 590 -8.96 -34.51 -0.17
C ILE G 590 -8.52 -35.72 -1.01
N ILE G 591 -8.58 -35.59 -2.33
CA ILE G 591 -8.39 -36.74 -3.21
C ILE G 591 -7.02 -37.38 -2.98
N GLY G 592 -5.98 -36.56 -2.79
CA GLY G 592 -4.62 -37.07 -2.76
C GLY G 592 -4.00 -37.17 -1.37
N THR G 593 -4.46 -36.34 -0.43
CA THR G 593 -3.85 -36.27 0.89
C THR G 593 -4.43 -37.38 1.78
N PHE G 594 -4.23 -38.62 1.34
CA PHE G 594 -4.66 -39.78 2.12
C PHE G 594 -3.45 -40.67 2.39
N GLU G 595 -3.49 -41.33 3.54
CA GLU G 595 -2.34 -42.05 4.03
C GLU G 595 -2.73 -42.96 5.20
N LEU G 596 -2.44 -44.27 5.11
CA LEU G 596 -2.80 -45.20 6.18
C LEU G 596 -1.92 -46.45 6.11
N GLN G 597 -0.89 -46.51 6.94
CA GLN G 597 -0.13 -47.74 7.17
C GLN G 597 -0.22 -48.10 8.65
N GLY G 598 -0.38 -49.39 8.94
CA GLY G 598 -0.56 -49.85 10.29
C GLY G 598 0.14 -51.15 10.64
N PRO G 599 1.25 -51.48 9.94
CA PRO G 599 1.81 -52.81 10.23
C PRO G 599 2.44 -52.90 11.61
N GLY G 609 -1.40 -50.04 1.14
CA GLY G 609 -1.58 -48.71 0.57
C GLY G 609 -2.59 -47.88 1.32
N LEU G 610 -3.87 -48.16 1.10
CA LEU G 610 -4.96 -47.43 1.73
C LEU G 610 -4.92 -45.95 1.39
N LYS G 611 -4.41 -45.65 0.20
CA LYS G 611 -4.34 -44.27 -0.30
C LYS G 611 -5.43 -44.07 -1.34
N LEU G 612 -6.24 -43.05 -1.15
CA LEU G 612 -7.36 -42.80 -2.05
C LEU G 612 -6.84 -42.28 -3.38
N THR G 613 -6.56 -43.20 -4.33
CA THR G 613 -5.91 -42.85 -5.62
C THR G 613 -6.89 -42.11 -6.53
N PRO G 614 -6.45 -41.20 -7.42
CA PRO G 614 -7.35 -40.57 -8.38
C PRO G 614 -8.23 -41.64 -9.05
N GLY G 615 -7.65 -42.70 -9.63
CA GLY G 615 -8.38 -43.76 -10.37
C GLY G 615 -9.63 -44.31 -9.69
N LEU G 616 -9.62 -44.53 -8.37
CA LEU G 616 -10.74 -45.11 -7.65
C LEU G 616 -11.89 -44.10 -7.50
N TRP G 617 -11.55 -42.87 -7.13
CA TRP G 617 -12.60 -41.87 -6.97
C TRP G 617 -13.29 -41.61 -8.31
N THR G 618 -12.51 -41.55 -9.39
CA THR G 618 -13.13 -41.30 -10.69
C THR G 618 -14.03 -42.45 -11.11
N SER G 619 -13.62 -43.69 -10.81
CA SER G 619 -14.49 -44.82 -11.12
C SER G 619 -15.79 -44.73 -10.34
N ALA G 620 -15.70 -44.39 -9.04
CA ALA G 620 -16.91 -44.24 -8.24
C ALA G 620 -17.80 -43.12 -8.79
N TYR G 621 -17.19 -42.01 -9.17
CA TYR G 621 -17.95 -40.89 -9.72
C TYR G 621 -18.65 -41.28 -11.01
N LEU G 622 -17.95 -41.99 -11.89
CA LEU G 622 -18.53 -42.37 -13.17
C LEU G 622 -19.67 -43.36 -13.00
N ARG G 623 -19.47 -44.39 -12.16
CA ARG G 623 -20.48 -45.43 -12.03
C ARG G 623 -21.79 -44.86 -11.49
N LYS G 624 -21.72 -43.95 -10.54
CA LYS G 624 -22.93 -43.49 -9.86
C LYS G 624 -23.87 -42.79 -10.83
N PHE G 625 -25.17 -43.04 -10.65
CA PHE G 625 -26.20 -42.26 -11.34
C PHE G 625 -27.50 -42.44 -10.56
N VAL G 626 -28.14 -41.33 -10.21
CA VAL G 626 -29.38 -41.38 -9.44
C VAL G 626 -30.53 -41.65 -10.40
N PRO G 627 -31.24 -42.78 -10.27
CA PRO G 627 -32.38 -43.02 -11.19
C PRO G 627 -33.44 -41.94 -11.10
N GLU G 628 -33.70 -41.42 -9.91
CA GLU G 628 -34.66 -40.34 -9.74
C GLU G 628 -34.01 -38.99 -10.04
N ASP G 629 -34.84 -37.96 -10.09
CA ASP G 629 -34.42 -36.60 -10.43
C ASP G 629 -34.00 -36.46 -11.88
N TYR G 630 -34.14 -37.52 -12.69
CA TYR G 630 -33.82 -37.49 -14.11
C TYR G 630 -35.15 -37.54 -14.86
N HIS G 631 -35.66 -36.36 -15.19
CA HIS G 631 -36.98 -36.22 -15.83
C HIS G 631 -36.81 -36.45 -17.32
N ALA G 632 -37.32 -37.58 -17.80
CA ALA G 632 -37.20 -37.97 -19.20
C ALA G 632 -38.40 -37.55 -20.05
N HIS G 633 -39.34 -36.79 -19.50
CA HIS G 633 -40.53 -36.44 -20.24
C HIS G 633 -40.46 -35.03 -20.82
N GLU G 634 -39.74 -34.12 -20.19
CA GLU G 634 -39.66 -32.74 -20.65
C GLU G 634 -38.33 -32.15 -20.19
N ILE G 635 -38.05 -30.95 -20.68
CA ILE G 635 -36.79 -30.26 -20.41
C ILE G 635 -36.94 -29.48 -19.11
N ARG G 636 -36.22 -29.90 -18.08
CA ARG G 636 -36.35 -29.30 -16.75
C ARG G 636 -35.13 -28.51 -16.33
N PHE G 637 -33.92 -29.05 -16.53
CA PHE G 637 -32.68 -28.35 -16.22
C PHE G 637 -32.68 -27.84 -14.77
N TYR G 638 -32.64 -28.81 -13.86
CA TYR G 638 -32.53 -28.50 -12.45
C TYR G 638 -31.42 -27.47 -12.23
N GLU G 639 -31.56 -26.68 -11.16
CA GLU G 639 -30.80 -25.48 -10.83
C GLU G 639 -31.34 -24.28 -11.62
N ASP G 640 -32.30 -24.47 -12.51
CA ASP G 640 -33.11 -23.38 -13.03
C ASP G 640 -34.49 -23.34 -12.37
N GLN G 641 -34.99 -24.48 -11.93
CA GLN G 641 -36.20 -24.54 -11.14
C GLN G 641 -35.93 -24.07 -9.71
N SER G 642 -36.92 -23.42 -9.11
CA SER G 642 -36.83 -23.01 -7.71
C SER G 642 -37.47 -24.06 -6.81
N ARG G 643 -36.97 -25.28 -6.92
CA ARG G 643 -37.47 -26.41 -6.16
C ARG G 643 -36.30 -27.23 -5.64
N PRO G 644 -36.49 -27.96 -4.54
CA PRO G 644 -35.40 -28.75 -3.97
C PRO G 644 -35.15 -30.02 -4.78
N PRO G 645 -33.99 -30.64 -4.63
CA PRO G 645 -33.72 -31.88 -5.36
C PRO G 645 -34.55 -33.04 -4.82
N ASN G 646 -34.78 -34.02 -5.70
CA ASN G 646 -35.56 -35.18 -5.31
C ASN G 646 -34.87 -35.97 -4.19
N ALA G 647 -33.56 -36.14 -4.30
CA ALA G 647 -32.79 -36.90 -3.32
C ALA G 647 -31.61 -36.06 -2.84
N GLU G 648 -31.21 -36.29 -1.58
CA GLU G 648 -30.11 -35.55 -1.00
C GLU G 648 -28.81 -35.88 -1.73
N LEU G 649 -27.93 -34.88 -1.81
CA LEU G 649 -26.64 -35.04 -2.48
C LEU G 649 -25.66 -35.73 -1.55
N THR G 650 -24.98 -36.76 -2.06
CA THR G 650 -24.02 -37.52 -1.28
C THR G 650 -22.76 -37.74 -2.11
N ALA G 651 -21.64 -37.91 -1.41
CA ALA G 651 -20.37 -38.16 -2.07
C ALA G 651 -20.34 -39.59 -2.64
N CYS G 652 -19.38 -39.83 -3.52
CA CYS G 652 -19.33 -41.10 -4.23
C CYS G 652 -18.78 -42.22 -3.34
N VAL G 653 -17.53 -42.09 -2.88
CA VAL G 653 -16.93 -43.16 -2.09
C VAL G 653 -17.21 -42.95 -0.60
N ILE G 654 -16.87 -41.77 -0.07
CA ILE G 654 -17.09 -41.50 1.35
C ILE G 654 -18.57 -41.30 1.59
N THR G 655 -19.09 -41.90 2.65
CA THR G 655 -20.50 -41.80 3.01
C THR G 655 -20.71 -41.03 4.30
N GLN G 656 -20.07 -41.46 5.39
CA GLN G 656 -20.24 -40.78 6.66
C GLN G 656 -19.58 -39.41 6.61
N GLY G 657 -20.32 -38.38 7.05
CA GLY G 657 -19.78 -37.04 7.05
C GLY G 657 -18.84 -36.75 8.20
N HIS G 658 -18.96 -37.50 9.29
CA HIS G 658 -18.06 -37.29 10.43
C HIS G 658 -16.61 -37.52 10.02
N ILE G 659 -16.35 -38.63 9.33
CA ILE G 659 -14.99 -38.93 8.89
C ILE G 659 -14.48 -37.84 7.95
N LEU G 660 -15.33 -37.35 7.05
CA LEU G 660 -14.91 -36.29 6.16
C LEU G 660 -14.54 -35.04 6.94
N GLY G 661 -15.33 -34.72 7.97
CA GLY G 661 -14.98 -33.59 8.82
C GLY G 661 -13.63 -33.78 9.48
N GLN G 662 -13.36 -34.99 9.97
CA GLN G 662 -12.07 -35.25 10.60
C GLN G 662 -10.93 -35.09 9.60
N LEU G 663 -11.10 -35.61 8.39
CA LEU G 663 -10.05 -35.49 7.39
C LEU G 663 -9.81 -34.03 7.04
N GLN G 664 -10.89 -33.25 6.90
CA GLN G 664 -10.74 -31.82 6.66
C GLN G 664 -9.99 -31.16 7.79
N ALA G 665 -10.29 -31.54 9.03
CA ALA G 665 -9.61 -30.94 10.18
C ALA G 665 -8.12 -31.24 10.15
N ILE G 666 -7.76 -32.49 9.89
CA ILE G 666 -6.34 -32.84 9.87
C ILE G 666 -5.65 -32.09 8.74
N ASN G 667 -6.30 -31.97 7.58
CA ASN G 667 -5.69 -31.23 6.47
C ASN G 667 -5.47 -29.77 6.85
N LYS G 668 -6.45 -29.16 7.50
CA LYS G 668 -6.30 -27.76 7.89
C LYS G 668 -5.17 -27.60 8.90
N ALA G 669 -5.09 -28.50 9.87
CA ALA G 669 -3.99 -28.44 10.84
C ALA G 669 -2.65 -28.62 10.15
N ARG G 670 -2.58 -29.55 9.20
CA ARG G 670 -1.37 -29.74 8.41
C ARG G 670 -0.95 -28.43 7.76
N GLN G 671 -1.87 -27.78 7.07
CA GLN G 671 -1.54 -26.56 6.33
C GLN G 671 -1.11 -25.45 7.29
N GLU G 672 -1.80 -25.31 8.41
CA GLU G 672 -1.47 -24.23 9.33
C GLU G 672 -0.11 -24.47 9.98
N PHE G 673 0.20 -25.72 10.32
CA PHE G 673 1.53 -26.02 10.84
C PHE G 673 2.59 -25.71 9.82
N LEU G 674 2.36 -26.09 8.57
CA LEU G 674 3.36 -25.85 7.53
C LEU G 674 3.59 -24.35 7.37
N LEU G 675 2.54 -23.56 7.44
CA LEU G 675 2.70 -22.11 7.40
C LEU G 675 3.47 -21.60 8.61
N ARG G 676 3.15 -22.12 9.80
CA ARG G 676 3.77 -21.65 11.07
C ARG G 676 5.26 -21.97 11.11
N LYS G 677 5.70 -23.12 10.57
CA LYS G 677 7.09 -23.56 10.70
C LYS G 677 7.67 -24.03 9.38
N GLY G 678 7.13 -23.57 8.26
CA GLY G 678 7.64 -24.00 6.97
C GLY G 678 9.10 -23.65 6.78
N ARG G 679 9.47 -22.41 7.06
CA ARG G 679 10.86 -21.99 6.92
C ARG G 679 11.78 -22.63 7.94
N GLY G 680 11.24 -23.10 9.07
CA GLY G 680 12.08 -23.37 10.22
C GLY G 680 12.33 -22.06 10.92
N VAL G 681 12.65 -22.08 12.21
CA VAL G 681 12.77 -20.86 13.00
C VAL G 681 14.10 -20.88 13.70
N TYR G 682 14.76 -19.72 13.75
CA TYR G 682 15.96 -19.50 14.54
C TYR G 682 15.55 -18.93 15.89
N LEU G 683 16.02 -19.57 16.96
CA LEU G 683 15.74 -19.13 18.31
C LEU G 683 17.04 -19.00 19.08
N ASP G 684 17.06 -18.07 20.01
CA ASP G 684 18.30 -17.66 20.65
C ASP G 684 18.98 -18.88 21.27
N PRO G 685 20.30 -19.01 21.16
CA PRO G 685 20.96 -20.16 21.77
C PRO G 685 20.91 -20.13 23.29
N GLN G 686 21.29 -19.00 23.88
CA GLN G 686 21.34 -18.91 25.33
C GLN G 686 19.93 -18.95 25.92
N SER G 687 19.09 -18.00 25.56
CA SER G 687 17.68 -18.01 25.95
C SER G 687 16.90 -18.88 24.96
N GLY G 688 15.57 -18.76 24.98
CA GLY G 688 14.76 -19.59 24.12
C GLY G 688 13.69 -18.86 23.34
N GLU G 689 13.92 -17.59 23.02
CA GLU G 689 12.97 -16.82 22.24
C GLU G 689 13.26 -16.97 20.75
N GLU G 690 12.25 -16.66 19.95
CA GLU G 690 12.36 -16.78 18.49
C GLU G 690 13.01 -15.52 17.93
N LEU G 691 14.02 -15.70 17.10
CA LEU G 691 14.72 -14.58 16.49
C LEU G 691 14.02 -14.04 15.25
N ASN G 692 13.16 -14.83 14.62
CA ASN G 692 12.44 -14.39 13.43
C ASN G 692 10.98 -14.78 13.56
N PRO G 693 10.30 -14.37 14.62
CA PRO G 693 8.90 -14.79 14.81
C PRO G 693 7.98 -14.13 13.80
N ILE G 694 7.03 -14.91 13.30
CA ILE G 694 6.01 -14.43 12.37
C ILE G 694 4.66 -14.55 13.06
N PRO G 695 3.86 -13.48 13.13
CA PRO G 695 2.57 -13.59 13.84
C PRO G 695 1.48 -14.26 13.02
N PHE H 161 -51.37 38.15 -19.34
CA PHE H 161 -50.18 38.17 -18.49
C PHE H 161 -50.57 38.12 -17.00
N ALA H 162 -49.76 37.42 -16.21
CA ALA H 162 -50.02 37.34 -14.78
C ALA H 162 -50.08 38.73 -14.17
N VAL H 163 -51.08 38.96 -13.33
CA VAL H 163 -51.33 40.26 -12.74
C VAL H 163 -50.19 40.64 -11.78
N PRO H 164 -49.94 39.84 -10.73
CA PRO H 164 -48.91 40.18 -9.75
C PRO H 164 -47.52 39.69 -10.15
N GLU H 165 -47.04 40.14 -11.32
CA GLU H 165 -45.71 39.79 -11.79
C GLU H 165 -45.05 41.02 -12.39
N VAL H 166 -43.81 40.89 -12.85
CA VAL H 166 -43.09 42.02 -13.42
C VAL H 166 -42.04 41.53 -14.41
N LEU H 167 -41.96 42.19 -15.57
CA LEU H 167 -40.88 41.96 -16.53
C LEU H 167 -40.66 43.26 -17.30
N ALA H 168 -39.69 44.04 -16.85
CA ALA H 168 -39.26 45.24 -17.53
C ALA H 168 -37.94 44.95 -18.24
N THR H 169 -37.31 45.99 -18.80
CA THR H 169 -36.05 45.81 -19.49
C THR H 169 -35.04 46.93 -19.24
N TYR H 170 -35.35 47.91 -18.40
CA TYR H 170 -34.46 49.03 -18.16
C TYR H 170 -34.24 49.34 -16.68
N HIS H 171 -34.81 48.54 -15.77
CA HIS H 171 -34.69 48.78 -14.33
C HIS H 171 -34.02 47.63 -13.60
N ILE H 172 -33.47 46.64 -14.32
CA ILE H 172 -32.88 45.48 -13.69
C ILE H 172 -31.51 45.19 -14.30
N PHE H 173 -30.47 45.69 -13.65
CA PHE H 173 -29.10 45.28 -13.97
C PHE H 173 -28.35 44.75 -12.74
N PHE H 174 -28.50 45.41 -11.60
CA PHE H 174 -28.14 44.83 -10.30
C PHE H 174 -26.67 44.42 -10.25
N GLN H 175 -25.81 45.44 -10.26
CA GLN H 175 -24.40 45.23 -9.96
C GLN H 175 -24.25 44.44 -8.67
N ASN H 176 -23.37 43.44 -8.70
CA ASN H 176 -23.14 42.55 -7.57
C ASN H 176 -21.76 42.80 -6.99
N CYS H 177 -21.67 42.79 -5.66
CA CYS H 177 -20.42 43.05 -4.97
C CYS H 177 -20.45 42.38 -3.60
N LYS H 178 -19.28 42.18 -3.02
CA LYS H 178 -19.21 41.70 -1.65
C LYS H 178 -19.52 42.84 -0.69
N ILE H 179 -20.27 42.54 0.37
CA ILE H 179 -20.74 43.59 1.27
C ILE H 179 -19.53 44.20 1.94
N PRO H 180 -19.32 45.51 1.84
CA PRO H 180 -18.20 46.12 2.55
C PRO H 180 -18.31 45.87 4.04
N LEU H 181 -17.23 45.38 4.67
CA LEU H 181 -17.22 45.08 6.12
C LEU H 181 -17.55 46.37 6.85
N SER H 182 -17.28 47.51 6.24
CA SER H 182 -17.56 48.85 6.84
C SER H 182 -18.96 49.33 6.52
N CYS H 183 -19.86 48.44 6.07
CA CYS H 183 -21.23 48.85 5.66
C CYS H 183 -22.04 49.45 6.81
N ARG H 184 -23.21 49.99 6.52
CA ARG H 184 -24.03 50.71 7.51
C ARG H 184 -24.39 49.88 8.72
N ALA H 185 -24.62 48.63 8.54
CA ALA H 185 -25.09 47.81 9.67
C ALA H 185 -23.97 47.77 10.68
N ASN H 186 -22.80 47.44 10.24
CA ASN H 186 -21.65 47.25 11.12
C ASN H 186 -21.28 48.53 11.87
N ARG H 187 -21.75 49.69 11.49
CA ARG H 187 -21.44 50.92 12.25
C ARG H 187 -22.63 51.12 13.21
N SER H 188 -22.50 50.76 14.50
CA SER H 188 -23.54 50.90 15.50
C SER H 188 -23.84 52.36 15.79
N ARG H 189 -22.80 53.19 15.88
CA ARG H 189 -22.96 54.61 16.17
C ARG H 189 -23.35 55.43 14.95
N ALA H 190 -23.77 54.78 13.86
CA ALA H 190 -24.10 55.50 12.64
C ALA H 190 -25.17 56.56 12.89
N ASP H 191 -26.08 56.31 13.83
CA ASP H 191 -27.18 57.24 14.06
C ASP H 191 -26.67 58.61 14.47
N LYS H 192 -25.67 58.66 15.36
CA LYS H 192 -25.16 59.94 15.81
C LYS H 192 -24.56 60.73 14.65
N GLN H 193 -23.78 60.07 13.79
CA GLN H 193 -23.24 60.75 12.62
C GLN H 193 -24.35 61.22 11.69
N LEU H 194 -25.40 60.41 11.54
CA LEU H 194 -26.51 60.78 10.67
C LEU H 194 -27.23 62.03 11.16
N ALA H 195 -27.04 62.41 12.43
CA ALA H 195 -27.69 63.60 12.94
C ALA H 195 -27.24 64.83 12.17
N LEU H 196 -28.21 65.69 11.83
CA LEU H 196 -27.94 66.91 11.09
C LEU H 196 -28.68 68.06 11.75
N ARG H 197 -28.12 69.26 11.61
CA ARG H 197 -28.69 70.45 12.22
C ARG H 197 -28.90 71.54 11.18
N GLN H 198 -29.26 72.75 11.63
CA GLN H 198 -29.53 73.84 10.69
C GLN H 198 -28.30 74.15 9.85
N GLY H 199 -27.13 74.20 10.47
CA GLY H 199 -25.90 74.51 9.74
C GLY H 199 -25.36 73.31 8.99
N ALA H 200 -26.09 72.87 7.97
CA ALA H 200 -25.68 71.71 7.16
C ALA H 200 -25.86 72.06 5.70
N VAL H 201 -24.84 71.77 4.90
CA VAL H 201 -24.88 72.00 3.47
C VAL H 201 -24.91 70.65 2.76
N ILE H 202 -25.27 70.66 1.48
CA ILE H 202 -25.43 69.43 0.71
C ILE H 202 -24.11 68.67 0.66
N PRO H 203 -24.13 67.34 0.68
CA PRO H 203 -22.86 66.60 0.63
C PRO H 203 -22.09 66.91 -0.65
N ASP H 204 -20.77 66.94 -0.50
CA ASP H 204 -19.87 67.38 -1.57
C ASP H 204 -19.21 66.18 -2.25
N ILE H 205 -18.72 66.42 -3.47
CA ILE H 205 -18.04 65.37 -4.21
C ILE H 205 -16.70 65.05 -3.55
N ALA H 206 -16.26 63.81 -3.71
CA ALA H 206 -14.94 63.37 -3.27
C ALA H 206 -14.30 62.56 -4.40
N SER H 207 -13.02 62.81 -4.63
CA SER H 207 -12.25 62.12 -5.66
C SER H 207 -11.30 61.12 -5.03
N LEU H 208 -10.76 60.23 -5.86
CA LEU H 208 -9.85 59.20 -5.36
C LEU H 208 -8.60 59.82 -4.75
N ASP H 209 -8.01 60.84 -5.41
CA ASP H 209 -6.81 61.51 -4.85
C ASP H 209 -7.21 62.27 -3.59
N GLU H 210 -8.42 62.87 -3.54
CA GLU H 210 -8.78 63.66 -2.37
C GLU H 210 -8.70 62.85 -1.10
N VAL H 211 -9.26 61.65 -1.09
CA VAL H 211 -9.13 60.74 0.05
C VAL H 211 -7.74 60.13 0.00
N PRO H 212 -7.05 59.99 1.13
CA PRO H 212 -5.69 59.43 1.10
C PRO H 212 -5.69 57.94 0.76
N LYS H 213 -6.54 57.17 1.43
CA LYS H 213 -6.60 55.74 1.20
C LYS H 213 -7.93 55.21 1.72
N ILE H 214 -8.24 53.97 1.33
CA ILE H 214 -9.49 53.32 1.69
C ILE H 214 -9.19 52.20 2.67
N PHE H 215 -10.02 52.10 3.72
CA PHE H 215 -9.92 51.04 4.71
C PHE H 215 -11.29 50.41 4.88
N GLU H 216 -11.36 49.09 4.66
CA GLU H 216 -12.64 48.39 4.66
C GLU H 216 -12.97 47.71 5.99
N GLY H 217 -11.97 47.44 6.82
CA GLY H 217 -12.22 46.71 8.05
C GLY H 217 -13.15 47.46 8.98
N LEU H 218 -13.69 46.72 9.95
CA LEU H 218 -14.58 47.32 10.94
C LEU H 218 -13.88 48.45 11.70
N GLY H 219 -12.56 48.35 11.87
CA GLY H 219 -11.81 49.41 12.52
C GLY H 219 -11.96 49.40 14.03
N ARG H 220 -11.31 50.37 14.65
CA ARG H 220 -11.37 50.52 16.10
C ARG H 220 -12.69 51.18 16.51
N ASP H 221 -12.93 51.20 17.82
CA ASP H 221 -14.11 51.75 18.48
C ASP H 221 -15.33 50.83 18.33
N GLU H 222 -15.22 49.73 17.59
CA GLU H 222 -16.31 48.76 17.45
C GLU H 222 -15.90 47.47 18.15
N LYS H 223 -16.73 47.02 19.08
CA LYS H 223 -16.44 45.83 19.87
C LYS H 223 -17.45 44.73 19.53
N ARG H 224 -16.94 43.55 19.20
CA ARG H 224 -17.81 42.44 18.85
C ARG H 224 -18.64 42.02 20.05
N ALA H 225 -19.89 41.64 19.78
CA ALA H 225 -20.79 41.21 20.85
C ALA H 225 -20.32 39.87 21.42
N ALA H 226 -20.66 39.64 22.69
CA ALA H 226 -20.27 38.42 23.39
C ALA H 226 -21.25 37.29 23.06
N ASN H 227 -21.43 37.06 21.77
CA ASN H 227 -22.32 36.02 21.28
C ASN H 227 -21.66 35.18 20.19
N VAL H 242 -18.27 38.87 7.36
CA VAL H 242 -19.14 39.80 6.66
C VAL H 242 -19.93 40.64 7.66
N LEU H 243 -20.76 39.99 8.46
CA LEU H 243 -21.59 40.63 9.47
C LEU H 243 -21.18 40.14 10.84
N VAL H 244 -20.84 41.05 11.73
CA VAL H 244 -20.43 40.75 13.09
C VAL H 244 -21.45 41.36 14.05
N GLU H 245 -21.93 40.56 15.00
CA GLU H 245 -22.89 41.05 15.97
C GLU H 245 -22.26 42.14 16.82
N LEU H 246 -23.02 43.19 17.10
CA LEU H 246 -22.53 44.33 17.86
C LEU H 246 -23.63 44.86 18.76
N GLU H 247 -23.23 45.60 19.79
CA GLU H 247 -24.15 46.22 20.72
C GLU H 247 -24.40 47.67 20.32
N GLY H 248 -25.29 48.33 21.06
CA GLY H 248 -25.63 49.70 20.74
C GLY H 248 -26.25 49.86 19.37
N ASP H 249 -27.12 48.93 18.98
CA ASP H 249 -27.75 48.96 17.67
C ASP H 249 -29.20 48.55 17.82
N ASN H 250 -30.01 48.99 16.86
CA ASN H 250 -31.44 48.68 16.91
C ASN H 250 -31.65 47.18 16.88
N ALA H 251 -32.66 46.72 17.64
CA ALA H 251 -32.95 45.29 17.69
C ALA H 251 -33.17 44.71 16.30
N ARG H 252 -33.69 45.52 15.38
CA ARG H 252 -33.83 45.06 14.01
C ARG H 252 -32.48 44.60 13.47
N LEU H 253 -31.44 45.40 13.71
CA LEU H 253 -30.10 45.00 13.27
C LEU H 253 -29.66 43.71 13.97
N ALA H 254 -29.98 43.57 15.26
CA ALA H 254 -29.57 42.38 15.98
C ALA H 254 -30.17 41.12 15.36
N VAL H 255 -31.48 41.12 15.16
CA VAL H 255 -32.12 39.94 14.57
C VAL H 255 -31.63 39.74 13.14
N LEU H 256 -31.50 40.81 12.38
CA LEU H 256 -30.99 40.73 11.02
C LEU H 256 -29.64 40.02 11.00
N LYS H 257 -28.75 40.39 11.91
CA LYS H 257 -27.41 39.85 11.91
C LYS H 257 -27.39 38.42 12.41
N ARG H 258 -28.28 38.11 13.36
CA ARG H 258 -28.39 36.75 13.87
C ARG H 258 -28.86 35.79 12.78
N SER H 259 -29.78 36.24 11.92
CA SER H 259 -30.40 35.39 10.86
C SER H 259 -29.61 35.41 9.54
N ILE H 260 -29.35 36.59 8.96
CA ILE H 260 -28.68 36.73 7.63
C ILE H 260 -27.19 37.05 7.80
N GLU H 261 -26.32 36.44 6.99
CA GLU H 261 -24.86 36.75 6.95
C GLU H 261 -24.41 36.39 5.52
N VAL H 262 -25.14 36.90 4.52
CA VAL H 262 -24.87 36.61 3.07
C VAL H 262 -23.50 37.19 2.71
N THR H 263 -22.85 36.75 1.61
CA THR H 263 -21.50 37.23 1.26
C THR H 263 -21.59 38.13 0.04
N HIS H 264 -22.79 38.39 -0.45
CA HIS H 264 -23.00 39.23 -1.65
C HIS H 264 -24.39 39.86 -1.62
N PHE H 265 -24.55 41.07 -2.18
CA PHE H 265 -25.82 41.77 -2.30
C PHE H 265 -25.94 42.37 -3.68
N ALA H 266 -27.18 42.41 -4.19
CA ALA H 266 -27.46 42.84 -5.56
C ALA H 266 -27.87 44.31 -5.53
N TYR H 267 -26.88 45.18 -5.44
CA TYR H 267 -27.14 46.61 -5.40
C TYR H 267 -27.76 47.05 -6.73
N PRO H 268 -28.62 48.06 -6.73
CA PRO H 268 -29.08 48.62 -8.00
C PRO H 268 -27.91 49.19 -8.78
N ALA H 269 -27.98 49.09 -10.11
CA ALA H 269 -26.91 49.60 -10.95
C ALA H 269 -27.12 51.09 -11.22
N LEU H 270 -26.07 51.88 -10.99
CA LEU H 270 -26.10 53.32 -11.26
C LEU H 270 -25.03 53.73 -12.26
N ASN H 271 -24.41 52.79 -12.95
CA ASN H 271 -23.38 53.11 -13.91
C ASN H 271 -23.98 53.87 -15.09
N LEU H 272 -23.11 54.57 -15.81
CA LEU H 272 -23.51 55.18 -17.05
C LEU H 272 -23.76 54.10 -18.11
N PRO H 273 -24.50 54.41 -19.16
CA PRO H 273 -24.92 53.38 -20.10
C PRO H 273 -23.72 52.69 -20.71
N PRO H 274 -23.86 51.41 -21.06
CA PRO H 274 -22.69 50.69 -21.59
C PRO H 274 -22.13 51.31 -22.85
N LYS H 275 -22.98 51.86 -23.72
CA LYS H 275 -22.49 52.38 -24.99
C LYS H 275 -21.57 53.58 -24.79
N VAL H 276 -22.03 54.58 -24.03
CA VAL H 276 -21.23 55.78 -23.84
C VAL H 276 -19.94 55.45 -23.09
N MET H 277 -20.05 54.62 -22.06
CA MET H 277 -18.86 54.25 -21.29
C MET H 277 -17.86 53.50 -22.16
N SER H 278 -18.36 52.58 -23.00
CA SER H 278 -17.48 51.83 -23.88
C SER H 278 -16.78 52.74 -24.87
N THR H 279 -17.52 53.67 -25.48
CA THR H 279 -16.89 54.60 -26.41
C THR H 279 -15.85 55.45 -25.70
N VAL H 280 -16.16 55.93 -24.49
CA VAL H 280 -15.20 56.76 -23.77
C VAL H 280 -13.93 55.97 -23.50
N MET H 281 -14.07 54.74 -23.02
CA MET H 281 -12.90 53.93 -22.73
C MET H 281 -12.10 53.63 -23.98
N SER H 282 -12.77 53.26 -25.07
CA SER H 282 -12.06 52.91 -26.30
C SER H 282 -11.31 54.09 -26.86
N GLU H 283 -11.93 55.27 -26.89
CA GLU H 283 -11.28 56.45 -27.43
C GLU H 283 -10.19 56.99 -26.50
N LEU H 284 -10.33 56.81 -25.20
CA LEU H 284 -9.46 57.48 -24.24
C LEU H 284 -8.43 56.56 -23.59
N ILE H 285 -8.84 55.40 -23.10
CA ILE H 285 -7.95 54.54 -22.31
C ILE H 285 -7.35 53.43 -23.18
N VAL H 286 -8.17 52.52 -23.68
CA VAL H 286 -7.67 51.42 -24.49
C VAL H 286 -8.81 50.80 -25.28
N ARG H 287 -8.51 50.36 -26.50
CA ARG H 287 -9.51 49.71 -27.34
C ARG H 287 -9.77 48.29 -26.86
N ARG H 288 -11.03 47.87 -26.95
CA ARG H 288 -11.39 46.52 -26.56
C ARG H 288 -10.86 45.51 -27.57
N ALA H 289 -10.19 44.47 -27.06
CA ALA H 289 -9.52 43.48 -27.91
C ALA H 289 -10.49 42.35 -28.23
N ARG H 290 -10.97 42.31 -29.47
CA ARG H 290 -11.85 41.23 -29.90
C ARG H 290 -11.07 39.93 -30.02
N PRO H 291 -11.77 38.79 -30.07
CA PRO H 291 -11.08 37.50 -30.15
C PRO H 291 -10.25 37.39 -31.41
N LEU H 292 -9.12 36.70 -31.29
CA LEU H 292 -8.30 36.43 -32.46
C LEU H 292 -8.93 35.35 -33.32
N GLU H 293 -9.36 35.75 -34.51
CA GLU H 293 -9.89 34.82 -35.49
C GLU H 293 -8.71 34.08 -36.08
N ARG H 294 -8.83 32.76 -36.24
CA ARG H 294 -7.67 31.90 -36.61
C ARG H 294 -7.21 31.94 -38.07
N ASP H 295 -6.46 32.97 -38.48
CA ASP H 295 -5.84 32.93 -39.80
C ASP H 295 -4.34 33.14 -39.76
N ALA H 296 -3.79 33.73 -38.71
CA ALA H 296 -2.35 33.92 -38.56
C ALA H 296 -2.03 34.11 -37.09
N ASN H 297 -0.75 34.11 -36.77
CA ASN H 297 -0.32 34.27 -35.38
C ASN H 297 1.12 34.76 -35.35
N LEU H 298 1.56 35.16 -34.15
CA LEU H 298 2.90 35.63 -33.86
C LEU H 298 3.20 36.99 -34.48
N GLN H 299 2.20 37.59 -35.11
CA GLN H 299 2.37 38.96 -35.65
C GLN H 299 1.99 39.94 -34.53
N GLU H 300 2.94 40.74 -34.09
CA GLU H 300 2.68 41.67 -32.98
C GLU H 300 2.12 42.97 -33.53
N GLN H 301 0.85 42.90 -33.95
CA GLN H 301 0.12 44.07 -34.42
C GLN H 301 -0.49 44.79 -33.21
N THR H 302 0.40 45.28 -32.36
CA THR H 302 -0.03 45.92 -31.11
C THR H 302 -0.86 47.16 -31.35
N GLU H 303 -0.75 47.78 -32.53
CA GLU H 303 -1.49 49.01 -32.79
C GLU H 303 -2.97 48.84 -32.50
N GLU H 304 -3.53 47.67 -32.85
CA GLU H 304 -4.93 47.41 -32.54
C GLU H 304 -5.18 47.40 -31.03
N GLY H 305 -4.29 46.75 -30.28
CA GLY H 305 -4.45 46.64 -28.85
C GLY H 305 -3.57 47.60 -28.06
N LEU H 306 -2.84 48.47 -28.76
CA LEU H 306 -1.97 49.42 -28.07
C LEU H 306 -2.83 50.44 -27.32
N PRO H 307 -2.35 50.93 -26.17
CA PRO H 307 -3.08 51.98 -25.46
C PRO H 307 -3.24 53.22 -26.34
N ALA H 308 -4.37 53.92 -26.15
CA ALA H 308 -4.70 55.04 -27.02
C ALA H 308 -3.57 56.06 -27.06
N VAL H 309 -2.88 56.26 -25.95
CA VAL H 309 -1.76 57.19 -25.87
C VAL H 309 -0.52 56.42 -25.46
N GLY H 310 0.55 56.54 -26.25
CA GLY H 310 1.78 55.82 -25.99
C GLY H 310 2.64 56.50 -24.94
N ASP H 311 3.73 55.81 -24.58
CA ASP H 311 4.63 56.32 -23.57
C ASP H 311 5.32 57.60 -24.03
N GLU H 312 5.77 57.65 -25.28
CA GLU H 312 6.47 58.83 -25.77
C GLU H 312 5.57 60.05 -25.76
N GLN H 313 4.34 59.90 -26.26
CA GLN H 313 3.42 61.03 -26.29
C GLN H 313 3.09 61.49 -24.88
N LEU H 314 2.88 60.56 -23.96
CA LEU H 314 2.58 60.93 -22.58
C LEU H 314 3.74 61.68 -21.96
N ALA H 315 4.97 61.22 -22.19
CA ALA H 315 6.14 61.92 -21.67
C ALA H 315 6.24 63.32 -22.26
N ARG H 316 5.96 63.45 -23.56
CA ARG H 316 5.96 64.77 -24.18
C ARG H 316 4.96 65.69 -23.51
N TRP H 317 3.73 65.23 -23.35
CA TRP H 317 2.70 66.06 -22.72
C TRP H 317 3.04 66.35 -21.26
N LEU H 318 3.57 65.35 -20.54
CA LEU H 318 3.88 65.53 -19.13
C LEU H 318 5.25 66.16 -18.91
N GLU H 319 6.06 66.31 -19.97
CA GLU H 319 7.38 66.91 -19.86
C GLU H 319 8.19 66.27 -18.73
N THR H 320 8.29 64.95 -18.77
CA THR H 320 9.07 64.22 -17.79
C THR H 320 9.24 62.78 -18.26
N ARG H 321 10.44 62.24 -18.06
CA ARG H 321 10.73 60.86 -18.39
C ARG H 321 10.48 59.91 -17.23
N GLU H 322 10.19 60.43 -16.04
CA GLU H 322 9.95 59.61 -14.87
C GLU H 322 8.81 58.62 -15.13
N PRO H 323 9.09 57.32 -15.25
CA PRO H 323 8.00 56.36 -15.48
C PRO H 323 6.97 56.35 -14.37
N ALA H 324 7.39 56.66 -13.14
CA ALA H 324 6.44 56.69 -12.03
C ALA H 324 5.35 57.72 -12.27
N ASP H 325 5.73 58.92 -12.75
CA ASP H 325 4.74 59.95 -13.03
C ASP H 325 3.79 59.50 -14.13
N LEU H 326 4.32 58.88 -15.19
CA LEU H 326 3.45 58.40 -16.26
C LEU H 326 2.44 57.40 -15.74
N GLU H 327 2.92 56.41 -14.97
CA GLU H 327 2.02 55.39 -14.44
C GLU H 327 0.99 55.98 -13.49
N GLU H 328 1.41 56.91 -12.63
CA GLU H 328 0.49 57.48 -11.66
C GLU H 328 -0.59 58.31 -12.37
N ARG H 329 -0.22 59.06 -13.41
CA ARG H 329 -1.22 59.81 -14.16
C ARG H 329 -2.18 58.87 -14.87
N ARG H 330 -1.65 57.80 -15.46
CA ARG H 330 -2.50 56.82 -16.14
C ARG H 330 -3.52 56.24 -15.17
N LYS H 331 -3.06 55.75 -14.02
CA LYS H 331 -3.98 55.19 -13.03
C LYS H 331 -4.94 56.25 -12.52
N LEU H 332 -4.45 57.48 -12.37
CA LEU H 332 -5.29 58.55 -11.87
C LEU H 332 -6.51 58.75 -12.75
N MET H 333 -6.29 58.91 -14.07
CA MET H 333 -7.46 59.15 -14.90
C MET H 333 -8.22 57.86 -15.20
N MET H 334 -7.59 56.69 -15.04
CA MET H 334 -8.37 55.46 -15.15
C MET H 334 -9.40 55.40 -14.03
N ALA H 335 -8.98 55.65 -12.80
CA ALA H 335 -9.93 55.77 -11.70
C ALA H 335 -10.92 56.89 -11.96
N ALA H 336 -10.45 57.99 -12.55
CA ALA H 336 -11.35 59.10 -12.83
C ALA H 336 -12.48 58.65 -13.75
N VAL H 337 -12.13 58.08 -14.90
CA VAL H 337 -13.15 57.69 -15.88
C VAL H 337 -13.96 56.51 -15.37
N LEU H 338 -13.48 55.79 -14.36
CA LEU H 338 -14.26 54.68 -13.84
C LEU H 338 -15.28 55.09 -12.79
N VAL H 339 -14.98 56.09 -11.96
CA VAL H 339 -15.90 56.46 -10.88
C VAL H 339 -16.30 57.93 -10.92
N THR H 340 -15.36 58.86 -11.02
CA THR H 340 -15.66 60.28 -10.77
C THR H 340 -16.58 60.84 -11.84
N VAL H 341 -16.40 60.47 -13.07
CA VAL H 341 -17.19 61.10 -14.14
C VAL H 341 -18.63 60.73 -13.84
N GLU H 342 -18.82 59.54 -13.31
CA GLU H 342 -20.18 59.06 -13.02
C GLU H 342 -20.72 59.91 -11.90
N LEU H 343 -19.91 60.14 -10.89
CA LEU H 343 -20.34 60.93 -9.71
C LEU H 343 -20.60 62.36 -10.14
N GLU H 344 -19.80 62.90 -11.03
CA GLU H 344 -19.91 64.32 -11.47
C GLU H 344 -21.26 64.49 -12.12
N CYS H 345 -21.64 63.59 -12.95
CA CYS H 345 -22.90 63.79 -13.64
C CYS H 345 -23.88 63.96 -12.53
N MET H 346 -23.75 63.13 -11.54
CA MET H 346 -24.80 63.08 -10.53
C MET H 346 -24.87 64.38 -9.80
N GLN H 347 -23.75 64.98 -9.50
CA GLN H 347 -23.75 66.23 -8.71
C GLN H 347 -24.66 67.11 -9.49
N ARG H 348 -24.29 67.38 -10.69
CA ARG H 348 -25.08 68.28 -11.52
C ARG H 348 -26.54 67.84 -11.45
N PHE H 349 -26.89 66.64 -11.85
CA PHE H 349 -28.31 66.23 -11.99
C PHE H 349 -29.11 66.30 -10.72
N PHE H 350 -28.55 66.15 -9.54
CA PHE H 350 -29.38 66.14 -8.31
C PHE H 350 -29.21 67.46 -7.58
N ALA H 351 -28.23 68.29 -7.90
CA ALA H 351 -27.91 69.52 -7.13
C ALA H 351 -28.73 70.73 -7.54
N ASP H 352 -29.27 70.72 -8.74
CA ASP H 352 -30.07 71.84 -9.20
C ASP H 352 -31.10 72.25 -8.16
N PRO H 353 -31.17 73.54 -7.77
CA PRO H 353 -32.22 73.94 -6.82
C PRO H 353 -33.63 73.65 -7.29
N GLU H 354 -33.92 73.79 -8.59
CA GLU H 354 -35.28 73.50 -9.06
C GLU H 354 -35.59 72.02 -8.89
N MET H 355 -34.64 71.15 -9.22
CA MET H 355 -34.82 69.73 -8.94
C MET H 355 -34.95 69.47 -7.45
N GLN H 356 -34.25 70.27 -6.63
CA GLN H 356 -34.37 70.12 -5.19
C GLN H 356 -35.79 70.44 -4.72
N ARG H 357 -36.38 71.50 -5.27
CA ARG H 357 -37.77 71.82 -4.94
C ARG H 357 -38.69 70.70 -5.39
N LYS H 358 -38.48 70.17 -6.59
CA LYS H 358 -39.33 69.09 -7.06
C LYS H 358 -39.20 67.84 -6.21
N LEU H 359 -37.98 67.54 -5.76
CA LEU H 359 -37.78 66.38 -4.89
C LEU H 359 -38.54 66.55 -3.57
N GLU H 360 -38.43 67.74 -2.96
CA GLU H 360 -39.21 68.01 -1.76
C GLU H 360 -40.68 67.80 -2.02
N GLU H 361 -41.18 68.31 -3.16
CA GLU H 361 -42.61 68.22 -3.44
C GLU H 361 -43.04 66.77 -3.60
N THR H 362 -42.26 65.95 -4.31
CA THR H 362 -42.66 64.55 -4.49
C THR H 362 -42.63 63.82 -3.16
N LEU H 363 -41.65 64.13 -2.30
CA LEU H 363 -41.64 63.49 -0.98
C LEU H 363 -42.89 63.86 -0.19
N HIS H 364 -43.25 65.14 -0.22
CA HIS H 364 -44.47 65.55 0.47
C HIS H 364 -45.69 64.82 -0.08
N TYR H 365 -45.74 64.66 -1.41
CA TYR H 365 -46.88 63.97 -2.01
C TYR H 365 -46.93 62.50 -1.61
N THR H 366 -45.78 61.84 -1.59
CA THR H 366 -45.77 60.41 -1.28
C THR H 366 -45.99 60.13 0.20
N PHE H 367 -45.65 61.08 1.07
CA PHE H 367 -45.87 60.91 2.51
C PHE H 367 -47.08 61.68 3.03
N ARG H 368 -47.76 62.44 2.17
CA ARG H 368 -49.01 63.11 2.52
C ARG H 368 -48.86 63.89 3.83
N GLN H 369 -47.97 64.89 3.80
CA GLN H 369 -47.63 65.69 4.96
C GLN H 369 -47.94 67.16 4.71
N GLY H 370 -48.66 67.77 5.64
CA GLY H 370 -48.82 69.22 5.61
C GLY H 370 -49.56 69.70 4.38
N TYR H 371 -48.79 70.31 3.46
CA TYR H 371 -49.37 70.94 2.29
C TYR H 371 -50.27 69.98 1.52
N VAL H 372 -49.82 68.74 1.35
CA VAL H 372 -50.61 67.76 0.62
C VAL H 372 -51.88 67.43 1.40
N ARG H 373 -51.78 67.35 2.73
CA ARG H 373 -52.97 67.08 3.53
C ARG H 373 -54.00 68.18 3.36
N GLN H 374 -53.57 69.44 3.39
CA GLN H 374 -54.53 70.53 3.23
C GLN H 374 -55.07 70.57 1.80
N ALA H 375 -54.27 70.20 0.81
CA ALA H 375 -54.77 70.11 -0.56
C ALA H 375 -55.86 69.05 -0.67
N CYS H 376 -55.64 67.89 -0.03
CA CYS H 376 -56.67 66.86 -0.03
C CYS H 376 -57.92 67.33 0.68
N LYS H 377 -57.76 68.04 1.80
CA LYS H 377 -58.93 68.57 2.51
C LYS H 377 -59.71 69.54 1.64
N ILE H 378 -59.00 70.45 0.96
CA ILE H 378 -59.68 71.43 0.11
C ILE H 378 -60.40 70.76 -1.04
N SER H 379 -59.72 69.81 -1.70
CA SER H 379 -60.31 69.11 -2.84
C SER H 379 -61.18 67.93 -2.44
N ASN H 380 -61.14 67.52 -1.17
CA ASN H 380 -61.91 66.38 -0.68
C ASN H 380 -61.54 65.08 -1.39
N VAL H 381 -60.37 65.04 -2.03
CA VAL H 381 -59.91 63.87 -2.75
C VAL H 381 -58.49 63.56 -2.28
N GLU H 382 -58.29 62.35 -1.77
CA GLU H 382 -56.95 61.92 -1.38
C GLU H 382 -56.08 61.77 -2.62
N LEU H 383 -54.83 62.23 -2.53
CA LEU H 383 -53.89 62.19 -3.63
C LEU H 383 -53.07 60.91 -3.67
N CYS H 384 -53.36 59.95 -2.80
CA CYS H 384 -52.61 58.70 -2.80
C CYS H 384 -52.73 57.96 -4.13
N ASN H 385 -53.77 58.26 -4.91
CA ASN H 385 -53.98 57.62 -6.20
C ASN H 385 -53.26 58.32 -7.34
N LEU H 386 -52.50 59.37 -7.05
CA LEU H 386 -51.78 60.13 -8.07
C LEU H 386 -50.42 59.50 -8.30
N VAL H 387 -50.20 58.92 -9.48
CA VAL H 387 -48.94 58.31 -9.84
C VAL H 387 -48.62 58.68 -11.28
N SER H 388 -47.34 58.91 -11.56
CA SER H 388 -46.90 59.34 -12.88
C SER H 388 -45.70 58.51 -13.31
N TYR H 389 -45.51 58.41 -14.62
CA TYR H 389 -44.38 57.69 -15.19
C TYR H 389 -44.07 58.31 -16.54
N LEU H 390 -43.00 59.11 -16.61
CA LEU H 390 -42.65 59.85 -17.82
C LEU H 390 -43.76 60.83 -18.20
N GLY H 391 -44.56 61.25 -17.23
CA GLY H 391 -45.65 62.18 -17.48
C GLY H 391 -46.94 61.53 -17.93
N ILE H 392 -46.95 60.23 -18.19
CA ILE H 392 -48.15 59.51 -18.59
C ILE H 392 -48.72 58.91 -17.31
N LEU H 393 -49.60 59.65 -16.66
CA LEU H 393 -50.18 59.22 -15.40
C LEU H 393 -51.06 58.01 -15.61
N HIS H 394 -50.99 57.05 -14.68
CA HIS H 394 -51.79 55.84 -14.75
C HIS H 394 -52.99 55.86 -13.80
N GLU H 395 -52.99 56.77 -12.83
CA GLU H 395 -54.14 56.95 -11.93
C GLU H 395 -54.48 55.65 -11.21
N ASN H 396 -53.46 55.00 -10.69
CA ASN H 396 -53.64 53.80 -9.89
C ASN H 396 -54.33 54.16 -8.57
N ARG H 397 -55.18 53.26 -8.08
CA ARG H 397 -55.99 53.52 -6.90
C ARG H 397 -55.62 52.69 -5.69
N LEU H 398 -54.98 51.54 -5.87
CA LEU H 398 -54.63 50.65 -4.75
C LEU H 398 -53.32 51.14 -4.14
N GLY H 399 -53.45 52.10 -3.22
CA GLY H 399 -52.29 52.63 -2.53
C GLY H 399 -52.70 53.25 -1.20
N GLN H 400 -51.83 53.10 -0.22
CA GLN H 400 -52.05 53.67 1.11
C GLN H 400 -50.71 54.10 1.68
N ASN H 401 -50.60 55.37 2.05
CA ASN H 401 -49.36 55.97 2.53
C ASN H 401 -49.58 56.69 3.85
N VAL H 402 -50.25 56.01 4.79
CA VAL H 402 -50.47 56.54 6.12
C VAL H 402 -50.02 55.59 7.22
N LEU H 403 -49.51 54.42 6.86
CA LEU H 403 -49.10 53.45 7.88
C LEU H 403 -47.83 53.88 8.60
N HIS H 404 -46.92 54.56 7.89
CA HIS H 404 -45.61 54.88 8.46
C HIS H 404 -45.75 55.74 9.72
N SER H 405 -46.85 56.48 9.85
CA SER H 405 -47.04 57.35 11.00
C SER H 405 -47.12 56.56 12.30
N THR H 406 -47.50 55.29 12.25
CA THR H 406 -47.69 54.52 13.48
C THR H 406 -46.37 54.34 14.24
N LEU H 407 -45.28 54.10 13.52
CA LEU H 407 -44.00 53.83 14.15
C LEU H 407 -43.25 55.13 14.42
N LYS H 408 -42.40 55.10 15.45
CA LYS H 408 -41.62 56.25 15.86
C LYS H 408 -40.29 55.78 16.42
N GLY H 409 -39.31 56.66 16.38
CA GLY H 409 -37.99 56.38 16.91
C GLY H 409 -36.96 56.22 15.80
N GLU H 410 -35.81 55.67 16.19
CA GLU H 410 -34.75 55.43 15.22
C GLU H 410 -35.21 54.51 14.11
N ALA H 411 -36.16 53.61 14.40
CA ALA H 411 -36.70 52.75 13.35
C ALA H 411 -37.41 53.59 12.28
N ARG H 412 -38.18 54.58 12.70
CA ARG H 412 -38.85 55.46 11.73
C ARG H 412 -37.83 56.19 10.88
N ARG H 413 -36.78 56.73 11.50
CA ARG H 413 -35.76 57.44 10.74
C ARG H 413 -35.10 56.51 9.73
N ASP H 414 -34.76 55.30 10.14
CA ASP H 414 -34.14 54.36 9.24
C ASP H 414 -35.05 54.02 8.07
N TYR H 415 -36.34 53.77 8.35
CA TYR H 415 -37.25 53.40 7.28
C TYR H 415 -37.44 54.54 6.29
N VAL H 416 -37.60 55.76 6.79
CA VAL H 416 -37.79 56.90 5.89
C VAL H 416 -36.54 57.13 5.06
N ARG H 417 -35.40 57.01 5.73
CA ARG H 417 -34.10 57.25 5.07
C ARG H 417 -33.94 56.25 3.97
N ASP H 418 -34.50 55.07 4.15
CA ASP H 418 -34.44 54.06 3.10
C ASP H 418 -35.43 54.47 2.05
N CYS H 419 -36.65 54.74 2.43
CA CYS H 419 -37.69 55.02 1.44
C CYS H 419 -37.14 56.01 0.44
N VAL H 420 -36.48 57.05 0.91
CA VAL H 420 -36.00 58.13 0.06
C VAL H 420 -34.81 57.67 -0.78
N TYR H 421 -33.94 56.84 -0.20
CA TYR H 421 -32.79 56.35 -0.95
C TYR H 421 -33.22 55.51 -2.14
N LEU H 422 -34.19 54.62 -1.93
CA LEU H 422 -34.69 53.80 -3.03
C LEU H 422 -35.39 54.66 -4.08
N PHE H 423 -36.14 55.67 -3.64
CA PHE H 423 -36.80 56.56 -4.60
C PHE H 423 -35.77 57.27 -5.47
N LEU H 424 -34.69 57.75 -4.87
CA LEU H 424 -33.63 58.40 -5.63
C LEU H 424 -32.97 57.42 -6.60
N CYS H 425 -32.74 56.18 -6.14
CA CYS H 425 -32.16 55.19 -7.03
C CYS H 425 -33.05 54.95 -8.24
N TYR H 426 -34.37 54.83 -8.01
CA TYR H 426 -35.29 54.62 -9.12
C TYR H 426 -35.26 55.81 -10.07
N THR H 427 -35.20 57.03 -9.51
CA THR H 427 -35.18 58.21 -10.36
C THR H 427 -33.95 58.21 -11.27
N TRP H 428 -32.78 57.97 -10.69
CA TRP H 428 -31.58 57.96 -11.51
C TRP H 428 -31.62 56.83 -12.53
N GLN H 429 -32.15 55.67 -12.14
CA GLN H 429 -32.20 54.55 -13.07
C GLN H 429 -33.09 54.86 -14.26
N THR H 430 -34.26 55.45 -14.02
CA THR H 430 -35.14 55.78 -15.14
C THR H 430 -34.55 56.88 -16.00
N ALA H 431 -33.88 57.86 -15.37
CA ALA H 431 -33.19 58.87 -16.17
C ALA H 431 -32.15 58.22 -17.08
N MET H 432 -31.34 57.28 -16.55
CA MET H 432 -30.25 56.63 -17.33
C MET H 432 -30.87 55.70 -18.36
N GLY H 433 -32.10 55.21 -18.15
CA GLY H 433 -32.77 54.45 -19.18
C GLY H 433 -33.22 55.33 -20.33
N VAL H 434 -33.83 56.47 -20.02
CA VAL H 434 -34.28 57.35 -21.09
C VAL H 434 -33.09 57.86 -21.88
N TRP H 435 -31.95 58.09 -21.21
CA TRP H 435 -30.75 58.43 -21.96
C TRP H 435 -30.36 57.30 -22.91
N GLN H 436 -30.22 56.08 -22.37
CA GLN H 436 -29.75 54.97 -23.20
C GLN H 436 -30.67 54.74 -24.39
N GLN H 437 -31.97 55.03 -24.24
CA GLN H 437 -32.87 54.84 -25.36
C GLN H 437 -32.50 55.78 -26.52
N CYS H 438 -32.16 57.02 -26.21
CA CYS H 438 -31.95 58.05 -27.24
C CYS H 438 -30.46 58.21 -27.53
N LEU H 439 -29.91 57.23 -28.25
CA LEU H 439 -28.59 57.34 -28.86
C LEU H 439 -28.68 56.84 -30.31
N GLU H 440 -27.85 57.43 -31.17
CA GLU H 440 -27.75 57.03 -32.56
C GLU H 440 -26.29 57.08 -32.99
N GLU H 441 -25.98 56.36 -34.06
CA GLU H 441 -24.60 56.31 -34.55
C GLU H 441 -24.06 57.70 -34.84
N ARG H 442 -24.95 58.64 -35.20
CA ARG H 442 -24.52 60.02 -35.37
C ARG H 442 -23.92 60.56 -34.08
N ASN H 443 -24.59 60.32 -32.96
CA ASN H 443 -24.05 60.72 -31.66
C ASN H 443 -22.75 59.98 -31.36
N LEU H 444 -22.67 58.71 -31.78
CA LEU H 444 -21.45 57.95 -31.59
C LEU H 444 -20.28 58.65 -32.27
N LYS H 445 -20.45 59.00 -33.55
CA LYS H 445 -19.38 59.66 -34.28
C LYS H 445 -19.08 61.04 -33.71
N GLU H 446 -20.11 61.75 -33.27
CA GLU H 446 -19.90 63.06 -32.65
C GLU H 446 -19.01 62.93 -31.42
N LEU H 447 -19.33 61.97 -30.54
CA LEU H 447 -18.51 61.77 -29.36
C LEU H 447 -17.09 61.36 -29.74
N GLN H 448 -16.96 60.49 -30.74
CA GLN H 448 -15.63 60.08 -31.18
C GLN H 448 -14.81 61.28 -31.63
N LYS H 449 -15.40 62.15 -32.45
CA LYS H 449 -14.69 63.33 -32.92
C LYS H 449 -14.30 64.24 -31.77
N LEU H 450 -15.24 64.47 -30.84
CA LEU H 450 -14.94 65.35 -29.72
C LEU H 450 -13.80 64.79 -28.89
N LEU H 451 -13.81 63.47 -28.66
CA LEU H 451 -12.77 62.85 -27.81
C LEU H 451 -11.41 62.97 -28.49
N LYS H 452 -11.33 62.66 -29.79
CA LYS H 452 -10.03 62.68 -30.50
C LYS H 452 -9.50 64.12 -30.59
N GLN H 453 -10.38 65.09 -30.85
CA GLN H 453 -9.94 66.50 -31.02
C GLN H 453 -9.48 67.08 -29.68
N ASN H 454 -10.07 66.65 -28.57
CA ASN H 454 -9.76 67.27 -27.26
C ASN H 454 -8.82 66.38 -26.42
N LEU H 455 -8.41 65.22 -26.94
CA LEU H 455 -7.58 64.24 -26.16
C LEU H 455 -6.57 64.95 -25.25
N LYS H 456 -5.78 65.88 -25.79
CA LYS H 456 -4.74 66.59 -25.00
C LYS H 456 -5.33 67.25 -23.75
N ASP H 457 -6.33 68.12 -23.91
CA ASP H 457 -6.84 68.89 -22.75
C ASP H 457 -7.40 67.95 -21.67
N LEU H 458 -7.81 66.72 -22.02
CA LEU H 458 -8.22 65.82 -20.95
C LEU H 458 -7.02 65.12 -20.31
N TRP H 459 -6.06 64.68 -21.14
CA TRP H 459 -4.89 63.99 -20.60
C TRP H 459 -4.07 64.89 -19.67
N THR H 460 -3.96 66.17 -20.00
CA THR H 460 -3.23 67.11 -19.17
C THR H 460 -4.23 67.87 -18.31
N ALA H 461 -4.20 67.63 -17.00
CA ALA H 461 -5.09 68.31 -16.07
C ALA H 461 -4.42 68.42 -14.72
N PHE H 462 -4.86 69.40 -13.94
CA PHE H 462 -4.29 69.63 -12.61
C PHE H 462 -4.72 68.54 -11.63
N ASN H 463 -6.02 68.19 -11.63
CA ASN H 463 -6.55 67.25 -10.65
C ASN H 463 -7.76 66.55 -11.25
N GLU H 464 -8.27 65.55 -10.51
CA GLU H 464 -9.41 64.67 -10.94
C GLU H 464 -10.73 65.43 -11.05
N ARG H 465 -10.93 66.56 -10.36
CA ARG H 465 -12.16 67.34 -10.51
C ARG H 465 -12.21 68.02 -11.87
N SER H 466 -11.08 68.58 -12.31
CA SER H 466 -11.05 69.29 -13.59
C SER H 466 -11.36 68.34 -14.75
N VAL H 467 -10.67 67.20 -14.80
CA VAL H 467 -10.90 66.27 -15.89
C VAL H 467 -12.32 65.73 -15.85
N ALA H 468 -12.82 65.43 -14.65
CA ALA H 468 -14.20 64.95 -14.54
C ALA H 468 -15.18 65.98 -15.08
N ALA H 469 -15.00 67.25 -14.71
CA ALA H 469 -15.90 68.29 -15.20
C ALA H 469 -15.82 68.41 -16.71
N HIS H 470 -14.60 68.39 -17.26
CA HIS H 470 -14.44 68.53 -18.71
C HIS H 470 -15.12 67.38 -19.43
N LEU H 471 -14.89 66.16 -18.97
CA LEU H 471 -15.56 65.02 -19.58
C LEU H 471 -17.06 65.15 -19.48
N ALA H 472 -17.57 65.58 -18.32
CA ALA H 472 -19.00 65.77 -18.17
C ALA H 472 -19.53 66.71 -19.22
N ASP H 473 -18.86 67.85 -19.43
CA ASP H 473 -19.32 68.78 -20.47
C ASP H 473 -19.27 68.11 -21.84
N ILE H 474 -18.25 67.29 -22.09
CA ILE H 474 -18.16 66.63 -23.40
C ILE H 474 -19.37 65.73 -23.63
N ILE H 475 -19.73 64.93 -22.62
CA ILE H 475 -20.82 63.96 -22.79
C ILE H 475 -22.09 64.35 -22.06
N PHE H 476 -22.07 65.43 -21.28
CA PHE H 476 -23.26 65.90 -20.56
C PHE H 476 -23.42 67.38 -20.82
N PRO H 477 -23.83 67.75 -22.04
CA PRO H 477 -24.11 69.17 -22.31
C PRO H 477 -25.31 69.64 -21.52
N GLU H 478 -25.29 70.93 -21.16
CA GLU H 478 -26.38 71.48 -20.37
C GLU H 478 -27.72 71.24 -21.04
N ARG H 479 -27.77 71.24 -22.37
CA ARG H 479 -29.02 70.98 -23.07
C ARG H 479 -29.52 69.57 -22.78
N LEU H 480 -28.63 68.58 -22.81
CA LEU H 480 -29.04 67.21 -22.53
C LEU H 480 -29.57 67.09 -21.12
N LEU H 481 -28.81 67.57 -20.13
CA LEU H 481 -29.29 67.56 -18.76
C LEU H 481 -30.67 68.18 -18.69
N LYS H 482 -30.84 69.36 -19.30
CA LYS H 482 -32.12 70.04 -19.25
C LYS H 482 -33.23 69.15 -19.76
N THR H 483 -33.06 68.56 -20.94
CA THR H 483 -34.14 67.77 -21.52
C THR H 483 -34.46 66.56 -20.66
N LEU H 484 -33.46 66.02 -19.96
CA LEU H 484 -33.75 64.90 -19.06
C LEU H 484 -34.51 65.35 -17.82
N GLN H 485 -34.10 66.45 -17.20
CA GLN H 485 -34.69 66.81 -15.90
C GLN H 485 -36.21 66.95 -16.01
N GLN H 486 -36.69 67.54 -17.10
CA GLN H 486 -38.13 67.71 -17.25
C GLN H 486 -38.83 66.36 -17.19
N GLY H 487 -39.85 66.27 -16.34
CA GLY H 487 -40.62 65.05 -16.22
C GLY H 487 -39.85 63.86 -15.69
N LEU H 488 -38.69 64.09 -15.09
CA LEU H 488 -37.91 62.99 -14.54
C LEU H 488 -38.46 62.51 -13.20
N PRO H 489 -38.60 63.39 -12.21
CA PRO H 489 -39.02 62.92 -10.88
C PRO H 489 -40.49 62.51 -10.85
N ASP H 490 -40.79 61.35 -11.42
CA ASP H 490 -42.16 60.89 -11.50
C ASP H 490 -42.71 60.55 -10.12
N PHE H 491 -44.01 60.74 -9.96
CA PHE H 491 -44.67 60.38 -8.71
C PHE H 491 -44.60 58.88 -8.48
N THR H 492 -44.45 58.48 -7.22
CA THR H 492 -44.28 57.08 -6.87
C THR H 492 -44.95 56.84 -5.52
N SER H 493 -45.47 55.63 -5.29
CA SER H 493 -46.20 55.29 -4.07
C SER H 493 -45.31 54.49 -3.14
N GLN H 494 -45.72 54.39 -1.88
CA GLN H 494 -45.00 53.56 -0.90
C GLN H 494 -45.12 52.14 -1.40
N SER H 495 -46.24 51.81 -2.01
CA SER H 495 -46.48 50.47 -2.57
C SER H 495 -45.40 50.20 -3.60
N MET H 496 -45.23 51.11 -4.54
CA MET H 496 -44.26 50.89 -5.63
C MET H 496 -42.90 50.71 -4.96
N LEU H 497 -42.59 51.53 -3.98
CA LEU H 497 -41.29 51.46 -3.28
C LEU H 497 -41.12 50.07 -2.72
N GLN H 498 -42.03 49.60 -1.88
CA GLN H 498 -41.90 48.28 -1.24
C GLN H 498 -41.70 47.26 -2.34
N ASN H 499 -42.42 47.38 -3.43
CA ASN H 499 -42.33 46.37 -4.49
C ASN H 499 -40.88 46.33 -4.96
N PHE H 500 -40.25 47.50 -5.13
CA PHE H 500 -38.85 47.59 -5.59
C PHE H 500 -37.96 46.92 -4.56
N ARG H 501 -38.08 47.32 -3.32
CA ARG H 501 -37.28 46.77 -2.22
C ARG H 501 -37.42 45.27 -2.23
N ASN H 502 -38.62 44.80 -2.40
CA ASN H 502 -38.88 43.35 -2.34
C ASN H 502 -38.06 42.73 -3.44
N PHE H 503 -38.19 43.25 -4.63
CA PHE H 503 -37.49 42.67 -5.79
C PHE H 503 -35.98 42.79 -5.65
N ILE H 504 -35.48 43.80 -4.99
CA ILE H 504 -34.03 43.96 -4.73
C ILE H 504 -33.61 42.80 -3.86
N LEU H 505 -34.29 42.58 -2.75
CA LEU H 505 -33.89 41.56 -1.75
C LEU H 505 -34.15 40.19 -2.32
N GLU H 506 -35.16 40.06 -3.15
CA GLU H 506 -35.50 38.75 -3.74
C GLU H 506 -34.28 38.37 -4.53
N ARG H 507 -33.84 39.23 -5.46
CA ARG H 507 -32.70 38.89 -6.37
C ARG H 507 -31.40 38.68 -5.59
N SER H 508 -31.14 39.48 -4.55
CA SER H 508 -29.96 39.31 -3.72
C SER H 508 -29.87 37.91 -3.15
N GLY H 509 -30.99 37.18 -3.08
CA GLY H 509 -30.99 35.83 -2.59
C GLY H 509 -31.53 35.81 -1.18
N ILE H 510 -32.18 36.88 -0.73
CA ILE H 510 -32.65 36.98 0.64
C ILE H 510 -34.16 36.89 0.65
N LEU H 511 -34.70 36.00 1.48
CA LEU H 511 -36.14 35.77 1.54
C LEU H 511 -36.86 36.96 2.14
N PRO H 512 -37.93 37.46 1.51
CA PRO H 512 -38.67 38.59 2.10
C PRO H 512 -39.30 38.28 3.43
N ALA H 513 -39.60 37.01 3.71
CA ALA H 513 -40.26 36.66 4.96
C ALA H 513 -39.37 36.93 6.18
N THR H 514 -38.08 37.18 5.95
CA THR H 514 -37.17 37.52 7.03
C THR H 514 -37.59 38.82 7.69
N CYS H 515 -37.47 38.87 9.02
CA CYS H 515 -37.85 40.02 9.82
C CYS H 515 -36.94 41.21 9.54
N CYS H 516 -37.52 42.26 8.93
CA CYS H 516 -36.92 43.59 8.91
C CYS H 516 -35.54 43.61 8.24
N ALA H 517 -35.54 43.36 6.94
CA ALA H 517 -34.36 43.51 6.10
C ALA H 517 -34.61 44.65 5.10
N LEU H 518 -33.72 45.64 5.09
CA LEU H 518 -33.78 46.75 4.14
C LEU H 518 -32.43 46.91 3.45
N PRO H 519 -32.39 47.47 2.23
CA PRO H 519 -31.13 47.50 1.48
C PRO H 519 -30.15 48.56 1.95
N SER H 520 -30.61 49.63 2.60
CA SER H 520 -29.70 50.70 2.97
C SER H 520 -28.70 50.28 4.04
N ASP H 521 -28.93 49.13 4.69
CA ASP H 521 -27.98 48.66 5.70
C ASP H 521 -26.63 48.33 5.08
N PHE H 522 -26.72 47.90 3.71
CA PHE H 522 -25.47 47.41 3.13
C PHE H 522 -24.74 48.51 2.36
N VAL H 523 -24.54 49.67 2.98
CA VAL H 523 -23.92 50.80 2.31
C VAL H 523 -23.06 51.55 3.33
N PRO H 524 -21.78 51.82 3.03
CA PRO H 524 -20.97 52.60 3.98
C PRO H 524 -21.47 54.03 4.05
N ILE H 525 -21.28 54.64 5.23
CA ILE H 525 -21.86 55.95 5.49
C ILE H 525 -21.18 57.02 4.64
N LYS H 526 -19.85 57.01 4.59
CA LYS H 526 -19.11 58.06 3.91
C LYS H 526 -17.91 57.47 3.19
N TYR H 527 -17.26 58.30 2.37
CA TYR H 527 -16.37 57.78 1.33
C TYR H 527 -15.08 57.21 1.89
N ARG H 528 -14.64 57.68 3.06
CA ARG H 528 -13.33 57.28 3.55
C ARG H 528 -13.20 55.76 3.70
N GLU H 529 -14.31 55.05 3.89
CA GLU H 529 -14.28 53.62 4.13
C GLU H 529 -14.80 52.80 2.96
N CYS H 530 -15.46 53.43 1.99
CA CYS H 530 -16.08 52.69 0.90
C CYS H 530 -15.04 52.26 -0.14
N PRO H 531 -15.20 51.10 -0.76
CA PRO H 531 -14.40 50.79 -1.94
C PRO H 531 -14.83 51.64 -3.13
N PRO H 532 -13.95 51.86 -4.10
CA PRO H 532 -14.22 52.86 -5.14
C PRO H 532 -15.56 52.64 -5.83
N PRO H 533 -15.89 51.40 -6.23
CA PRO H 533 -17.08 51.22 -7.08
C PRO H 533 -18.37 51.72 -6.47
N LEU H 534 -18.47 51.77 -5.14
CA LEU H 534 -19.72 52.08 -4.46
C LEU H 534 -19.83 53.53 -4.01
N TRP H 535 -18.92 54.41 -4.46
CA TRP H 535 -19.02 55.81 -4.09
C TRP H 535 -20.30 56.45 -4.61
N GLY H 536 -20.78 55.99 -5.76
CA GLY H 536 -22.05 56.50 -6.25
C GLY H 536 -23.18 56.20 -5.28
N HIS H 537 -23.20 54.97 -4.78
CA HIS H 537 -24.22 54.61 -3.80
C HIS H 537 -24.03 55.39 -2.51
N CYS H 538 -22.79 55.62 -2.11
CA CYS H 538 -22.55 56.42 -0.91
C CYS H 538 -23.11 57.83 -1.06
N TYR H 539 -22.87 58.45 -2.22
CA TYR H 539 -23.42 59.79 -2.43
C TYR H 539 -24.94 59.76 -2.48
N LEU H 540 -25.51 58.72 -3.09
CA LEU H 540 -26.96 58.61 -3.09
C LEU H 540 -27.48 58.56 -1.66
N LEU H 541 -26.84 57.76 -0.80
CA LEU H 541 -27.31 57.65 0.57
C LEU H 541 -27.14 58.95 1.35
N GLN H 542 -26.00 59.64 1.16
CA GLN H 542 -25.78 60.89 1.89
C GLN H 542 -26.78 61.96 1.45
N LEU H 543 -26.97 62.11 0.15
CA LEU H 543 -27.96 63.05 -0.35
C LEU H 543 -29.36 62.67 0.12
N ALA H 544 -29.65 61.37 0.17
CA ALA H 544 -30.92 60.91 0.69
C ALA H 544 -31.11 61.36 2.12
N ASN H 545 -30.09 61.20 2.95
CA ASN H 545 -30.18 61.63 4.34
C ASN H 545 -30.38 63.12 4.43
N TYR H 546 -29.71 63.89 3.57
CA TYR H 546 -29.83 65.34 3.66
C TYR H 546 -31.25 65.78 3.32
N LEU H 547 -31.82 65.27 2.22
CA LEU H 547 -33.21 65.60 1.93
C LEU H 547 -34.13 65.13 3.03
N ALA H 548 -33.88 63.95 3.60
CA ALA H 548 -34.75 63.46 4.66
C ALA H 548 -34.75 64.42 5.84
N TYR H 549 -33.57 64.84 6.30
CA TYR H 549 -33.50 65.73 7.45
C TYR H 549 -34.05 67.11 7.13
N HIS H 550 -33.72 67.66 5.95
CA HIS H 550 -34.15 69.01 5.65
C HIS H 550 -35.67 69.09 5.55
N SER H 551 -36.29 68.08 4.96
CA SER H 551 -37.74 68.07 4.80
C SER H 551 -38.48 67.96 6.12
N ASP H 552 -37.77 67.76 7.23
CA ASP H 552 -38.39 67.62 8.54
C ASP H 552 -39.36 66.44 8.56
N ILE H 553 -38.79 65.26 8.31
CA ILE H 553 -39.56 64.02 8.34
C ILE H 553 -40.17 63.75 9.71
N MET H 554 -39.74 64.48 10.74
CA MET H 554 -40.27 64.29 12.10
C MET H 554 -40.00 62.86 12.54
N PRO I 159 -41.68 45.81 -25.95
CA PRO I 159 -41.72 47.26 -25.73
C PRO I 159 -42.80 47.66 -24.74
N VAL I 160 -42.40 48.03 -23.52
CA VAL I 160 -43.32 48.43 -22.47
C VAL I 160 -42.93 49.81 -21.99
N PHE I 161 -43.89 50.73 -22.00
CA PHE I 161 -43.73 52.09 -21.46
C PHE I 161 -44.85 52.31 -20.44
N ALA I 162 -44.60 51.88 -19.21
CA ALA I 162 -45.60 51.98 -18.16
C ALA I 162 -44.97 51.55 -16.84
N VAL I 163 -45.54 52.03 -15.75
CA VAL I 163 -45.05 51.65 -14.41
C VAL I 163 -45.35 50.18 -14.18
N PRO I 164 -44.50 49.44 -13.45
CA PRO I 164 -44.70 47.98 -13.39
C PRO I 164 -46.09 47.56 -12.89
N GLU I 165 -46.64 48.26 -11.91
CA GLU I 165 -47.93 47.84 -11.35
C GLU I 165 -49.04 48.03 -12.37
N VAL I 166 -50.05 47.16 -12.29
CA VAL I 166 -51.22 47.22 -13.16
C VAL I 166 -52.47 47.01 -12.29
N LEU I 167 -53.62 47.33 -12.87
CA LEU I 167 -54.90 47.18 -12.21
C LEU I 167 -55.48 45.81 -12.55
N ALA I 168 -55.99 45.12 -11.54
CA ALA I 168 -56.54 43.77 -11.70
C ALA I 168 -57.79 43.66 -10.83
N THR I 169 -58.96 43.75 -11.45
CA THR I 169 -60.21 43.66 -10.72
C THR I 169 -60.53 42.23 -10.31
N TYR I 170 -59.77 41.25 -10.81
CA TYR I 170 -60.07 39.85 -10.53
C TYR I 170 -59.98 39.56 -9.04
N HIS I 171 -58.96 40.10 -8.36
CA HIS I 171 -58.64 39.72 -6.99
C HIS I 171 -59.14 40.73 -5.96
N ILE I 172 -59.46 41.95 -6.35
CA ILE I 172 -59.63 43.02 -5.38
C ILE I 172 -60.97 42.84 -4.66
N PHE I 173 -60.93 42.09 -3.57
CA PHE I 173 -62.08 41.88 -2.70
C PHE I 173 -61.58 41.28 -1.40
N PHE I 174 -62.02 41.82 -0.27
CA PHE I 174 -61.55 41.37 1.03
C PHE I 174 -62.70 41.34 2.02
N GLN I 175 -62.60 40.43 2.98
CA GLN I 175 -63.61 40.28 4.03
C GLN I 175 -62.95 40.61 5.35
N ASN I 176 -63.56 41.53 6.09
CA ASN I 176 -63.00 42.02 7.34
C ASN I 176 -63.78 41.42 8.51
N CYS I 177 -63.08 40.69 9.37
CA CYS I 177 -63.69 40.11 10.55
C CYS I 177 -62.60 39.92 11.61
N LYS I 178 -63.03 39.83 12.86
CA LYS I 178 -62.10 39.90 13.97
C LYS I 178 -61.28 38.62 14.08
N ILE I 179 -59.98 38.81 14.40
CA ILE I 179 -58.97 37.72 14.50
C ILE I 179 -59.49 36.67 15.50
N PRO I 180 -59.43 35.36 15.20
CA PRO I 180 -59.85 34.34 16.16
C PRO I 180 -59.03 34.36 17.46
N LEU I 181 -59.65 34.03 18.59
CA LEU I 181 -58.90 33.87 19.87
C LEU I 181 -57.98 32.66 19.68
N SER I 182 -58.36 31.71 18.79
CA SER I 182 -57.60 30.49 18.52
C SER I 182 -56.79 30.60 17.23
N CYS I 183 -56.25 31.77 16.93
CA CYS I 183 -55.42 31.93 15.76
C CYS I 183 -54.20 31.02 15.85
N ARG I 184 -53.52 30.84 14.71
CA ARG I 184 -52.36 29.96 14.67
C ARG I 184 -51.30 30.42 15.65
N ALA I 185 -51.01 31.73 15.66
CA ALA I 185 -49.96 32.25 16.52
C ALA I 185 -50.23 31.99 18.00
N ASN I 186 -51.53 31.93 18.38
CA ASN I 186 -52.01 31.75 19.78
C ASN I 186 -52.06 30.26 20.15
N ARG I 187 -51.61 29.36 19.27
CA ARG I 187 -51.55 27.90 19.53
C ARG I 187 -50.09 27.46 19.36
N SER I 188 -49.37 27.21 20.46
CA SER I 188 -47.96 26.81 20.41
C SER I 188 -47.81 25.43 19.79
N ARG I 189 -48.65 24.47 20.20
CA ARG I 189 -48.56 23.10 19.73
C ARG I 189 -49.36 22.86 18.45
N ALA I 190 -49.69 23.93 17.72
CA ALA I 190 -50.46 23.75 16.49
C ALA I 190 -49.72 22.88 15.49
N ASP I 191 -48.42 23.10 15.33
CA ASP I 191 -47.64 22.29 14.40
C ASP I 191 -47.69 20.82 14.78
N LYS I 192 -47.86 20.52 16.07
CA LYS I 192 -47.93 19.12 16.50
C LYS I 192 -49.14 18.44 15.88
N GLN I 193 -50.32 19.05 16.03
CA GLN I 193 -51.53 18.47 15.46
C GLN I 193 -51.49 18.50 13.93
N LEU I 194 -50.97 19.59 13.35
CA LEU I 194 -50.95 19.72 11.90
C LEU I 194 -50.06 18.69 11.24
N ALA I 195 -49.18 18.04 12.00
CA ALA I 195 -48.31 17.02 11.42
C ALA I 195 -49.14 15.89 10.83
N LEU I 196 -48.70 15.39 9.69
CA LEU I 196 -49.35 14.28 9.01
C LEU I 196 -48.37 13.13 8.84
N ARG I 197 -48.92 11.92 8.80
CA ARG I 197 -48.15 10.69 8.68
C ARG I 197 -48.64 9.92 7.46
N GLN I 198 -48.01 8.77 7.21
CA GLN I 198 -48.42 7.94 6.09
C GLN I 198 -49.84 7.44 6.30
N GLY I 199 -50.60 7.39 5.20
CA GLY I 199 -51.95 6.87 5.23
C GLY I 199 -53.02 7.90 5.56
N ALA I 200 -52.64 9.12 5.90
CA ALA I 200 -53.64 10.13 6.24
C ALA I 200 -54.57 10.35 5.05
N VAL I 201 -55.86 10.52 5.35
CA VAL I 201 -56.86 10.71 4.32
C VAL I 201 -57.14 12.19 4.15
N ILE I 202 -57.58 12.57 2.96
CA ILE I 202 -57.86 13.98 2.69
C ILE I 202 -58.93 14.48 3.66
N PRO I 203 -58.72 15.60 4.33
CA PRO I 203 -59.76 16.11 5.24
C PRO I 203 -61.02 16.48 4.49
N ASP I 204 -62.15 16.35 5.18
CA ASP I 204 -63.46 16.61 4.59
C ASP I 204 -64.10 17.82 5.24
N ILE I 205 -65.05 18.42 4.54
CA ILE I 205 -65.78 19.56 5.05
C ILE I 205 -66.60 19.14 6.26
N ALA I 206 -67.03 20.10 7.07
CA ALA I 206 -67.86 19.85 8.23
C ALA I 206 -69.10 20.72 8.16
N SER I 207 -70.09 20.38 8.97
CA SER I 207 -71.38 21.05 8.94
C SER I 207 -71.87 21.28 10.36
N LEU I 208 -72.80 22.24 10.49
CA LEU I 208 -73.29 22.62 11.81
C LEU I 208 -74.01 21.48 12.51
N ASP I 209 -74.40 20.43 11.78
CA ASP I 209 -75.07 19.30 12.41
C ASP I 209 -74.17 18.67 13.47
N GLU I 210 -72.89 18.49 13.16
CA GLU I 210 -71.93 17.89 14.07
C GLU I 210 -71.13 18.93 14.85
N VAL I 211 -71.39 20.21 14.64
CA VAL I 211 -70.71 21.30 15.32
C VAL I 211 -71.75 22.14 16.04
N PRO I 212 -72.04 21.83 17.31
CA PRO I 212 -73.12 22.56 18.00
C PRO I 212 -72.85 24.04 18.16
N LYS I 213 -71.72 24.39 18.77
CA LYS I 213 -71.41 25.78 19.06
C LYS I 213 -69.91 26.01 18.91
N ILE I 214 -69.56 27.17 18.34
CA ILE I 214 -68.17 27.56 18.22
C ILE I 214 -67.58 27.72 19.62
N PHE I 215 -66.53 26.97 19.91
CA PHE I 215 -65.81 27.07 21.17
C PHE I 215 -64.39 27.56 20.88
N GLU I 216 -64.01 28.67 21.52
CA GLU I 216 -62.70 29.26 21.30
C GLU I 216 -61.82 29.11 22.54
N VAL I 242 -54.29 41.06 21.20
CA VAL I 242 -55.03 39.89 20.76
C VAL I 242 -54.14 38.66 20.80
N LEU I 243 -52.87 38.84 20.42
CA LEU I 243 -51.89 37.78 20.52
C LEU I 243 -51.25 37.79 21.89
N VAL I 244 -50.98 36.59 22.41
CA VAL I 244 -50.41 36.40 23.74
C VAL I 244 -49.15 35.57 23.61
N GLU I 245 -48.07 36.01 24.24
CA GLU I 245 -46.80 35.28 24.19
C GLU I 245 -46.97 33.95 24.90
N LEU I 246 -47.04 32.88 24.12
CA LEU I 246 -47.23 31.54 24.67
C LEU I 246 -45.90 30.94 25.09
N GLU I 247 -45.98 29.79 25.76
CA GLU I 247 -44.78 29.14 26.28
C GLU I 247 -43.94 28.48 25.18
N GLY I 248 -44.63 27.93 24.17
CA GLY I 248 -43.92 27.26 23.06
C GLY I 248 -43.93 28.10 21.79
N ASP I 249 -43.98 29.43 21.92
CA ASP I 249 -43.92 30.32 20.73
C ASP I 249 -42.56 30.18 20.06
N ASN I 250 -42.53 29.67 18.82
CA ASN I 250 -41.25 29.45 18.10
C ASN I 250 -40.64 30.80 17.68
N ALA I 251 -39.34 30.83 17.38
CA ALA I 251 -38.64 32.11 17.06
C ALA I 251 -39.44 33.00 16.09
N ARG I 252 -39.79 32.49 14.90
CA ARG I 252 -40.46 33.34 13.88
C ARG I 252 -41.74 33.98 14.45
N LEU I 253 -42.46 33.26 15.30
CA LEU I 253 -43.68 33.79 15.91
C LEU I 253 -43.37 34.62 17.15
N ALA I 254 -42.29 34.29 17.87
CA ALA I 254 -41.98 35.02 19.09
C ALA I 254 -41.76 36.50 18.82
N VAL I 255 -40.98 36.89 17.81
CA VAL I 255 -40.77 38.38 17.63
C VAL I 255 -42.08 39.03 17.13
N LEU I 256 -42.83 38.30 16.29
CA LEU I 256 -44.10 38.81 15.71
C LEU I 256 -45.13 39.05 16.82
N LYS I 257 -45.37 38.05 17.68
CA LYS I 257 -46.37 38.19 18.78
C LYS I 257 -46.10 39.47 19.57
N ARG I 258 -44.87 40.00 19.50
CA ARG I 258 -44.48 41.22 20.23
C ARG I 258 -44.67 42.51 19.40
N SER I 259 -44.10 42.64 18.19
CA SER I 259 -44.22 43.98 17.52
C SER I 259 -45.47 44.19 16.65
N ILE I 260 -46.69 44.21 17.24
CA ILE I 260 -47.84 44.14 16.34
C ILE I 260 -48.96 45.03 16.87
N GLU I 261 -49.51 45.88 16.00
CA GLU I 261 -50.70 46.67 16.34
C GLU I 261 -51.93 45.96 15.77
N VAL I 262 -52.17 44.76 16.29
CA VAL I 262 -53.23 43.91 15.77
C VAL I 262 -54.58 44.34 16.34
N THR I 263 -55.44 44.82 15.46
CA THR I 263 -56.80 45.19 15.84
C THR I 263 -57.81 44.33 15.07
N HIS I 264 -57.65 44.28 13.74
CA HIS I 264 -58.53 43.53 12.86
C HIS I 264 -57.74 43.16 11.61
N PHE I 265 -57.60 41.86 11.36
CA PHE I 265 -56.88 41.37 10.19
C PHE I 265 -57.87 41.01 9.09
N ALA I 266 -57.70 41.62 7.92
CA ALA I 266 -58.57 41.30 6.80
C ALA I 266 -58.24 39.91 6.25
N TYR I 267 -59.21 39.33 5.56
CA TYR I 267 -59.06 38.01 4.96
C TYR I 267 -59.39 38.09 3.48
N PRO I 268 -58.81 37.21 2.67
CA PRO I 268 -59.15 37.22 1.24
C PRO I 268 -60.62 36.88 1.05
N ALA I 269 -61.32 37.72 0.30
CA ALA I 269 -62.75 37.52 0.11
C ALA I 269 -62.98 36.29 -0.75
N LEU I 270 -63.24 35.16 -0.11
CA LEU I 270 -63.47 33.89 -0.79
C LEU I 270 -64.97 33.65 -0.78
N ASN I 271 -65.61 33.86 -1.93
CA ASN I 271 -67.05 33.77 -2.02
C ASN I 271 -67.46 33.46 -3.46
N LEU I 272 -68.69 32.94 -3.59
CA LEU I 272 -69.31 32.70 -4.88
C LEU I 272 -69.67 34.05 -5.50
N PRO I 273 -69.91 34.12 -6.81
CA PRO I 273 -70.15 35.42 -7.43
C PRO I 273 -71.32 36.12 -6.76
N PRO I 274 -71.23 37.44 -6.68
CA PRO I 274 -72.21 38.22 -5.98
C PRO I 274 -73.61 38.04 -6.57
N LYS I 275 -73.73 37.82 -7.87
CA LYS I 275 -75.03 37.62 -8.53
C LYS I 275 -75.57 36.26 -8.16
N VAL I 276 -74.75 35.23 -8.24
CA VAL I 276 -75.15 33.84 -7.91
C VAL I 276 -75.81 33.92 -6.55
N MET I 277 -75.16 34.64 -5.65
CA MET I 277 -75.68 34.76 -4.27
C MET I 277 -77.01 35.49 -4.35
N SER I 278 -77.06 36.60 -5.06
CA SER I 278 -78.29 37.41 -5.18
C SER I 278 -79.43 36.49 -5.58
N THR I 279 -79.21 35.57 -6.50
CA THR I 279 -80.29 34.70 -7.02
C THR I 279 -80.95 33.95 -5.88
N VAL I 280 -80.17 33.39 -4.95
CA VAL I 280 -80.72 32.50 -3.91
C VAL I 280 -81.07 33.25 -2.63
N MET I 281 -80.67 34.50 -2.45
CA MET I 281 -81.07 35.27 -1.24
C MET I 281 -82.41 35.95 -1.50
N SER I 282 -82.67 36.49 -2.69
CA SER I 282 -83.91 37.05 -3.20
C SER I 282 -84.97 35.97 -3.35
N GLU I 283 -84.55 34.75 -3.71
CA GLU I 283 -85.49 33.64 -3.75
C GLU I 283 -85.97 33.29 -2.35
N LEU I 284 -85.05 33.24 -1.38
CA LEU I 284 -85.46 33.01 0.01
C LEU I 284 -86.29 34.19 0.53
N ILE I 285 -85.93 35.41 0.15
CA ILE I 285 -86.65 36.60 0.61
C ILE I 285 -87.42 37.21 -0.54
N PRO I 307 -89.16 36.03 5.09
CA PRO I 307 -89.17 34.64 4.63
C PRO I 307 -90.24 34.38 3.59
N ALA I 308 -89.83 34.27 2.32
CA ALA I 308 -90.80 34.11 1.24
C ALA I 308 -91.60 32.83 1.39
N VAL I 309 -90.93 31.72 1.71
CA VAL I 309 -91.62 30.43 1.81
C VAL I 309 -92.72 30.49 2.86
N GLY I 310 -92.45 31.14 3.99
CA GLY I 310 -93.41 31.21 5.08
C GLY I 310 -93.30 30.03 6.01
N ASP I 311 -94.34 29.86 6.83
CA ASP I 311 -94.42 28.76 7.77
C ASP I 311 -95.44 27.70 7.37
N GLU I 312 -96.36 28.02 6.45
CA GLU I 312 -97.40 27.06 6.07
C GLU I 312 -96.81 25.87 5.32
N GLN I 313 -95.97 26.13 4.32
CA GLN I 313 -95.33 25.04 3.60
C GLN I 313 -94.40 24.26 4.51
N LEU I 314 -93.67 24.94 5.39
CA LEU I 314 -92.82 24.24 6.34
C LEU I 314 -93.64 23.30 7.22
N ALA I 315 -94.77 23.76 7.74
CA ALA I 315 -95.63 22.89 8.54
C ALA I 315 -96.15 21.73 7.71
N ARG I 316 -96.53 22.00 6.46
CA ARG I 316 -96.94 20.92 5.56
C ARG I 316 -95.86 19.85 5.49
N TRP I 317 -94.60 20.27 5.34
CA TRP I 317 -93.50 19.31 5.27
C TRP I 317 -93.37 18.54 6.57
N LEU I 318 -93.18 19.26 7.68
CA LEU I 318 -92.88 18.61 8.95
C LEU I 318 -93.99 17.65 9.38
N GLU I 319 -95.22 17.88 8.94
CA GLU I 319 -96.36 17.05 9.33
C GLU I 319 -96.53 17.01 10.85
N THR I 320 -96.05 18.04 11.54
CA THR I 320 -96.14 18.12 12.99
C THR I 320 -96.50 19.54 13.40
N ARG I 321 -97.09 19.67 14.58
CA ARG I 321 -97.54 20.96 15.08
C ARG I 321 -96.47 21.71 15.87
N GLU I 322 -95.29 21.13 16.03
CA GLU I 322 -94.25 21.77 16.81
C GLU I 322 -93.55 22.85 15.99
N PRO I 323 -93.58 24.12 16.40
CA PRO I 323 -92.82 25.15 15.65
C PRO I 323 -91.32 25.03 15.83
N ALA I 324 -90.85 24.30 16.84
CA ALA I 324 -89.41 24.15 17.04
C ALA I 324 -88.76 23.47 15.85
N ASP I 325 -89.40 22.43 15.30
CA ASP I 325 -88.90 21.80 14.09
C ASP I 325 -88.86 22.77 12.93
N LEU I 326 -89.88 23.64 12.83
CA LEU I 326 -89.91 24.64 11.76
C LEU I 326 -88.71 25.58 11.87
N GLU I 327 -88.45 26.08 13.09
CA GLU I 327 -87.31 26.98 13.28
C GLU I 327 -86.00 26.26 13.01
N GLU I 328 -85.88 25.00 13.44
CA GLU I 328 -84.66 24.24 13.19
C GLU I 328 -84.43 24.06 11.70
N ARG I 329 -85.48 23.73 10.95
CA ARG I 329 -85.34 23.57 9.51
C ARG I 329 -84.95 24.89 8.84
N ARG I 330 -85.57 25.99 9.26
CA ARG I 330 -85.21 27.28 8.69
C ARG I 330 -83.75 27.61 8.96
N LYS I 331 -83.29 27.36 10.19
CA LYS I 331 -81.89 27.61 10.53
C LYS I 331 -80.97 26.71 9.70
N LEU I 332 -81.38 25.45 9.50
CA LEU I 332 -80.58 24.55 8.68
C LEU I 332 -80.42 25.08 7.27
N MET I 333 -81.52 25.54 6.67
CA MET I 333 -81.44 26.08 5.32
C MET I 333 -80.57 27.34 5.27
N MET I 334 -80.73 28.23 6.26
CA MET I 334 -79.93 29.45 6.27
C MET I 334 -78.45 29.12 6.37
N ALA I 335 -78.08 28.23 7.30
CA ALA I 335 -76.68 27.86 7.45
C ALA I 335 -76.16 27.18 6.19
N ALA I 336 -76.97 26.31 5.58
CA ALA I 336 -76.55 25.66 4.35
C ALA I 336 -76.23 26.69 3.28
N VAL I 337 -77.15 27.61 3.02
CA VAL I 337 -76.90 28.61 1.99
C VAL I 337 -75.76 29.54 2.36
N LEU I 338 -75.44 29.65 3.65
CA LEU I 338 -74.40 30.60 4.05
C LEU I 338 -73.00 30.00 3.95
N VAL I 339 -72.81 28.78 4.46
CA VAL I 339 -71.49 28.18 4.57
C VAL I 339 -71.41 26.83 3.85
N THR I 340 -72.41 25.97 4.02
CA THR I 340 -72.30 24.58 3.56
C THR I 340 -72.40 24.47 2.05
N VAL I 341 -73.05 25.39 1.39
CA VAL I 341 -73.05 25.36 -0.07
C VAL I 341 -71.65 25.60 -0.59
N GLU I 342 -71.00 26.66 -0.10
CA GLU I 342 -69.64 26.96 -0.52
C GLU I 342 -68.69 25.83 -0.19
N LEU I 343 -68.82 25.25 1.00
CA LEU I 343 -67.93 24.16 1.36
C LEU I 343 -68.10 22.99 0.40
N GLU I 344 -69.34 22.71 0.00
CA GLU I 344 -69.57 21.64 -0.96
C GLU I 344 -68.97 21.96 -2.32
N CYS I 345 -69.10 23.22 -2.78
CA CYS I 345 -68.50 23.58 -4.06
C CYS I 345 -66.99 23.39 -4.02
N MET I 346 -66.36 23.82 -2.93
CA MET I 346 -64.93 23.58 -2.76
C MET I 346 -64.62 22.09 -2.81
N GLN I 347 -65.39 21.30 -2.05
CA GLN I 347 -65.15 19.86 -1.97
C GLN I 347 -65.17 19.23 -3.34
N ARG I 348 -66.15 19.61 -4.17
CA ARG I 348 -66.23 19.01 -5.49
C ARG I 348 -65.12 19.53 -6.40
N PHE I 349 -64.80 20.83 -6.31
CA PHE I 349 -63.81 21.39 -7.23
C PHE I 349 -62.44 20.76 -7.00
N PHE I 350 -61.97 20.78 -5.75
CA PHE I 350 -60.58 20.44 -5.50
C PHE I 350 -60.35 18.96 -5.26
N ALA I 351 -61.40 18.15 -5.21
CA ALA I 351 -61.24 16.73 -4.89
C ALA I 351 -61.14 15.85 -6.12
N ASP I 352 -61.23 16.40 -7.31
CA ASP I 352 -61.11 15.58 -8.52
C ASP I 352 -59.71 14.99 -8.59
N PRO I 353 -59.56 13.66 -8.68
CA PRO I 353 -58.20 13.08 -8.74
C PRO I 353 -57.34 13.66 -9.85
N GLU I 354 -57.93 13.93 -11.02
CA GLU I 354 -57.17 14.60 -12.06
C GLU I 354 -56.77 16.01 -11.64
N MET I 355 -57.71 16.73 -11.03
CA MET I 355 -57.41 18.08 -10.56
C MET I 355 -56.35 18.05 -9.46
N GLN I 356 -56.42 17.07 -8.56
CA GLN I 356 -55.40 16.96 -7.52
C GLN I 356 -54.05 16.63 -8.14
N ARG I 357 -54.04 15.78 -9.16
CA ARG I 357 -52.81 15.54 -9.92
C ARG I 357 -52.25 16.84 -10.46
N LYS I 358 -53.11 17.67 -11.05
CA LYS I 358 -52.66 18.92 -11.63
C LYS I 358 -52.08 19.84 -10.56
N LEU I 359 -52.76 19.93 -9.42
CA LEU I 359 -52.25 20.75 -8.32
C LEU I 359 -50.90 20.23 -7.83
N GLU I 360 -50.78 18.92 -7.67
CA GLU I 360 -49.52 18.36 -7.21
C GLU I 360 -48.39 18.66 -8.18
N GLU I 361 -48.65 18.54 -9.47
CA GLU I 361 -47.58 18.79 -10.43
C GLU I 361 -47.23 20.27 -10.48
N THR I 362 -48.20 21.18 -10.36
CA THR I 362 -47.83 22.60 -10.35
C THR I 362 -47.07 22.96 -9.09
N LEU I 363 -47.41 22.36 -7.95
CA LEU I 363 -46.62 22.59 -6.74
C LEU I 363 -45.20 22.07 -6.92
N HIS I 364 -45.07 20.86 -7.48
CA HIS I 364 -43.76 20.33 -7.82
C HIS I 364 -42.97 21.34 -8.64
N TYR I 365 -43.60 21.89 -9.68
CA TYR I 365 -42.95 22.88 -10.52
C TYR I 365 -42.51 24.09 -9.71
N THR I 366 -43.43 24.68 -8.95
CA THR I 366 -43.16 25.96 -8.31
C THR I 366 -42.04 25.84 -7.29
N PHE I 367 -42.02 24.74 -6.53
CA PHE I 367 -41.01 24.59 -5.49
C PHE I 367 -39.77 23.85 -5.97
N ARG I 368 -39.70 23.47 -7.24
CA ARG I 368 -38.50 22.86 -7.81
C ARG I 368 -37.96 21.76 -6.92
N GLN I 369 -38.75 20.70 -6.77
CA GLN I 369 -38.34 19.53 -6.00
C GLN I 369 -38.74 18.26 -6.74
N GLY I 370 -37.81 17.33 -6.84
CA GLY I 370 -38.13 16.00 -7.34
C GLY I 370 -37.90 15.86 -8.82
N TYR I 371 -38.91 15.36 -9.53
CA TYR I 371 -38.76 15.04 -10.94
C TYR I 371 -38.48 16.27 -11.78
N VAL I 372 -39.08 17.41 -11.44
CA VAL I 372 -38.78 18.62 -12.18
C VAL I 372 -37.32 19.01 -12.00
N ARG I 373 -36.80 18.85 -10.78
CA ARG I 373 -35.39 19.14 -10.53
C ARG I 373 -34.50 18.20 -11.33
N GLN I 374 -34.84 16.91 -11.37
CA GLN I 374 -34.05 15.98 -12.16
C GLN I 374 -34.08 16.35 -13.64
N ALA I 375 -35.25 16.74 -14.15
CA ALA I 375 -35.34 17.14 -15.55
C ALA I 375 -34.49 18.37 -15.83
N CYS I 376 -34.53 19.35 -14.93
CA CYS I 376 -33.70 20.54 -15.12
C CYS I 376 -32.21 20.17 -15.11
N LYS I 377 -31.80 19.30 -14.18
CA LYS I 377 -30.40 18.92 -14.13
C LYS I 377 -29.97 18.22 -15.41
N ILE I 378 -30.71 17.19 -15.81
CA ILE I 378 -30.30 16.41 -16.98
C ILE I 378 -30.47 17.22 -18.26
N SER I 379 -31.50 18.06 -18.32
CA SER I 379 -31.80 18.76 -19.56
C SER I 379 -30.67 19.70 -19.96
N ASN I 380 -30.04 20.36 -19.00
CA ASN I 380 -29.12 21.47 -19.25
C ASN I 380 -29.92 22.68 -19.71
N VAL I 381 -31.25 22.56 -19.72
CA VAL I 381 -32.15 23.65 -20.05
C VAL I 381 -33.06 23.87 -18.85
N GLU I 382 -33.21 25.13 -18.45
CA GLU I 382 -33.95 25.47 -17.24
C GLU I 382 -35.45 25.37 -17.52
N LEU I 383 -36.14 24.49 -16.77
CA LEU I 383 -37.57 24.29 -16.94
C LEU I 383 -38.41 24.97 -15.88
N CYS I 384 -37.83 25.37 -14.75
CA CYS I 384 -38.63 26.00 -13.71
C CYS I 384 -39.21 27.33 -14.18
N ASN I 385 -38.59 27.97 -15.17
CA ASN I 385 -38.93 29.35 -15.53
C ASN I 385 -40.33 29.49 -16.10
N LEU I 386 -40.98 28.41 -16.52
CA LEU I 386 -42.30 28.53 -17.13
C LEU I 386 -43.33 28.98 -16.10
N VAL I 387 -43.94 30.14 -16.37
CA VAL I 387 -45.03 30.68 -15.56
C VAL I 387 -46.23 30.87 -16.47
N SER I 388 -47.41 30.48 -16.00
CA SER I 388 -48.59 30.41 -16.83
C SER I 388 -49.73 31.21 -16.21
N TYR I 389 -50.74 31.48 -17.04
CA TYR I 389 -51.95 32.16 -16.60
C TYR I 389 -53.06 31.77 -17.55
N LEU I 390 -54.00 30.95 -17.09
CA LEU I 390 -55.11 30.48 -17.92
C LEU I 390 -54.59 29.78 -19.18
N GLY I 391 -53.48 29.05 -19.03
CA GLY I 391 -52.91 28.30 -20.13
C GLY I 391 -52.11 29.11 -21.13
N ILE I 392 -51.88 30.41 -20.87
CA ILE I 392 -51.10 31.20 -21.80
C ILE I 392 -49.65 30.72 -21.83
N LEU I 393 -49.12 30.29 -20.68
CA LEU I 393 -47.81 29.67 -20.60
C LEU I 393 -46.71 30.62 -21.08
N HIS I 394 -46.59 31.75 -20.38
CA HIS I 394 -45.51 32.68 -20.63
C HIS I 394 -44.21 32.14 -20.04
N GLU I 395 -43.14 32.92 -20.16
CA GLU I 395 -41.85 32.57 -19.60
C GLU I 395 -41.20 33.83 -19.04
N ASN I 396 -40.69 33.74 -17.82
CA ASN I 396 -40.13 34.90 -17.13
C ASN I 396 -38.78 34.53 -16.54
N ARG I 397 -37.73 35.25 -16.94
CA ARG I 397 -36.44 35.12 -16.27
C ARG I 397 -36.48 35.69 -14.87
N LEU I 398 -37.15 36.82 -14.68
CA LEU I 398 -37.19 37.52 -13.40
C LEU I 398 -38.15 36.78 -12.47
N GLY I 399 -37.69 35.64 -11.97
CA GLY I 399 -38.47 34.86 -11.04
C GLY I 399 -37.61 33.95 -10.19
N GLN I 400 -37.80 34.01 -8.88
CA GLN I 400 -37.05 33.20 -7.93
C GLN I 400 -37.94 32.09 -7.40
N ASN I 401 -37.42 30.86 -7.41
CA ASN I 401 -38.18 29.72 -6.90
C ASN I 401 -37.31 28.76 -6.11
N VAL I 402 -36.06 29.11 -5.81
CA VAL I 402 -35.16 28.21 -5.11
C VAL I 402 -34.64 28.87 -3.85
N LEU I 403 -35.32 29.91 -3.38
CA LEU I 403 -34.93 30.58 -2.14
C LEU I 403 -35.51 29.92 -0.90
N HIS I 404 -36.49 29.03 -1.05
CA HIS I 404 -37.09 28.38 0.10
C HIS I 404 -36.14 27.38 0.76
N SER I 405 -35.05 27.01 0.08
CA SER I 405 -34.09 26.09 0.67
C SER I 405 -33.31 26.70 1.81
N THR I 406 -33.27 28.04 1.90
CA THR I 406 -32.52 28.69 2.96
C THR I 406 -33.15 28.49 4.33
N LEU I 407 -34.41 28.08 4.38
CA LEU I 407 -35.12 27.87 5.63
C LEU I 407 -35.21 26.39 5.93
N LYS I 408 -35.15 26.01 7.22
CA LYS I 408 -35.30 24.59 7.66
C LYS I 408 -36.02 24.58 9.01
N GLY I 409 -36.07 23.41 9.68
CA GLY I 409 -36.74 23.26 10.99
C GLY I 409 -38.22 23.60 10.88
N GLU I 410 -38.79 24.24 11.90
CA GLU I 410 -40.23 24.64 11.91
C GLU I 410 -40.40 25.90 11.07
N ALA I 411 -39.32 26.60 10.73
CA ALA I 411 -39.39 27.83 9.90
C ALA I 411 -39.88 27.41 8.51
N ARG I 412 -39.47 26.23 8.02
CA ARG I 412 -39.83 25.76 6.70
C ARG I 412 -41.24 25.27 6.71
N ARG I 413 -41.60 24.39 7.62
CA ARG I 413 -42.94 23.81 7.52
C ARG I 413 -43.91 24.97 7.38
N ASP I 414 -43.86 25.89 8.30
CA ASP I 414 -44.84 26.97 8.34
C ASP I 414 -44.80 27.75 7.06
N TYR I 415 -43.65 28.11 6.62
CA TYR I 415 -43.54 29.00 5.45
C TYR I 415 -44.16 28.31 4.29
N VAL I 416 -43.87 27.07 4.12
CA VAL I 416 -44.40 26.43 2.91
C VAL I 416 -45.88 26.37 3.08
N ARG I 417 -46.35 25.96 4.28
CA ARG I 417 -47.79 25.80 4.57
C ARG I 417 -48.45 27.08 4.09
N ASP I 418 -47.79 28.21 4.33
CA ASP I 418 -48.36 29.48 3.94
C ASP I 418 -48.38 29.54 2.44
N CYS I 419 -47.26 29.39 1.80
CA CYS I 419 -47.22 29.59 0.35
C CYS I 419 -48.32 28.78 -0.32
N VAL I 420 -48.52 27.54 0.05
CA VAL I 420 -49.51 26.67 -0.57
C VAL I 420 -50.90 27.21 -0.32
N TYR I 421 -51.14 27.72 0.89
CA TYR I 421 -52.45 28.27 1.21
C TYR I 421 -52.78 29.43 0.27
N LEU I 422 -51.87 30.39 0.13
CA LEU I 422 -52.17 31.51 -0.76
C LEU I 422 -52.32 31.05 -2.20
N PHE I 423 -51.56 30.02 -2.61
CA PHE I 423 -51.71 29.54 -3.98
C PHE I 423 -53.11 28.99 -4.19
N LEU I 424 -53.62 28.22 -3.22
CA LEU I 424 -54.98 27.70 -3.33
C LEU I 424 -55.99 28.84 -3.37
N CYS I 425 -55.80 29.87 -2.54
CA CYS I 425 -56.71 31.00 -2.58
C CYS I 425 -56.68 31.67 -3.95
N TYR I 426 -55.49 31.83 -4.52
CA TYR I 426 -55.38 32.47 -5.82
C TYR I 426 -56.10 31.65 -6.87
N THR I 427 -55.91 30.33 -6.83
CA THR I 427 -56.59 29.45 -7.77
C THR I 427 -58.11 29.63 -7.69
N TRP I 428 -58.66 29.52 -6.47
CA TRP I 428 -60.10 29.62 -6.33
C TRP I 428 -60.61 31.00 -6.74
N GLN I 429 -59.90 32.06 -6.36
CA GLN I 429 -60.37 33.40 -6.65
C GLN I 429 -60.37 33.67 -8.15
N THR I 430 -59.31 33.26 -8.86
CA THR I 430 -59.30 33.45 -10.31
C THR I 430 -60.38 32.62 -10.97
N ALA I 431 -60.62 31.40 -10.46
CA ALA I 431 -61.69 30.58 -11.01
C ALA I 431 -63.04 31.29 -10.86
N MET I 432 -63.32 31.79 -9.67
CA MET I 432 -64.59 32.46 -9.44
C MET I 432 -64.71 33.71 -10.30
N GLY I 433 -63.62 34.46 -10.45
CA GLY I 433 -63.68 35.66 -11.27
C GLY I 433 -63.97 35.34 -12.72
N VAL I 434 -63.30 34.33 -13.27
CA VAL I 434 -63.52 33.98 -14.67
C VAL I 434 -64.92 33.45 -14.88
N TRP I 435 -65.45 32.71 -13.90
CA TRP I 435 -66.85 32.29 -13.99
C TRP I 435 -67.77 33.50 -13.98
N GLN I 436 -67.54 34.44 -13.08
CA GLN I 436 -68.41 35.60 -12.98
C GLN I 436 -68.43 36.38 -14.28
N GLN I 437 -67.25 36.58 -14.89
CA GLN I 437 -67.17 37.37 -16.11
C GLN I 437 -67.82 36.68 -17.30
N CYS I 438 -68.19 35.40 -17.18
CA CYS I 438 -68.86 34.67 -18.24
C CYS I 438 -70.31 34.36 -17.88
N LEU I 439 -70.95 35.20 -17.06
CA LEU I 439 -72.33 34.93 -16.59
C LEU I 439 -73.27 35.39 -17.69
N GLU I 440 -74.42 34.74 -17.83
CA GLU I 440 -75.45 35.11 -18.83
C GLU I 440 -76.69 35.43 -18.00
N GLU I 441 -77.29 36.60 -18.19
CA GLU I 441 -78.48 36.99 -17.40
C GLU I 441 -79.66 36.14 -17.87
N ARG I 442 -79.53 35.36 -18.95
CA ARG I 442 -80.57 34.40 -19.43
C ARG I 442 -80.46 33.18 -18.53
N ASN I 443 -79.26 32.63 -18.31
CA ASN I 443 -78.99 31.60 -17.33
C ASN I 443 -79.49 31.98 -15.95
N LEU I 444 -79.53 33.28 -15.64
CA LEU I 444 -80.10 33.70 -14.36
C LEU I 444 -81.60 33.41 -14.30
N LYS I 445 -82.32 33.71 -15.38
CA LYS I 445 -83.75 33.36 -15.42
C LYS I 445 -83.94 31.85 -15.35
N GLU I 446 -83.08 31.10 -16.04
CA GLU I 446 -83.15 29.64 -15.97
C GLU I 446 -82.93 29.14 -14.55
N LEU I 447 -81.96 29.73 -13.85
CA LEU I 447 -81.72 29.36 -12.46
C LEU I 447 -82.93 29.71 -11.60
N GLN I 448 -83.55 30.85 -11.85
CA GLN I 448 -84.75 31.21 -11.10
C GLN I 448 -85.84 30.17 -11.30
N LYS I 449 -86.08 29.77 -12.55
CA LYS I 449 -87.12 28.79 -12.82
C LYS I 449 -86.78 27.45 -12.17
N LEU I 450 -85.52 27.03 -12.27
CA LEU I 450 -85.13 25.75 -11.67
C LEU I 450 -85.31 25.78 -10.16
N LEU I 451 -84.95 26.90 -9.53
CA LEU I 451 -85.14 27.01 -8.09
C LEU I 451 -86.61 26.96 -7.73
N LYS I 452 -87.45 27.65 -8.50
CA LYS I 452 -88.89 27.57 -8.26
C LYS I 452 -89.38 26.13 -8.37
N GLN I 453 -88.88 25.40 -9.36
CA GLN I 453 -89.38 24.04 -9.58
C GLN I 453 -88.89 23.07 -8.52
N ASN I 454 -87.66 23.27 -8.02
CA ASN I 454 -87.04 22.33 -7.10
C ASN I 454 -87.22 22.68 -5.62
N LEU I 455 -87.67 23.88 -5.29
CA LEU I 455 -87.74 24.25 -3.88
C LEU I 455 -88.57 23.27 -3.09
N LYS I 456 -89.59 22.68 -3.71
CA LYS I 456 -90.46 21.76 -2.99
C LYS I 456 -89.68 20.55 -2.49
N ASP I 457 -88.78 20.03 -3.32
CA ASP I 457 -87.93 18.93 -2.88
C ASP I 457 -86.81 19.42 -1.96
N LEU I 458 -86.26 20.60 -2.25
CA LEU I 458 -85.10 21.07 -1.50
C LEU I 458 -85.45 21.38 -0.05
N TRP I 459 -86.68 21.77 0.22
CA TRP I 459 -87.12 21.99 1.59
C TRP I 459 -87.56 20.70 2.28
N THR I 460 -87.23 19.54 1.72
CA THR I 460 -87.67 18.25 2.24
C THR I 460 -86.51 17.26 2.29
N ALA I 461 -85.36 17.70 2.81
CA ALA I 461 -84.21 16.83 3.05
C ALA I 461 -83.81 16.94 4.51
N PHE I 462 -83.60 15.78 5.15
CA PHE I 462 -83.32 15.77 6.58
C PHE I 462 -81.90 16.20 6.89
N ASN I 463 -80.84 15.74 6.20
CA ASN I 463 -79.43 16.04 6.57
C ASN I 463 -79.16 17.49 6.12
N GLU I 464 -78.18 18.21 6.67
CA GLU I 464 -77.82 19.58 6.22
C GLU I 464 -76.81 19.44 5.13
N ARG I 465 -75.95 18.45 5.28
CA ARG I 465 -74.93 18.16 4.26
C ARG I 465 -75.69 17.72 3.01
N SER I 466 -76.81 17.00 3.18
CA SER I 466 -77.62 16.54 2.03
C SER I 466 -78.27 17.76 1.43
N VAL I 467 -78.70 18.67 2.28
CA VAL I 467 -79.41 19.88 1.77
C VAL I 467 -78.42 20.53 0.83
N ALA I 468 -77.17 20.66 1.24
CA ALA I 468 -76.15 21.39 0.46
C ALA I 468 -75.72 20.53 -0.71
N ALA I 469 -75.85 19.21 -0.61
CA ALA I 469 -75.43 18.28 -1.69
C ALA I 469 -76.24 18.61 -2.93
N HIS I 470 -77.54 18.77 -2.78
CA HIS I 470 -78.43 19.01 -3.92
C HIS I 470 -78.29 20.46 -4.36
N LEU I 471 -78.15 21.47 -3.50
CA LEU I 471 -78.10 22.85 -3.94
C LEU I 471 -76.91 23.09 -4.85
N ALA I 472 -75.74 22.55 -4.49
CA ALA I 472 -74.58 22.67 -5.35
C ALA I 472 -74.83 22.00 -6.69
N ASP I 473 -75.45 20.81 -6.68
CA ASP I 473 -75.71 20.10 -7.92
C ASP I 473 -76.59 20.94 -8.85
N ILE I 474 -77.67 21.51 -8.31
CA ILE I 474 -78.56 22.31 -9.16
C ILE I 474 -77.83 23.57 -9.64
N ILE I 475 -77.09 24.24 -8.76
CA ILE I 475 -76.51 25.53 -9.11
C ILE I 475 -75.20 25.38 -9.87
N PHE I 476 -74.43 24.33 -9.60
CA PHE I 476 -73.09 24.15 -10.17
C PHE I 476 -73.13 23.06 -11.23
N PRO I 477 -73.36 23.41 -12.50
CA PRO I 477 -73.43 22.37 -13.53
C PRO I 477 -72.06 21.72 -13.76
N GLU I 478 -72.11 20.42 -14.10
CA GLU I 478 -70.88 19.68 -14.32
C GLU I 478 -70.13 20.20 -15.54
N ARG I 479 -70.86 20.58 -16.60
CA ARG I 479 -70.20 21.10 -17.79
C ARG I 479 -69.39 22.35 -17.47
N LEU I 480 -69.95 23.26 -16.67
CA LEU I 480 -69.22 24.47 -16.30
C LEU I 480 -67.99 24.13 -15.47
N LEU I 481 -68.11 23.17 -14.55
CA LEU I 481 -66.96 22.77 -13.75
C LEU I 481 -65.86 22.23 -14.64
N LYS I 482 -66.21 21.38 -15.61
CA LYS I 482 -65.21 20.81 -16.51
C LYS I 482 -64.57 21.90 -17.37
N THR I 483 -65.38 22.84 -17.87
CA THR I 483 -64.82 23.92 -18.69
C THR I 483 -63.85 24.77 -17.87
N LEU I 484 -64.20 25.07 -16.62
CA LEU I 484 -63.28 25.82 -15.77
C LEU I 484 -62.02 25.01 -15.50
N GLN I 485 -62.15 23.70 -15.31
CA GLN I 485 -61.00 22.86 -15.00
C GLN I 485 -60.08 22.63 -16.20
N GLN I 486 -60.46 23.11 -17.38
CA GLN I 486 -59.70 22.82 -18.60
C GLN I 486 -58.22 23.15 -18.41
N GLY I 487 -57.91 24.43 -18.20
CA GLY I 487 -56.52 24.85 -18.07
C GLY I 487 -56.34 25.93 -17.02
N LEU I 488 -57.24 25.96 -16.04
CA LEU I 488 -57.28 27.05 -15.08
C LEU I 488 -56.07 27.01 -14.14
N PRO I 489 -55.76 25.88 -13.49
CA PRO I 489 -54.62 25.88 -12.58
C PRO I 489 -53.32 26.19 -13.31
N ASP I 490 -52.75 27.34 -13.01
CA ASP I 490 -51.66 27.92 -13.78
C ASP I 490 -50.42 28.04 -12.92
N PHE I 491 -49.26 27.81 -13.52
CA PHE I 491 -48.01 27.86 -12.78
C PHE I 491 -47.86 29.24 -12.13
N THR I 492 -47.52 29.23 -10.84
CA THR I 492 -47.31 30.45 -10.07
C THR I 492 -45.91 30.43 -9.52
N SER I 493 -45.17 31.51 -9.74
CA SER I 493 -43.82 31.62 -9.22
C SER I 493 -43.85 32.15 -7.79
N GLN I 494 -42.88 31.71 -6.99
CA GLN I 494 -42.82 32.14 -5.61
C GLN I 494 -42.84 33.66 -5.49
N SER I 495 -42.23 34.36 -6.44
CA SER I 495 -42.22 35.81 -6.39
C SER I 495 -43.63 36.37 -6.49
N MET I 496 -44.46 35.82 -7.39
CA MET I 496 -45.83 36.29 -7.50
C MET I 496 -46.60 36.00 -6.22
N LEU I 497 -46.37 34.83 -5.62
CA LEU I 497 -47.05 34.52 -4.37
C LEU I 497 -46.67 35.52 -3.29
N GLN I 498 -45.38 35.88 -3.20
CA GLN I 498 -44.97 36.85 -2.20
C GLN I 498 -45.56 38.21 -2.49
N ASN I 499 -45.68 38.58 -3.77
CA ASN I 499 -46.30 39.84 -4.11
C ASN I 499 -47.76 39.87 -3.67
N PHE I 500 -48.47 38.76 -3.90
CA PHE I 500 -49.85 38.67 -3.46
C PHE I 500 -49.94 38.73 -1.93
N ARG I 501 -48.99 38.06 -1.27
CA ARG I 501 -48.89 38.02 0.21
C ARG I 501 -48.71 39.45 0.71
N ASN I 502 -47.88 40.27 0.08
CA ASN I 502 -47.67 41.66 0.46
C ASN I 502 -48.92 42.49 0.20
N PHE I 503 -49.60 42.21 -0.92
CA PHE I 503 -50.88 42.87 -1.19
C PHE I 503 -51.85 42.67 -0.03
N ILE I 504 -52.04 41.41 0.36
CA ILE I 504 -52.95 41.09 1.46
C ILE I 504 -52.53 41.85 2.71
N LEU I 505 -51.23 41.82 3.02
CA LEU I 505 -50.75 42.46 4.23
C LEU I 505 -51.01 43.95 4.22
N GLU I 506 -50.60 44.65 3.16
CA GLU I 506 -50.73 46.11 3.19
C GLU I 506 -52.20 46.52 3.24
N ARG I 507 -53.01 45.93 2.36
CA ARG I 507 -54.44 46.32 2.24
C ARG I 507 -55.11 46.09 3.59
N SER I 508 -54.54 45.19 4.39
CA SER I 508 -55.15 44.88 5.68
C SER I 508 -54.57 45.70 6.82
N GLY I 509 -53.75 46.70 6.54
CA GLY I 509 -53.35 47.64 7.56
C GLY I 509 -52.12 47.30 8.35
N ILE I 510 -51.31 46.37 7.87
CA ILE I 510 -50.04 46.02 8.50
C ILE I 510 -48.92 46.35 7.53
N LEU I 511 -47.94 47.11 7.99
CA LEU I 511 -46.77 47.42 7.19
C LEU I 511 -46.01 46.13 6.88
N PRO I 512 -45.63 45.89 5.63
CA PRO I 512 -44.86 44.67 5.33
C PRO I 512 -43.48 44.65 5.98
N ALA I 513 -42.96 45.80 6.38
CA ALA I 513 -41.61 45.89 6.92
C ALA I 513 -41.56 45.89 8.45
N THR I 514 -42.68 45.68 9.13
CA THR I 514 -42.67 45.51 10.58
C THR I 514 -42.28 44.07 10.90
N CYS I 515 -41.12 43.69 10.36
CA CYS I 515 -40.53 42.36 10.50
C CYS I 515 -41.49 41.34 9.88
N CYS I 516 -41.44 40.10 10.37
CA CYS I 516 -42.13 38.98 9.75
C CYS I 516 -43.63 39.07 9.98
N ALA I 517 -44.40 38.66 8.97
CA ALA I 517 -45.85 38.60 9.09
C ALA I 517 -46.44 37.76 7.96
N LEU I 518 -47.19 36.72 8.31
CA LEU I 518 -47.78 35.83 7.30
C LEU I 518 -49.29 35.78 7.50
N PRO I 519 -50.08 35.94 6.44
CA PRO I 519 -51.54 35.91 6.58
C PRO I 519 -52.04 34.57 7.10
N SER I 520 -51.34 33.48 6.74
CA SER I 520 -51.76 32.16 7.16
C SER I 520 -51.65 31.97 8.68
N ASP I 521 -50.91 32.84 9.36
CA ASP I 521 -50.80 32.74 10.81
C ASP I 521 -52.05 33.26 11.52
N PHE I 522 -52.80 34.15 10.88
CA PHE I 522 -54.02 34.70 11.47
C PHE I 522 -55.22 33.97 10.90
N VAL I 523 -55.42 32.75 11.38
CA VAL I 523 -56.53 31.90 10.94
C VAL I 523 -56.62 30.71 11.87
N PRO I 524 -57.80 30.22 12.21
CA PRO I 524 -57.92 29.07 13.11
C PRO I 524 -57.50 27.79 12.40
N ILE I 525 -57.61 26.69 13.13
CA ILE I 525 -57.14 25.39 12.68
C ILE I 525 -58.30 24.45 12.46
N LYS I 526 -59.03 24.12 13.53
CA LYS I 526 -60.12 23.11 13.41
C LYS I 526 -61.43 23.83 13.06
N TYR I 527 -62.41 23.08 12.54
CA TYR I 527 -63.71 23.71 12.18
C TYR I 527 -64.41 24.21 13.45
N ARG I 528 -64.40 23.38 14.51
CA ARG I 528 -65.08 23.74 15.77
C ARG I 528 -64.22 24.75 16.56
N GLU I 529 -63.11 25.20 15.98
CA GLU I 529 -62.26 26.24 16.61
C GLU I 529 -62.41 27.53 15.81
N CYS I 530 -63.34 27.59 14.84
CA CYS I 530 -63.41 28.77 14.00
C CYS I 530 -64.85 29.23 13.88
N PRO I 531 -65.11 30.53 13.75
CA PRO I 531 -66.48 30.99 13.49
C PRO I 531 -66.97 30.49 12.15
N PRO I 532 -68.28 30.19 12.04
CA PRO I 532 -68.81 29.68 10.77
C PRO I 532 -68.25 30.42 9.57
N PRO I 533 -68.26 31.76 9.58
CA PRO I 533 -67.83 32.51 8.39
C PRO I 533 -66.56 32.00 7.74
N LEU I 534 -65.48 31.89 8.51
CA LEU I 534 -64.17 31.53 8.00
C LEU I 534 -63.99 30.03 7.84
N TRP I 535 -65.09 29.27 7.82
CA TRP I 535 -64.98 27.83 7.68
C TRP I 535 -64.39 27.44 6.34
N GLY I 536 -64.70 28.18 5.28
CA GLY I 536 -64.08 27.94 3.99
C GLY I 536 -62.58 28.06 4.09
N HIS I 537 -62.13 29.09 4.81
CA HIS I 537 -60.70 29.32 5.01
C HIS I 537 -60.08 28.15 5.77
N CYS I 538 -60.77 27.68 6.82
CA CYS I 538 -60.27 26.52 7.54
C CYS I 538 -60.14 25.31 6.61
N TYR I 539 -61.15 25.08 5.78
CA TYR I 539 -61.08 23.95 4.87
C TYR I 539 -59.89 24.11 3.93
N LEU I 540 -59.68 25.34 3.44
CA LEU I 540 -58.55 25.59 2.57
C LEU I 540 -57.25 25.29 3.29
N LEU I 541 -57.14 25.68 4.56
CA LEU I 541 -55.89 25.45 5.29
C LEU I 541 -55.64 23.97 5.50
N GLN I 542 -56.69 23.22 5.86
CA GLN I 542 -56.52 21.78 6.00
C GLN I 542 -56.12 21.14 4.68
N LEU I 543 -56.76 21.57 3.59
CA LEU I 543 -56.42 21.05 2.27
C LEU I 543 -54.96 21.37 1.94
N ALA I 544 -54.53 22.59 2.25
CA ALA I 544 -53.16 22.99 1.96
C ALA I 544 -52.17 22.15 2.75
N ASN I 545 -52.45 21.90 4.03
CA ASN I 545 -51.57 21.06 4.82
C ASN I 545 -51.52 19.65 4.27
N TYR I 546 -52.68 19.11 3.88
CA TYR I 546 -52.71 17.77 3.31
C TYR I 546 -51.89 17.70 2.03
N LEU I 547 -52.06 18.68 1.15
CA LEU I 547 -51.26 18.69 -0.08
C LEU I 547 -49.77 18.82 0.25
N ALA I 548 -49.43 19.72 1.17
CA ALA I 548 -48.03 19.97 1.46
C ALA I 548 -47.33 18.72 1.96
N TYR I 549 -47.97 17.99 2.89
CA TYR I 549 -47.36 16.75 3.37
C TYR I 549 -47.47 15.63 2.35
N HIS I 550 -48.49 15.67 1.48
CA HIS I 550 -48.60 14.67 0.42
C HIS I 550 -47.46 14.80 -0.59
N SER I 551 -47.11 16.03 -0.97
CA SER I 551 -46.10 16.27 -1.98
C SER I 551 -44.68 16.10 -1.46
N ASP I 552 -44.51 15.67 -0.21
CA ASP I 552 -43.21 15.49 0.43
C ASP I 552 -42.50 16.82 0.68
N ILE I 553 -43.14 17.93 0.33
CA ILE I 553 -42.54 19.25 0.51
C ILE I 553 -42.29 19.59 1.97
N MET I 554 -42.86 18.82 2.90
CA MET I 554 -42.73 19.11 4.32
C MET I 554 -43.21 20.54 4.61
N ARG I 568 -42.10 14.39 -3.69
CA ARG I 568 -42.20 13.20 -4.56
C ARG I 568 -43.63 12.64 -4.54
N CYS I 569 -44.37 12.64 -3.42
CA CYS I 569 -45.73 12.02 -3.34
C CYS I 569 -45.68 10.68 -4.07
N ASN I 570 -46.60 10.38 -5.01
CA ASN I 570 -46.54 9.17 -5.86
C ASN I 570 -46.21 9.64 -7.29
N LEU I 571 -45.87 10.92 -7.50
CA LEU I 571 -45.50 11.36 -8.84
C LEU I 571 -44.06 11.02 -9.18
N CYS I 572 -43.23 10.67 -8.20
CA CYS I 572 -41.81 10.47 -8.40
C CYS I 572 -41.35 9.04 -8.09
N THR I 573 -41.72 8.51 -6.94
CA THR I 573 -41.14 7.25 -6.49
C THR I 573 -41.43 6.09 -7.43
N PRO I 574 -42.65 5.87 -7.91
CA PRO I 574 -42.95 4.61 -8.60
C PRO I 574 -42.18 4.43 -9.91
N HIS I 575 -42.27 5.40 -10.82
CA HIS I 575 -41.70 5.28 -12.16
C HIS I 575 -40.65 6.34 -12.45
N ARG I 576 -40.94 7.60 -12.15
CA ARG I 576 -40.04 8.69 -12.52
C ARG I 576 -38.73 8.67 -11.75
N SER I 577 -38.62 7.86 -10.70
CA SER I 577 -37.39 7.81 -9.92
C SER I 577 -36.36 6.90 -10.60
N LEU I 578 -35.22 7.48 -10.96
CA LEU I 578 -34.18 6.71 -11.63
C LEU I 578 -33.65 5.61 -10.73
N VAL I 579 -33.47 5.90 -9.43
CA VAL I 579 -32.92 4.89 -8.52
C VAL I 579 -33.85 3.68 -8.46
N CYS I 580 -35.15 3.91 -8.35
CA CYS I 580 -36.10 2.82 -8.24
C CYS I 580 -36.31 2.12 -9.58
N ASN I 581 -36.31 2.88 -10.68
CA ASN I 581 -36.56 2.34 -12.01
C ASN I 581 -35.23 2.05 -12.69
N SER I 582 -34.93 0.76 -12.87
CA SER I 582 -33.66 0.38 -13.50
C SER I 582 -33.65 0.72 -14.98
N GLN I 583 -34.77 0.49 -15.67
CA GLN I 583 -34.81 0.75 -17.11
C GLN I 583 -34.57 2.22 -17.41
N LEU I 584 -35.20 3.11 -16.63
CA LEU I 584 -35.01 4.54 -16.86
C LEU I 584 -33.57 4.95 -16.61
N LEU I 585 -32.95 4.42 -15.55
CA LEU I 585 -31.56 4.73 -15.28
C LEU I 585 -30.67 4.27 -16.43
N SER I 586 -30.86 3.03 -16.89
CA SER I 586 -30.04 2.51 -17.97
C SER I 586 -30.22 3.34 -19.23
N GLU I 587 -31.45 3.77 -19.52
CA GLU I 587 -31.68 4.63 -20.66
C GLU I 587 -30.96 5.96 -20.49
N SER I 588 -30.97 6.51 -19.28
CA SER I 588 -30.27 7.77 -19.05
C SER I 588 -28.78 7.63 -19.29
N GLN I 589 -28.20 6.51 -18.85
CA GLN I 589 -26.75 6.35 -18.95
C GLN I 589 -26.26 6.50 -20.40
N ILE I 590 -27.11 6.19 -21.37
CA ILE I 590 -26.72 6.24 -22.77
C ILE I 590 -27.25 7.50 -23.46
N ILE I 591 -27.53 8.55 -22.69
CA ILE I 591 -28.24 9.71 -23.21
C ILE I 591 -27.46 10.33 -24.38
N GLY I 592 -26.14 10.42 -24.26
CA GLY I 592 -25.34 11.15 -25.23
C GLY I 592 -24.59 10.31 -26.24
N THR I 593 -24.27 9.07 -25.88
CA THR I 593 -23.44 8.21 -26.74
C THR I 593 -24.32 7.54 -27.78
N PHE I 594 -24.97 8.36 -28.59
CA PHE I 594 -25.78 7.86 -29.70
C PHE I 594 -25.28 8.45 -31.00
N GLU I 595 -25.41 7.66 -32.06
CA GLU I 595 -24.80 7.99 -33.34
C GLU I 595 -25.35 7.10 -34.45
N LEU I 596 -25.89 7.69 -35.53
CA LEU I 596 -26.46 6.91 -36.63
C LEU I 596 -26.49 7.74 -37.91
N GLN I 597 -25.52 7.53 -38.79
CA GLN I 597 -25.56 8.06 -40.16
C GLN I 597 -25.49 6.88 -41.12
N GLY I 598 -26.28 6.95 -42.19
CA GLY I 598 -26.37 5.85 -43.14
C GLY I 598 -26.49 6.29 -44.60
N PRO I 599 -25.96 7.47 -44.97
CA PRO I 599 -26.19 7.88 -46.35
C PRO I 599 -25.43 7.03 -47.37
N GLY I 609 -29.26 13.21 -38.42
CA GLY I 609 -28.78 13.21 -37.05
C GLY I 609 -28.94 11.87 -36.37
N LEU I 610 -30.16 11.56 -35.96
CA LEU I 610 -30.46 10.30 -35.27
C LEU I 610 -29.66 10.17 -33.98
N LYS I 611 -29.36 11.32 -33.36
CA LYS I 611 -28.64 11.36 -32.09
C LYS I 611 -29.63 11.67 -30.98
N LEU I 612 -29.65 10.84 -29.95
CA LEU I 612 -30.60 10.99 -28.85
C LEU I 612 -30.20 12.21 -28.01
N THR I 613 -30.72 13.39 -28.36
CA THR I 613 -30.30 14.67 -27.73
C THR I 613 -30.87 14.77 -26.32
N PRO I 614 -30.21 15.45 -25.35
CA PRO I 614 -30.79 15.65 -24.03
C PRO I 614 -32.24 16.12 -24.16
N GLY I 615 -32.53 17.19 -24.92
CA GLY I 615 -33.87 17.79 -25.06
C GLY I 615 -35.01 16.81 -25.32
N LEU I 616 -34.82 15.77 -26.14
CA LEU I 616 -35.88 14.83 -26.49
C LEU I 616 -36.18 13.88 -25.32
N TRP I 617 -35.12 13.35 -24.70
CA TRP I 617 -35.35 12.45 -23.58
C TRP I 617 -36.05 13.17 -22.44
N THR I 618 -35.66 14.42 -22.17
CA THR I 618 -36.30 15.15 -21.08
C THR I 618 -37.76 15.43 -21.40
N SER I 619 -38.08 15.74 -22.65
CA SER I 619 -39.48 15.93 -23.03
C SER I 619 -40.27 14.65 -22.82
N ALA I 620 -39.71 13.51 -23.23
CA ALA I 620 -40.39 12.24 -23.02
C ALA I 620 -40.59 11.96 -21.54
N TYR I 621 -39.56 12.23 -20.72
CA TYR I 621 -39.65 12.00 -19.29
C TYR I 621 -40.73 12.88 -18.66
N LEU I 622 -40.79 14.16 -19.07
CA LEU I 622 -41.75 15.08 -18.48
C LEU I 622 -43.18 14.70 -18.87
N ARG I 623 -43.41 14.40 -20.16
CA ARG I 623 -44.76 14.13 -20.60
C ARG I 623 -45.35 12.91 -19.90
N LYS I 624 -44.55 11.87 -19.70
CA LYS I 624 -45.09 10.61 -19.19
C LYS I 624 -45.67 10.79 -17.79
N PHE I 625 -46.79 10.13 -17.53
CA PHE I 625 -47.32 9.99 -16.18
C PHE I 625 -48.27 8.80 -16.17
N VAL I 626 -48.07 7.89 -15.23
CA VAL I 626 -48.89 6.69 -15.15
C VAL I 626 -50.18 7.04 -14.41
N PRO I 627 -51.35 6.95 -15.05
CA PRO I 627 -52.60 7.25 -14.32
C PRO I 627 -52.80 6.38 -13.10
N GLU I 628 -52.43 5.10 -13.18
CA GLU I 628 -52.54 4.20 -12.05
C GLU I 628 -51.33 4.35 -11.13
N ASP I 629 -51.41 3.71 -9.97
CA ASP I 629 -50.39 3.78 -8.92
C ASP I 629 -50.32 5.15 -8.27
N TYR I 630 -51.21 6.08 -8.63
CA TYR I 630 -51.27 7.41 -8.05
C TYR I 630 -52.52 7.44 -7.17
N HIS I 631 -52.33 7.14 -5.89
CA HIS I 631 -53.44 7.02 -4.94
C HIS I 631 -53.79 8.42 -4.44
N ALA I 632 -54.95 8.92 -4.86
CA ALA I 632 -55.39 10.27 -4.52
C ALA I 632 -56.30 10.31 -3.29
N HIS I 633 -56.48 9.18 -2.60
CA HIS I 633 -57.40 9.16 -1.47
C HIS I 633 -56.68 9.27 -0.13
N GLU I 634 -55.44 8.79 -0.04
CA GLU I 634 -54.70 8.81 1.21
C GLU I 634 -53.21 8.86 0.91
N ILE I 635 -52.42 9.04 1.96
CA ILE I 635 -50.97 9.19 1.83
C ILE I 635 -50.34 7.80 1.85
N ARG I 636 -49.78 7.38 0.72
CA ARG I 636 -49.23 6.04 0.60
C ARG I 636 -47.72 6.01 0.47
N PHE I 637 -47.12 6.90 -0.32
CA PHE I 637 -45.67 7.00 -0.44
C PHE I 637 -45.04 5.64 -0.77
N TYR I 638 -45.35 5.18 -1.99
CA TYR I 638 -44.76 3.94 -2.49
C TYR I 638 -43.25 3.97 -2.25
N GLU I 639 -42.66 2.78 -2.12
CA GLU I 639 -41.31 2.50 -1.66
C GLU I 639 -41.23 2.55 -0.14
N ASP I 640 -42.30 2.91 0.55
CA ASP I 640 -42.45 2.65 1.97
C ASP I 640 -43.36 1.46 2.24
N GLN I 641 -44.30 1.21 1.34
CA GLN I 641 -45.11 0.00 1.41
C GLN I 641 -44.30 -1.21 0.95
N SER I 642 -44.57 -2.36 1.56
CA SER I 642 -43.94 -3.62 1.14
C SER I 642 -44.83 -4.36 0.16
N ARG I 643 -45.16 -3.67 -0.93
CA ARG I 643 -46.02 -4.20 -1.97
C ARG I 643 -45.45 -3.85 -3.34
N PRO I 644 -45.75 -4.65 -4.36
CA PRO I 644 -45.21 -4.40 -5.70
C PRO I 644 -45.92 -3.23 -6.36
N PRO I 645 -45.32 -2.64 -7.39
CA PRO I 645 -45.98 -1.54 -8.09
C PRO I 645 -47.17 -2.02 -8.91
N ASN I 646 -48.11 -1.10 -9.14
CA ASN I 646 -49.30 -1.44 -9.91
C ASN I 646 -48.94 -1.83 -11.35
N ALA I 647 -48.03 -1.09 -11.96
CA ALA I 647 -47.62 -1.35 -13.34
C ALA I 647 -46.11 -1.45 -13.41
N GLU I 648 -45.63 -2.25 -14.36
CA GLU I 648 -44.20 -2.44 -14.54
C GLU I 648 -43.53 -1.15 -14.96
N LEU I 649 -42.29 -0.96 -14.51
CA LEU I 649 -41.52 0.23 -14.83
C LEU I 649 -40.92 0.10 -16.23
N THR I 650 -41.09 1.14 -17.03
CA THR I 650 -40.58 1.16 -18.40
C THR I 650 -39.90 2.49 -18.67
N ALA I 651 -38.96 2.47 -19.61
CA ALA I 651 -38.24 3.68 -19.99
C ALA I 651 -39.16 4.59 -20.81
N CYS I 652 -38.74 5.85 -20.97
CA CYS I 652 -39.59 6.84 -21.61
C CYS I 652 -39.59 6.68 -23.12
N VAL I 653 -38.42 6.83 -23.76
CA VAL I 653 -38.37 6.76 -25.22
C VAL I 653 -38.13 5.32 -25.68
N ILE I 654 -37.07 4.68 -25.18
CA ILE I 654 -36.75 3.31 -25.57
C ILE I 654 -37.76 2.37 -24.93
N THR I 655 -38.26 1.42 -25.72
CA THR I 655 -39.23 0.45 -25.23
C THR I 655 -38.66 -0.96 -25.20
N GLN I 656 -38.15 -1.46 -26.32
CA GLN I 656 -37.61 -2.81 -26.37
C GLN I 656 -36.32 -2.87 -25.55
N GLY I 657 -36.22 -3.87 -24.68
CA GLY I 657 -35.02 -4.02 -23.86
C GLY I 657 -33.86 -4.64 -24.59
N HIS I 658 -34.11 -5.39 -25.66
CA HIS I 658 -33.03 -5.99 -26.43
C HIS I 658 -32.11 -4.92 -27.00
N ILE I 659 -32.69 -3.89 -27.62
CA ILE I 659 -31.89 -2.80 -28.18
C ILE I 659 -31.09 -2.11 -27.09
N LEU I 660 -31.69 -1.89 -25.93
CA LEU I 660 -30.96 -1.26 -24.84
C LEU I 660 -29.78 -2.13 -24.41
N GLY I 661 -29.98 -3.44 -24.35
CA GLY I 661 -28.87 -4.32 -24.05
C GLY I 661 -27.75 -4.21 -25.07
N GLN I 662 -28.12 -4.13 -26.35
CA GLN I 662 -27.10 -3.99 -27.39
C GLN I 662 -26.34 -2.69 -27.24
N LEU I 663 -27.05 -1.59 -26.98
CA LEU I 663 -26.38 -0.31 -26.82
C LEU I 663 -25.45 -0.33 -25.61
N GLN I 664 -25.89 -0.94 -24.51
CA GLN I 664 -25.02 -1.09 -23.35
C GLN I 664 -23.78 -1.89 -23.71
N ALA I 665 -23.95 -2.96 -24.49
CA ALA I 665 -22.80 -3.79 -24.87
C ALA I 665 -21.81 -3.00 -25.69
N ILE I 666 -22.30 -2.23 -26.67
CA ILE I 666 -21.38 -1.46 -27.51
C ILE I 666 -20.67 -0.42 -26.66
N ASN I 667 -21.38 0.21 -25.73
CA ASN I 667 -20.73 1.20 -24.87
C ASN I 667 -19.64 0.56 -24.02
N LYS I 668 -19.91 -0.62 -23.47
CA LYS I 668 -18.91 -1.29 -22.65
C LYS I 668 -17.70 -1.67 -23.48
N ALA I 669 -17.92 -2.18 -24.70
CA ALA I 669 -16.80 -2.50 -25.57
C ALA I 669 -16.00 -1.25 -25.92
N ARG I 670 -16.70 -0.15 -26.19
CA ARG I 670 -16.03 1.12 -26.44
C ARG I 670 -15.10 1.47 -25.29
N GLN I 671 -15.62 1.43 -24.06
CA GLN I 671 -14.84 1.84 -22.90
C GLN I 671 -13.65 0.91 -22.70
N GLU I 672 -13.85 -0.39 -22.86
CA GLU I 672 -12.76 -1.33 -22.63
C GLU I 672 -11.67 -1.18 -23.68
N PHE I 673 -12.07 -0.95 -24.93
CA PHE I 673 -11.06 -0.69 -25.97
C PHE I 673 -10.28 0.57 -25.66
N LEU I 674 -10.97 1.62 -25.24
CA LEU I 674 -10.28 2.87 -24.94
C LEU I 674 -9.29 2.68 -23.81
N LEU I 675 -9.65 1.89 -22.80
CA LEU I 675 -8.71 1.58 -21.73
C LEU I 675 -7.54 0.76 -22.26
N ARG I 676 -7.81 -0.23 -23.12
CA ARG I 676 -6.76 -1.14 -23.64
C ARG I 676 -5.75 -0.39 -24.50
N LYS I 677 -6.18 0.60 -25.30
CA LYS I 677 -5.31 1.25 -26.28
C LYS I 677 -5.42 2.77 -26.22
N GLY I 678 -5.84 3.31 -25.08
CA GLY I 678 -5.98 4.76 -24.99
C GLY I 678 -4.68 5.48 -25.23
N ARG I 679 -3.61 5.05 -24.56
CA ARG I 679 -2.31 5.68 -24.73
C ARG I 679 -1.71 5.44 -26.10
N GLY I 680 -2.14 4.39 -26.80
CA GLY I 680 -1.37 3.89 -27.92
C GLY I 680 -0.26 3.03 -27.36
N VAL I 681 0.28 2.10 -28.14
CA VAL I 681 1.24 1.13 -27.64
C VAL I 681 2.45 1.16 -28.56
N TYR I 682 3.64 1.08 -27.95
CA TYR I 682 4.89 0.90 -28.68
C TYR I 682 5.20 -0.58 -28.73
N LEU I 683 5.46 -1.08 -29.93
CA LEU I 683 5.81 -2.47 -30.15
C LEU I 683 7.09 -2.55 -30.96
N ASP I 684 7.85 -3.61 -30.72
CA ASP I 684 9.20 -3.69 -31.23
C ASP I 684 9.19 -3.54 -32.74
N PRO I 685 10.13 -2.80 -33.32
CA PRO I 685 10.14 -2.68 -34.79
C PRO I 685 10.47 -3.98 -35.50
N GLN I 686 11.55 -4.63 -35.07
CA GLN I 686 11.98 -5.85 -35.73
C GLN I 686 10.98 -6.99 -35.49
N SER I 687 10.77 -7.35 -34.23
CA SER I 687 9.74 -8.32 -33.86
C SER I 687 8.41 -7.59 -33.73
N GLY I 688 7.43 -8.25 -33.10
CA GLY I 688 6.11 -7.65 -32.98
C GLY I 688 5.50 -7.70 -31.60
N GLU I 689 6.33 -7.70 -30.56
CA GLU I 689 5.83 -7.71 -29.19
C GLU I 689 5.64 -6.30 -28.68
N GLU I 690 4.83 -6.17 -27.65
CA GLU I 690 4.51 -4.87 -27.06
C GLU I 690 5.61 -4.48 -26.07
N LEU I 691 6.12 -3.26 -26.22
CA LEU I 691 7.17 -2.76 -25.34
C LEU I 691 6.63 -2.20 -24.04
N ASN I 692 5.36 -1.84 -23.98
CA ASN I 692 4.76 -1.30 -22.76
C ASN I 692 3.41 -1.96 -22.52
N PRO I 693 3.36 -3.29 -22.46
CA PRO I 693 2.06 -3.96 -22.30
C PRO I 693 1.48 -3.72 -20.92
N ILE I 694 0.17 -3.51 -20.88
CA ILE I 694 -0.58 -3.35 -19.64
C ILE I 694 -1.56 -4.50 -19.52
N PRO I 695 -1.57 -5.25 -18.41
CA PRO I 695 -2.48 -6.40 -18.32
C PRO I 695 -3.91 -6.02 -17.98
#